data_7SC1
#
_entry.id   7SC1
#
_cell.length_a   1.00
_cell.length_b   1.00
_cell.length_c   1.00
_cell.angle_alpha   90.00
_cell.angle_beta   90.00
_cell.angle_gamma   90.00
#
_symmetry.space_group_name_H-M   'P 1'
#
loop_
_entity.id
_entity.type
_entity.pdbx_description
1 polymer 'Spike glycoprotein'
2 polymer 'R40-1G8 Fab heavy chain'
3 polymer 'R40-1G8 Fab light chain'
4 non-polymer 2-acetamido-2-deoxy-beta-D-glucopyranose
#
loop_
_entity_poly.entity_id
_entity_poly.type
_entity_poly.pdbx_seq_one_letter_code
_entity_poly.pdbx_strand_id
1 'polypeptide(L)'
;MFVFLVLLPLVSSQCVNLTTRTQLPPAYTNSFTRGVYYPDKVFRSSVLHSTQDLFLPFFSNVTWFHAIHVSGTNGTKRFD
NPVLPFNDGVYFASTEKSNIIRGWIFGTTLDSKTQSLLIVNNATNVVIKVCEFQFCNDPFLGVYYHKNNKSWMESEFRVY
SSANNCTFEYVSQPFLMDLEGKQGNFKNLREFVFKNIDGYFKIYSKHTPINLVRDLPQGFSALEPLVDLPIGINITRFQT
LLALHRSYLTPGDSSSGWTAGAAAYYVGYLQPRTFLLKYNENGTITDAVDCALDPLSETKCTLKSFTVEKGIYQTSNFRV
QPTESIVRFPNITNLCPFGEVFNATRFASVYAWNRKRISNCVADYSVLYNSASFSTFKCYGVSPTKLNDLCFTNVYADSF
VIRGDEVRQIAPGQTGKIADYNYKLPDDFTGCVIAWNSNNLDSKVGGNYNYLYRLFRKSNLKPFERDISTEIYQAGSTPC
NGVEGFNCYFPLQSYGFQPTNGVGYQPYRVVVLSFELLHAPATVCGPKKSTNLVKNKCVNFNFNGLTGTGVLTESNKKFL
PFQQFGRDIADTTDAVRDPQTLEILDITPCSFGGVSVITPGTNTSNQVAVLYQDVNCTEVPVAIHADQLTPTWRVYSTGS
NVFQTRAGCLIGAEHVNNSYECDIPIGAGICASYQTQTNSPASVASQSIIAYTMSLGAENSVAYSNNSIAIPTNFTISVT
TEILPVSMTKTSVDCTMYICGDSTECSNLLLQYGSFCTQLNRALTGIAVEQDKNTQEVFAQVKQIYKTPPIKDFGGFNFS
QILPDPSKPSKRSPIEDLLFNKVTLADAGFIKQYGDCLGDIAARDLICAQKFNGLTVLPPLLTDEMIAQYTSALLAGTIT
SGWTFGAGPALQIPFPMQMAYRFNGIGVTQNVLYENQKLIANQFNSAIGKIQDSLSSTPSALGKLQDVVNQNAQALNTLV
KQLSSNFGAISSVLNDILSRLDPPEAEVQIDRLITGRLQSLQTYVTQQLIRAAEIRASANLAATKMSECVLGQSKRVDFC
GKGYHLMSFPQSAPHGVVFLHVTYVPAQEKNFTTAPAICHDGKAHFPREGVFVSNGTHWFVTQRNFYEPQIITTDNTFVS
GNCDVVIGIVNNTVYDPLQPELDSFKEELDKYFKNHTSPDVDLGDISGINASVVNIQKEIDRLNEVAKNLNESLIDLQEL
GKYEQYIKWPSGRLVPRGSPGSGYIPEAPRDGQAYVRKDGEWVLLSTFLGHHHHHH
;
A,B,C
2 'polypeptide(L)'
;EVQLVESGGGLVQPGGSLRLSCAASGLTVSSNYMRWVRQAPGKGLEWVSLIYAGGSTFYADSVKGRFIISRHNSKNILYL
QMNSLRAEDTAVYFCARDLYVFGMDVWGQGTAVTVSAASTKGPSVFPLAPSSKSTSGGTAALGCLVKDYFPEPVTVSWNS
GALTSGVHTFPAVLQSSGLYSLSSVVTVPSSSLGTQTYICNVNHKPSNTKVDKRVEPKSCDKTH
;
H,M,P
3 'polypeptide(L)'
;DIQLTQSPSFLSASVGDRVTITCRASQGISSYLAWYQQKPGRAPKLLIYAASTLQSGVPSRFSGSGSGTVFTLTISSLQP
EDFATYYCQQLNSDSSTFGQGTKLEIKRTVAAPSVFIFPPSDEQLKSGTASVVCLLNNFYPREAKVQWKVDNALQSGNSQ
ESVTEQDSKDSTYSLSSTLTLSKADYEKHKVYACEVTHQGLSSPVTKSFNRGEC
;
L,N,Q
#
# COMPACT_ATOMS: atom_id res chain seq x y z
N ALA A 27 -19.46 44.53 -31.82
CA ALA A 27 -20.28 43.54 -32.50
C ALA A 27 -19.74 42.14 -32.27
N TYR A 28 -20.65 41.19 -32.11
CA TYR A 28 -20.29 39.79 -31.90
C TYR A 28 -20.84 38.94 -33.03
N THR A 29 -20.47 37.67 -33.01
CA THR A 29 -21.06 36.66 -33.87
C THR A 29 -20.99 35.33 -33.13
N ASN A 30 -21.44 34.27 -33.79
CA ASN A 30 -21.56 32.96 -33.16
C ASN A 30 -20.68 31.95 -33.88
N SER A 31 -19.64 31.48 -33.20
CA SER A 31 -18.79 30.42 -33.72
C SER A 31 -19.57 29.12 -33.61
N PHE A 32 -20.29 28.77 -34.66
CA PHE A 32 -21.24 27.67 -34.60
C PHE A 32 -20.56 26.37 -34.22
N THR A 33 -19.69 25.86 -35.09
CA THR A 33 -19.04 24.60 -34.85
C THR A 33 -17.53 24.67 -35.06
N ARG A 34 -17.03 25.72 -35.70
CA ARG A 34 -15.61 25.85 -36.02
C ARG A 34 -14.76 25.83 -34.76
N GLY A 35 -13.47 25.54 -34.96
CA GLY A 35 -12.50 25.58 -33.91
C GLY A 35 -12.09 24.25 -33.33
N VAL A 36 -12.12 23.19 -34.13
CA VAL A 36 -11.73 21.85 -33.67
C VAL A 36 -10.44 21.47 -34.39
N TYR A 37 -9.41 21.17 -33.61
CA TYR A 37 -8.09 20.86 -34.13
C TYR A 37 -7.68 19.46 -33.69
N TYR A 38 -6.87 18.81 -34.54
CA TYR A 38 -6.37 17.48 -34.20
C TYR A 38 -5.52 17.59 -32.93
N PRO A 39 -6.00 17.09 -31.79
CA PRO A 39 -5.29 17.33 -30.54
C PRO A 39 -3.90 16.73 -30.48
N ASP A 40 -3.62 15.69 -31.27
CA ASP A 40 -2.32 15.03 -31.24
C ASP A 40 -2.11 14.32 -32.57
N LYS A 41 -0.86 13.95 -32.83
CA LYS A 41 -0.49 13.34 -34.09
C LYS A 41 -0.94 11.89 -34.21
N VAL A 42 -1.68 11.37 -33.22
CA VAL A 42 -2.14 9.99 -33.27
C VAL A 42 -3.13 9.81 -34.40
N PHE A 43 -3.12 8.62 -35.00
CA PHE A 43 -4.02 8.28 -36.09
C PHE A 43 -5.10 7.34 -35.59
N ARG A 44 -6.35 7.60 -35.98
CA ARG A 44 -7.47 6.75 -35.64
C ARG A 44 -8.41 6.65 -36.82
N SER A 45 -9.04 5.49 -36.97
CA SER A 45 -9.93 5.22 -38.10
C SER A 45 -11.27 4.75 -37.59
N SER A 46 -12.33 5.45 -37.98
CA SER A 46 -13.70 5.09 -37.60
C SER A 46 -13.84 4.94 -36.08
N VAL A 47 -13.25 5.87 -35.35
CA VAL A 47 -13.22 5.81 -33.89
C VAL A 47 -13.72 7.15 -33.35
N LEU A 48 -14.67 7.09 -32.42
CA LEU A 48 -15.13 8.27 -31.70
C LEU A 48 -14.29 8.40 -30.44
N HIS A 49 -13.26 9.24 -30.49
CA HIS A 49 -12.32 9.39 -29.40
C HIS A 49 -12.61 10.69 -28.67
N SER A 50 -12.77 10.62 -27.36
CA SER A 50 -13.11 11.78 -26.55
C SER A 50 -11.83 12.36 -25.93
N THR A 51 -11.54 13.61 -26.25
CA THR A 51 -10.32 14.27 -25.81
C THR A 51 -10.69 15.41 -24.87
N GLN A 52 -9.96 15.52 -23.76
CA GLN A 52 -10.11 16.64 -22.83
C GLN A 52 -8.98 17.62 -23.11
N ASP A 53 -9.24 18.56 -24.01
CA ASP A 53 -8.24 19.54 -24.41
C ASP A 53 -8.87 20.91 -24.48
N LEU A 54 -8.03 21.93 -24.57
CA LEU A 54 -8.50 23.31 -24.66
C LEU A 54 -9.11 23.54 -26.03
N PHE A 55 -10.43 23.45 -26.12
CA PHE A 55 -11.16 23.62 -27.36
C PHE A 55 -11.96 24.92 -27.32
N LEU A 56 -12.42 25.33 -28.49
CA LEU A 56 -13.35 26.45 -28.57
C LEU A 56 -14.76 25.94 -28.33
N PRO A 57 -15.44 26.37 -27.27
CA PRO A 57 -16.76 25.81 -26.97
C PRO A 57 -17.73 26.04 -28.12
N PHE A 58 -18.55 25.05 -28.38
CA PHE A 58 -19.50 25.14 -29.48
C PHE A 58 -20.52 26.24 -29.22
N PHE A 59 -20.87 26.98 -30.27
CA PHE A 59 -21.86 28.05 -30.20
C PHE A 59 -21.50 29.06 -29.12
N SER A 60 -20.21 29.38 -29.02
CA SER A 60 -19.72 30.40 -28.12
C SER A 60 -19.47 31.68 -28.90
N ASN A 61 -20.05 32.78 -28.44
CA ASN A 61 -19.97 34.02 -29.20
C ASN A 61 -18.52 34.52 -29.24
N VAL A 62 -18.06 34.85 -30.44
CA VAL A 62 -16.68 35.27 -30.68
C VAL A 62 -16.71 36.69 -31.24
N THR A 63 -15.66 37.44 -30.94
CA THR A 63 -15.64 38.86 -31.25
C THR A 63 -15.45 39.09 -32.75
N TRP A 64 -16.13 40.09 -33.27
CA TRP A 64 -16.02 40.54 -34.65
C TRP A 64 -15.14 41.77 -34.67
N PHE A 65 -14.44 41.99 -35.78
CA PHE A 65 -13.62 43.19 -35.93
C PHE A 65 -13.67 43.65 -37.38
N HIS A 66 -13.31 44.92 -37.57
CA HIS A 66 -13.27 45.56 -38.88
C HIS A 66 -11.90 46.13 -39.15
N ALA A 67 -11.53 46.21 -40.43
CA ALA A 67 -10.28 46.82 -40.85
C ALA A 67 -10.44 47.75 -42.05
N ILE A 68 -11.60 47.78 -42.69
CA ILE A 68 -11.84 48.65 -43.84
C ILE A 68 -12.22 50.04 -43.33
N HIS A 69 -12.23 51.02 -44.24
CA HIS A 69 -12.51 52.42 -43.89
C HIS A 69 -11.56 52.94 -42.83
N ARG A 78 -11.03 56.34 -38.68
CA ARG A 78 -10.94 55.10 -39.46
C ARG A 78 -11.08 53.89 -38.55
N PHE A 79 -10.80 52.71 -39.10
CA PHE A 79 -10.90 51.45 -38.37
C PHE A 79 -9.52 50.85 -38.19
N ASP A 80 -9.18 50.51 -36.96
CA ASP A 80 -7.88 49.94 -36.62
C ASP A 80 -8.10 48.64 -35.84
N ASN A 81 -6.99 48.09 -35.33
CA ASN A 81 -7.05 46.85 -34.57
C ASN A 81 -6.64 47.09 -33.13
N PRO A 82 -7.40 46.57 -32.16
CA PRO A 82 -7.06 46.79 -30.75
C PRO A 82 -6.17 45.70 -30.19
N VAL A 83 -5.89 45.80 -28.89
CA VAL A 83 -5.06 44.84 -28.17
C VAL A 83 -5.98 43.86 -27.47
N LEU A 84 -5.65 42.57 -27.55
CA LEU A 84 -6.49 41.50 -27.01
C LEU A 84 -5.67 40.61 -26.09
N PRO A 85 -6.26 40.08 -25.04
CA PRO A 85 -5.55 39.10 -24.20
C PRO A 85 -5.44 37.75 -24.87
N PHE A 86 -4.59 36.89 -24.29
CA PHE A 86 -4.36 35.55 -24.81
C PHE A 86 -5.27 34.52 -24.14
N ASN A 87 -5.14 34.35 -22.83
CA ASN A 87 -6.07 33.57 -22.01
C ASN A 87 -6.19 32.13 -22.51
N ASP A 88 -5.09 31.39 -22.38
CA ASP A 88 -5.04 29.95 -22.61
C ASP A 88 -5.38 29.56 -24.04
N GLY A 89 -5.23 30.46 -25.00
CA GLY A 89 -5.49 30.12 -26.39
C GLY A 89 -6.36 31.17 -27.06
N VAL A 90 -6.14 31.35 -28.36
CA VAL A 90 -6.88 32.33 -29.15
C VAL A 90 -7.20 31.71 -30.49
N TYR A 91 -8.46 31.36 -30.71
CA TYR A 91 -8.89 30.90 -32.02
C TYR A 91 -9.07 32.12 -32.90
N PHE A 92 -8.18 32.31 -33.86
CA PHE A 92 -8.20 33.45 -34.77
C PHE A 92 -8.70 32.99 -36.13
N ALA A 93 -9.71 33.68 -36.66
CA ALA A 93 -10.28 33.35 -37.95
C ALA A 93 -10.50 34.63 -38.74
N SER A 94 -9.79 34.77 -39.86
CA SER A 94 -9.87 35.95 -40.70
C SER A 94 -10.15 35.52 -42.13
N THR A 95 -11.03 36.25 -42.80
CA THR A 95 -11.30 36.05 -44.22
C THR A 95 -10.91 37.29 -44.99
N GLU A 96 -10.17 37.11 -46.07
CA GLU A 96 -9.63 38.22 -46.84
C GLU A 96 -9.70 37.92 -48.32
N LYS A 97 -9.78 38.99 -49.13
CA LYS A 97 -9.68 38.85 -50.57
C LYS A 97 -8.25 39.11 -51.04
N SER A 98 -7.66 40.20 -50.58
CA SER A 98 -6.31 40.60 -50.97
C SER A 98 -5.29 40.38 -49.85
N ASN A 99 -5.65 39.59 -48.83
CA ASN A 99 -4.75 39.24 -47.73
C ASN A 99 -4.26 40.50 -47.01
N ILE A 100 -5.22 41.24 -46.44
CA ILE A 100 -4.87 42.40 -45.64
C ILE A 100 -4.12 41.99 -44.38
N ILE A 101 -4.53 40.87 -43.77
CA ILE A 101 -3.84 40.35 -42.61
C ILE A 101 -2.43 39.93 -43.01
N ARG A 102 -1.44 40.37 -42.25
CA ARG A 102 -0.05 40.13 -42.61
C ARG A 102 0.82 39.61 -41.47
N GLY A 103 0.31 39.52 -40.25
CA GLY A 103 1.17 39.08 -39.17
C GLY A 103 0.44 38.99 -37.85
N TRP A 104 1.18 38.53 -36.84
CA TRP A 104 0.68 38.35 -35.49
C TRP A 104 1.73 38.83 -34.50
N ILE A 105 1.29 39.16 -33.29
CA ILE A 105 2.19 39.53 -32.19
C ILE A 105 1.76 38.76 -30.95
N PHE A 106 2.72 38.20 -30.24
CA PHE A 106 2.44 37.37 -29.06
C PHE A 106 3.50 37.70 -28.01
N GLY A 107 3.14 38.50 -27.02
CA GLY A 107 4.07 38.83 -25.96
C GLY A 107 3.38 39.43 -24.77
N THR A 108 3.95 39.20 -23.59
CA THR A 108 3.39 39.78 -22.37
C THR A 108 3.44 41.30 -22.42
N THR A 109 4.53 41.86 -22.92
CA THR A 109 4.70 43.30 -23.05
C THR A 109 4.66 43.80 -24.48
N LEU A 110 5.30 43.06 -25.40
CA LEU A 110 5.27 43.31 -26.85
C LEU A 110 5.58 44.77 -27.21
N ASP A 111 6.31 45.47 -26.34
CA ASP A 111 6.70 46.85 -26.60
C ASP A 111 8.17 47.08 -26.25
N SER A 112 9.02 46.11 -26.60
CA SER A 112 10.46 46.11 -26.37
C SER A 112 10.81 46.06 -24.89
N LYS A 113 9.83 46.00 -23.99
CA LYS A 113 10.12 45.90 -22.56
C LYS A 113 10.78 44.57 -22.23
N THR A 114 10.20 43.47 -22.70
CA THR A 114 10.76 42.13 -22.53
C THR A 114 10.64 41.39 -23.86
N GLN A 115 11.17 40.16 -23.89
CA GLN A 115 11.15 39.38 -25.11
C GLN A 115 9.73 38.95 -25.45
N SER A 116 9.35 39.12 -26.72
CA SER A 116 8.00 38.83 -27.17
C SER A 116 8.06 38.10 -28.50
N LEU A 117 7.23 37.07 -28.66
CA LEU A 117 7.14 36.37 -29.92
C LEU A 117 6.61 37.31 -31.00
N LEU A 118 7.22 37.25 -32.17
CA LEU A 118 6.80 38.04 -33.32
C LEU A 118 6.61 37.13 -34.52
N ILE A 119 5.45 37.22 -35.15
CA ILE A 119 5.18 36.53 -36.40
C ILE A 119 4.92 37.57 -37.47
N VAL A 120 5.75 37.57 -38.51
CA VAL A 120 5.58 38.46 -39.65
C VAL A 120 5.50 37.59 -40.89
N ASN A 121 4.45 37.78 -41.68
CA ASN A 121 4.23 36.97 -42.86
C ASN A 121 4.47 37.80 -44.11
N ASN A 122 5.38 37.34 -44.96
CA ASN A 122 5.65 37.97 -46.24
C ASN A 122 5.48 36.94 -47.34
N ALA A 123 5.24 37.43 -48.56
CA ALA A 123 5.11 36.52 -49.69
C ALA A 123 6.38 35.73 -49.92
N THR A 124 7.54 36.33 -49.63
CA THR A 124 8.81 35.64 -49.81
C THR A 124 8.93 34.45 -48.87
N ASN A 125 8.75 34.68 -47.57
CA ASN A 125 8.97 33.66 -46.55
C ASN A 125 8.09 33.98 -45.34
N VAL A 126 8.02 33.02 -44.43
CA VAL A 126 7.36 33.19 -43.14
C VAL A 126 8.42 33.51 -42.11
N VAL A 127 8.19 34.54 -41.31
CA VAL A 127 9.21 35.10 -40.43
C VAL A 127 8.75 35.02 -38.99
N ILE A 128 9.57 34.43 -38.13
CA ILE A 128 9.34 34.38 -36.70
C ILE A 128 10.62 34.77 -35.98
N LYS A 129 10.50 35.69 -35.01
CA LYS A 129 11.62 36.05 -34.15
C LYS A 129 11.15 36.11 -32.70
N VAL A 130 12.10 36.44 -31.83
CA VAL A 130 11.80 36.73 -30.42
C VAL A 130 12.34 38.09 -29.99
N CYS A 131 13.07 38.79 -30.86
CA CYS A 131 13.68 40.06 -30.53
C CYS A 131 12.66 41.07 -30.02
N GLU A 132 13.16 42.05 -29.28
CA GLU A 132 12.33 43.09 -28.69
C GLU A 132 12.20 44.27 -29.65
N PHE A 133 10.98 44.67 -29.95
CA PHE A 133 10.71 45.81 -30.82
C PHE A 133 9.76 46.78 -30.14
N GLN A 134 9.95 48.06 -30.43
CA GLN A 134 9.06 49.11 -29.95
C GLN A 134 8.07 49.46 -31.06
N PHE A 135 6.79 49.28 -30.78
CA PHE A 135 5.73 49.55 -31.75
C PHE A 135 4.75 50.56 -31.19
N CYS A 136 4.23 51.43 -32.07
CA CYS A 136 3.27 52.43 -31.67
C CYS A 136 1.93 51.79 -31.37
N ASN A 137 0.95 52.64 -31.03
CA ASN A 137 -0.39 52.15 -30.74
C ASN A 137 -1.03 51.51 -31.97
N ASP A 138 -0.82 52.11 -33.15
CA ASP A 138 -1.41 51.64 -34.40
C ASP A 138 -0.31 51.52 -35.45
N PRO A 139 0.46 50.44 -35.44
CA PRO A 139 1.52 50.26 -36.44
C PRO A 139 0.93 49.80 -37.77
N PHE A 140 1.19 50.58 -38.82
CA PHE A 140 0.63 50.33 -40.13
C PHE A 140 1.72 49.83 -41.08
N LEU A 141 1.31 49.03 -42.06
CA LEU A 141 2.22 48.47 -43.05
C LEU A 141 1.86 49.00 -44.43
N GLY A 142 2.86 49.54 -45.13
CA GLY A 142 2.62 50.11 -46.44
C GLY A 142 2.47 49.06 -47.53
N VAL A 143 1.88 49.48 -48.64
CA VAL A 143 1.69 48.62 -49.79
C VAL A 143 2.63 49.01 -50.91
N ASN A 165 17.34 41.20 -28.17
CA ASN A 165 18.06 40.07 -28.73
C ASN A 165 17.12 38.93 -29.09
N CYS A 166 17.41 38.24 -30.19
CA CYS A 166 16.60 37.12 -30.63
C CYS A 166 17.10 35.83 -29.99
N THR A 167 16.18 35.06 -29.42
CA THR A 167 16.50 33.75 -28.87
C THR A 167 16.13 32.61 -29.81
N PHE A 168 15.02 32.74 -30.54
CA PHE A 168 14.58 31.72 -31.48
C PHE A 168 14.27 32.36 -32.82
N GLU A 169 14.20 31.51 -33.85
CA GLU A 169 13.87 31.97 -35.19
C GLU A 169 13.34 30.77 -35.98
N TYR A 170 12.60 31.07 -37.04
CA TYR A 170 12.04 30.03 -37.89
C TYR A 170 11.65 30.66 -39.22
N VAL A 171 11.75 29.87 -40.29
CA VAL A 171 11.34 30.30 -41.62
C VAL A 171 10.63 29.13 -42.28
N SER A 172 9.47 29.40 -42.88
CA SER A 172 8.72 28.37 -43.60
C SER A 172 8.62 28.72 -45.08
N PHE A 186 -15.16 37.27 -50.45
CA PHE A 186 -14.18 36.71 -49.52
C PHE A 186 -14.12 35.19 -49.66
N LYS A 187 -13.44 34.74 -50.72
CA LYS A 187 -13.37 33.31 -51.00
C LYS A 187 -12.60 32.56 -49.91
N ASN A 188 -11.51 33.15 -49.42
CA ASN A 188 -10.59 32.47 -48.52
C ASN A 188 -10.89 32.84 -47.07
N LEU A 189 -10.93 31.83 -46.21
CA LEU A 189 -11.04 32.03 -44.76
C LEU A 189 -9.90 31.28 -44.09
N ARG A 190 -9.06 32.01 -43.37
CA ARG A 190 -7.83 31.47 -42.81
C ARG A 190 -8.03 31.29 -41.30
N GLU A 191 -8.45 30.09 -40.91
CA GLU A 191 -8.70 29.78 -39.50
C GLU A 191 -7.41 29.36 -38.83
N PHE A 192 -7.19 29.85 -37.61
CA PHE A 192 -5.99 29.52 -36.84
C PHE A 192 -6.38 29.16 -35.42
N VAL A 193 -5.47 28.47 -34.73
CA VAL A 193 -5.61 28.17 -33.31
C VAL A 193 -4.22 28.29 -32.69
N PHE A 194 -4.05 29.21 -31.76
CA PHE A 194 -2.77 29.43 -31.10
C PHE A 194 -2.89 29.05 -29.64
N LYS A 195 -1.93 28.29 -29.13
CA LYS A 195 -1.95 27.92 -27.72
C LYS A 195 -0.54 27.60 -27.26
N ASN A 196 -0.30 27.83 -25.96
CA ASN A 196 0.96 27.48 -25.32
C ASN A 196 0.68 26.48 -24.21
N ILE A 197 1.26 25.29 -24.33
CA ILE A 197 1.20 24.28 -23.29
C ILE A 197 2.57 23.61 -23.20
N ASP A 198 3.03 23.42 -21.96
CA ASP A 198 4.31 22.75 -21.69
C ASP A 198 5.48 23.43 -22.40
N GLY A 199 5.42 24.75 -22.52
CA GLY A 199 6.50 25.49 -23.16
C GLY A 199 6.54 25.39 -24.67
N TYR A 200 5.50 24.84 -25.29
CA TYR A 200 5.44 24.71 -26.74
C TYR A 200 4.39 25.64 -27.30
N PHE A 201 4.75 26.39 -28.33
CA PHE A 201 3.81 27.24 -29.05
C PHE A 201 3.27 26.47 -30.25
N LYS A 202 1.98 26.18 -30.22
CA LYS A 202 1.33 25.36 -31.23
C LYS A 202 0.49 26.22 -32.14
N ILE A 203 0.58 25.97 -33.44
CA ILE A 203 -0.19 26.68 -34.45
C ILE A 203 -0.95 25.65 -35.27
N TYR A 204 -2.24 25.88 -35.47
CA TYR A 204 -3.05 25.05 -36.34
C TYR A 204 -3.63 25.96 -37.43
N SER A 205 -4.13 25.35 -38.50
CA SER A 205 -4.66 26.16 -39.59
C SER A 205 -5.61 25.35 -40.44
N LYS A 206 -6.37 26.07 -41.27
CA LYS A 206 -7.28 25.48 -42.24
C LYS A 206 -7.69 26.57 -43.21
N HIS A 207 -7.62 26.29 -44.50
CA HIS A 207 -7.87 27.31 -45.51
C HIS A 207 -9.03 26.92 -46.43
N THR A 208 -10.14 26.50 -45.84
CA THR A 208 -11.29 26.11 -46.65
C THR A 208 -11.86 27.31 -47.40
N PRO A 209 -12.34 27.12 -48.63
CA PRO A 209 -12.93 28.24 -49.36
C PRO A 209 -14.35 28.52 -48.88
N ILE A 210 -14.65 29.80 -48.70
CA ILE A 210 -15.94 30.24 -48.17
C ILE A 210 -16.60 31.14 -49.20
N ASN A 211 -17.84 30.81 -49.57
CA ASN A 211 -18.62 31.60 -50.51
C ASN A 211 -19.67 32.45 -49.82
N LEU A 212 -19.64 32.53 -48.49
CA LEU A 212 -20.54 33.37 -47.71
C LEU A 212 -19.73 34.55 -47.17
N VAL A 213 -20.04 35.75 -47.67
CA VAL A 213 -19.26 36.92 -47.29
C VAL A 213 -19.75 37.57 -46.00
N ARG A 214 -20.92 37.16 -45.49
CA ARG A 214 -21.46 37.82 -44.30
C ARG A 214 -20.80 37.32 -43.03
N ASP A 215 -20.90 36.02 -42.77
CA ASP A 215 -20.34 35.44 -41.55
C ASP A 215 -19.72 34.09 -41.86
N LEU A 216 -19.04 33.52 -40.88
CA LEU A 216 -18.44 32.20 -41.05
C LEU A 216 -19.55 31.17 -41.21
N PRO A 217 -19.42 30.24 -42.16
CA PRO A 217 -20.55 29.39 -42.53
C PRO A 217 -20.80 28.27 -41.53
N GLN A 218 -22.04 27.79 -41.53
CA GLN A 218 -22.38 26.59 -40.80
C GLN A 218 -21.69 25.39 -41.43
N GLY A 219 -21.11 24.55 -40.59
CA GLY A 219 -20.37 23.41 -41.07
C GLY A 219 -19.21 23.12 -40.15
N PHE A 220 -18.45 22.08 -40.50
CA PHE A 220 -17.36 21.61 -39.66
C PHE A 220 -16.12 21.37 -40.50
N SER A 221 -14.99 21.87 -40.02
CA SER A 221 -13.72 21.70 -40.72
C SER A 221 -12.60 21.70 -39.69
N ALA A 222 -11.95 20.56 -39.53
CA ALA A 222 -10.90 20.42 -38.53
C ALA A 222 -9.65 21.18 -38.95
N LEU A 223 -8.82 21.49 -37.97
CA LEU A 223 -7.60 22.25 -38.18
C LEU A 223 -6.38 21.36 -37.96
N GLU A 224 -5.46 21.32 -38.99
CA GLU A 224 -4.23 20.54 -38.92
C GLU A 224 -3.10 21.37 -38.34
N PRO A 225 -2.24 20.77 -37.52
CA PRO A 225 -1.12 21.53 -36.95
C PRO A 225 -0.11 21.94 -38.00
N LEU A 226 0.57 23.05 -37.72
CA LEU A 226 1.61 23.57 -38.60
C LEU A 226 2.97 23.66 -37.93
N VAL A 227 3.04 24.26 -36.74
CA VAL A 227 4.30 24.58 -36.09
C VAL A 227 4.20 24.20 -34.62
N ASP A 228 5.28 23.67 -34.07
CA ASP A 228 5.38 23.35 -32.65
C ASP A 228 6.68 23.89 -32.08
N LEU A 229 7.08 25.08 -32.54
CA LEU A 229 8.40 25.60 -32.18
C LEU A 229 8.41 25.98 -30.70
N PRO A 230 9.37 25.48 -29.93
CA PRO A 230 9.43 25.75 -28.47
C PRO A 230 9.97 27.15 -28.14
N ILE A 231 9.07 28.13 -28.16
CA ILE A 231 9.47 29.51 -27.87
C ILE A 231 9.88 29.65 -26.41
N GLY A 232 9.09 29.12 -25.50
CA GLY A 232 9.39 29.22 -24.08
C GLY A 232 9.11 30.57 -23.46
N ILE A 233 8.52 31.49 -24.21
CA ILE A 233 8.18 32.82 -23.70
C ILE A 233 6.68 32.83 -23.40
N ASN A 234 6.33 33.12 -22.14
CA ASN A 234 4.92 33.12 -21.77
C ASN A 234 4.20 34.26 -22.46
N ILE A 235 3.01 33.99 -22.97
CA ILE A 235 2.25 34.95 -23.74
C ILE A 235 0.91 35.17 -23.06
N THR A 236 0.61 36.42 -22.72
CA THR A 236 -0.69 36.79 -22.19
C THR A 236 -1.34 37.94 -22.95
N ARG A 237 -0.78 38.32 -24.10
CA ARG A 237 -1.32 39.41 -24.90
C ARG A 237 -1.17 39.07 -26.38
N PHE A 238 -2.01 39.70 -27.19
CA PHE A 238 -2.19 39.32 -28.58
C PHE A 238 -2.43 40.57 -29.43
N GLN A 239 -2.11 40.46 -30.72
CA GLN A 239 -2.26 41.59 -31.63
C GLN A 239 -2.27 41.04 -33.05
N THR A 240 -2.71 41.88 -34.00
CA THR A 240 -2.75 41.51 -35.40
C THR A 240 -2.16 42.64 -36.24
N LEU A 241 -1.50 42.26 -37.34
CA LEU A 241 -0.89 43.20 -38.27
C LEU A 241 -1.75 43.35 -39.52
N LEU A 242 -1.84 44.58 -40.02
CA LEU A 242 -2.59 44.88 -41.22
C LEU A 242 -1.72 45.71 -42.17
N ALA A 243 -2.11 45.71 -43.45
CA ALA A 243 -1.41 46.48 -44.47
C ALA A 243 -2.26 47.67 -44.89
N LEU A 244 -1.60 48.79 -45.21
CA LEU A 244 -2.26 50.01 -45.63
C LEU A 244 -1.70 50.47 -46.96
N HIS A 245 -2.58 50.91 -47.85
CA HIS A 245 -2.18 51.41 -49.16
C HIS A 245 -1.73 52.86 -49.08
N ALA A 263 -12.49 43.17 -44.86
CA ALA A 263 -11.24 42.88 -44.17
C ALA A 263 -11.49 42.55 -42.70
N ALA A 264 -12.61 41.88 -42.43
CA ALA A 264 -12.96 41.52 -41.08
C ALA A 264 -12.17 40.31 -40.60
N TYR A 265 -12.13 40.14 -39.28
CA TYR A 265 -11.53 38.95 -38.70
C TYR A 265 -12.20 38.66 -37.37
N TYR A 266 -12.07 37.42 -36.92
CA TYR A 266 -12.79 36.91 -35.76
C TYR A 266 -11.79 36.45 -34.72
N VAL A 267 -12.15 36.60 -33.45
CA VAL A 267 -11.30 36.13 -32.36
C VAL A 267 -12.17 35.37 -31.36
N GLY A 268 -11.84 34.10 -31.12
CA GLY A 268 -12.44 33.33 -30.07
C GLY A 268 -11.46 33.12 -28.94
N TYR A 269 -11.94 32.46 -27.89
CA TYR A 269 -11.10 32.12 -26.75
C TYR A 269 -11.31 30.67 -26.38
N LEU A 270 -10.22 29.98 -26.11
CA LEU A 270 -10.25 28.56 -25.79
C LEU A 270 -10.37 28.36 -24.30
N GLN A 271 -10.97 27.24 -23.91
CA GLN A 271 -11.09 26.90 -22.49
C GLN A 271 -11.32 25.41 -22.38
N PRO A 272 -10.88 24.77 -21.29
CA PRO A 272 -10.94 23.31 -21.21
C PRO A 272 -12.35 22.77 -21.28
N ARG A 273 -12.66 22.06 -22.36
CA ARG A 273 -13.98 21.52 -22.60
C ARG A 273 -13.84 20.15 -23.25
N THR A 274 -14.45 19.14 -22.64
CA THR A 274 -14.35 17.79 -23.18
C THR A 274 -15.09 17.71 -24.51
N PHE A 275 -14.46 17.07 -25.50
CA PHE A 275 -15.04 16.91 -26.81
C PHE A 275 -15.10 15.42 -27.15
N LEU A 276 -15.89 15.09 -28.16
CA LEU A 276 -15.96 13.74 -28.69
C LEU A 276 -15.67 13.82 -30.18
N LEU A 277 -14.42 13.58 -30.55
CA LEU A 277 -13.98 13.74 -31.93
C LEU A 277 -14.30 12.47 -32.71
N LYS A 278 -14.94 12.64 -33.86
CA LYS A 278 -15.27 11.53 -34.73
C LYS A 278 -14.24 11.47 -35.85
N TYR A 279 -13.52 10.36 -35.93
CA TYR A 279 -12.44 10.20 -36.90
C TYR A 279 -12.94 9.41 -38.09
N ASN A 280 -12.64 9.90 -39.29
CA ASN A 280 -13.02 9.21 -40.51
C ASN A 280 -12.22 7.94 -40.69
N GLU A 281 -12.54 7.18 -41.74
CA GLU A 281 -11.76 6.00 -42.05
C GLU A 281 -10.35 6.35 -42.46
N ASN A 282 -10.15 7.50 -43.10
CA ASN A 282 -8.82 7.94 -43.50
C ASN A 282 -8.12 8.75 -42.42
N GLY A 283 -8.76 8.94 -41.27
CA GLY A 283 -8.10 9.56 -40.14
C GLY A 283 -8.39 11.03 -39.92
N THR A 284 -9.23 11.63 -40.75
CA THR A 284 -9.58 13.03 -40.59
C THR A 284 -10.84 13.17 -39.73
N ILE A 285 -10.97 14.31 -39.06
CA ILE A 285 -12.09 14.56 -38.16
C ILE A 285 -13.24 15.13 -38.99
N THR A 286 -14.33 14.38 -39.11
CA THR A 286 -15.48 14.85 -39.87
C THR A 286 -16.54 15.51 -39.01
N ASP A 287 -16.58 15.20 -37.72
CA ASP A 287 -17.61 15.71 -36.84
C ASP A 287 -17.11 15.69 -35.41
N ALA A 288 -17.76 16.48 -34.56
CA ALA A 288 -17.41 16.51 -33.14
C ALA A 288 -18.61 17.05 -32.38
N VAL A 289 -18.84 16.50 -31.18
CA VAL A 289 -19.92 16.95 -30.32
C VAL A 289 -19.32 17.37 -28.98
N ASP A 290 -19.77 18.51 -28.48
CA ASP A 290 -19.29 18.97 -27.19
C ASP A 290 -19.86 18.10 -26.08
N CYS A 291 -19.24 18.16 -24.91
CA CYS A 291 -19.69 17.39 -23.77
C CYS A 291 -20.31 18.26 -22.68
N ALA A 292 -20.50 19.55 -22.94
CA ALA A 292 -21.14 20.43 -21.98
C ALA A 292 -22.10 21.41 -22.62
N LEU A 293 -22.36 21.28 -23.92
CA LEU A 293 -23.22 22.25 -24.59
C LEU A 293 -24.66 22.13 -24.14
N ASP A 294 -25.20 20.92 -24.11
CA ASP A 294 -26.60 20.71 -23.77
C ASP A 294 -26.78 19.26 -23.38
N PRO A 295 -27.91 18.92 -22.75
CA PRO A 295 -28.11 17.53 -22.31
C PRO A 295 -28.02 16.50 -23.42
N LEU A 296 -28.46 16.81 -24.63
CA LEU A 296 -28.30 15.84 -25.71
C LEU A 296 -26.84 15.57 -25.99
N SER A 297 -26.01 16.63 -26.03
CA SER A 297 -24.59 16.44 -26.26
C SER A 297 -23.94 15.69 -25.12
N GLU A 298 -24.37 15.96 -23.88
CA GLU A 298 -23.82 15.23 -22.75
C GLU A 298 -24.17 13.74 -22.82
N THR A 299 -25.39 13.43 -23.25
CA THR A 299 -25.78 12.04 -23.46
C THR A 299 -24.93 11.39 -24.54
N LYS A 300 -24.70 12.10 -25.64
CA LYS A 300 -23.83 11.58 -26.70
C LYS A 300 -22.44 11.28 -26.15
N CYS A 301 -21.89 12.20 -25.36
CA CYS A 301 -20.55 12.00 -24.82
C CYS A 301 -20.50 10.80 -23.89
N THR A 302 -21.50 10.64 -23.02
CA THR A 302 -21.48 9.50 -22.12
C THR A 302 -21.62 8.19 -22.88
N LEU A 303 -22.50 8.15 -23.89
CA LEU A 303 -22.67 6.94 -24.68
C LEU A 303 -21.53 6.68 -25.65
N LYS A 304 -20.65 7.66 -25.87
CA LYS A 304 -19.58 7.55 -26.85
C LYS A 304 -20.14 7.24 -28.23
N SER A 305 -21.25 7.88 -28.56
CA SER A 305 -21.93 7.65 -29.83
C SER A 305 -22.54 8.95 -30.32
N PHE A 306 -22.55 9.14 -31.63
CA PHE A 306 -23.18 10.31 -32.21
C PHE A 306 -24.67 10.12 -32.44
N THR A 307 -25.16 8.89 -32.37
CA THR A 307 -26.58 8.62 -32.44
C THR A 307 -27.03 8.01 -31.12
N VAL A 308 -28.13 8.51 -30.59
CA VAL A 308 -28.62 8.13 -29.27
C VAL A 308 -29.98 7.49 -29.44
N GLU A 309 -30.12 6.26 -28.98
CA GLU A 309 -31.37 5.53 -29.15
C GLU A 309 -32.40 6.03 -28.14
N LYS A 310 -33.67 5.78 -28.45
CA LYS A 310 -34.76 6.19 -27.60
C LYS A 310 -34.64 5.56 -26.22
N GLY A 311 -34.77 6.37 -25.19
CA GLY A 311 -34.69 5.88 -23.82
C GLY A 311 -34.22 6.97 -22.89
N ILE A 312 -34.07 6.60 -21.63
CA ILE A 312 -33.62 7.50 -20.58
C ILE A 312 -32.18 7.12 -20.22
N TYR A 313 -31.29 8.11 -20.26
CA TYR A 313 -29.87 7.89 -20.11
C TYR A 313 -29.33 8.76 -18.99
N GLN A 314 -28.58 8.17 -18.07
CA GLN A 314 -27.95 8.94 -17.01
C GLN A 314 -26.65 9.51 -17.51
N THR A 315 -26.44 10.81 -17.31
CA THR A 315 -25.27 11.49 -17.82
C THR A 315 -24.35 12.01 -16.73
N SER A 316 -24.86 12.79 -15.79
CA SER A 316 -24.02 13.39 -14.76
C SER A 316 -24.71 13.24 -13.42
N ASN A 317 -24.18 13.91 -12.41
CA ASN A 317 -24.74 13.86 -11.06
C ASN A 317 -24.98 15.27 -10.57
N PHE A 318 -26.22 15.56 -10.21
CA PHE A 318 -26.56 16.85 -9.63
C PHE A 318 -25.92 16.98 -8.26
N ARG A 319 -25.62 18.22 -7.87
CA ARG A 319 -24.92 18.47 -6.62
C ARG A 319 -25.12 19.92 -6.25
N VAL A 320 -25.66 20.17 -5.06
CA VAL A 320 -25.95 21.51 -4.60
C VAL A 320 -24.77 21.99 -3.76
N GLN A 321 -24.11 23.03 -4.24
CA GLN A 321 -22.96 23.57 -3.52
C GLN A 321 -23.41 24.38 -2.30
N PRO A 322 -22.61 24.40 -1.24
CA PRO A 322 -22.97 25.22 -0.07
C PRO A 322 -23.00 26.70 -0.42
N THR A 323 -24.07 27.38 0.01
CA THR A 323 -24.20 28.79 -0.30
C THR A 323 -23.13 29.61 0.41
N GLU A 324 -22.86 29.33 1.68
CA GLU A 324 -21.87 30.08 2.44
C GLU A 324 -21.40 29.21 3.59
N SER A 325 -20.69 29.83 4.54
CA SER A 325 -20.14 29.12 5.69
C SER A 325 -20.57 29.82 6.97
N ILE A 326 -20.97 29.03 7.96
CA ILE A 326 -21.35 29.55 9.27
C ILE A 326 -20.56 28.82 10.34
N VAL A 327 -20.04 29.58 11.31
CA VAL A 327 -19.35 29.03 12.46
C VAL A 327 -20.04 29.61 13.69
N ARG A 328 -20.68 28.74 14.48
CA ARG A 328 -21.37 29.17 15.69
C ARG A 328 -20.73 28.49 16.89
N PHE A 329 -20.34 29.27 17.88
CA PHE A 329 -19.63 28.84 19.07
C PHE A 329 -20.33 29.38 20.30
N PRO A 330 -20.13 28.76 21.46
CA PRO A 330 -20.82 29.23 22.68
C PRO A 330 -20.40 30.64 23.04
N ASN A 331 -21.28 31.31 23.78
CA ASN A 331 -21.07 32.72 24.08
C ASN A 331 -19.84 32.91 24.96
N ILE A 332 -19.42 34.17 25.09
CA ILE A 332 -18.18 34.49 25.78
C ILE A 332 -18.25 34.09 27.24
N THR A 333 -19.37 34.38 27.90
CA THR A 333 -19.62 34.07 29.31
C THR A 333 -18.51 34.72 30.14
N ASN A 334 -17.66 33.96 30.82
CA ASN A 334 -16.61 34.56 31.63
C ASN A 334 -15.56 35.23 30.76
N LEU A 335 -15.12 36.41 31.18
CA LEU A 335 -14.07 37.17 30.50
C LEU A 335 -12.91 37.36 31.45
N CYS A 336 -11.69 37.35 30.90
CA CYS A 336 -10.51 37.47 31.73
C CYS A 336 -10.44 38.85 32.39
N PRO A 337 -9.89 38.94 33.61
CA PRO A 337 -9.78 40.23 34.29
C PRO A 337 -8.57 41.03 33.82
N PHE A 338 -8.03 40.66 32.66
CA PHE A 338 -6.81 41.27 32.15
C PHE A 338 -7.02 42.77 31.88
N GLY A 339 -8.17 43.14 31.32
CA GLY A 339 -8.47 44.55 31.13
C GLY A 339 -8.56 45.30 32.45
N GLU A 340 -9.10 44.64 33.48
CA GLU A 340 -9.11 45.24 34.82
C GLU A 340 -7.70 45.40 35.37
N VAL A 341 -6.81 44.44 35.10
CA VAL A 341 -5.42 44.55 35.55
C VAL A 341 -4.75 45.75 34.90
N PHE A 342 -4.95 45.94 33.59
CA PHE A 342 -4.43 47.14 32.96
C PHE A 342 -5.07 48.41 33.50
N ASN A 343 -6.37 48.38 33.77
CA ASN A 343 -7.07 49.54 34.30
C ASN A 343 -7.04 49.59 35.82
N ALA A 344 -6.31 48.69 36.46
CA ALA A 344 -6.14 48.74 37.91
C ALA A 344 -5.28 49.94 38.30
N THR A 345 -5.71 50.64 39.36
CA THR A 345 -4.97 51.81 39.82
C THR A 345 -3.61 51.44 40.38
N ARG A 346 -3.55 50.37 41.18
CA ARG A 346 -2.30 49.99 41.84
C ARG A 346 -1.45 49.15 40.89
N PHE A 347 -0.19 49.54 40.74
CA PHE A 347 0.77 48.81 39.93
C PHE A 347 2.01 48.52 40.77
N ALA A 348 2.49 47.28 40.72
CA ALA A 348 3.65 46.90 41.49
C ALA A 348 4.91 47.55 40.93
N SER A 349 5.94 47.62 41.78
CA SER A 349 7.21 48.18 41.35
C SER A 349 7.95 47.18 40.45
N VAL A 350 9.01 47.68 39.82
CA VAL A 350 9.75 46.84 38.86
C VAL A 350 10.47 45.70 39.59
N TYR A 351 11.03 45.97 40.76
CA TYR A 351 11.74 44.91 41.49
C TYR A 351 10.76 43.88 42.04
N ALA A 352 9.69 44.34 42.68
CA ALA A 352 8.65 43.45 43.20
C ALA A 352 7.47 43.38 42.23
N TRP A 353 7.76 42.95 41.00
CA TRP A 353 6.73 42.90 39.97
C TRP A 353 5.69 41.85 40.31
N ASN A 354 4.42 42.23 40.19
CA ASN A 354 3.32 41.33 40.53
C ASN A 354 3.23 40.20 39.52
N ARG A 355 2.88 39.01 40.00
CA ARG A 355 2.71 37.83 39.18
C ARG A 355 1.28 37.32 39.35
N LYS A 356 0.47 37.44 38.30
CA LYS A 356 -0.92 37.00 38.33
C LYS A 356 -1.11 35.86 37.35
N ARG A 357 -1.68 34.76 37.83
CA ARG A 357 -1.93 33.59 37.00
C ARG A 357 -3.35 33.66 36.44
N ILE A 358 -3.44 33.76 35.12
CA ILE A 358 -4.72 33.90 34.43
C ILE A 358 -5.13 32.52 33.92
N SER A 359 -6.32 32.06 34.32
CA SER A 359 -6.80 30.76 33.91
C SER A 359 -8.32 30.77 33.88
N ASN A 360 -8.88 29.90 33.03
CA ASN A 360 -10.32 29.66 32.94
C ASN A 360 -11.08 30.94 32.58
N CYS A 361 -10.68 31.56 31.47
CA CYS A 361 -11.39 32.72 30.93
C CYS A 361 -10.91 32.94 29.50
N VAL A 362 -11.36 34.05 28.91
CA VAL A 362 -11.00 34.42 27.55
C VAL A 362 -10.55 35.88 27.56
N ALA A 363 -9.49 36.17 26.81
CA ALA A 363 -8.93 37.51 26.70
C ALA A 363 -9.10 38.01 25.27
N ASP A 364 -9.50 39.28 25.14
CA ASP A 364 -9.74 39.89 23.83
C ASP A 364 -8.44 40.54 23.34
N TYR A 365 -7.58 39.71 22.74
CA TYR A 365 -6.33 40.23 22.22
C TYR A 365 -6.55 41.13 21.01
N SER A 366 -7.60 40.86 20.22
CA SER A 366 -7.94 41.75 19.11
C SER A 366 -8.26 43.15 19.61
N VAL A 367 -9.12 43.25 20.63
CA VAL A 367 -9.45 44.54 21.21
C VAL A 367 -8.22 45.16 21.87
N LEU A 368 -7.39 44.33 22.50
CA LEU A 368 -6.20 44.82 23.17
C LEU A 368 -5.24 45.49 22.17
N TYR A 369 -5.03 44.84 21.02
CA TYR A 369 -4.19 45.44 19.98
C TYR A 369 -4.88 46.63 19.33
N ASN A 370 -6.21 46.59 19.19
CA ASN A 370 -6.94 47.72 18.62
C ASN A 370 -6.90 48.94 19.52
N SER A 371 -6.66 48.76 20.82
CA SER A 371 -6.53 49.89 21.72
C SER A 371 -5.37 50.78 21.29
N ALA A 372 -5.63 52.09 21.18
CA ALA A 372 -4.63 53.04 20.75
C ALA A 372 -3.91 53.73 21.91
N SER A 373 -4.24 53.37 23.14
CA SER A 373 -3.59 54.00 24.29
C SER A 373 -2.16 53.51 24.47
N PHE A 374 -1.82 52.35 23.92
CA PHE A 374 -0.51 51.76 24.12
C PHE A 374 0.49 52.39 23.16
N SER A 375 1.53 53.02 23.72
CA SER A 375 2.58 53.58 22.88
C SER A 375 3.44 52.47 22.26
N THR A 376 3.78 51.45 23.03
CA THR A 376 4.61 50.35 22.57
C THR A 376 3.84 49.04 22.71
N PHE A 377 3.64 48.35 21.60
CA PHE A 377 2.97 47.05 21.56
C PHE A 377 3.84 46.13 20.69
N LYS A 378 4.75 45.41 21.33
CA LYS A 378 5.67 44.53 20.64
C LYS A 378 5.36 43.08 20.99
N CYS A 379 5.16 42.25 19.96
CA CYS A 379 4.89 40.83 20.12
C CYS A 379 6.05 40.04 19.53
N TYR A 380 6.54 39.06 20.28
CA TYR A 380 7.68 38.26 19.87
C TYR A 380 7.36 36.80 19.62
N GLY A 381 6.46 36.21 20.40
CA GLY A 381 6.07 34.83 20.21
C GLY A 381 5.06 34.65 19.09
N VAL A 382 3.90 35.29 19.23
CA VAL A 382 2.82 35.21 18.25
C VAL A 382 2.42 36.64 17.87
N SER A 383 2.21 36.85 16.57
CA SER A 383 1.75 38.15 16.11
C SER A 383 0.37 38.45 16.69
N PRO A 384 0.09 39.71 17.04
CA PRO A 384 -1.21 40.02 17.65
C PRO A 384 -2.39 39.69 16.75
N THR A 385 -2.20 39.71 15.43
CA THR A 385 -3.29 39.35 14.53
C THR A 385 -3.70 37.90 14.70
N LYS A 386 -2.73 36.99 14.83
CA LYS A 386 -3.00 35.57 14.99
C LYS A 386 -3.07 35.14 16.44
N LEU A 387 -2.88 36.06 17.40
CA LEU A 387 -2.89 35.68 18.80
C LEU A 387 -4.25 35.14 19.22
N ASN A 388 -5.33 35.73 18.71
CA ASN A 388 -6.67 35.23 19.03
C ASN A 388 -6.85 33.80 18.54
N ASP A 389 -6.39 33.51 17.32
CA ASP A 389 -6.49 32.16 16.80
C ASP A 389 -5.64 31.19 17.61
N LEU A 390 -4.43 31.61 17.98
CA LEU A 390 -3.55 30.76 18.78
C LEU A 390 -4.16 30.53 20.17
N CYS A 391 -4.09 29.28 20.63
CA CYS A 391 -4.71 28.86 21.87
C CYS A 391 -3.64 28.32 22.81
N PHE A 392 -3.59 28.85 24.01
CA PHE A 392 -2.63 28.44 25.02
C PHE A 392 -3.37 27.89 26.24
N THR A 393 -2.62 27.55 27.28
CA THR A 393 -3.18 26.96 28.48
C THR A 393 -2.88 27.74 29.76
N ASN A 394 -1.85 28.59 29.78
CA ASN A 394 -1.53 29.36 30.97
C ASN A 394 -0.93 30.70 30.55
N VAL A 395 -1.40 31.77 31.18
CA VAL A 395 -0.96 33.13 30.86
C VAL A 395 -0.55 33.80 32.16
N TYR A 396 0.65 34.40 32.16
CA TYR A 396 1.18 35.11 33.31
C TYR A 396 1.34 36.58 32.96
N ALA A 397 0.86 37.45 33.84
CA ALA A 397 0.92 38.90 33.65
C ALA A 397 1.86 39.48 34.69
N ASP A 398 2.89 40.19 34.23
CA ASP A 398 3.84 40.86 35.10
C ASP A 398 3.59 42.36 35.01
N SER A 399 3.05 42.95 36.07
CA SER A 399 2.70 44.36 36.11
C SER A 399 3.77 45.13 36.88
N PHE A 400 4.35 46.14 36.23
CA PHE A 400 5.40 46.94 36.85
C PHE A 400 5.45 48.29 36.14
N VAL A 401 6.13 49.23 36.80
CA VAL A 401 6.33 50.57 36.27
C VAL A 401 7.82 50.83 36.15
N ILE A 402 8.26 51.27 34.96
CA ILE A 402 9.67 51.52 34.68
C ILE A 402 9.80 52.88 34.00
N ARG A 403 11.02 53.39 33.99
CA ARG A 403 11.34 54.58 33.22
C ARG A 403 11.18 54.27 31.73
N GLY A 404 10.76 55.29 30.98
CA GLY A 404 10.49 55.10 29.57
C GLY A 404 11.69 54.65 28.77
N ASP A 405 12.89 55.10 29.16
CA ASP A 405 14.09 54.70 28.44
C ASP A 405 14.44 53.23 28.64
N GLU A 406 13.83 52.57 29.63
CA GLU A 406 14.08 51.16 29.89
C GLU A 406 13.10 50.24 29.18
N VAL A 407 12.16 50.80 28.40
CA VAL A 407 11.24 49.97 27.63
C VAL A 407 12.00 49.13 26.62
N ARG A 408 12.99 49.73 25.96
CA ARG A 408 13.84 48.98 25.05
C ARG A 408 14.60 47.88 25.77
N GLN A 409 15.07 48.17 26.99
CA GLN A 409 15.77 47.16 27.76
C GLN A 409 14.85 46.00 28.16
N ILE A 410 13.57 46.29 28.39
CA ILE A 410 12.61 45.23 28.69
C ILE A 410 12.23 44.53 27.39
N ALA A 411 12.90 43.42 27.10
CA ALA A 411 12.72 42.68 25.86
C ALA A 411 13.42 41.33 25.97
N PRO A 412 12.97 40.32 25.24
CA PRO A 412 13.70 39.04 25.24
C PRO A 412 15.10 39.20 24.67
N GLY A 413 16.05 38.51 25.29
CA GLY A 413 17.44 38.59 24.85
C GLY A 413 18.03 39.99 24.94
N GLN A 414 17.73 40.71 26.02
CA GLN A 414 18.20 42.07 26.20
C GLN A 414 18.96 42.18 27.51
N THR A 415 19.98 43.05 27.52
CA THR A 415 20.84 43.24 28.67
C THR A 415 20.71 44.66 29.20
N GLY A 416 20.83 44.79 30.50
CA GLY A 416 20.73 46.09 31.15
C GLY A 416 20.43 45.93 32.62
N LYS A 417 20.43 47.06 33.32
CA LYS A 417 20.14 47.05 34.75
C LYS A 417 18.74 46.51 35.01
N ILE A 418 17.74 47.08 34.35
CA ILE A 418 16.37 46.59 34.51
C ILE A 418 16.20 45.23 33.85
N ALA A 419 16.86 45.03 32.70
CA ALA A 419 16.69 43.78 31.96
C ALA A 419 17.29 42.57 32.67
N ASP A 420 18.17 42.79 33.65
CA ASP A 420 18.84 41.68 34.32
C ASP A 420 18.58 41.64 35.82
N TYR A 421 18.73 42.78 36.50
CA TYR A 421 18.80 42.77 37.95
C TYR A 421 17.45 42.54 38.62
N ASN A 422 16.36 42.97 37.98
CA ASN A 422 15.04 42.80 38.59
C ASN A 422 13.97 42.25 37.66
N TYR A 423 14.20 42.18 36.34
CA TYR A 423 13.22 41.61 35.43
C TYR A 423 13.98 41.04 34.23
N LYS A 424 14.20 39.72 34.24
CA LYS A 424 14.92 39.04 33.18
C LYS A 424 13.98 38.16 32.38
N LEU A 425 14.19 38.11 31.06
CA LEU A 425 13.34 37.37 30.16
C LEU A 425 14.13 36.25 29.47
N PRO A 426 13.48 35.14 29.13
CA PRO A 426 14.19 34.05 28.45
C PRO A 426 14.60 34.43 27.04
N ASP A 427 15.64 33.75 26.55
CA ASP A 427 16.06 33.96 25.17
C ASP A 427 14.96 33.55 24.19
N ASP A 428 14.31 32.42 24.44
CA ASP A 428 13.13 32.02 23.69
C ASP A 428 11.90 32.58 24.39
N PHE A 429 11.10 33.37 23.67
CA PHE A 429 10.01 34.11 24.27
C PHE A 429 8.74 33.88 23.47
N THR A 430 7.64 33.62 24.18
CA THR A 430 6.32 33.40 23.58
C THR A 430 5.36 34.35 24.28
N GLY A 431 5.23 35.57 23.76
CA GLY A 431 4.36 36.54 24.37
C GLY A 431 4.50 37.89 23.69
N CYS A 432 3.94 38.91 24.35
CA CYS A 432 3.96 40.27 23.85
C CYS A 432 4.37 41.22 24.97
N VAL A 433 4.93 42.36 24.58
CA VAL A 433 5.31 43.42 25.51
C VAL A 433 4.47 44.65 25.20
N ILE A 434 3.78 45.16 26.22
CA ILE A 434 2.87 46.28 26.06
C ILE A 434 3.35 47.42 26.95
N ALA A 435 3.50 48.61 26.36
CA ALA A 435 3.93 49.79 27.10
C ALA A 435 3.11 50.98 26.64
N TRP A 436 2.92 51.93 27.55
CA TRP A 436 2.19 53.15 27.23
C TRP A 436 2.63 54.26 28.18
N ASN A 437 2.37 55.49 27.78
CA ASN A 437 2.71 56.65 28.59
C ASN A 437 1.85 56.68 29.86
N SER A 438 2.48 57.08 30.97
CA SER A 438 1.79 57.15 32.25
C SER A 438 2.17 58.40 33.02
N ASN A 439 2.56 59.47 32.32
CA ASN A 439 3.01 60.67 33.00
C ASN A 439 1.91 61.30 33.85
N ASN A 440 0.69 61.34 33.33
CA ASN A 440 -0.42 61.93 34.07
C ASN A 440 -1.01 60.99 35.11
N LEU A 441 -0.70 59.69 35.04
CA LEU A 441 -1.35 58.73 35.93
C LEU A 441 -0.63 58.65 37.29
N ASP A 442 0.63 58.26 37.28
CA ASP A 442 1.37 58.03 38.53
C ASP A 442 2.34 59.14 38.88
N SER A 443 2.97 59.77 37.88
CA SER A 443 3.92 60.84 38.15
C SER A 443 3.20 62.04 38.77
N LYS A 444 3.82 62.61 39.79
CA LYS A 444 3.23 63.71 40.55
C LYS A 444 4.25 64.82 40.72
N VAL A 445 3.79 65.95 41.26
CA VAL A 445 4.68 67.07 41.52
C VAL A 445 5.76 66.68 42.51
N GLY A 446 5.38 65.98 43.58
CA GLY A 446 6.35 65.47 44.52
C GLY A 446 7.08 64.26 43.98
N GLY A 447 8.16 63.90 44.67
CA GLY A 447 8.95 62.75 44.29
C GLY A 447 8.19 61.45 44.40
N ASN A 448 8.24 60.63 43.34
CA ASN A 448 7.56 59.33 43.33
C ASN A 448 8.53 58.27 43.83
N TYR A 449 8.57 58.11 45.15
CA TYR A 449 9.43 57.15 45.80
C TYR A 449 8.76 55.80 45.99
N ASN A 450 7.49 55.67 45.61
CA ASN A 450 6.78 54.40 45.78
C ASN A 450 7.35 53.29 44.91
N TYR A 451 8.03 53.63 43.82
CA TYR A 451 8.62 52.65 42.93
C TYR A 451 10.13 52.60 43.14
N LEU A 452 10.66 51.39 43.30
CA LEU A 452 12.08 51.18 43.55
C LEU A 452 12.64 50.22 42.51
N TYR A 453 13.95 50.34 42.28
CA TYR A 453 14.64 49.51 41.30
C TYR A 453 15.86 48.88 41.94
N ARG A 454 16.22 47.69 41.46
CA ARG A 454 17.37 46.95 41.98
C ARG A 454 18.62 47.53 41.36
N LEU A 455 19.12 48.61 41.97
CA LEU A 455 20.30 49.30 41.45
C LEU A 455 21.55 48.42 41.55
N PHE A 456 21.71 47.72 42.67
CA PHE A 456 22.89 46.90 42.93
C PHE A 456 22.51 45.44 43.04
N ARG A 457 23.25 44.58 42.35
CA ARG A 457 23.06 43.14 42.45
C ARG A 457 24.37 42.45 42.13
N LYS A 458 24.61 41.33 42.84
CA LYS A 458 25.87 40.61 42.67
C LYS A 458 25.95 39.89 41.34
N SER A 459 24.81 39.36 40.86
CA SER A 459 24.81 38.59 39.62
C SER A 459 23.44 38.73 38.96
N ASN A 460 23.41 38.39 37.67
CA ASN A 460 22.18 38.47 36.90
C ASN A 460 21.16 37.44 37.38
N LEU A 461 19.89 37.79 37.23
CA LEU A 461 18.79 36.93 37.64
C LEU A 461 18.37 36.00 36.51
N LYS A 462 17.85 34.84 36.89
CA LYS A 462 17.28 33.93 35.92
C LYS A 462 15.97 34.49 35.36
N PRO A 463 15.59 34.09 34.16
CA PRO A 463 14.33 34.59 33.59
C PRO A 463 13.13 34.20 34.46
N PHE A 464 12.17 35.13 34.53
CA PHE A 464 10.94 34.93 35.32
C PHE A 464 11.25 34.63 36.78
N GLU A 465 12.23 35.34 37.34
CA GLU A 465 12.59 35.21 38.74
C GLU A 465 12.55 36.59 39.39
N ARG A 466 11.92 36.69 40.55
CA ARG A 466 11.79 37.94 41.29
C ARG A 466 12.55 37.85 42.60
N ASP A 467 13.20 38.95 42.96
CA ASP A 467 13.93 39.06 44.23
C ASP A 467 13.25 40.15 45.06
N ILE A 468 12.24 39.74 45.83
CA ILE A 468 11.51 40.68 46.68
C ILE A 468 12.24 40.99 47.98
N SER A 469 13.30 40.23 48.29
CA SER A 469 14.06 40.45 49.52
C SER A 469 14.76 41.80 49.50
N THR A 470 14.33 42.71 50.38
CA THR A 470 14.95 44.03 50.50
C THR A 470 16.17 43.95 51.43
N GLU A 471 17.15 43.16 50.99
CA GLU A 471 18.36 42.95 51.78
C GLU A 471 19.11 44.26 51.96
N ILE A 472 19.71 44.43 53.14
CA ILE A 472 20.15 45.75 53.58
C ILE A 472 21.34 46.24 52.75
N TYR A 473 22.30 45.37 52.47
CA TYR A 473 23.53 45.78 51.79
C TYR A 473 23.94 44.71 50.79
N GLN A 474 23.89 45.05 49.51
CA GLN A 474 24.06 44.07 48.44
C GLN A 474 25.43 43.40 48.51
N ALA A 475 26.49 44.20 48.63
CA ALA A 475 27.84 43.64 48.59
C ALA A 475 28.10 42.73 49.79
N GLY A 476 27.71 43.16 50.98
CA GLY A 476 27.89 42.33 52.17
C GLY A 476 29.33 41.99 52.47
N SER A 477 30.24 42.95 52.33
CA SER A 477 31.65 42.69 52.61
C SER A 477 31.86 42.38 54.08
N THR A 478 31.19 43.12 54.97
CA THR A 478 31.29 42.90 56.41
C THR A 478 29.89 42.68 56.96
N PRO A 479 29.64 41.58 57.68
CA PRO A 479 28.30 41.31 58.21
C PRO A 479 27.90 42.16 59.40
N CYS A 480 28.71 43.16 59.78
CA CYS A 480 28.34 44.02 60.90
C CYS A 480 27.15 44.91 60.58
N ASN A 481 26.84 45.09 59.30
CA ASN A 481 25.69 45.89 58.85
C ASN A 481 25.81 47.34 59.33
N GLY A 482 26.91 47.98 58.93
CA GLY A 482 27.14 49.35 59.33
C GLY A 482 26.25 50.31 58.55
N VAL A 483 25.82 51.37 59.24
CA VAL A 483 24.95 52.37 58.61
C VAL A 483 25.70 53.11 57.51
N GLU A 484 26.93 53.53 57.79
CA GLU A 484 27.74 54.27 56.81
C GLU A 484 28.55 53.27 55.98
N GLY A 485 27.82 52.54 55.13
CA GLY A 485 28.41 51.58 54.24
C GLY A 485 29.39 52.21 53.25
N PHE A 486 30.54 51.56 53.06
CA PHE A 486 31.57 52.05 52.15
C PHE A 486 31.69 51.18 50.91
N ASN A 487 31.87 49.88 51.07
CA ASN A 487 31.86 48.95 49.95
C ASN A 487 30.49 48.34 49.68
N CYS A 488 29.51 48.62 50.53
CA CYS A 488 28.18 48.05 50.43
C CYS A 488 27.14 49.16 50.37
N TYR A 489 26.08 48.96 49.60
CA TYR A 489 25.06 49.98 49.41
C TYR A 489 23.69 49.31 49.28
N PHE A 490 22.65 50.11 49.51
CA PHE A 490 21.29 49.59 49.42
C PHE A 490 20.92 49.32 47.96
N PRO A 491 20.45 48.11 47.63
CA PRO A 491 20.14 47.82 46.23
C PRO A 491 18.90 48.55 45.72
N LEU A 492 17.98 48.92 46.58
CA LEU A 492 16.73 49.54 46.17
C LEU A 492 16.85 51.06 46.26
N GLN A 493 16.51 51.76 45.18
CA GLN A 493 16.53 53.21 45.13
C GLN A 493 15.23 53.72 44.52
N SER A 494 14.79 54.87 45.00
CA SER A 494 13.54 55.46 44.53
C SER A 494 13.73 56.10 43.16
N TYR A 495 12.73 55.93 42.30
CA TYR A 495 12.75 56.57 40.99
C TYR A 495 12.51 58.08 41.13
N GLY A 496 13.22 58.86 40.32
CA GLY A 496 12.99 60.28 40.27
C GLY A 496 12.01 60.65 39.18
N PHE A 497 10.75 60.85 39.56
CA PHE A 497 9.68 61.09 38.61
C PHE A 497 9.15 62.51 38.77
N GLN A 498 9.06 63.23 37.65
CA GLN A 498 8.56 64.59 37.63
C GLN A 498 7.93 64.85 36.27
N PRO A 499 6.68 65.31 36.22
CA PRO A 499 6.06 65.64 34.92
C PRO A 499 6.69 66.82 34.21
N THR A 500 7.49 67.62 34.92
CA THR A 500 8.10 68.80 34.31
C THR A 500 9.05 68.40 33.18
N ASN A 501 9.83 67.33 33.38
CA ASN A 501 10.82 66.93 32.40
C ASN A 501 10.18 66.54 31.08
N GLY A 502 9.41 65.46 31.07
CA GLY A 502 8.73 65.01 29.85
C GLY A 502 9.66 64.74 28.69
N VAL A 503 10.79 64.10 28.95
CA VAL A 503 11.78 63.83 27.91
C VAL A 503 11.94 62.34 27.62
N GLY A 504 11.53 61.46 28.52
CA GLY A 504 11.75 60.04 28.35
C GLY A 504 12.02 59.37 29.68
N TYR A 505 12.41 60.17 30.67
CA TYR A 505 12.56 59.69 32.03
C TYR A 505 11.21 59.46 32.71
N GLN A 506 10.12 59.90 32.10
CA GLN A 506 8.80 59.72 32.67
C GLN A 506 8.45 58.23 32.73
N PRO A 507 7.73 57.80 33.77
CA PRO A 507 7.39 56.38 33.90
C PRO A 507 6.42 55.91 32.82
N TYR A 508 6.73 54.76 32.24
CA TYR A 508 5.87 54.11 31.25
C TYR A 508 5.41 52.78 31.82
N ARG A 509 4.10 52.56 31.84
CA ARG A 509 3.56 51.32 32.37
C ARG A 509 3.79 50.18 31.38
N VAL A 510 4.51 49.15 31.81
CA VAL A 510 4.91 48.05 30.95
C VAL A 510 4.43 46.74 31.57
N VAL A 511 3.73 45.93 30.77
CA VAL A 511 3.29 44.60 31.17
C VAL A 511 3.72 43.61 30.10
N VAL A 512 4.36 42.52 30.52
CA VAL A 512 4.88 41.51 29.61
C VAL A 512 4.15 40.19 29.89
N LEU A 513 3.66 39.56 28.83
CA LEU A 513 2.92 38.31 28.93
C LEU A 513 3.81 37.12 28.59
N SER A 514 3.40 35.95 29.09
CA SER A 514 4.12 34.70 28.85
C SER A 514 3.10 33.61 28.53
N PHE A 515 3.14 33.10 27.30
CA PHE A 515 2.30 31.98 26.89
C PHE A 515 3.12 30.71 26.89
N GLU A 516 2.64 29.70 27.61
CA GLU A 516 3.36 28.45 27.77
C GLU A 516 2.45 27.27 27.42
N LEU A 517 3.06 26.21 26.91
CA LEU A 517 2.37 24.97 26.60
C LEU A 517 2.86 23.90 27.58
N LEU A 518 2.03 23.58 28.57
CA LEU A 518 2.40 22.65 29.63
C LEU A 518 1.87 21.24 29.36
N HIS A 519 1.46 20.94 28.13
CA HIS A 519 0.86 19.65 27.79
C HIS A 519 -0.35 19.37 28.67
N ALA A 520 -1.12 20.40 28.95
CA ALA A 520 -2.33 20.34 29.76
C ALA A 520 -3.45 21.01 29.00
N PRO A 521 -4.70 20.60 29.23
CA PRO A 521 -5.81 21.20 28.49
C PRO A 521 -5.93 22.69 28.74
N ALA A 522 -6.36 23.41 27.70
CA ALA A 522 -6.35 24.87 27.73
C ALA A 522 -7.34 25.41 28.75
N THR A 523 -7.00 26.55 29.34
CA THR A 523 -7.88 27.29 30.24
C THR A 523 -8.16 28.70 29.75
N VAL A 524 -7.16 29.39 29.22
CA VAL A 524 -7.32 30.70 28.62
C VAL A 524 -7.06 30.58 27.13
N CYS A 525 -8.04 30.99 26.33
CA CYS A 525 -7.94 30.84 24.88
C CYS A 525 -8.57 32.07 24.24
N GLY A 526 -8.32 32.24 22.94
CA GLY A 526 -8.80 33.40 22.23
C GLY A 526 -10.30 33.42 22.07
N PRO A 527 -10.86 34.60 21.80
CA PRO A 527 -12.31 34.70 21.59
C PRO A 527 -12.73 33.93 20.35
N LYS A 528 -13.97 33.46 20.38
CA LYS A 528 -14.52 32.62 19.32
C LYS A 528 -15.55 33.43 18.53
N LYS A 529 -15.26 33.69 17.26
CA LYS A 529 -16.18 34.42 16.42
C LYS A 529 -17.38 33.55 16.04
N SER A 530 -18.57 34.11 16.20
CA SER A 530 -19.82 33.41 15.91
C SER A 530 -20.56 34.18 14.82
N THR A 531 -20.70 33.54 13.66
CA THR A 531 -21.42 34.16 12.57
C THR A 531 -22.92 34.01 12.78
N ASN A 532 -23.69 34.84 12.08
CA ASN A 532 -25.14 34.78 12.16
C ASN A 532 -25.60 33.47 11.53
N LEU A 533 -26.33 32.67 12.29
CA LEU A 533 -26.78 31.37 11.80
C LEU A 533 -27.89 31.56 10.76
N VAL A 534 -27.87 30.72 9.73
CA VAL A 534 -28.85 30.75 8.65
C VAL A 534 -29.50 29.38 8.54
N LYS A 535 -30.82 29.36 8.42
CA LYS A 535 -31.59 28.14 8.35
C LYS A 535 -32.24 27.99 6.98
N ASN A 536 -32.66 26.77 6.68
CA ASN A 536 -33.38 26.45 5.45
C ASN A 536 -32.56 26.81 4.22
N LYS A 537 -31.24 26.73 4.33
CA LYS A 537 -30.34 27.05 3.23
C LYS A 537 -29.15 26.11 3.29
N CYS A 538 -28.73 25.61 2.14
CA CYS A 538 -27.60 24.69 2.11
C CYS A 538 -26.32 25.43 2.45
N VAL A 539 -25.92 25.37 3.72
CA VAL A 539 -24.81 26.16 4.23
C VAL A 539 -23.81 25.23 4.89
N ASN A 540 -22.52 25.46 4.60
CA ASN A 540 -21.46 24.78 5.31
C ASN A 540 -21.41 25.30 6.75
N PHE A 541 -21.31 24.39 7.71
CA PHE A 541 -21.40 24.77 9.11
C PHE A 541 -20.27 24.13 9.90
N ASN A 542 -20.01 24.73 11.07
CA ASN A 542 -18.98 24.23 11.99
C ASN A 542 -19.47 24.54 13.40
N PHE A 543 -20.11 23.56 14.04
CA PHE A 543 -20.64 23.69 15.39
C PHE A 543 -19.68 23.00 16.35
N ASN A 544 -18.78 23.78 16.95
CA ASN A 544 -17.83 23.26 17.94
C ASN A 544 -17.01 22.09 17.40
N GLY A 545 -16.68 22.13 16.11
CA GLY A 545 -15.87 21.09 15.51
C GLY A 545 -16.63 20.03 14.75
N LEU A 546 -17.95 20.16 14.62
CA LEU A 546 -18.70 19.22 13.79
C LEU A 546 -18.26 19.30 12.33
N THR A 547 -18.13 20.53 11.82
CA THR A 547 -17.58 20.78 10.48
C THR A 547 -18.31 19.97 9.41
N GLY A 548 -19.63 19.83 9.57
CA GLY A 548 -20.42 19.15 8.57
C GLY A 548 -21.00 20.12 7.55
N THR A 549 -21.62 19.55 6.53
CA THR A 549 -22.24 20.33 5.46
C THR A 549 -23.67 19.85 5.25
N GLY A 550 -24.61 20.79 5.25
CA GLY A 550 -26.00 20.46 5.05
C GLY A 550 -26.88 21.62 5.38
N VAL A 551 -28.17 21.45 5.11
CA VAL A 551 -29.16 22.48 5.36
C VAL A 551 -29.78 22.27 6.73
N LEU A 552 -29.77 23.31 7.55
CA LEU A 552 -30.21 23.26 8.93
C LEU A 552 -31.64 23.76 9.03
N THR A 553 -32.51 22.95 9.61
CA THR A 553 -33.90 23.32 9.81
C THR A 553 -34.25 23.25 11.29
N GLU A 554 -35.26 24.02 11.68
CA GLU A 554 -35.76 23.93 13.04
C GLU A 554 -36.32 22.54 13.29
N SER A 555 -35.98 21.96 14.43
CA SER A 555 -36.28 20.57 14.71
C SER A 555 -37.42 20.42 15.70
N ASN A 556 -37.85 19.17 15.88
CA ASN A 556 -38.88 18.83 16.83
C ASN A 556 -38.39 17.96 17.98
N LYS A 557 -37.32 17.21 17.78
CA LYS A 557 -36.78 16.36 18.83
C LYS A 557 -36.24 17.21 19.97
N LYS A 558 -36.40 16.70 21.19
CA LYS A 558 -35.96 17.41 22.39
C LYS A 558 -34.80 16.65 23.01
N PHE A 559 -33.67 17.34 23.19
CA PHE A 559 -32.48 16.73 23.76
C PHE A 559 -32.59 16.69 25.28
N LEU A 560 -31.74 15.85 25.88
CA LEU A 560 -31.44 16.01 27.28
C LEU A 560 -30.58 17.25 27.48
N PRO A 561 -30.74 17.95 28.61
CA PRO A 561 -30.04 19.23 28.78
C PRO A 561 -28.53 19.14 28.66
N PHE A 562 -27.94 17.99 28.93
CA PHE A 562 -26.48 17.84 28.82
C PHE A 562 -26.04 17.39 27.44
N GLN A 563 -26.96 16.95 26.58
CA GLN A 563 -26.57 16.37 25.30
C GLN A 563 -26.34 17.45 24.27
N GLN A 564 -25.22 17.36 23.56
CA GLN A 564 -24.76 18.44 22.70
C GLN A 564 -25.17 18.29 21.24
N PHE A 565 -25.27 17.08 20.73
CA PHE A 565 -25.67 16.91 19.33
C PHE A 565 -26.20 15.51 19.11
N GLY A 566 -27.17 15.40 18.21
CA GLY A 566 -27.83 14.14 17.96
C GLY A 566 -27.04 13.22 17.05
N ARG A 567 -27.66 12.08 16.75
CA ARG A 567 -27.03 11.09 15.90
C ARG A 567 -28.12 10.19 15.34
N ASP A 568 -27.75 9.45 14.29
CA ASP A 568 -28.66 8.56 13.58
C ASP A 568 -28.25 7.12 13.86
N ILE A 569 -29.00 6.18 13.25
CA ILE A 569 -28.69 4.77 13.43
C ILE A 569 -27.31 4.44 12.85
N ALA A 570 -27.02 4.97 11.66
CA ALA A 570 -25.78 4.68 10.98
C ALA A 570 -24.62 5.57 11.43
N ASP A 571 -24.72 6.16 12.62
CA ASP A 571 -23.69 7.04 13.16
C ASP A 571 -23.39 8.21 12.24
N THR A 572 -24.43 8.79 11.67
CA THR A 572 -24.34 10.01 10.89
C THR A 572 -25.07 11.12 11.64
N THR A 573 -24.39 12.25 11.84
CA THR A 573 -24.99 13.35 12.58
C THR A 573 -26.24 13.86 11.86
N ASP A 574 -27.33 14.01 12.59
CA ASP A 574 -28.55 14.53 11.99
C ASP A 574 -29.32 15.47 12.92
N ALA A 575 -28.67 16.02 13.94
CA ALA A 575 -29.28 17.04 14.79
C ALA A 575 -28.20 17.65 15.66
N VAL A 576 -28.10 18.98 15.70
CA VAL A 576 -27.09 19.62 16.51
C VAL A 576 -27.74 20.72 17.34
N ARG A 577 -27.26 20.88 18.57
CA ARG A 577 -27.74 21.90 19.48
C ARG A 577 -26.94 23.16 19.26
N ASP A 578 -27.63 24.25 18.95
CA ASP A 578 -26.96 25.52 18.69
C ASP A 578 -26.36 26.05 19.98
N PRO A 579 -25.06 26.32 20.03
CA PRO A 579 -24.46 26.72 21.32
C PRO A 579 -24.90 28.10 21.79
N GLN A 580 -25.05 29.07 20.89
CA GLN A 580 -25.45 30.40 21.31
C GLN A 580 -26.85 30.40 21.90
N THR A 581 -27.81 29.85 21.18
CA THR A 581 -29.19 29.76 21.63
C THR A 581 -29.60 28.30 21.65
N LEU A 582 -30.09 27.84 22.80
CA LEU A 582 -30.26 26.40 23.05
C LEU A 582 -31.53 25.91 22.37
N GLU A 583 -31.42 25.64 21.06
CA GLU A 583 -32.48 24.92 20.37
C GLU A 583 -31.88 23.77 19.58
N ILE A 584 -32.70 23.04 18.83
CA ILE A 584 -32.25 21.86 18.11
C ILE A 584 -32.43 22.09 16.63
N LEU A 585 -31.37 21.85 15.87
CA LEU A 585 -31.33 22.13 14.44
C LEU A 585 -31.17 20.81 13.69
N ASP A 586 -32.29 20.19 13.33
CA ASP A 586 -32.23 19.01 12.49
C ASP A 586 -31.55 19.37 11.18
N ILE A 587 -30.50 18.62 10.82
CA ILE A 587 -29.74 18.88 9.61
C ILE A 587 -29.98 17.74 8.64
N THR A 588 -30.17 18.09 7.38
CA THR A 588 -30.31 17.13 6.30
C THR A 588 -29.30 17.47 5.23
N PRO A 589 -28.76 16.47 4.54
CA PRO A 589 -27.67 16.74 3.61
C PRO A 589 -28.15 17.50 2.39
N CYS A 590 -27.21 18.17 1.74
CA CYS A 590 -27.52 18.92 0.53
C CYS A 590 -28.10 18.00 -0.53
N SER A 591 -29.14 18.48 -1.22
CA SER A 591 -29.80 17.66 -2.23
C SER A 591 -28.82 17.26 -3.32
N PHE A 592 -28.92 16.01 -3.75
CA PHE A 592 -28.11 15.50 -4.85
C PHE A 592 -28.82 14.32 -5.47
N GLY A 593 -28.43 14.00 -6.69
CA GLY A 593 -29.02 12.86 -7.38
C GLY A 593 -28.56 12.82 -8.81
N GLY A 594 -28.80 11.67 -9.43
CA GLY A 594 -28.41 11.51 -10.82
C GLY A 594 -29.26 12.36 -11.75
N VAL A 595 -28.64 12.82 -12.82
CA VAL A 595 -29.32 13.61 -13.85
C VAL A 595 -29.49 12.70 -15.05
N SER A 596 -30.74 12.37 -15.38
CA SER A 596 -31.04 11.50 -16.50
C SER A 596 -31.68 12.32 -17.61
N VAL A 597 -31.26 12.05 -18.85
CA VAL A 597 -31.75 12.77 -20.01
C VAL A 597 -32.72 11.87 -20.75
N ILE A 598 -33.99 12.26 -20.76
CA ILE A 598 -35.01 11.53 -21.51
C ILE A 598 -35.02 12.08 -22.93
N THR A 599 -34.61 11.25 -23.88
CA THR A 599 -34.59 11.65 -25.27
C THR A 599 -35.17 10.57 -26.15
N PRO A 600 -35.95 10.93 -27.15
CA PRO A 600 -36.29 9.98 -28.22
C PRO A 600 -35.07 9.83 -29.12
N GLY A 601 -35.21 8.99 -30.14
CA GLY A 601 -34.09 8.76 -31.03
C GLY A 601 -33.61 10.06 -31.66
N THR A 602 -32.28 10.22 -31.72
CA THR A 602 -31.73 11.43 -32.30
C THR A 602 -32.19 11.63 -33.73
N ASN A 603 -32.43 10.54 -34.46
CA ASN A 603 -33.02 10.68 -35.78
C ASN A 603 -34.45 11.21 -35.70
N THR A 604 -35.21 10.75 -34.70
CA THR A 604 -36.58 11.23 -34.55
C THR A 604 -36.62 12.69 -34.16
N SER A 605 -35.80 13.09 -33.19
CA SER A 605 -35.74 14.48 -32.78
C SER A 605 -34.47 14.73 -31.99
N ASN A 606 -34.12 16.00 -31.86
CA ASN A 606 -33.02 16.43 -31.01
C ASN A 606 -33.51 17.04 -29.70
N GLN A 607 -34.80 16.95 -29.42
CA GLN A 607 -35.37 17.53 -28.23
C GLN A 607 -35.24 16.56 -27.07
N VAL A 608 -34.90 17.08 -25.89
CA VAL A 608 -34.66 16.24 -24.72
C VAL A 608 -35.43 16.79 -23.52
N ALA A 609 -35.60 15.94 -22.53
CA ALA A 609 -36.12 16.32 -21.23
C ALA A 609 -35.21 15.75 -20.16
N VAL A 610 -34.94 16.53 -19.12
CA VAL A 610 -33.96 16.18 -18.10
C VAL A 610 -34.69 15.85 -16.81
N LEU A 611 -34.35 14.71 -16.21
CA LEU A 611 -34.95 14.26 -14.97
C LEU A 611 -33.91 14.36 -13.86
N TYR A 612 -34.08 15.34 -12.98
CA TYR A 612 -33.21 15.48 -11.81
C TYR A 612 -33.75 14.55 -10.73
N GLN A 613 -33.13 13.39 -10.57
CA GLN A 613 -33.70 12.36 -9.71
C GLN A 613 -33.67 12.76 -8.25
N ASP A 614 -34.81 12.55 -7.58
CA ASP A 614 -34.93 12.70 -6.14
C ASP A 614 -34.47 14.08 -5.66
N VAL A 615 -35.13 15.11 -6.19
CA VAL A 615 -34.92 16.48 -5.74
C VAL A 615 -36.12 17.29 -6.18
N ASN A 616 -36.56 18.20 -5.33
CA ASN A 616 -37.69 19.05 -5.69
C ASN A 616 -37.24 20.21 -6.55
N CYS A 617 -38.18 20.74 -7.33
CA CYS A 617 -37.88 21.71 -8.37
C CYS A 617 -37.48 23.08 -7.85
N THR A 618 -37.63 23.33 -6.55
CA THR A 618 -37.26 24.63 -6.01
C THR A 618 -35.76 24.89 -6.14
N GLU A 619 -34.94 23.88 -5.85
CA GLU A 619 -33.49 24.04 -5.85
C GLU A 619 -32.81 23.46 -7.08
N VAL A 620 -33.57 23.08 -8.11
CA VAL A 620 -32.94 22.56 -9.32
C VAL A 620 -32.08 23.58 -10.04
N PRO A 621 -32.55 24.81 -10.32
CA PRO A 621 -31.68 25.77 -11.01
C PRO A 621 -30.42 26.09 -10.24
N VAL A 622 -30.49 26.15 -8.91
CA VAL A 622 -29.37 26.48 -8.01
C VAL A 622 -28.40 27.50 -8.60
N TYR A 636 -32.21 24.11 -15.94
CA TYR A 636 -32.17 23.86 -17.37
C TYR A 636 -32.81 25.03 -18.11
N SER A 637 -32.43 25.20 -19.38
CA SER A 637 -32.89 26.36 -20.15
C SER A 637 -34.39 26.35 -20.33
N THR A 638 -34.98 25.18 -20.59
CA THR A 638 -36.41 25.08 -20.88
C THR A 638 -37.21 25.04 -19.57
N GLY A 639 -37.26 26.20 -18.92
CA GLY A 639 -37.97 26.36 -17.68
C GLY A 639 -39.44 26.74 -17.81
N SER A 640 -39.96 26.80 -19.03
CA SER A 640 -41.37 27.15 -19.22
C SER A 640 -42.28 26.10 -18.59
N ASN A 641 -41.95 24.83 -18.76
CA ASN A 641 -42.69 23.73 -18.16
C ASN A 641 -41.75 22.88 -17.31
N VAL A 642 -42.09 22.74 -16.03
CA VAL A 642 -41.26 22.03 -15.05
C VAL A 642 -42.20 21.14 -14.26
N PHE A 643 -42.29 19.88 -14.64
CA PHE A 643 -43.15 18.91 -13.98
C PHE A 643 -42.42 18.30 -12.80
N GLN A 644 -43.19 17.88 -11.79
CA GLN A 644 -42.64 17.30 -10.57
C GLN A 644 -43.28 15.94 -10.34
N THR A 645 -42.44 14.93 -10.09
CA THR A 645 -42.91 13.58 -9.85
C THR A 645 -42.13 12.98 -8.69
N ARG A 646 -42.51 11.76 -8.30
CA ARG A 646 -41.82 11.10 -7.19
C ARG A 646 -40.41 10.72 -7.59
N ALA A 647 -40.17 10.46 -8.87
CA ALA A 647 -38.81 10.16 -9.32
C ALA A 647 -37.90 11.36 -9.15
N GLY A 648 -38.40 12.55 -9.45
CA GLY A 648 -37.61 13.76 -9.33
C GLY A 648 -38.26 14.90 -10.08
N CYS A 649 -37.47 15.94 -10.33
CA CYS A 649 -37.94 17.10 -11.05
C CYS A 649 -37.69 16.89 -12.54
N LEU A 650 -38.77 16.78 -13.30
CA LEU A 650 -38.69 16.52 -14.74
C LEU A 650 -38.82 17.83 -15.49
N ILE A 651 -37.73 18.26 -16.10
CA ILE A 651 -37.66 19.54 -16.81
C ILE A 651 -37.68 19.28 -18.30
N GLY A 652 -38.53 20.01 -19.01
CA GLY A 652 -38.59 19.91 -20.45
C GLY A 652 -39.70 19.06 -21.01
N ALA A 653 -40.48 18.40 -20.14
CA ALA A 653 -41.60 17.59 -20.57
C ALA A 653 -42.86 18.06 -19.85
N GLU A 654 -43.96 18.14 -20.58
CA GLU A 654 -45.22 18.63 -20.04
C GLU A 654 -46.09 17.46 -19.62
N HIS A 655 -46.76 17.60 -18.48
CA HIS A 655 -47.63 16.55 -17.98
C HIS A 655 -48.89 16.46 -18.82
N VAL A 656 -49.43 15.25 -18.92
CA VAL A 656 -50.63 14.98 -19.70
C VAL A 656 -51.57 14.13 -18.85
N ASN A 657 -52.85 14.51 -18.77
CA ASN A 657 -53.81 13.73 -18.01
C ASN A 657 -53.99 12.34 -18.61
N ASN A 658 -54.03 12.25 -19.93
CA ASN A 658 -54.26 10.96 -20.58
C ASN A 658 -53.15 9.99 -20.25
N SER A 659 -53.50 8.70 -20.26
CA SER A 659 -52.55 7.63 -19.96
C SER A 659 -52.41 6.74 -21.19
N TYR A 660 -51.17 6.49 -21.59
CA TYR A 660 -50.85 5.61 -22.69
C TYR A 660 -49.89 4.54 -22.20
N GLU A 661 -49.44 3.67 -23.11
CA GLU A 661 -48.46 2.68 -22.75
C GLU A 661 -47.11 3.34 -22.45
N CYS A 662 -46.25 2.60 -21.78
CA CYS A 662 -44.94 3.14 -21.41
C CYS A 662 -44.01 3.12 -22.60
N ASP A 663 -43.31 4.23 -22.82
CA ASP A 663 -42.28 4.32 -23.84
C ASP A 663 -40.89 4.48 -23.23
N ILE A 664 -40.67 5.52 -22.44
CA ILE A 664 -39.40 5.76 -21.77
C ILE A 664 -39.68 5.81 -20.27
N PRO A 665 -39.44 4.72 -19.55
CA PRO A 665 -39.78 4.71 -18.13
C PRO A 665 -39.01 5.75 -17.34
N ILE A 666 -39.70 6.39 -16.40
CA ILE A 666 -39.12 7.40 -15.53
C ILE A 666 -39.02 6.89 -14.10
N GLY A 667 -40.11 6.36 -13.58
CA GLY A 667 -40.17 5.89 -12.21
C GLY A 667 -41.50 6.28 -11.59
N ALA A 668 -41.89 5.53 -10.56
CA ALA A 668 -43.13 5.77 -9.84
C ALA A 668 -44.33 5.76 -10.77
N GLY A 669 -44.30 4.88 -11.76
CA GLY A 669 -45.44 4.71 -12.64
C GLY A 669 -45.63 5.80 -13.67
N ILE A 670 -44.59 6.57 -13.97
CA ILE A 670 -44.66 7.64 -14.95
C ILE A 670 -43.67 7.34 -16.06
N CYS A 671 -44.14 7.37 -17.31
CA CYS A 671 -43.30 7.10 -18.46
C CYS A 671 -43.40 8.26 -19.44
N ALA A 672 -42.26 8.82 -19.82
CA ALA A 672 -42.22 9.92 -20.77
C ALA A 672 -42.25 9.38 -22.19
N SER A 673 -42.67 10.22 -23.12
CA SER A 673 -42.81 9.80 -24.51
C SER A 673 -42.80 11.02 -25.42
N TYR A 674 -42.65 10.75 -26.71
CA TYR A 674 -42.59 11.78 -27.75
C TYR A 674 -43.81 11.62 -28.66
N GLN A 675 -44.76 12.56 -28.56
CA GLN A 675 -45.98 12.47 -29.33
C GLN A 675 -46.35 13.84 -29.89
N THR A 676 -47.33 13.84 -30.78
CA THR A 676 -47.77 15.03 -31.50
C THR A 676 -48.44 16.04 -30.57
N SER A 686 -45.60 20.57 -34.18
CA SER A 686 -46.29 20.43 -32.91
C SER A 686 -45.90 19.14 -32.22
N GLN A 687 -44.64 19.04 -31.81
CA GLN A 687 -44.11 17.86 -31.15
C GLN A 687 -43.41 18.28 -29.86
N SER A 688 -43.58 17.48 -28.81
CA SER A 688 -42.96 17.77 -27.53
C SER A 688 -42.86 16.48 -26.74
N ILE A 689 -42.02 16.49 -25.71
CA ILE A 689 -41.91 15.36 -24.81
C ILE A 689 -43.03 15.43 -23.79
N ILE A 690 -43.80 14.35 -23.66
CA ILE A 690 -44.89 14.29 -22.71
C ILE A 690 -44.56 13.29 -21.63
N ALA A 691 -44.93 13.62 -20.39
CA ALA A 691 -44.79 12.74 -19.26
C ALA A 691 -46.18 12.42 -18.74
N TYR A 692 -46.46 11.14 -18.51
CA TYR A 692 -47.81 10.73 -18.15
C TYR A 692 -47.75 9.48 -17.29
N THR A 693 -48.85 9.21 -16.62
CA THR A 693 -48.98 7.97 -15.87
C THR A 693 -49.18 6.80 -16.81
N MET A 694 -48.53 5.67 -16.50
CA MET A 694 -48.65 4.49 -17.34
C MET A 694 -50.09 4.03 -17.43
N SER A 695 -50.48 3.59 -18.61
CA SER A 695 -51.75 2.90 -18.82
C SER A 695 -51.44 1.41 -18.87
N LEU A 696 -51.94 0.68 -17.89
CA LEU A 696 -51.58 -0.72 -17.76
C LEU A 696 -52.16 -1.56 -18.89
N GLY A 697 -53.16 -1.07 -19.59
CA GLY A 697 -53.74 -1.78 -20.70
C GLY A 697 -55.19 -1.39 -20.87
N ALA A 698 -55.76 -1.85 -21.99
CA ALA A 698 -57.15 -1.57 -22.28
C ALA A 698 -58.04 -2.33 -21.32
N GLU A 699 -58.70 -1.63 -20.42
CA GLU A 699 -59.53 -2.27 -19.40
C GLU A 699 -60.68 -3.00 -20.05
N ASN A 700 -60.64 -4.33 -20.02
CA ASN A 700 -61.65 -5.18 -20.62
C ASN A 700 -62.44 -5.87 -19.52
N SER A 701 -63.75 -5.70 -19.54
CA SER A 701 -64.63 -6.31 -18.55
C SER A 701 -65.25 -7.56 -19.17
N VAL A 702 -64.84 -8.73 -18.69
CA VAL A 702 -65.41 -9.97 -19.21
C VAL A 702 -66.86 -10.07 -18.78
N ALA A 703 -67.74 -10.34 -19.74
CA ALA A 703 -69.16 -10.38 -19.45
C ALA A 703 -69.52 -11.65 -18.69
N TYR A 704 -69.02 -11.77 -17.46
CA TYR A 704 -69.30 -12.96 -16.66
C TYR A 704 -70.77 -13.04 -16.32
N SER A 705 -71.28 -14.26 -16.25
CA SER A 705 -72.68 -14.47 -15.90
C SER A 705 -72.84 -15.89 -15.38
N ASN A 706 -74.01 -16.17 -14.83
CA ASN A 706 -74.25 -17.47 -14.23
C ASN A 706 -74.25 -18.58 -15.29
N ASN A 707 -74.75 -18.28 -16.48
CA ASN A 707 -74.92 -19.29 -17.51
C ASN A 707 -74.46 -18.76 -18.86
N SER A 708 -73.28 -18.17 -18.91
CA SER A 708 -72.76 -17.60 -20.15
C SER A 708 -71.37 -18.15 -20.42
N ILE A 709 -71.25 -18.99 -21.45
CA ILE A 709 -69.98 -19.56 -21.88
C ILE A 709 -69.66 -19.01 -23.26
N ALA A 710 -68.40 -18.63 -23.45
CA ALA A 710 -67.93 -18.11 -24.73
C ALA A 710 -66.98 -19.14 -25.32
N ILE A 711 -67.32 -19.66 -26.49
CA ILE A 711 -66.58 -20.73 -27.14
C ILE A 711 -66.09 -20.24 -28.48
N PRO A 712 -64.80 -20.34 -28.78
CA PRO A 712 -64.29 -19.81 -30.05
C PRO A 712 -64.77 -20.65 -31.23
N THR A 713 -64.79 -20.02 -32.40
CA THR A 713 -65.26 -20.67 -33.62
C THR A 713 -64.13 -21.04 -34.57
N ASN A 714 -63.07 -20.23 -34.66
CA ASN A 714 -61.86 -20.64 -35.35
C ASN A 714 -60.66 -20.21 -34.52
N PHE A 715 -59.48 -20.30 -35.11
CA PHE A 715 -58.21 -20.17 -34.40
C PHE A 715 -57.26 -19.38 -35.27
N THR A 716 -56.06 -19.14 -34.76
CA THR A 716 -54.97 -18.57 -35.54
C THR A 716 -53.68 -19.24 -35.11
N ILE A 717 -53.15 -20.13 -35.97
CA ILE A 717 -51.87 -20.76 -35.70
C ILE A 717 -50.80 -19.68 -35.80
N SER A 718 -50.29 -19.22 -34.67
CA SER A 718 -49.35 -18.12 -34.64
C SER A 718 -48.04 -18.59 -34.06
N VAL A 719 -46.94 -18.27 -34.72
CA VAL A 719 -45.60 -18.66 -34.27
C VAL A 719 -44.92 -17.43 -33.69
N THR A 720 -44.29 -17.60 -32.53
CA THR A 720 -43.64 -16.51 -31.83
C THR A 720 -42.17 -16.85 -31.63
N THR A 721 -41.32 -15.84 -31.79
CA THR A 721 -39.89 -16.03 -31.69
C THR A 721 -39.42 -15.84 -30.26
N GLU A 722 -38.70 -16.83 -29.74
CA GLU A 722 -38.08 -16.76 -28.42
C GLU A 722 -36.59 -16.91 -28.57
N ILE A 723 -35.83 -15.95 -28.05
CA ILE A 723 -34.39 -15.86 -28.25
C ILE A 723 -33.71 -16.02 -26.90
N LEU A 724 -32.77 -16.95 -26.82
CA LEU A 724 -32.10 -17.28 -25.57
C LEU A 724 -30.61 -17.33 -25.78
N PRO A 725 -29.82 -16.63 -24.97
CA PRO A 725 -28.37 -16.85 -24.99
C PRO A 725 -28.06 -18.26 -24.55
N VAL A 726 -26.98 -18.82 -25.10
CA VAL A 726 -26.59 -20.17 -24.74
C VAL A 726 -25.13 -20.20 -24.30
N SER A 727 -24.33 -19.27 -24.82
CA SER A 727 -22.91 -19.25 -24.50
C SER A 727 -22.36 -17.87 -24.80
N MET A 728 -21.12 -17.65 -24.40
CA MET A 728 -20.42 -16.42 -24.70
C MET A 728 -19.00 -16.75 -25.11
N THR A 729 -18.24 -15.73 -25.49
CA THR A 729 -16.90 -15.95 -26.00
C THR A 729 -16.03 -16.58 -24.93
N LYS A 730 -15.24 -17.57 -25.33
CA LYS A 730 -14.42 -18.35 -24.40
C LYS A 730 -13.08 -17.64 -24.22
N THR A 731 -13.12 -16.43 -23.66
CA THR A 731 -11.90 -15.70 -23.43
C THR A 731 -11.10 -16.36 -22.31
N SER A 732 -9.79 -16.30 -22.42
CA SER A 732 -8.88 -16.88 -21.43
C SER A 732 -7.72 -15.89 -21.25
N VAL A 733 -7.90 -14.95 -20.33
CA VAL A 733 -6.86 -13.96 -20.09
C VAL A 733 -5.63 -14.62 -19.51
N ASP A 734 -4.48 -14.34 -20.10
CA ASP A 734 -3.23 -14.91 -19.61
C ASP A 734 -2.74 -14.07 -18.45
N CYS A 735 -2.68 -14.69 -17.28
CA CYS A 735 -2.46 -13.98 -16.03
C CYS A 735 -1.17 -13.17 -16.04
N THR A 736 -0.03 -13.83 -16.16
CA THR A 736 1.25 -13.15 -16.05
C THR A 736 1.46 -12.16 -17.19
N MET A 737 1.13 -12.54 -18.41
CA MET A 737 1.30 -11.64 -19.55
C MET A 737 0.41 -10.42 -19.45
N TYR A 738 -0.71 -10.51 -18.73
CA TYR A 738 -1.52 -9.33 -18.50
C TYR A 738 -0.94 -8.45 -17.40
N ILE A 739 -0.82 -9.01 -16.20
CA ILE A 739 -0.43 -8.19 -15.05
C ILE A 739 0.98 -7.65 -15.22
N CYS A 740 1.82 -8.35 -15.97
CA CYS A 740 3.19 -7.95 -16.22
C CYS A 740 3.50 -8.07 -17.70
N GLY A 741 4.43 -7.25 -18.17
CA GLY A 741 4.88 -7.34 -19.53
C GLY A 741 5.89 -8.46 -19.69
N ASP A 742 6.83 -8.26 -20.61
CA ASP A 742 7.93 -9.19 -20.75
C ASP A 742 8.98 -9.01 -19.66
N SER A 743 8.84 -7.97 -18.82
CA SER A 743 9.84 -7.70 -17.80
C SER A 743 9.90 -8.83 -16.78
N THR A 744 11.12 -9.25 -16.46
CA THR A 744 11.30 -10.35 -15.50
C THR A 744 11.10 -9.87 -14.08
N GLU A 745 11.45 -8.61 -13.79
CA GLU A 745 11.29 -8.09 -12.44
C GLU A 745 9.83 -8.10 -12.02
N CYS A 746 8.95 -7.74 -12.95
CA CYS A 746 7.52 -7.73 -12.64
C CYS A 746 7.02 -9.12 -12.29
N SER A 747 7.43 -10.14 -13.06
CA SER A 747 7.00 -11.51 -12.76
C SER A 747 7.58 -11.97 -11.43
N ASN A 748 8.83 -11.61 -11.14
CA ASN A 748 9.43 -11.99 -9.87
C ASN A 748 8.68 -11.37 -8.71
N LEU A 749 8.26 -10.11 -8.85
CA LEU A 749 7.45 -9.47 -7.83
C LEU A 749 6.09 -10.15 -7.70
N LEU A 750 5.49 -10.53 -8.83
CA LEU A 750 4.16 -11.14 -8.78
C LEU A 750 4.21 -12.52 -8.12
N LEU A 751 5.35 -13.21 -8.20
CA LEU A 751 5.43 -14.53 -7.58
C LEU A 751 5.17 -14.49 -6.08
N GLN A 752 5.33 -13.34 -5.43
CA GLN A 752 5.02 -13.24 -4.02
C GLN A 752 3.53 -13.46 -3.75
N TYR A 753 2.67 -12.83 -4.55
CA TYR A 753 1.24 -13.13 -4.51
C TYR A 753 1.06 -14.54 -5.02
N GLY A 754 0.91 -15.48 -4.09
CA GLY A 754 1.12 -16.88 -4.42
C GLY A 754 0.21 -17.48 -5.47
N SER A 755 -1.06 -17.65 -5.15
CA SER A 755 -1.92 -18.40 -6.04
C SER A 755 -3.13 -17.62 -6.53
N PHE A 756 -3.18 -16.31 -6.31
CA PHE A 756 -4.22 -15.50 -6.96
C PHE A 756 -4.22 -15.75 -8.45
N CYS A 757 -3.02 -15.80 -9.03
CA CYS A 757 -2.90 -15.85 -10.48
C CYS A 757 -3.43 -17.17 -11.02
N THR A 758 -3.07 -18.28 -10.36
CA THR A 758 -3.58 -19.58 -10.76
C THR A 758 -5.08 -19.68 -10.51
N GLN A 759 -5.58 -19.09 -9.42
CA GLN A 759 -7.03 -19.08 -9.23
C GLN A 759 -7.74 -18.41 -10.40
N LEU A 760 -7.24 -17.24 -10.83
CA LEU A 760 -7.89 -16.54 -11.92
C LEU A 760 -7.85 -17.35 -13.21
N ASN A 761 -6.70 -17.92 -13.52
CA ASN A 761 -6.59 -18.71 -14.75
C ASN A 761 -7.51 -19.93 -14.70
N ARG A 762 -7.57 -20.61 -13.56
CA ARG A 762 -8.43 -21.78 -13.44
C ARG A 762 -9.90 -21.41 -13.54
N ALA A 763 -10.28 -20.27 -12.95
CA ALA A 763 -11.67 -19.82 -13.05
C ALA A 763 -12.05 -19.54 -14.50
N LEU A 764 -11.18 -18.86 -15.24
CA LEU A 764 -11.47 -18.59 -16.65
C LEU A 764 -11.52 -19.86 -17.48
N THR A 765 -10.62 -20.82 -17.26
CA THR A 765 -10.70 -22.08 -18.00
C THR A 765 -11.97 -22.84 -17.65
N GLY A 766 -12.39 -22.81 -16.39
CA GLY A 766 -13.64 -23.43 -16.03
C GLY A 766 -14.83 -22.81 -16.72
N ILE A 767 -14.83 -21.47 -16.83
CA ILE A 767 -15.88 -20.79 -17.58
C ILE A 767 -15.90 -21.28 -19.03
N ALA A 768 -14.73 -21.31 -19.67
CA ALA A 768 -14.69 -21.72 -21.07
C ALA A 768 -15.18 -23.16 -21.25
N VAL A 769 -14.75 -24.06 -20.37
CA VAL A 769 -15.17 -25.45 -20.47
C VAL A 769 -16.67 -25.56 -20.29
N GLU A 770 -17.25 -24.81 -19.34
CA GLU A 770 -18.68 -24.95 -19.17
C GLU A 770 -19.43 -24.33 -20.34
N GLN A 771 -18.84 -23.36 -21.04
CA GLN A 771 -19.53 -22.86 -22.23
C GLN A 771 -19.54 -23.89 -23.34
N ASP A 772 -18.45 -24.64 -23.49
CA ASP A 772 -18.46 -25.73 -24.46
C ASP A 772 -19.50 -26.78 -24.09
N LYS A 773 -19.46 -27.25 -22.83
CA LYS A 773 -20.47 -28.19 -22.37
C LYS A 773 -21.86 -27.62 -22.48
N ASN A 774 -21.97 -26.31 -22.41
CA ASN A 774 -23.26 -25.65 -22.39
C ASN A 774 -23.91 -25.69 -23.77
N THR A 775 -23.16 -25.32 -24.80
CA THR A 775 -23.67 -25.46 -26.15
C THR A 775 -23.93 -26.92 -26.48
N GLN A 776 -23.06 -27.82 -26.03
CA GLN A 776 -23.26 -29.24 -26.30
C GLN A 776 -24.56 -29.73 -25.68
N GLU A 777 -24.85 -29.31 -24.44
CA GLU A 777 -26.07 -29.70 -23.77
C GLU A 777 -27.31 -29.13 -24.45
N VAL A 778 -27.23 -27.88 -24.89
CA VAL A 778 -28.39 -27.25 -25.51
C VAL A 778 -28.74 -27.93 -26.83
N PHE A 779 -27.75 -28.12 -27.68
CA PHE A 779 -28.01 -28.53 -29.06
C PHE A 779 -27.93 -30.03 -29.28
N ALA A 780 -27.01 -30.73 -28.62
CA ALA A 780 -26.79 -32.15 -28.87
C ALA A 780 -27.82 -33.01 -28.14
N GLN A 781 -29.08 -32.64 -28.33
CA GLN A 781 -30.17 -33.39 -27.74
C GLN A 781 -30.49 -34.66 -28.50
N VAL A 782 -29.85 -34.86 -29.65
CA VAL A 782 -30.20 -35.94 -30.55
C VAL A 782 -28.97 -36.80 -30.79
N LYS A 783 -29.22 -38.10 -30.95
CA LYS A 783 -28.14 -39.06 -31.13
C LYS A 783 -27.75 -39.24 -32.59
N GLN A 784 -28.74 -39.36 -33.47
CA GLN A 784 -28.53 -39.54 -34.90
C GLN A 784 -28.76 -38.21 -35.60
N ILE A 785 -27.93 -37.89 -36.57
CA ILE A 785 -28.14 -36.69 -37.37
C ILE A 785 -29.14 -37.01 -38.47
N TYR A 786 -30.40 -36.67 -38.24
CA TYR A 786 -31.45 -36.94 -39.21
C TYR A 786 -31.35 -36.00 -40.40
N LYS A 787 -31.86 -36.45 -41.53
CA LYS A 787 -31.97 -35.61 -42.71
C LYS A 787 -33.40 -35.62 -43.20
N THR A 788 -33.86 -34.47 -43.66
CA THR A 788 -35.20 -34.37 -44.20
C THR A 788 -35.26 -35.09 -45.55
N PRO A 789 -36.42 -35.62 -45.93
CA PRO A 789 -36.52 -36.31 -47.21
C PRO A 789 -36.23 -35.37 -48.35
N PRO A 790 -35.74 -35.89 -49.48
CA PRO A 790 -35.41 -35.02 -50.61
C PRO A 790 -36.59 -34.22 -51.13
N ILE A 791 -37.79 -34.79 -51.14
CA ILE A 791 -38.99 -34.09 -51.62
C ILE A 791 -39.73 -33.55 -50.41
N LYS A 792 -40.06 -32.25 -50.46
CA LYS A 792 -40.75 -31.58 -49.36
C LYS A 792 -42.25 -31.59 -49.67
N ASP A 793 -42.91 -32.69 -49.32
CA ASP A 793 -44.35 -32.82 -49.47
C ASP A 793 -44.94 -33.11 -48.10
N PHE A 794 -45.24 -32.05 -47.35
CA PHE A 794 -45.73 -32.16 -45.98
C PHE A 794 -47.19 -31.76 -45.88
N GLY A 795 -47.99 -32.11 -46.89
CA GLY A 795 -49.41 -31.83 -46.82
C GLY A 795 -49.77 -30.37 -46.90
N GLY A 796 -48.88 -29.53 -47.42
CA GLY A 796 -49.12 -28.11 -47.56
C GLY A 796 -48.26 -27.24 -46.69
N PHE A 797 -47.70 -27.78 -45.61
CA PHE A 797 -46.86 -26.99 -44.74
C PHE A 797 -45.54 -26.71 -45.45
N ASN A 798 -45.11 -25.44 -45.42
CA ASN A 798 -43.93 -25.01 -46.15
C ASN A 798 -42.82 -24.75 -45.16
N PHE A 799 -41.81 -25.62 -45.15
CA PHE A 799 -40.68 -25.50 -44.26
C PHE A 799 -39.45 -24.93 -44.96
N SER A 800 -39.59 -24.46 -46.19
CA SER A 800 -38.43 -23.96 -46.92
C SER A 800 -37.78 -22.80 -46.19
N GLN A 801 -38.59 -21.97 -45.54
CA GLN A 801 -38.05 -20.85 -44.80
C GLN A 801 -37.30 -21.27 -43.55
N ILE A 802 -37.34 -22.55 -43.19
CA ILE A 802 -36.76 -22.98 -41.92
C ILE A 802 -35.81 -24.15 -42.05
N LEU A 803 -35.91 -24.97 -43.09
CA LEU A 803 -34.95 -26.04 -43.34
C LEU A 803 -33.73 -25.51 -44.08
N PRO A 804 -32.60 -26.20 -44.00
CA PRO A 804 -31.39 -25.71 -44.66
C PRO A 804 -31.57 -25.59 -46.17
N ASP A 805 -30.93 -24.57 -46.75
CA ASP A 805 -30.95 -24.37 -48.18
C ASP A 805 -29.64 -24.90 -48.77
N PRO A 806 -29.68 -25.98 -49.56
CA PRO A 806 -28.41 -26.50 -50.12
C PRO A 806 -27.74 -25.54 -51.07
N SER A 807 -28.46 -24.59 -51.66
CA SER A 807 -27.87 -23.68 -52.63
C SER A 807 -26.78 -22.83 -52.00
N LYS A 808 -27.02 -22.35 -50.77
CA LYS A 808 -26.06 -21.49 -50.12
C LYS A 808 -24.80 -22.27 -49.75
N PRO A 809 -23.66 -21.59 -49.60
CA PRO A 809 -22.43 -22.31 -49.21
C PRO A 809 -22.54 -22.99 -47.86
N SER A 810 -22.89 -22.24 -46.82
CA SER A 810 -23.11 -22.80 -45.50
C SER A 810 -24.54 -23.32 -45.40
N LYS A 811 -24.69 -24.56 -44.94
CA LYS A 811 -26.00 -25.18 -44.90
C LYS A 811 -26.85 -24.59 -43.78
N ARG A 812 -27.30 -23.35 -43.95
CA ARG A 812 -28.10 -22.65 -42.96
C ARG A 812 -29.43 -22.27 -43.57
N SER A 813 -30.47 -22.29 -42.74
CA SER A 813 -31.79 -21.90 -43.17
C SER A 813 -31.81 -20.40 -43.45
N PRO A 814 -32.76 -19.93 -44.26
CA PRO A 814 -32.86 -18.48 -44.47
C PRO A 814 -33.06 -17.69 -43.19
N ILE A 815 -33.86 -18.20 -42.25
CA ILE A 815 -34.03 -17.49 -40.98
C ILE A 815 -32.73 -17.49 -40.20
N GLU A 816 -31.98 -18.60 -40.25
CA GLU A 816 -30.69 -18.64 -39.59
C GLU A 816 -29.74 -17.61 -40.20
N ASP A 817 -29.78 -17.45 -41.53
CA ASP A 817 -28.95 -16.44 -42.16
C ASP A 817 -29.35 -15.04 -41.73
N LEU A 818 -30.65 -14.78 -41.62
CA LEU A 818 -31.10 -13.51 -41.09
C LEU A 818 -30.55 -13.27 -39.69
N LEU A 819 -30.57 -14.31 -38.85
CA LEU A 819 -30.09 -14.14 -37.49
C LEU A 819 -28.58 -13.87 -37.46
N PHE A 820 -27.81 -14.60 -38.25
CA PHE A 820 -26.37 -14.38 -38.26
C PHE A 820 -26.02 -13.00 -38.82
N ASN A 821 -26.79 -12.50 -39.78
CA ASN A 821 -26.53 -11.16 -40.29
C ASN A 821 -26.93 -10.09 -39.27
N LYS A 822 -28.07 -10.27 -38.61
CA LYS A 822 -28.50 -9.28 -37.62
C LYS A 822 -27.56 -9.20 -36.43
N VAL A 823 -27.09 -10.33 -35.95
CA VAL A 823 -26.18 -10.32 -34.80
C VAL A 823 -24.78 -9.95 -35.28
N THR A 824 -24.22 -8.91 -34.67
CA THR A 824 -22.89 -8.43 -35.03
C THR A 824 -21.92 -8.58 -33.87
N LYS A 851 -3.52 -6.05 -30.78
CA LYS A 851 -4.86 -6.55 -30.48
C LYS A 851 -4.89 -7.26 -29.13
N PHE A 852 -3.88 -8.06 -28.85
CA PHE A 852 -3.81 -8.86 -27.64
C PHE A 852 -2.82 -8.26 -26.65
N ASN A 853 -3.28 -8.01 -25.43
CA ASN A 853 -2.41 -7.61 -24.34
C ASN A 853 -2.14 -8.76 -23.38
N GLY A 854 -2.50 -9.99 -23.76
CA GLY A 854 -2.46 -11.13 -22.88
C GLY A 854 -3.75 -11.91 -22.99
N LEU A 855 -4.74 -11.30 -23.63
CA LEU A 855 -6.04 -11.91 -23.83
C LEU A 855 -5.96 -12.93 -24.96
N THR A 856 -6.94 -13.83 -25.00
CA THR A 856 -7.11 -14.73 -26.12
C THR A 856 -8.50 -15.31 -26.06
N VAL A 857 -9.11 -15.53 -27.21
CA VAL A 857 -10.45 -16.11 -27.30
C VAL A 857 -10.31 -17.50 -27.91
N LEU A 858 -10.65 -18.50 -27.13
CA LEU A 858 -10.57 -19.88 -27.60
C LEU A 858 -11.73 -20.17 -28.53
N PRO A 859 -11.52 -20.85 -29.65
CA PRO A 859 -12.61 -21.17 -30.55
C PRO A 859 -13.59 -22.13 -29.90
N PRO A 860 -14.88 -21.99 -30.15
CA PRO A 860 -15.84 -22.94 -29.60
C PRO A 860 -15.63 -24.33 -30.18
N LEU A 861 -15.92 -25.35 -29.36
CA LEU A 861 -15.71 -26.72 -29.80
C LEU A 861 -16.59 -27.06 -30.99
N LEU A 862 -17.86 -26.68 -30.93
CA LEU A 862 -18.78 -26.91 -32.04
C LEU A 862 -18.77 -25.67 -32.93
N THR A 863 -18.30 -25.82 -34.17
CA THR A 863 -18.35 -24.70 -35.09
C THR A 863 -19.79 -24.37 -35.42
N ASP A 864 -19.99 -23.19 -36.00
CA ASP A 864 -21.34 -22.76 -36.36
C ASP A 864 -21.95 -23.72 -37.39
N GLU A 865 -21.13 -24.28 -38.27
CA GLU A 865 -21.65 -25.26 -39.22
C GLU A 865 -22.18 -26.50 -38.50
N MET A 866 -21.44 -26.99 -37.50
CA MET A 866 -21.88 -28.20 -36.80
C MET A 866 -23.10 -27.91 -35.92
N ILE A 867 -23.17 -26.70 -35.36
CA ILE A 867 -24.36 -26.33 -34.60
C ILE A 867 -25.56 -26.26 -35.52
N ALA A 868 -25.38 -25.72 -36.73
CA ALA A 868 -26.46 -25.73 -37.70
C ALA A 868 -26.83 -27.15 -38.10
N GLN A 869 -25.86 -28.06 -38.10
CA GLN A 869 -26.16 -29.44 -38.43
C GLN A 869 -26.99 -30.12 -37.33
N TYR A 870 -26.64 -29.90 -36.06
CA TYR A 870 -27.53 -30.29 -34.98
C TYR A 870 -28.94 -29.71 -35.12
N THR A 871 -29.05 -28.40 -35.38
CA THR A 871 -30.38 -27.83 -35.45
C THR A 871 -31.15 -28.41 -36.62
N SER A 872 -30.49 -28.66 -37.74
CA SER A 872 -31.15 -29.29 -38.87
C SER A 872 -31.56 -30.72 -38.55
N ALA A 873 -30.74 -31.45 -37.80
CA ALA A 873 -31.10 -32.80 -37.41
C ALA A 873 -32.32 -32.80 -36.50
N LEU A 874 -32.34 -31.90 -35.51
CA LEU A 874 -33.49 -31.77 -34.64
C LEU A 874 -34.74 -31.41 -35.43
N LEU A 875 -34.59 -30.49 -36.38
CA LEU A 875 -35.73 -30.01 -37.15
C LEU A 875 -36.27 -31.09 -38.08
N ALA A 876 -35.38 -31.84 -38.75
CA ALA A 876 -35.84 -32.89 -39.63
C ALA A 876 -36.45 -34.05 -38.86
N GLY A 877 -35.87 -34.38 -37.71
CA GLY A 877 -36.48 -35.37 -36.85
C GLY A 877 -37.86 -34.95 -36.38
N THR A 878 -38.00 -33.69 -35.98
CA THR A 878 -39.31 -33.18 -35.61
C THR A 878 -40.30 -33.33 -36.75
N ILE A 879 -39.94 -32.82 -37.92
CA ILE A 879 -40.84 -32.81 -39.07
C ILE A 879 -41.29 -34.23 -39.42
N THR A 880 -40.35 -35.17 -39.47
CA THR A 880 -40.71 -36.49 -39.98
C THR A 880 -41.20 -37.45 -38.90
N SER A 881 -40.99 -37.15 -37.61
CA SER A 881 -41.30 -38.13 -36.59
C SER A 881 -42.16 -37.60 -35.45
N GLY A 882 -41.99 -36.35 -35.03
CA GLY A 882 -42.72 -35.87 -33.88
C GLY A 882 -41.87 -35.80 -32.62
N TRP A 883 -42.40 -36.32 -31.53
CA TRP A 883 -41.64 -36.45 -30.29
C TRP A 883 -40.93 -37.79 -30.17
N THR A 884 -41.23 -38.73 -31.06
CA THR A 884 -40.70 -40.07 -30.92
C THR A 884 -39.19 -40.07 -31.05
N PHE A 885 -38.63 -39.21 -31.89
CA PHE A 885 -37.19 -39.21 -32.09
C PHE A 885 -36.44 -38.78 -30.85
N GLY A 886 -37.12 -38.20 -29.87
CA GLY A 886 -36.46 -37.85 -28.63
C GLY A 886 -36.88 -38.75 -27.49
N ALA A 887 -38.05 -39.36 -27.64
CA ALA A 887 -38.51 -40.33 -26.65
C ALA A 887 -37.94 -41.72 -26.88
N GLY A 888 -37.25 -41.94 -27.98
CA GLY A 888 -36.67 -43.24 -28.26
C GLY A 888 -36.06 -43.28 -29.64
N PRO A 889 -36.42 -44.29 -30.42
CA PRO A 889 -36.00 -44.31 -31.83
C PRO A 889 -36.97 -43.50 -32.66
N ALA A 890 -36.48 -42.99 -33.79
CA ALA A 890 -37.30 -42.13 -34.63
C ALA A 890 -38.33 -42.96 -35.39
N LEU A 891 -39.57 -42.52 -35.35
CA LEU A 891 -40.69 -43.21 -35.98
C LEU A 891 -41.34 -42.28 -36.98
N GLN A 892 -41.33 -42.65 -38.25
CA GLN A 892 -41.89 -41.78 -39.27
C GLN A 892 -43.40 -41.65 -39.09
N ILE A 893 -43.92 -40.48 -39.41
CA ILE A 893 -45.35 -40.20 -39.35
C ILE A 893 -45.65 -39.04 -40.29
N PRO A 894 -46.68 -39.13 -41.13
CA PRO A 894 -46.99 -38.02 -42.02
C PRO A 894 -47.26 -36.75 -41.23
N PHE A 895 -46.78 -35.63 -41.74
CA PHE A 895 -46.90 -34.38 -40.99
C PHE A 895 -48.34 -33.97 -40.68
N PRO A 896 -49.31 -34.10 -41.59
CA PRO A 896 -50.69 -33.86 -41.14
C PRO A 896 -51.09 -34.76 -39.99
N MET A 897 -50.64 -36.01 -39.97
CA MET A 897 -50.96 -36.87 -38.84
C MET A 897 -50.28 -36.37 -37.57
N GLN A 898 -49.05 -35.89 -37.66
CA GLN A 898 -48.40 -35.37 -36.47
C GLN A 898 -49.12 -34.14 -35.95
N MET A 899 -49.54 -33.25 -36.84
CA MET A 899 -50.26 -32.08 -36.38
C MET A 899 -51.60 -32.47 -35.78
N ALA A 900 -52.25 -33.52 -36.29
CA ALA A 900 -53.46 -34.00 -35.66
C ALA A 900 -53.18 -34.53 -34.26
N TYR A 901 -52.05 -35.22 -34.10
CA TYR A 901 -51.59 -35.59 -32.77
C TYR A 901 -51.50 -34.37 -31.86
N ARG A 902 -50.88 -33.30 -32.34
CA ARG A 902 -50.69 -32.12 -31.49
C ARG A 902 -52.02 -31.47 -31.14
N PHE A 903 -52.94 -31.34 -32.11
CA PHE A 903 -54.26 -30.82 -31.78
C PHE A 903 -54.95 -31.69 -30.75
N ASN A 904 -54.88 -33.01 -30.91
CA ASN A 904 -55.43 -33.88 -29.89
C ASN A 904 -54.74 -33.65 -28.56
N GLY A 905 -53.49 -33.20 -28.59
CA GLY A 905 -52.79 -32.88 -27.36
C GLY A 905 -53.36 -31.68 -26.66
N ILE A 906 -53.75 -30.65 -27.41
CA ILE A 906 -54.27 -29.43 -26.77
C ILE A 906 -55.77 -29.54 -26.51
N GLY A 907 -56.32 -30.73 -26.67
CA GLY A 907 -57.73 -30.93 -26.40
C GLY A 907 -58.67 -30.61 -27.53
N VAL A 908 -58.17 -30.38 -28.73
CA VAL A 908 -59.00 -30.16 -29.91
C VAL A 908 -58.99 -31.45 -30.74
N THR A 909 -60.17 -31.96 -31.05
CA THR A 909 -60.27 -33.23 -31.76
C THR A 909 -59.59 -33.13 -33.13
N GLN A 910 -59.25 -34.29 -33.68
CA GLN A 910 -58.47 -34.33 -34.91
C GLN A 910 -59.25 -33.79 -36.10
N ASN A 911 -60.56 -33.95 -36.10
CA ASN A 911 -61.35 -33.55 -37.26
C ASN A 911 -61.14 -32.08 -37.58
N VAL A 912 -60.82 -31.27 -36.58
CA VAL A 912 -60.51 -29.87 -36.83
C VAL A 912 -59.36 -29.74 -37.81
N LEU A 913 -58.25 -30.44 -37.56
CA LEU A 913 -57.13 -30.37 -38.48
C LEU A 913 -57.46 -31.04 -39.80
N TYR A 914 -58.01 -32.25 -39.78
CA TYR A 914 -58.19 -32.94 -41.04
C TYR A 914 -59.27 -32.31 -41.91
N GLU A 915 -60.05 -31.37 -41.38
CA GLU A 915 -61.01 -30.65 -42.17
C GLU A 915 -60.64 -29.20 -42.42
N ASN A 916 -59.63 -28.68 -41.74
CA ASN A 916 -59.10 -27.36 -42.03
C ASN A 916 -57.61 -27.42 -42.36
N GLN A 917 -57.17 -28.52 -42.97
CA GLN A 917 -55.76 -28.68 -43.29
C GLN A 917 -55.24 -27.57 -44.17
N LYS A 918 -55.97 -27.22 -45.24
CA LYS A 918 -55.49 -26.19 -46.14
C LYS A 918 -55.37 -24.85 -45.43
N LEU A 919 -56.40 -24.49 -44.66
CA LEU A 919 -56.39 -23.23 -43.93
C LEU A 919 -55.25 -23.19 -42.93
N ILE A 920 -55.03 -24.28 -42.21
CA ILE A 920 -53.98 -24.29 -41.18
C ILE A 920 -52.61 -24.27 -41.82
N ALA A 921 -52.44 -24.95 -42.95
CA ALA A 921 -51.16 -24.91 -43.65
C ALA A 921 -50.85 -23.50 -44.12
N ASN A 922 -51.86 -22.81 -44.69
CA ASN A 922 -51.64 -21.44 -45.13
C ASN A 922 -51.33 -20.53 -43.96
N GLN A 923 -52.03 -20.70 -42.83
CA GLN A 923 -51.75 -19.89 -41.66
C GLN A 923 -50.34 -20.12 -41.16
N PHE A 924 -49.89 -21.38 -41.12
CA PHE A 924 -48.55 -21.68 -40.66
C PHE A 924 -47.50 -21.07 -41.60
N ASN A 925 -47.70 -21.20 -42.91
CA ASN A 925 -46.75 -20.62 -43.85
C ASN A 925 -46.69 -19.11 -43.72
N SER A 926 -47.86 -18.46 -43.61
CA SER A 926 -47.88 -17.00 -43.48
C SER A 926 -47.22 -16.57 -42.19
N ALA A 927 -47.43 -17.32 -41.10
CA ALA A 927 -46.80 -16.98 -39.83
C ALA A 927 -45.29 -17.10 -39.92
N ILE A 928 -44.79 -18.14 -40.61
CA ILE A 928 -43.35 -18.27 -40.80
C ILE A 928 -42.81 -17.08 -41.59
N GLY A 929 -43.51 -16.71 -42.67
CA GLY A 929 -43.08 -15.56 -43.45
C GLY A 929 -43.06 -14.28 -42.64
N LYS A 930 -44.08 -14.08 -41.79
CA LYS A 930 -44.11 -12.89 -40.96
C LYS A 930 -42.98 -12.87 -39.95
N ILE A 931 -42.60 -14.04 -39.42
CA ILE A 931 -41.43 -14.09 -38.55
C ILE A 931 -40.19 -13.65 -39.31
N GLN A 932 -40.02 -14.14 -40.53
CA GLN A 932 -38.84 -13.74 -41.29
C GLN A 932 -38.84 -12.23 -41.52
N ASP A 933 -40.00 -11.67 -41.88
CA ASP A 933 -40.07 -10.24 -42.15
C ASP A 933 -39.82 -9.41 -40.89
N SER A 934 -40.37 -9.82 -39.76
CA SER A 934 -40.17 -9.06 -38.53
C SER A 934 -38.72 -9.10 -38.09
N LEU A 935 -38.08 -10.27 -38.20
CA LEU A 935 -36.66 -10.35 -37.87
C LEU A 935 -35.85 -9.47 -38.80
N SER A 936 -36.18 -9.46 -40.10
CA SER A 936 -35.43 -8.64 -41.05
C SER A 936 -35.60 -7.15 -40.76
N SER A 937 -36.82 -6.74 -40.41
CA SER A 937 -37.09 -5.31 -40.26
C SER A 937 -36.61 -4.78 -38.91
N THR A 938 -37.12 -5.35 -37.82
CA THR A 938 -36.81 -4.81 -36.51
C THR A 938 -35.34 -5.01 -36.20
N PRO A 939 -34.58 -3.95 -35.89
CA PRO A 939 -33.15 -4.12 -35.62
C PRO A 939 -32.86 -4.63 -34.22
N SER A 940 -33.73 -4.39 -33.26
CA SER A 940 -33.53 -4.82 -31.88
C SER A 940 -34.23 -6.13 -31.55
N ALA A 941 -34.52 -6.94 -32.57
CA ALA A 941 -35.12 -8.25 -32.31
C ALA A 941 -34.16 -9.15 -31.56
N LEU A 942 -32.88 -9.16 -31.95
CA LEU A 942 -31.88 -10.03 -31.34
C LEU A 942 -31.25 -9.37 -30.13
N GLY A 943 -32.12 -8.87 -29.26
CA GLY A 943 -31.67 -8.04 -28.16
C GLY A 943 -30.83 -8.79 -27.15
N LYS A 944 -31.25 -10.01 -26.80
CA LYS A 944 -30.55 -10.74 -25.76
C LYS A 944 -29.15 -11.15 -26.20
N LEU A 945 -29.02 -11.74 -27.37
CA LEU A 945 -27.70 -12.14 -27.86
C LEU A 945 -26.81 -10.93 -28.07
N GLN A 946 -27.37 -9.86 -28.67
CA GLN A 946 -26.57 -8.67 -28.89
C GLN A 946 -26.10 -8.09 -27.56
N ASP A 947 -26.95 -8.13 -26.55
CA ASP A 947 -26.57 -7.61 -25.24
C ASP A 947 -25.48 -8.45 -24.59
N VAL A 948 -25.57 -9.77 -24.74
CA VAL A 948 -24.51 -10.63 -24.19
C VAL A 948 -23.17 -10.30 -24.85
N VAL A 949 -23.16 -10.19 -26.18
CA VAL A 949 -21.92 -9.91 -26.88
C VAL A 949 -21.38 -8.54 -26.48
N ASN A 950 -22.26 -7.55 -26.39
CA ASN A 950 -21.82 -6.20 -26.03
C ASN A 950 -21.28 -6.15 -24.61
N GLN A 951 -21.93 -6.85 -23.67
CA GLN A 951 -21.42 -6.86 -22.31
C GLN A 951 -20.04 -7.50 -22.24
N ASN A 952 -19.84 -8.62 -22.94
CA ASN A 952 -18.52 -9.25 -22.93
C ASN A 952 -17.47 -8.34 -23.55
N ALA A 953 -17.80 -7.69 -24.67
CA ALA A 953 -16.84 -6.80 -25.31
C ALA A 953 -16.52 -5.60 -24.43
N GLN A 954 -17.52 -5.05 -23.74
CA GLN A 954 -17.27 -3.95 -22.82
C GLN A 954 -16.39 -4.39 -21.67
N ALA A 955 -16.60 -5.60 -21.16
CA ALA A 955 -15.75 -6.09 -20.08
C ALA A 955 -14.31 -6.22 -20.55
N LEU A 956 -14.09 -6.79 -21.73
CA LEU A 956 -12.72 -6.89 -22.24
C LEU A 956 -12.10 -5.52 -22.47
N ASN A 957 -12.86 -4.58 -23.04
CA ASN A 957 -12.31 -3.26 -23.30
C ASN A 957 -11.95 -2.54 -22.01
N THR A 958 -12.80 -2.66 -20.98
CA THR A 958 -12.46 -2.05 -19.70
C THR A 958 -11.22 -2.70 -19.10
N LEU A 959 -11.12 -4.02 -19.22
CA LEU A 959 -9.93 -4.71 -18.71
C LEU A 959 -8.67 -4.21 -19.41
N VAL A 960 -8.75 -3.99 -20.72
CA VAL A 960 -7.58 -3.51 -21.46
C VAL A 960 -7.25 -2.07 -21.06
N LYS A 961 -8.28 -1.22 -20.98
CA LYS A 961 -8.07 0.15 -20.55
C LYS A 961 -7.50 0.24 -19.15
N GLN A 962 -7.71 -0.77 -18.31
CA GLN A 962 -7.14 -0.74 -16.97
C GLN A 962 -5.62 -0.68 -17.00
N LEU A 963 -4.98 -1.06 -18.10
CA LEU A 963 -3.52 -0.98 -18.17
C LEU A 963 -3.06 0.47 -18.12
N SER A 964 -3.77 1.38 -18.77
CA SER A 964 -3.35 2.77 -18.84
C SER A 964 -3.43 3.48 -17.50
N SER A 965 -4.09 2.90 -16.51
CA SER A 965 -4.27 3.55 -15.22
C SER A 965 -2.97 3.53 -14.41
N ASN A 966 -2.67 4.65 -13.75
CA ASN A 966 -1.45 4.73 -12.96
C ASN A 966 -1.57 3.97 -11.65
N PHE A 967 -2.77 3.86 -11.10
CA PHE A 967 -3.03 3.18 -9.83
C PHE A 967 -2.20 3.78 -8.70
N GLY A 968 -1.88 5.07 -8.79
CA GLY A 968 -1.06 5.72 -7.80
C GLY A 968 0.44 5.64 -8.05
N ALA A 969 0.86 4.91 -9.07
CA ALA A 969 2.28 4.83 -9.39
C ALA A 969 2.71 6.04 -10.21
N ILE A 970 4.02 6.12 -10.47
CA ILE A 970 4.54 7.25 -11.23
C ILE A 970 4.09 7.20 -12.67
N SER A 971 3.99 6.01 -13.25
CA SER A 971 3.55 5.87 -14.62
C SER A 971 2.92 4.49 -14.81
N SER A 972 2.20 4.34 -15.92
CA SER A 972 1.44 3.14 -16.20
C SER A 972 2.19 2.19 -17.12
N VAL A 973 3.47 2.41 -17.37
CA VAL A 973 4.27 1.57 -18.24
C VAL A 973 5.38 0.92 -17.40
N LEU A 974 5.47 -0.40 -17.46
CA LEU A 974 6.51 -1.10 -16.71
C LEU A 974 7.89 -0.68 -17.15
N ASN A 975 8.09 -0.50 -18.46
CA ASN A 975 9.39 -0.06 -18.95
C ASN A 975 9.72 1.33 -18.45
N ASP A 976 8.73 2.22 -18.43
CA ASP A 976 8.97 3.58 -17.93
C ASP A 976 9.27 3.58 -16.44
N ILE A 977 8.67 2.66 -15.69
CA ILE A 977 8.99 2.56 -14.27
C ILE A 977 10.40 1.99 -14.08
N LEU A 978 10.73 0.95 -14.84
CA LEU A 978 12.02 0.29 -14.69
C LEU A 978 13.17 1.22 -15.07
N SER A 979 13.07 1.83 -16.23
CA SER A 979 14.00 2.91 -16.56
C SER A 979 13.65 4.15 -15.75
N ARG A 980 14.61 5.05 -15.65
CA ARG A 980 14.48 6.36 -15.00
C ARG A 980 14.38 6.20 -13.48
N LEU A 981 14.23 4.99 -12.97
CA LEU A 981 14.13 4.74 -11.53
C LEU A 981 14.92 3.50 -11.19
N ASP A 982 15.70 3.58 -10.12
CA ASP A 982 16.52 2.45 -9.72
C ASP A 982 15.69 1.43 -8.94
N PRO A 983 16.18 0.20 -8.80
CA PRO A 983 15.36 -0.89 -8.24
C PRO A 983 14.77 -0.61 -6.87
N PRO A 984 15.47 0.08 -5.94
CA PRO A 984 14.88 0.24 -4.60
C PRO A 984 13.45 0.80 -4.60
N GLU A 985 13.17 1.92 -5.27
CA GLU A 985 11.78 2.37 -5.32
C GLU A 985 11.07 1.88 -6.57
N ALA A 986 11.81 1.35 -7.55
CA ALA A 986 11.15 0.68 -8.65
C ALA A 986 10.31 -0.48 -8.14
N GLU A 987 10.80 -1.17 -7.09
CA GLU A 987 10.05 -2.27 -6.50
C GLU A 987 8.70 -1.80 -5.99
N VAL A 988 8.68 -0.69 -5.23
CA VAL A 988 7.41 -0.26 -4.64
C VAL A 988 6.47 0.29 -5.71
N GLN A 989 7.01 1.00 -6.70
CA GLN A 989 6.14 1.48 -7.78
C GLN A 989 5.51 0.32 -8.54
N ILE A 990 6.32 -0.67 -8.90
CA ILE A 990 5.80 -1.83 -9.61
C ILE A 990 4.83 -2.60 -8.74
N ASP A 991 5.07 -2.66 -7.43
CA ASP A 991 4.15 -3.38 -6.55
C ASP A 991 2.80 -2.68 -6.48
N ARG A 992 2.80 -1.34 -6.43
CA ARG A 992 1.54 -0.61 -6.48
C ARG A 992 0.80 -0.88 -7.78
N LEU A 993 1.53 -0.86 -8.90
CA LEU A 993 0.90 -1.12 -10.18
C LEU A 993 0.38 -2.55 -10.27
N ILE A 994 1.11 -3.50 -9.69
CA ILE A 994 0.67 -4.90 -9.67
C ILE A 994 -0.60 -5.05 -8.85
N THR A 995 -0.65 -4.40 -7.69
CA THR A 995 -1.87 -4.46 -6.90
C THR A 995 -3.05 -3.93 -7.68
N GLY A 996 -2.87 -2.79 -8.36
CA GLY A 996 -3.96 -2.24 -9.15
C GLY A 996 -4.41 -3.18 -10.26
N ARG A 997 -3.44 -3.72 -11.02
CA ARG A 997 -3.78 -4.56 -12.15
C ARG A 997 -4.39 -5.89 -11.72
N LEU A 998 -3.90 -6.46 -10.62
CA LEU A 998 -4.49 -7.69 -10.11
C LEU A 998 -5.89 -7.44 -9.58
N GLN A 999 -6.13 -6.28 -8.98
CA GLN A 999 -7.49 -5.93 -8.60
C GLN A 999 -8.39 -5.84 -9.82
N SER A 1000 -7.90 -5.23 -10.90
CA SER A 1000 -8.68 -5.15 -12.13
C SER A 1000 -8.99 -6.52 -12.69
N LEU A 1001 -8.01 -7.42 -12.72
CA LEU A 1001 -8.25 -8.76 -13.24
C LEU A 1001 -9.18 -9.57 -12.34
N GLN A 1002 -9.06 -9.42 -11.02
CA GLN A 1002 -10.00 -10.08 -10.13
C GLN A 1002 -11.42 -9.59 -10.35
N THR A 1003 -11.59 -8.29 -10.52
CA THR A 1003 -12.91 -7.76 -10.82
C THR A 1003 -13.44 -8.30 -12.14
N TYR A 1004 -12.59 -8.37 -13.17
CA TYR A 1004 -13.04 -8.91 -14.45
C TYR A 1004 -13.49 -10.36 -14.31
N VAL A 1005 -12.69 -11.20 -13.64
CA VAL A 1005 -13.06 -12.60 -13.54
C VAL A 1005 -14.26 -12.81 -12.63
N THR A 1006 -14.45 -11.98 -11.60
CA THR A 1006 -15.64 -12.12 -10.77
C THR A 1006 -16.89 -11.72 -11.54
N GLN A 1007 -16.85 -10.60 -12.26
CA GLN A 1007 -17.99 -10.24 -13.09
C GLN A 1007 -18.25 -11.29 -14.14
N GLN A 1008 -17.20 -11.89 -14.68
CA GLN A 1008 -17.38 -12.93 -15.68
C GLN A 1008 -17.94 -14.20 -15.08
N LEU A 1009 -17.59 -14.51 -13.83
CA LEU A 1009 -18.21 -15.65 -13.17
C LEU A 1009 -19.69 -15.41 -12.93
N ILE A 1010 -20.05 -14.20 -12.52
CA ILE A 1010 -21.46 -13.83 -12.41
C ILE A 1010 -22.17 -14.02 -13.74
N ARG A 1011 -21.61 -13.46 -14.80
CA ARG A 1011 -22.26 -13.50 -16.10
C ARG A 1011 -22.29 -14.92 -16.66
N ALA A 1012 -21.28 -15.73 -16.37
CA ALA A 1012 -21.29 -17.11 -16.82
C ALA A 1012 -22.35 -17.91 -16.07
N ALA A 1013 -22.56 -17.61 -14.79
CA ALA A 1013 -23.66 -18.25 -14.08
C ALA A 1013 -25.01 -17.84 -14.68
N GLU A 1014 -25.15 -16.56 -15.03
CA GLU A 1014 -26.38 -16.10 -15.66
C GLU A 1014 -26.60 -16.78 -17.01
N ILE A 1015 -25.54 -16.91 -17.81
CA ILE A 1015 -25.67 -17.58 -19.10
C ILE A 1015 -25.93 -19.07 -18.91
N ARG A 1016 -25.33 -19.67 -17.89
CA ARG A 1016 -25.58 -21.08 -17.60
C ARG A 1016 -27.04 -21.30 -17.23
N ALA A 1017 -27.62 -20.39 -16.45
CA ALA A 1017 -29.05 -20.48 -16.16
C ALA A 1017 -29.88 -20.30 -17.41
N SER A 1018 -29.54 -19.31 -18.24
CA SER A 1018 -30.28 -19.07 -19.47
C SER A 1018 -30.20 -20.26 -20.41
N ALA A 1019 -29.06 -20.94 -20.44
CA ALA A 1019 -28.89 -22.03 -21.38
C ALA A 1019 -29.37 -23.36 -20.83
N ASN A 1020 -29.43 -23.52 -19.51
CA ASN A 1020 -30.21 -24.61 -18.95
C ASN A 1020 -31.69 -24.43 -19.26
N LEU A 1021 -32.17 -23.19 -19.20
CA LEU A 1021 -33.53 -22.91 -19.65
C LEU A 1021 -33.68 -23.22 -21.14
N ALA A 1022 -32.67 -22.88 -21.94
CA ALA A 1022 -32.73 -23.19 -23.36
C ALA A 1022 -32.75 -24.68 -23.61
N ALA A 1023 -31.93 -25.43 -22.88
CA ALA A 1023 -31.89 -26.89 -23.05
C ALA A 1023 -33.20 -27.53 -22.64
N THR A 1024 -33.78 -27.11 -21.52
CA THR A 1024 -35.06 -27.69 -21.14
C THR A 1024 -36.18 -27.21 -22.05
N LYS A 1025 -36.11 -25.97 -22.55
CA LYS A 1025 -37.11 -25.52 -23.51
C LYS A 1025 -37.02 -26.35 -24.78
N MET A 1026 -35.81 -26.65 -25.23
CA MET A 1026 -35.63 -27.56 -26.36
C MET A 1026 -36.27 -28.91 -26.07
N SER A 1027 -35.95 -29.48 -24.91
CA SER A 1027 -36.44 -30.82 -24.58
C SER A 1027 -37.96 -30.88 -24.48
N GLU A 1028 -38.60 -29.90 -23.84
CA GLU A 1028 -40.05 -29.97 -23.67
C GLU A 1028 -40.83 -29.32 -24.80
N CYS A 1029 -40.18 -28.59 -25.72
CA CYS A 1029 -40.92 -27.94 -26.79
C CYS A 1029 -40.67 -28.58 -28.16
N VAL A 1030 -39.42 -28.78 -28.57
CA VAL A 1030 -39.21 -29.35 -29.89
C VAL A 1030 -39.13 -30.87 -29.82
N LEU A 1031 -38.54 -31.41 -28.77
CA LEU A 1031 -38.50 -32.87 -28.60
C LEU A 1031 -39.86 -33.44 -28.23
N GLY A 1032 -40.84 -32.59 -27.94
CA GLY A 1032 -42.17 -33.06 -27.62
C GLY A 1032 -43.06 -31.88 -27.30
N GLN A 1033 -44.37 -32.15 -27.31
CA GLN A 1033 -45.34 -31.10 -27.06
C GLN A 1033 -45.46 -30.85 -25.56
N SER A 1034 -45.63 -29.58 -25.19
CA SER A 1034 -45.65 -29.16 -23.80
C SER A 1034 -47.03 -28.66 -23.41
N LYS A 1035 -47.60 -29.26 -22.37
CA LYS A 1035 -48.81 -28.77 -21.73
C LYS A 1035 -48.50 -27.75 -20.65
N ARG A 1036 -47.23 -27.40 -20.49
CA ARG A 1036 -46.79 -26.46 -19.49
C ARG A 1036 -47.09 -25.04 -19.95
N VAL A 1037 -48.04 -24.39 -19.30
CA VAL A 1037 -48.68 -23.20 -19.86
C VAL A 1037 -47.67 -22.06 -19.99
N ASP A 1038 -47.72 -21.37 -21.13
CA ASP A 1038 -46.95 -20.15 -21.37
C ASP A 1038 -45.45 -20.41 -21.22
N PHE A 1039 -45.03 -21.62 -21.57
CA PHE A 1039 -43.62 -22.00 -21.59
C PHE A 1039 -43.07 -22.03 -23.01
N CYS A 1040 -43.72 -22.79 -23.89
CA CYS A 1040 -43.39 -22.79 -25.31
C CYS A 1040 -44.36 -21.86 -26.02
N GLY A 1041 -44.12 -20.56 -25.88
CA GLY A 1041 -44.90 -19.57 -26.59
C GLY A 1041 -46.28 -19.33 -26.01
N LYS A 1042 -46.78 -18.11 -26.13
CA LYS A 1042 -48.07 -17.77 -25.57
C LYS A 1042 -49.18 -18.46 -26.35
N GLY A 1043 -50.05 -19.16 -25.64
CA GLY A 1043 -51.13 -19.90 -26.24
C GLY A 1043 -50.96 -21.39 -26.06
N TYR A 1044 -51.95 -22.14 -26.54
CA TYR A 1044 -51.83 -23.58 -26.57
C TYR A 1044 -50.71 -23.97 -27.52
N HIS A 1045 -49.79 -24.78 -27.05
CA HIS A 1045 -48.55 -25.02 -27.77
C HIS A 1045 -48.71 -26.23 -28.69
N LEU A 1046 -48.18 -26.11 -29.91
CA LEU A 1046 -48.22 -27.18 -30.89
C LEU A 1046 -46.85 -27.76 -31.18
N MET A 1047 -45.88 -26.93 -31.55
CA MET A 1047 -44.58 -27.43 -31.99
C MET A 1047 -43.52 -26.44 -31.56
N SER A 1048 -42.29 -26.70 -31.99
CA SER A 1048 -41.24 -25.71 -31.83
C SER A 1048 -40.12 -26.07 -32.79
N PHE A 1049 -39.36 -25.07 -33.16
CA PHE A 1049 -38.30 -25.26 -34.11
C PHE A 1049 -37.05 -24.52 -33.65
N PRO A 1050 -35.97 -25.20 -33.35
CA PRO A 1050 -34.74 -24.50 -33.00
C PRO A 1050 -34.13 -23.88 -34.23
N GLN A 1051 -33.56 -22.70 -34.06
CA GLN A 1051 -32.77 -22.05 -35.09
C GLN A 1051 -31.53 -21.48 -34.43
N SER A 1052 -30.36 -21.96 -34.82
CA SER A 1052 -29.13 -21.50 -34.21
C SER A 1052 -28.94 -20.02 -34.49
N ALA A 1053 -28.37 -19.32 -33.52
CA ALA A 1053 -28.01 -17.92 -33.66
C ALA A 1053 -26.67 -17.73 -32.99
N PRO A 1054 -25.92 -16.70 -33.36
CA PRO A 1054 -24.58 -16.54 -32.80
C PRO A 1054 -24.58 -16.44 -31.29
N HIS A 1055 -24.03 -17.46 -30.63
CA HIS A 1055 -23.99 -17.55 -29.17
C HIS A 1055 -25.40 -17.55 -28.58
N GLY A 1056 -26.25 -18.40 -29.12
CA GLY A 1056 -27.61 -18.49 -28.62
C GLY A 1056 -28.43 -19.42 -29.48
N VAL A 1057 -29.72 -19.49 -29.17
CA VAL A 1057 -30.67 -20.29 -29.92
C VAL A 1057 -31.98 -19.52 -30.01
N VAL A 1058 -32.69 -19.72 -31.12
CA VAL A 1058 -33.95 -19.05 -31.40
C VAL A 1058 -35.01 -20.12 -31.64
N PHE A 1059 -36.14 -20.00 -30.96
CA PHE A 1059 -37.23 -20.95 -31.08
C PHE A 1059 -38.38 -20.31 -31.83
N LEU A 1060 -39.08 -21.10 -32.63
CA LEU A 1060 -40.26 -20.64 -33.35
C LEU A 1060 -41.46 -21.41 -32.79
N HIS A 1061 -42.00 -20.93 -31.69
CA HIS A 1061 -43.03 -21.66 -30.95
C HIS A 1061 -44.33 -21.62 -31.71
N VAL A 1062 -44.63 -22.67 -32.45
CA VAL A 1062 -45.91 -22.73 -33.17
C VAL A 1062 -47.02 -23.00 -32.16
N THR A 1063 -47.88 -21.99 -31.95
CA THR A 1063 -48.91 -22.06 -30.92
C THR A 1063 -50.28 -21.89 -31.53
N TYR A 1064 -51.28 -22.45 -30.86
CA TYR A 1064 -52.68 -22.40 -31.28
C TYR A 1064 -53.39 -21.38 -30.42
N VAL A 1065 -54.05 -20.40 -31.04
CA VAL A 1065 -54.71 -19.32 -30.33
C VAL A 1065 -56.15 -19.22 -30.81
N PRO A 1066 -57.15 -19.34 -29.94
CA PRO A 1066 -58.54 -19.16 -30.38
C PRO A 1066 -58.80 -17.74 -30.81
N ALA A 1067 -59.73 -17.57 -31.75
CA ALA A 1067 -59.90 -16.26 -32.37
C ALA A 1067 -61.29 -15.67 -32.22
N GLN A 1068 -62.33 -16.37 -32.67
CA GLN A 1068 -63.65 -15.75 -32.85
C GLN A 1068 -64.62 -16.32 -31.83
N GLU A 1069 -64.86 -15.56 -30.76
CA GLU A 1069 -65.75 -16.01 -29.71
C GLU A 1069 -67.20 -15.91 -30.14
N LYS A 1070 -67.99 -16.89 -29.77
CA LYS A 1070 -69.44 -16.79 -29.75
C LYS A 1070 -69.90 -17.26 -28.39
N ASN A 1071 -70.70 -16.46 -27.71
CA ASN A 1071 -71.07 -16.76 -26.32
C ASN A 1071 -72.48 -17.33 -26.27
N PHE A 1072 -72.63 -18.46 -25.60
CA PHE A 1072 -73.89 -19.19 -25.54
C PHE A 1072 -74.34 -19.31 -24.09
N THR A 1073 -75.48 -19.95 -23.92
CA THR A 1073 -76.03 -20.25 -22.61
C THR A 1073 -75.65 -21.68 -22.23
N THR A 1074 -75.06 -21.84 -21.05
CA THR A 1074 -74.52 -23.11 -20.63
C THR A 1074 -75.23 -23.61 -19.37
N ALA A 1075 -75.21 -24.92 -19.19
CA ALA A 1075 -75.79 -25.55 -18.01
C ALA A 1075 -74.89 -26.69 -17.57
N PRO A 1076 -74.67 -26.85 -16.27
CA PRO A 1076 -73.77 -27.92 -15.81
C PRO A 1076 -74.21 -29.30 -16.19
N ALA A 1077 -75.50 -29.55 -16.33
CA ALA A 1077 -75.99 -30.89 -16.56
C ALA A 1077 -77.23 -30.82 -17.44
N ILE A 1078 -77.82 -31.98 -17.70
CA ILE A 1078 -79.07 -32.11 -18.43
C ILE A 1078 -79.95 -33.11 -17.72
N CYS A 1079 -81.19 -32.72 -17.43
CA CYS A 1079 -82.13 -33.55 -16.70
C CYS A 1079 -83.02 -34.25 -17.71
N HIS A 1080 -82.63 -35.46 -18.12
CA HIS A 1080 -83.38 -36.14 -19.17
C HIS A 1080 -84.59 -36.88 -18.62
N ASP A 1081 -84.37 -37.88 -17.77
CA ASP A 1081 -85.44 -38.71 -17.22
C ASP A 1081 -85.32 -38.76 -15.70
N GLY A 1082 -85.10 -37.60 -15.09
CA GLY A 1082 -84.84 -37.57 -13.68
C GLY A 1082 -83.42 -37.89 -13.30
N LYS A 1083 -82.54 -38.13 -14.26
CA LYS A 1083 -81.15 -38.42 -14.01
C LYS A 1083 -80.29 -37.39 -14.74
N ALA A 1084 -79.37 -36.77 -14.02
CA ALA A 1084 -78.54 -35.74 -14.61
C ALA A 1084 -77.61 -36.35 -15.65
N HIS A 1085 -77.29 -35.57 -16.68
CA HIS A 1085 -76.39 -35.98 -17.74
C HIS A 1085 -75.25 -34.97 -17.83
N PHE A 1086 -74.04 -35.43 -17.72
CA PHE A 1086 -72.86 -34.58 -17.78
C PHE A 1086 -72.06 -34.90 -19.03
N PRO A 1087 -71.34 -33.94 -19.60
CA PRO A 1087 -70.62 -34.18 -20.85
C PRO A 1087 -69.37 -35.01 -20.60
N ARG A 1088 -69.16 -36.04 -21.43
CA ARG A 1088 -67.92 -36.80 -21.31
C ARG A 1088 -66.71 -35.94 -21.66
N GLU A 1089 -66.74 -35.31 -22.83
CA GLU A 1089 -65.74 -34.32 -23.21
C GLU A 1089 -66.47 -33.07 -23.67
N GLY A 1090 -66.11 -31.93 -23.09
CA GLY A 1090 -66.69 -30.68 -23.52
C GLY A 1090 -67.77 -30.18 -22.59
N VAL A 1091 -68.55 -29.23 -23.12
CA VAL A 1091 -69.53 -28.49 -22.34
C VAL A 1091 -70.87 -28.52 -23.06
N PHE A 1092 -71.90 -28.11 -22.34
CA PHE A 1092 -73.23 -27.96 -22.89
C PHE A 1092 -73.44 -26.50 -23.28
N VAL A 1093 -73.92 -26.29 -24.51
CA VAL A 1093 -74.25 -24.96 -24.99
C VAL A 1093 -75.59 -25.02 -25.69
N SER A 1094 -76.17 -23.84 -25.90
CA SER A 1094 -77.41 -23.75 -26.64
C SER A 1094 -77.46 -22.41 -27.33
N ASN A 1095 -77.97 -22.38 -28.56
CA ASN A 1095 -78.09 -21.14 -29.30
C ASN A 1095 -79.41 -20.42 -29.01
N GLY A 1096 -80.22 -20.96 -28.10
CA GLY A 1096 -81.46 -20.30 -27.74
C GLY A 1096 -82.64 -21.25 -27.67
N THR A 1097 -82.67 -22.24 -28.56
CA THR A 1097 -83.75 -23.21 -28.59
C THR A 1097 -83.27 -24.63 -28.32
N HIS A 1098 -82.21 -25.06 -28.99
CA HIS A 1098 -81.73 -26.43 -28.91
C HIS A 1098 -80.45 -26.47 -28.09
N TRP A 1099 -80.26 -27.53 -27.33
CA TRP A 1099 -79.06 -27.71 -26.52
C TRP A 1099 -78.09 -28.63 -27.24
N PHE A 1100 -76.83 -28.22 -27.28
CA PHE A 1100 -75.77 -28.97 -27.94
C PHE A 1100 -74.60 -29.14 -26.99
N VAL A 1101 -73.87 -30.24 -27.16
CA VAL A 1101 -72.62 -30.48 -26.46
C VAL A 1101 -71.48 -30.22 -27.44
N THR A 1102 -70.47 -29.50 -27.00
CA THR A 1102 -69.36 -29.19 -27.87
C THR A 1102 -68.06 -29.23 -27.09
N GLN A 1103 -66.97 -29.41 -27.81
CA GLN A 1103 -65.66 -29.38 -27.17
C GLN A 1103 -65.37 -27.98 -26.67
N ARG A 1104 -64.41 -27.89 -25.75
CA ARG A 1104 -64.23 -26.65 -25.02
C ARG A 1104 -63.51 -25.59 -25.86
N ASN A 1105 -62.60 -26.00 -26.73
CA ASN A 1105 -61.73 -25.05 -27.44
C ASN A 1105 -62.14 -24.82 -28.89
N PHE A 1106 -63.32 -25.27 -29.28
CA PHE A 1106 -63.76 -25.10 -30.66
C PHE A 1106 -65.25 -25.31 -30.70
N TYR A 1107 -65.94 -24.51 -31.50
CA TYR A 1107 -67.38 -24.63 -31.59
C TYR A 1107 -67.71 -25.75 -32.57
N GLU A 1108 -67.99 -26.93 -32.04
CA GLU A 1108 -68.42 -28.09 -32.83
C GLU A 1108 -69.69 -28.61 -32.17
N PRO A 1109 -70.81 -27.92 -32.35
CA PRO A 1109 -72.05 -28.36 -31.73
C PRO A 1109 -72.51 -29.67 -32.33
N GLN A 1110 -73.08 -30.53 -31.48
CA GLN A 1110 -73.56 -31.81 -31.93
C GLN A 1110 -74.55 -32.36 -30.91
N ILE A 1111 -75.60 -33.01 -31.42
CA ILE A 1111 -76.79 -33.29 -30.63
C ILE A 1111 -76.43 -34.10 -29.39
N ILE A 1112 -77.09 -33.79 -28.28
CA ILE A 1112 -76.85 -34.52 -27.05
C ILE A 1112 -77.23 -35.98 -27.25
N THR A 1113 -76.33 -36.86 -26.84
CA THR A 1113 -76.51 -38.29 -27.05
C THR A 1113 -75.83 -39.02 -25.91
N THR A 1114 -76.36 -40.21 -25.58
CA THR A 1114 -75.80 -40.98 -24.48
C THR A 1114 -74.32 -41.28 -24.67
N ASP A 1115 -73.85 -41.30 -25.92
CA ASP A 1115 -72.43 -41.55 -26.17
C ASP A 1115 -71.55 -40.44 -25.59
N ASN A 1116 -71.93 -39.18 -25.76
CA ASN A 1116 -71.12 -38.06 -25.32
C ASN A 1116 -71.53 -37.51 -23.95
N THR A 1117 -72.52 -38.11 -23.29
CA THR A 1117 -72.95 -37.69 -21.97
C THR A 1117 -73.04 -38.91 -21.05
N PHE A 1118 -72.42 -38.83 -19.88
CA PHE A 1118 -72.49 -39.91 -18.91
C PHE A 1118 -73.45 -39.52 -17.79
N VAL A 1119 -74.39 -40.40 -17.49
CA VAL A 1119 -75.38 -40.15 -16.45
C VAL A 1119 -74.73 -40.34 -15.09
N SER A 1120 -75.06 -39.47 -14.15
CA SER A 1120 -74.49 -39.58 -12.81
C SER A 1120 -75.37 -38.83 -11.82
N GLY A 1121 -76.10 -39.55 -10.99
CA GLY A 1121 -76.82 -38.93 -9.91
C GLY A 1121 -78.28 -38.61 -10.18
N ASN A 1122 -78.76 -37.55 -9.57
CA ASN A 1122 -80.18 -37.18 -9.60
C ASN A 1122 -80.31 -35.72 -9.99
N CYS A 1123 -81.51 -35.36 -10.45
CA CYS A 1123 -81.72 -34.05 -11.04
C CYS A 1123 -81.72 -32.94 -9.98
N ASP A 1124 -82.20 -33.25 -8.78
CA ASP A 1124 -82.40 -32.19 -7.78
C ASP A 1124 -81.08 -31.71 -7.18
N VAL A 1125 -80.09 -32.58 -7.06
CA VAL A 1125 -78.88 -32.23 -6.31
C VAL A 1125 -78.09 -31.13 -7.01
N VAL A 1126 -78.07 -31.14 -8.34
CA VAL A 1126 -77.29 -30.17 -9.09
C VAL A 1126 -78.06 -28.86 -9.15
N ILE A 1127 -77.34 -27.73 -9.03
CA ILE A 1127 -77.93 -26.41 -9.20
C ILE A 1127 -77.48 -25.86 -10.54
N GLY A 1128 -78.44 -25.47 -11.38
CA GLY A 1128 -78.16 -25.06 -12.73
C GLY A 1128 -78.49 -26.08 -13.79
N ILE A 1129 -79.01 -27.23 -13.41
CA ILE A 1129 -79.39 -28.25 -14.38
C ILE A 1129 -80.63 -27.79 -15.13
N VAL A 1130 -80.64 -28.01 -16.44
CA VAL A 1130 -81.75 -27.59 -17.29
C VAL A 1130 -82.41 -28.80 -17.91
N ASN A 1131 -83.73 -28.74 -18.02
CA ASN A 1131 -84.48 -29.83 -18.62
C ASN A 1131 -84.21 -29.92 -20.11
N ASN A 1132 -84.15 -31.14 -20.63
CA ASN A 1132 -84.01 -31.39 -22.06
C ASN A 1132 -84.16 -32.88 -22.30
N THR A 1133 -84.22 -33.24 -23.57
CA THR A 1133 -84.14 -34.63 -23.99
C THR A 1133 -82.74 -34.95 -24.45
N VAL A 1134 -82.33 -36.20 -24.26
CA VAL A 1134 -81.05 -36.71 -24.73
C VAL A 1134 -81.35 -37.85 -25.68
N TYR A 1135 -81.07 -37.64 -26.96
CA TYR A 1135 -81.38 -38.63 -27.98
C TYR A 1135 -80.62 -39.93 -27.73
N ASP A 1136 -81.34 -41.05 -27.83
CA ASP A 1136 -80.73 -42.37 -27.65
C ASP A 1136 -80.45 -42.97 -29.01
N PRO A 1137 -79.19 -43.15 -29.40
CA PRO A 1137 -78.91 -43.67 -30.74
C PRO A 1137 -79.44 -45.06 -30.98
N LEU A 1138 -79.57 -45.86 -29.92
CA LEU A 1138 -80.06 -47.23 -30.03
C LEU A 1138 -81.58 -47.30 -30.12
N GLN A 1139 -82.29 -46.22 -29.79
CA GLN A 1139 -83.75 -46.23 -29.86
C GLN A 1139 -84.26 -46.39 -31.29
N PRO A 1140 -83.79 -45.62 -32.29
CA PRO A 1140 -84.24 -45.91 -33.67
C PRO A 1140 -83.84 -47.28 -34.16
N GLU A 1141 -82.69 -47.79 -33.71
CA GLU A 1141 -82.28 -49.14 -34.09
C GLU A 1141 -83.27 -50.17 -33.55
N LEU A 1142 -83.71 -49.99 -32.31
CA LEU A 1142 -84.74 -50.87 -31.76
C LEU A 1142 -86.05 -50.72 -32.54
N ASP A 1143 -86.43 -49.48 -32.86
CA ASP A 1143 -87.70 -49.24 -33.52
C ASP A 1143 -87.74 -49.87 -34.91
N SER A 1144 -86.64 -49.79 -35.65
CA SER A 1144 -86.57 -50.37 -36.99
C SER A 1144 -86.54 -51.90 -36.91
N GLU B 1 43.16 52.56 53.34
CA GLU B 1 41.84 52.82 52.79
C GLU B 1 41.64 52.06 51.48
N VAL B 2 41.12 52.74 50.46
CA VAL B 2 40.89 52.16 49.15
C VAL B 2 41.69 52.96 48.13
N GLN B 3 42.46 52.26 47.29
CA GLN B 3 43.28 52.89 46.27
C GLN B 3 43.23 52.07 45.00
N LEU B 4 43.13 52.75 43.86
CA LEU B 4 43.09 52.11 42.55
C LEU B 4 44.32 52.53 41.77
N VAL B 5 45.07 51.53 41.29
CA VAL B 5 46.31 51.76 40.55
C VAL B 5 46.10 51.35 39.10
N GLU B 6 46.38 52.27 38.19
CA GLU B 6 46.22 52.04 36.75
C GLU B 6 47.58 51.88 36.11
N SER B 7 47.74 50.85 35.28
CA SER B 7 49.00 50.56 34.63
C SER B 7 48.73 49.94 33.27
N GLY B 8 49.76 49.94 32.43
CA GLY B 8 49.69 49.36 31.11
C GLY B 8 49.74 50.35 29.96
N GLY B 9 50.15 51.60 30.20
CA GLY B 9 50.24 52.59 29.14
C GLY B 9 51.60 52.54 28.47
N GLY B 10 51.59 52.42 27.15
CA GLY B 10 52.83 52.36 26.39
C GLY B 10 52.54 52.36 24.91
N LEU B 11 53.62 52.43 24.14
CA LEU B 11 53.51 52.48 22.69
C LEU B 11 53.04 51.14 22.14
N VAL B 12 52.11 51.20 21.18
CA VAL B 12 51.59 50.03 20.48
C VAL B 12 51.50 50.36 19.01
N GLN B 13 51.14 49.36 18.21
CA GLN B 13 51.01 49.50 16.77
C GLN B 13 49.55 49.34 16.35
N PRO B 14 49.14 49.94 15.23
CA PRO B 14 47.75 49.80 14.78
C PRO B 14 47.40 48.34 14.53
N GLY B 15 46.18 47.97 14.91
CA GLY B 15 45.76 46.58 14.83
C GLY B 15 46.30 45.69 15.91
N GLY B 16 47.01 46.24 16.90
CA GLY B 16 47.59 45.46 17.96
C GLY B 16 46.61 45.20 19.09
N SER B 17 47.14 44.59 20.15
CA SER B 17 46.32 44.23 21.31
C SER B 17 47.19 44.29 22.55
N LEU B 18 46.79 45.10 23.51
CA LEU B 18 47.50 45.23 24.78
C LEU B 18 46.50 45.12 25.94
N ARG B 19 46.97 44.55 27.04
CA ARG B 19 46.13 44.29 28.21
C ARG B 19 46.33 45.42 29.22
N LEU B 20 45.34 46.30 29.32
CA LEU B 20 45.34 47.33 30.35
C LEU B 20 45.06 46.69 31.71
N SER B 21 45.80 47.13 32.72
CA SER B 21 45.72 46.55 34.06
C SER B 21 45.34 47.64 35.06
N CYS B 22 44.42 47.30 35.97
CA CYS B 22 44.03 48.18 37.06
C CYS B 22 43.90 47.35 38.33
N ALA B 23 44.62 47.75 39.37
CA ALA B 23 44.58 47.07 40.66
C ALA B 23 43.75 47.89 41.65
N ALA B 24 42.75 47.24 42.25
CA ALA B 24 41.87 47.88 43.21
C ALA B 24 42.07 47.25 44.58
N SER B 25 42.20 48.09 45.61
CA SER B 25 42.39 47.64 46.98
C SER B 25 41.16 48.00 47.80
N GLY B 26 40.62 47.02 48.50
CA GLY B 26 39.42 47.21 49.29
C GLY B 26 38.13 47.05 48.53
N LEU B 27 38.17 46.67 47.26
CA LEU B 27 36.98 46.49 46.44
C LEU B 27 37.00 45.10 45.82
N THR B 28 35.81 44.58 45.55
CA THR B 28 35.64 43.28 44.92
C THR B 28 35.14 43.50 43.49
N VAL B 29 35.89 43.00 42.51
CA VAL B 29 35.54 43.22 41.11
C VAL B 29 34.27 42.48 40.72
N SER B 30 33.89 41.46 41.49
CA SER B 30 32.72 40.65 41.13
C SER B 30 31.43 41.44 41.24
N SER B 31 31.30 42.28 42.27
CA SER B 31 30.07 42.98 42.57
C SER B 31 30.24 44.49 42.49
N ASN B 32 31.00 44.96 41.51
CA ASN B 32 31.27 46.38 41.35
C ASN B 32 31.15 46.79 39.89
N TYR B 33 30.85 48.08 39.68
CA TYR B 33 30.57 48.60 38.34
C TYR B 33 31.83 49.28 37.80
N MET B 34 32.74 48.47 37.29
CA MET B 34 33.93 49.01 36.62
C MET B 34 33.55 49.73 35.33
N ARG B 35 34.20 50.87 35.11
CA ARG B 35 34.02 51.66 33.91
C ARG B 35 35.36 52.26 33.52
N TRP B 36 35.56 52.49 32.23
CA TRP B 36 36.79 53.05 31.70
C TRP B 36 36.50 54.37 31.02
N VAL B 37 37.16 55.43 31.48
CA VAL B 37 37.03 56.76 30.90
C VAL B 37 38.42 57.30 30.62
N ARG B 38 38.66 57.75 29.40
CA ARG B 38 39.95 58.25 28.98
C ARG B 38 39.97 59.77 28.96
N GLN B 39 41.18 60.34 29.00
CA GLN B 39 41.36 61.79 28.95
C GLN B 39 42.51 62.09 27.98
N ALA B 40 42.16 62.51 26.77
CA ALA B 40 43.16 62.90 25.80
C ALA B 40 43.88 64.16 26.25
N PRO B 41 45.17 64.30 25.93
CA PRO B 41 45.89 65.52 26.28
C PRO B 41 45.26 66.74 25.63
N GLY B 42 45.19 67.84 26.38
CA GLY B 42 44.52 69.04 25.91
C GLY B 42 43.05 68.84 25.63
N LYS B 43 42.38 67.97 26.40
CA LYS B 43 40.98 67.67 26.18
C LYS B 43 40.39 67.11 27.46
N GLY B 44 39.07 67.12 27.54
CA GLY B 44 38.37 66.64 28.71
C GLY B 44 38.17 65.13 28.70
N LEU B 45 37.47 64.66 29.72
CA LEU B 45 37.18 63.23 29.86
C LEU B 45 36.11 62.82 28.85
N GLU B 46 36.13 61.53 28.50
CA GLU B 46 35.15 60.98 27.58
C GLU B 46 34.99 59.49 27.86
N TRP B 47 33.74 59.04 27.91
CA TRP B 47 33.44 57.65 28.22
C TRP B 47 33.98 56.72 27.14
N VAL B 48 34.40 55.53 27.56
CA VAL B 48 34.95 54.53 26.64
C VAL B 48 34.10 53.26 26.67
N SER B 49 34.03 52.61 27.83
CA SER B 49 33.30 51.35 27.95
C SER B 49 32.85 51.18 29.40
N LEU B 50 31.80 50.37 29.56
CA LEU B 50 31.23 50.10 30.88
C LEU B 50 30.88 48.63 30.99
N ILE B 51 31.20 48.03 32.15
CA ILE B 51 30.89 46.64 32.45
C ILE B 51 30.11 46.60 33.76
N TYR B 52 29.02 45.83 33.79
CA TYR B 52 28.23 45.70 35.01
C TYR B 52 28.87 44.69 35.95
N ALA B 53 28.24 44.53 37.12
CA ALA B 53 28.76 43.58 38.10
C ALA B 53 28.71 42.14 37.57
N GLY B 54 27.61 41.75 36.96
CA GLY B 54 27.44 40.40 36.45
C GLY B 54 27.70 40.21 34.98
N GLY B 55 28.15 41.26 34.27
CA GLY B 55 28.37 41.16 32.84
C GLY B 55 27.75 42.31 32.09
N SER B 56 27.03 42.02 31.01
CA SER B 56 26.30 43.01 30.23
C SER B 56 27.19 44.20 29.87
N THR B 57 28.23 43.91 29.09
CA THR B 57 29.20 44.93 28.72
C THR B 57 28.58 46.00 27.83
N PHE B 58 29.05 47.24 28.00
CA PHE B 58 28.61 48.37 27.22
C PHE B 58 29.83 49.06 26.61
N TYR B 59 29.64 49.64 25.43
CA TYR B 59 30.71 50.33 24.74
C TYR B 59 30.19 51.64 24.16
N ALA B 60 31.11 52.58 23.98
CA ALA B 60 30.76 53.85 23.36
C ALA B 60 30.53 53.66 21.86
N ASP B 61 29.85 54.66 21.26
CA ASP B 61 29.56 54.59 19.84
C ASP B 61 30.82 54.62 19.00
N SER B 62 31.79 55.47 19.37
CA SER B 62 33.03 55.58 18.60
C SER B 62 33.84 54.30 18.66
N VAL B 63 33.94 53.68 19.83
CA VAL B 63 34.78 52.50 20.03
C VAL B 63 33.94 51.23 20.06
N LYS B 64 32.73 51.25 19.49
CA LYS B 64 31.88 50.07 19.49
C LYS B 64 32.49 48.97 18.63
N GLY B 65 32.55 47.77 19.18
CA GLY B 65 33.09 46.63 18.47
C GLY B 65 34.61 46.54 18.55
N ARG B 66 35.29 47.67 18.41
CA ARG B 66 36.75 47.67 18.44
C ARG B 66 37.28 47.26 19.80
N PHE B 67 36.65 47.72 20.88
CA PHE B 67 37.13 47.48 22.23
C PHE B 67 36.37 46.32 22.87
N ILE B 68 37.09 45.52 23.64
CA ILE B 68 36.51 44.41 24.40
C ILE B 68 37.06 44.45 25.81
N ILE B 69 36.18 44.23 26.79
CA ILE B 69 36.55 44.30 28.20
C ILE B 69 36.24 42.96 28.86
N SER B 70 37.16 42.50 29.71
CA SER B 70 36.98 41.24 30.44
C SER B 70 37.76 41.35 31.73
N ARG B 71 37.06 41.57 32.84
CA ARG B 71 37.69 41.66 34.15
C ARG B 71 38.01 40.26 34.68
N HIS B 72 39.11 40.15 35.41
CA HIS B 72 39.58 38.87 35.91
C HIS B 72 39.34 38.76 37.42
N ASN B 73 38.97 37.55 37.85
CA ASN B 73 38.65 37.32 39.25
C ASN B 73 39.89 37.29 40.14
N SER B 74 41.07 37.01 39.57
CA SER B 74 42.28 36.84 40.36
C SER B 74 42.68 38.17 40.98
N LYS B 75 42.59 38.26 42.31
CA LYS B 75 43.00 39.44 43.06
C LYS B 75 42.29 40.70 42.57
N ASN B 76 41.02 40.55 42.21
CA ASN B 76 40.12 41.63 41.77
C ASN B 76 40.85 42.69 40.94
N ILE B 77 41.61 42.23 39.95
CA ILE B 77 42.33 43.10 39.05
C ILE B 77 41.44 43.45 37.87
N LEU B 78 41.27 44.74 37.61
CA LEU B 78 40.48 45.19 36.47
C LEU B 78 41.32 45.18 35.21
N TYR B 79 40.73 44.67 34.12
CA TYR B 79 41.43 44.53 32.85
C TYR B 79 40.59 45.13 31.74
N LEU B 80 41.29 45.60 30.69
CA LEU B 80 40.62 46.18 29.52
C LEU B 80 41.47 45.86 28.30
N GLN B 81 40.96 44.96 27.46
CA GLN B 81 41.64 44.62 26.22
C GLN B 81 41.37 45.67 25.15
N MET B 82 42.33 45.86 24.25
CA MET B 82 42.23 46.79 23.15
C MET B 82 42.44 46.06 21.83
N ASN B 83 41.65 46.44 20.82
CA ASN B 83 41.79 45.86 19.49
C ASN B 83 41.49 46.92 18.45
N SER B 84 42.22 46.84 17.32
CA SER B 84 42.04 47.76 16.19
C SER B 84 42.15 49.22 16.65
N LEU B 85 43.23 49.52 17.36
CA LEU B 85 43.43 50.87 17.87
C LEU B 85 43.80 51.82 16.74
N ARG B 86 43.65 53.12 17.02
CA ARG B 86 43.99 54.18 16.08
C ARG B 86 44.82 55.23 16.80
N ALA B 87 45.47 56.09 16.01
CA ALA B 87 46.29 57.14 16.55
C ALA B 87 45.49 58.17 17.35
N GLU B 88 44.18 58.26 17.10
CA GLU B 88 43.34 59.20 17.83
C GLU B 88 42.94 58.68 19.21
N ASP B 89 43.27 57.44 19.54
CA ASP B 89 42.90 56.84 20.82
C ASP B 89 43.94 57.06 21.90
N THR B 90 44.96 57.88 21.63
CA THR B 90 45.98 58.16 22.64
C THR B 90 45.38 59.06 23.73
N ALA B 91 45.43 58.58 24.96
CA ALA B 91 44.81 59.28 26.09
C ALA B 91 45.28 58.62 27.38
N VAL B 92 44.85 59.18 28.50
CA VAL B 92 45.15 58.65 29.82
C VAL B 92 43.86 58.02 30.35
N TYR B 93 43.80 56.68 30.27
CA TYR B 93 42.62 55.98 30.74
C TYR B 93 42.59 55.93 32.27
N PHE B 94 41.38 55.86 32.83
CA PHE B 94 41.19 55.88 34.27
C PHE B 94 40.22 54.79 34.68
N CYS B 95 40.37 54.35 35.93
CA CYS B 95 39.54 53.31 36.52
C CYS B 95 38.31 53.94 37.19
N ALA B 96 37.42 53.09 37.66
CA ALA B 96 36.13 53.55 38.18
C ALA B 96 35.77 52.79 39.45
N ARG B 97 34.75 53.31 40.14
CA ARG B 97 34.18 52.68 41.32
C ARG B 97 32.79 52.14 40.98
N ASP B 98 32.15 51.48 41.96
CA ASP B 98 30.93 50.75 41.73
C ASP B 98 29.67 51.61 41.77
N LEU B 99 29.75 52.85 42.23
CA LEU B 99 28.55 53.66 42.43
C LEU B 99 27.99 54.11 41.08
N TYR B 100 26.76 53.68 40.79
CA TYR B 100 26.12 54.02 39.53
C TYR B 100 25.32 55.31 39.63
N VAL B 101 24.45 55.41 40.63
CA VAL B 101 23.61 56.59 40.81
C VAL B 101 24.11 57.47 41.96
N PHE B 102 24.75 56.91 42.98
CA PHE B 102 25.24 57.67 44.11
C PHE B 102 26.49 58.48 43.79
N GLY B 103 26.91 58.54 42.54
CA GLY B 103 28.04 59.37 42.18
C GLY B 103 29.38 58.69 42.41
N MET B 104 30.28 58.87 41.46
CA MET B 104 31.59 58.25 41.52
C MET B 104 32.40 58.82 42.67
N ASP B 105 33.34 58.03 43.19
CA ASP B 105 34.20 58.46 44.28
C ASP B 105 35.68 58.51 43.88
N VAL B 106 36.22 57.43 43.34
CA VAL B 106 37.65 57.32 43.09
C VAL B 106 37.86 56.86 41.65
N TRP B 107 39.03 57.18 41.10
CA TRP B 107 39.49 56.68 39.81
C TRP B 107 40.79 55.92 39.99
N GLY B 108 41.34 55.45 38.88
CA GLY B 108 42.70 54.99 38.88
C GLY B 108 43.68 56.13 38.71
N GLN B 109 44.96 55.84 38.92
CA GLN B 109 45.99 56.87 38.76
C GLN B 109 46.07 57.33 37.31
N GLY B 110 46.00 56.40 36.37
CA GLY B 110 45.97 56.75 34.95
C GLY B 110 47.34 56.89 34.32
N THR B 111 47.54 56.18 33.22
CA THR B 111 48.78 56.25 32.45
C THR B 111 48.45 56.48 30.99
N ALA B 112 49.18 57.39 30.36
CA ALA B 112 48.96 57.69 28.95
C ALA B 112 49.34 56.50 28.08
N VAL B 113 48.52 56.23 27.07
CA VAL B 113 48.74 55.12 26.14
C VAL B 113 48.92 55.74 24.76
N THR B 114 50.17 55.91 24.35
CA THR B 114 50.47 56.49 23.05
C THR B 114 50.32 55.45 21.95
N VAL B 115 49.50 55.75 20.95
CA VAL B 115 49.25 54.87 19.82
C VAL B 115 49.69 55.59 18.56
N SER B 116 50.65 55.00 17.85
CA SER B 116 51.16 55.56 16.61
C SER B 116 51.92 54.47 15.86
N ALA B 117 52.36 54.80 14.65
CA ALA B 117 53.09 53.85 13.82
C ALA B 117 54.37 54.48 13.27
N ASP C 1 21.78 61.03 20.77
CA ASP C 1 22.17 60.76 22.16
C ASP C 1 22.13 62.04 22.99
N ILE C 2 22.24 61.89 24.30
CA ILE C 2 22.25 63.03 25.21
C ILE C 2 23.63 63.66 25.20
N GLN C 3 23.68 64.97 24.96
CA GLN C 3 24.92 65.71 24.89
C GLN C 3 24.91 66.82 25.93
N LEU C 4 26.07 67.06 26.54
CA LEU C 4 26.22 68.03 27.62
C LEU C 4 27.20 69.11 27.20
N THR C 5 26.94 70.33 27.65
CA THR C 5 27.77 71.47 27.28
C THR C 5 27.81 72.46 28.45
N GLN C 6 29.01 72.92 28.79
CA GLN C 6 29.21 73.87 29.87
C GLN C 6 29.65 75.21 29.31
N SER C 7 29.13 76.29 29.88
CA SER C 7 29.45 77.64 29.45
C SER C 7 29.77 78.50 30.67
N PRO C 8 30.67 79.48 30.53
CA PRO C 8 31.39 79.81 29.29
C PRO C 8 32.66 78.98 29.09
N SER C 9 32.88 78.03 30.00
CA SER C 9 34.00 77.09 30.01
C SER C 9 35.34 77.76 30.31
N PHE C 10 35.38 79.09 30.44
CA PHE C 10 36.62 79.79 30.76
C PHE C 10 36.25 81.01 31.60
N LEU C 11 36.35 80.86 32.93
CA LEU C 11 36.01 81.93 33.85
C LEU C 11 37.19 82.21 34.76
N SER C 12 37.47 83.50 34.98
CA SER C 12 38.54 83.94 35.87
C SER C 12 37.93 84.71 37.03
N ALA C 13 38.33 84.36 38.24
CA ALA C 13 37.81 85.00 39.44
C ALA C 13 38.86 84.96 40.53
N SER C 14 38.72 85.88 41.50
CA SER C 14 39.63 85.96 42.62
C SER C 14 39.14 85.09 43.77
N VAL C 15 39.93 85.03 44.85
CA VAL C 15 39.55 84.23 46.00
C VAL C 15 38.37 84.89 46.71
N GLY C 16 37.55 84.06 47.35
CA GLY C 16 36.37 84.56 48.04
C GLY C 16 35.35 85.19 47.12
N ASP C 17 35.13 84.59 45.95
CA ASP C 17 34.15 85.11 44.98
C ASP C 17 33.23 83.97 44.54
N ARG C 18 31.95 84.28 44.45
CA ARG C 18 30.96 83.29 44.05
C ARG C 18 31.04 83.05 42.55
N VAL C 19 31.19 81.79 42.16
CA VAL C 19 31.32 81.40 40.76
C VAL C 19 30.26 80.35 40.46
N THR C 20 29.51 80.56 39.37
CA THR C 20 28.47 79.64 38.95
C THR C 20 28.91 78.95 37.66
N ILE C 21 28.89 77.62 37.67
CA ILE C 21 29.21 76.82 36.50
C ILE C 21 27.94 76.08 36.08
N THR C 22 27.50 76.31 34.85
CA THR C 22 26.26 75.76 34.34
C THR C 22 26.54 74.69 33.31
N CYS C 23 25.93 73.53 33.47
CA CYS C 23 25.99 72.43 32.51
C CYS C 23 24.56 72.15 32.05
N ARG C 24 24.13 72.82 30.99
CA ARG C 24 22.79 72.67 30.46
C ARG C 24 22.81 71.52 29.45
N ALA C 25 22.25 70.38 29.85
CA ALA C 25 22.20 69.22 28.98
C ALA C 25 21.25 69.45 27.81
N SER C 26 21.67 69.02 26.62
CA SER C 26 20.84 69.16 25.43
C SER C 26 19.59 68.29 25.50
N GLN C 27 19.60 67.25 26.32
CA GLN C 27 18.45 66.38 26.51
C GLN C 27 18.17 66.21 27.99
N GLY C 28 16.90 66.02 28.33
CA GLY C 28 16.49 65.91 29.72
C GLY C 28 17.12 64.75 30.45
N ILE C 29 17.71 65.03 31.61
CA ILE C 29 18.33 64.00 32.43
C ILE C 29 17.84 64.14 33.87
N SER C 30 16.78 64.93 34.06
CA SER C 30 16.21 65.21 35.39
C SER C 30 17.32 65.84 36.24
N SER C 31 17.44 65.46 37.51
CA SER C 31 18.51 65.96 38.38
C SER C 31 19.69 65.01 38.45
N TYR C 32 19.77 64.05 37.52
CA TYR C 32 20.81 63.03 37.55
C TYR C 32 22.07 63.56 36.83
N LEU C 33 22.74 64.49 37.51
CA LEU C 33 23.98 65.07 37.01
C LEU C 33 24.99 65.15 38.14
N ALA C 34 26.23 64.77 37.86
CA ALA C 34 27.29 64.73 38.84
C ALA C 34 28.37 65.75 38.49
N TRP C 35 28.85 66.46 39.50
CA TRP C 35 29.90 67.47 39.32
C TRP C 35 31.23 66.90 39.77
N TYR C 36 32.24 67.05 38.93
CA TYR C 36 33.58 66.57 39.19
C TYR C 36 34.57 67.73 39.21
N GLN C 37 35.79 67.44 39.61
CA GLN C 37 36.86 68.44 39.70
C GLN C 37 38.18 67.75 39.31
N GLN C 38 38.65 68.03 38.10
CA GLN C 38 39.84 67.37 37.55
C GLN C 38 41.02 68.34 37.64
N LYS C 39 41.84 68.17 38.67
CA LYS C 39 43.07 68.94 38.78
C LYS C 39 44.08 68.47 37.73
N PRO C 40 44.91 69.37 37.21
CA PRO C 40 45.88 68.98 36.19
C PRO C 40 46.86 67.93 36.71
N GLY C 41 47.19 66.97 35.85
CA GLY C 41 48.12 65.92 36.22
C GLY C 41 47.65 65.05 37.36
N ARG C 42 46.34 64.94 37.55
CA ARG C 42 45.77 64.16 38.64
C ARG C 42 44.47 63.53 38.13
N ALA C 43 43.81 62.79 39.02
CA ALA C 43 42.52 62.20 38.70
C ALA C 43 41.40 63.07 39.23
N PRO C 44 40.27 63.14 38.51
CA PRO C 44 39.17 63.99 38.97
C PRO C 44 38.56 63.48 40.26
N LYS C 45 37.85 64.37 40.95
CA LYS C 45 37.15 64.05 42.18
C LYS C 45 35.74 64.61 42.12
N LEU C 46 34.79 63.86 42.67
CA LEU C 46 33.38 64.26 42.65
C LEU C 46 33.08 65.22 43.80
N LEU C 47 32.23 66.19 43.52
CA LEU C 47 31.77 67.16 44.51
C LEU C 47 30.28 67.02 44.79
N ILE C 48 29.45 66.97 43.76
CA ILE C 48 28.01 66.81 43.90
C ILE C 48 27.58 65.61 43.06
N TYR C 49 26.79 64.73 43.65
CA TYR C 49 26.29 63.54 42.97
C TYR C 49 24.77 63.55 42.95
N ALA C 50 24.21 63.20 41.78
CA ALA C 50 22.76 63.15 41.55
C ALA C 50 22.19 64.54 41.87
N ALA C 51 21.16 64.66 42.70
CA ALA C 51 20.62 65.96 43.05
C ALA C 51 21.61 66.75 43.88
N SER C 52 21.22 67.98 44.22
CA SER C 52 22.09 68.87 45.00
C SER C 52 22.35 68.28 46.38
N THR C 53 23.58 67.84 46.62
CA THR C 53 23.97 67.25 47.89
C THR C 53 25.49 67.32 48.01
N LEU C 54 26.00 66.84 49.13
CA LEU C 54 27.41 66.92 49.46
C LEU C 54 28.02 65.52 49.53
N GLN C 55 29.10 65.31 48.79
CA GLN C 55 29.83 64.06 48.87
C GLN C 55 30.59 64.00 50.18
N SER C 56 30.65 62.80 50.77
CA SER C 56 31.34 62.62 52.04
C SER C 56 32.83 62.92 51.91
N GLY C 57 33.29 64.00 52.56
CA GLY C 57 34.68 64.39 52.56
C GLY C 57 34.97 65.70 51.85
N VAL C 58 34.07 66.15 50.97
CA VAL C 58 34.28 67.42 50.27
C VAL C 58 33.96 68.57 51.22
N PRO C 59 34.52 69.76 51.01
CA PRO C 59 34.18 70.90 51.88
C PRO C 59 32.72 71.29 51.73
N SER C 60 32.16 71.85 52.81
CA SER C 60 30.78 72.32 52.80
C SER C 60 30.57 73.55 51.93
N ARG C 61 31.64 74.18 51.47
CA ARG C 61 31.53 75.37 50.62
C ARG C 61 31.00 75.08 49.23
N PHE C 62 30.90 73.81 48.84
CA PHE C 62 30.41 73.44 47.53
C PHE C 62 28.91 73.13 47.60
N SER C 63 28.15 73.71 46.68
CA SER C 63 26.71 73.51 46.65
C SER C 63 26.21 73.63 45.22
N GLY C 64 25.02 73.10 44.98
CA GLY C 64 24.44 73.12 43.66
C GLY C 64 22.95 73.39 43.71
N SER C 65 22.38 73.69 42.54
CA SER C 65 20.97 73.98 42.43
C SER C 65 20.52 73.72 41.00
N GLY C 66 19.21 73.58 40.83
CA GLY C 66 18.63 73.35 39.52
C GLY C 66 18.46 71.87 39.21
N SER C 67 17.48 71.58 38.36
CA SER C 67 17.19 70.22 37.94
C SER C 67 16.59 70.24 36.54
N GLY C 68 16.69 69.12 35.87
CA GLY C 68 16.19 68.99 34.51
C GLY C 68 17.27 69.33 33.48
N THR C 69 17.02 70.36 32.68
CA THR C 69 17.95 70.79 31.65
C THR C 69 18.85 71.93 32.09
N VAL C 70 18.76 72.36 33.35
CA VAL C 70 19.57 73.46 33.87
C VAL C 70 20.23 73.01 35.16
N PHE C 71 21.51 73.36 35.32
CA PHE C 71 22.25 73.08 36.53
C PHE C 71 23.17 74.25 36.85
N THR C 72 23.54 74.37 38.11
CA THR C 72 24.40 75.46 38.55
C THR C 72 25.26 74.99 39.72
N LEU C 73 26.56 75.14 39.59
CA LEU C 73 27.52 74.80 40.64
C LEU C 73 27.88 76.08 41.39
N THR C 74 27.58 76.11 42.68
CA THR C 74 27.76 77.29 43.51
C THR C 74 28.82 77.03 44.57
N ILE C 75 29.81 77.92 44.66
CA ILE C 75 30.85 77.86 45.68
C ILE C 75 30.73 79.11 46.54
N SER C 76 30.42 78.92 47.82
CA SER C 76 30.27 80.07 48.71
C SER C 76 31.62 80.69 49.05
N SER C 77 32.62 79.86 49.36
CA SER C 77 33.96 80.33 49.69
C SER C 77 34.92 79.76 48.66
N LEU C 78 35.41 80.62 47.78
CA LEU C 78 36.31 80.22 46.70
C LEU C 78 37.72 80.15 47.25
N GLN C 79 38.12 78.95 47.67
CA GLN C 79 39.46 78.76 48.22
C GLN C 79 40.50 78.85 47.11
N PRO C 80 41.75 79.21 47.45
CA PRO C 80 42.78 79.32 46.40
C PRO C 80 43.11 78.02 45.72
N GLU C 81 42.80 76.86 46.31
CA GLU C 81 43.26 75.57 45.82
C GLU C 81 42.12 74.73 45.23
N ASP C 82 41.01 75.36 44.86
CA ASP C 82 39.90 74.64 44.24
C ASP C 82 39.78 74.95 42.74
N PHE C 83 40.79 75.58 42.15
CA PHE C 83 40.76 75.93 40.74
C PHE C 83 41.23 74.75 39.91
N ALA C 84 40.29 74.14 39.18
CA ALA C 84 40.59 72.98 38.34
C ALA C 84 39.55 72.91 37.24
N THR C 85 39.49 71.78 36.55
CA THR C 85 38.52 71.56 35.48
C THR C 85 37.34 70.79 36.04
N TYR C 86 36.14 71.35 35.88
CA TYR C 86 34.91 70.76 36.40
C TYR C 86 34.18 70.03 35.30
N TYR C 87 33.61 68.87 35.64
CA TYR C 87 32.93 68.02 34.66
C TYR C 87 31.52 67.69 35.15
N CYS C 88 30.63 67.52 34.19
CA CYS C 88 29.25 67.15 34.44
C CYS C 88 28.91 65.89 33.65
N GLN C 89 28.23 64.95 34.29
CA GLN C 89 27.97 63.64 33.73
C GLN C 89 26.60 63.14 34.17
N GLN C 90 25.90 62.45 33.26
CA GLN C 90 24.61 61.86 33.57
C GLN C 90 24.83 60.55 34.31
N LEU C 91 24.45 60.52 35.60
CA LEU C 91 24.72 59.35 36.42
C LEU C 91 23.82 58.18 36.06
N ASN C 92 22.53 58.43 35.88
CA ASN C 92 21.56 57.37 35.62
C ASN C 92 21.36 57.17 34.12
N SER C 93 22.47 56.85 33.44
CA SER C 93 22.44 56.62 32.01
C SER C 93 23.43 55.52 31.66
N ASP C 94 23.03 54.66 30.71
CA ASP C 94 23.92 53.60 30.26
C ASP C 94 25.15 54.17 29.55
N SER C 95 24.96 55.19 28.72
CA SER C 95 26.06 55.90 28.07
C SER C 95 26.18 57.26 28.74
N SER C 96 27.13 57.36 29.68
CA SER C 96 27.31 58.56 30.49
C SER C 96 28.35 59.45 29.81
N THR C 97 27.89 60.53 29.21
CA THR C 97 28.79 61.49 28.57
C THR C 97 29.41 62.42 29.60
N PHE C 98 30.36 63.22 29.15
CA PHE C 98 31.05 64.17 30.01
C PHE C 98 30.93 65.57 29.42
N GLY C 99 30.93 66.56 30.30
CA GLY C 99 30.82 67.95 29.87
C GLY C 99 32.09 68.45 29.21
N GLN C 100 31.95 69.63 28.58
CA GLN C 100 33.11 70.26 27.95
C GLN C 100 34.18 70.60 28.98
N GLY C 101 33.76 71.10 30.14
CA GLY C 101 34.71 71.46 31.19
C GLY C 101 34.99 72.95 31.25
N THR C 102 35.18 73.47 32.46
CA THR C 102 35.47 74.87 32.66
C THR C 102 36.80 75.04 33.37
N LYS C 103 37.48 76.16 33.08
CA LYS C 103 38.79 76.45 33.62
C LYS C 103 38.69 77.61 34.60
N LEU C 104 39.26 77.42 35.79
CA LEU C 104 39.28 78.44 36.84
C LEU C 104 40.73 78.85 37.10
N GLU C 105 40.95 80.15 37.27
CA GLU C 105 42.29 80.68 37.44
C GLU C 105 42.25 81.92 38.31
N ILE C 106 43.43 82.32 38.79
CA ILE C 106 43.56 83.53 39.59
C ILE C 106 43.33 84.75 38.73
N LYS C 107 42.46 85.65 39.19
CA LYS C 107 42.20 86.89 38.48
C LYS C 107 43.22 87.97 38.86
N ALA D 27 34.15 -40.22 -24.27
CA ALA D 27 32.97 -41.08 -24.24
C ALA D 27 31.93 -40.54 -23.26
N TYR D 28 30.66 -40.63 -23.64
CA TYR D 28 29.55 -40.19 -22.80
C TYR D 28 28.67 -41.38 -22.46
N THR D 29 27.71 -41.13 -21.56
CA THR D 29 26.64 -42.07 -21.28
C THR D 29 25.43 -41.26 -20.84
N ASN D 30 24.32 -41.96 -20.59
CA ASN D 30 23.05 -41.31 -20.31
C ASN D 30 22.64 -41.59 -18.87
N SER D 31 22.60 -40.54 -18.05
CA SER D 31 22.11 -40.64 -16.68
C SER D 31 20.60 -40.72 -16.75
N PHE D 32 20.08 -41.95 -16.78
CA PHE D 32 18.67 -42.15 -17.08
C PHE D 32 17.77 -41.46 -16.08
N THR D 33 17.81 -41.88 -14.82
CA THR D 33 16.95 -41.32 -13.81
C THR D 33 17.70 -40.97 -12.54
N ARG D 34 18.92 -41.45 -12.36
CA ARG D 34 19.70 -41.22 -11.15
C ARG D 34 19.94 -39.74 -10.91
N GLY D 35 20.29 -39.42 -9.67
CA GLY D 35 20.65 -38.08 -9.29
C GLY D 35 19.59 -37.29 -8.55
N VAL D 36 18.70 -37.95 -7.83
CA VAL D 36 17.64 -37.28 -7.08
C VAL D 36 17.96 -37.43 -5.60
N TYR D 37 18.06 -36.31 -4.91
CA TYR D 37 18.43 -36.27 -3.51
C TYR D 37 17.33 -35.61 -2.69
N TYR D 38 17.19 -36.02 -1.45
CA TYR D 38 16.21 -35.40 -0.56
C TYR D 38 16.57 -33.93 -0.38
N PRO D 39 15.78 -33.02 -0.96
CA PRO D 39 16.18 -31.60 -0.95
C PRO D 39 16.26 -31.00 0.44
N ASP D 40 15.56 -31.54 1.42
CA ASP D 40 15.54 -30.98 2.76
C ASP D 40 15.16 -32.06 3.75
N LYS D 41 15.41 -31.79 5.03
CA LYS D 41 15.19 -32.78 6.07
C LYS D 41 13.73 -32.99 6.42
N VAL D 42 12.81 -32.40 5.65
CA VAL D 42 11.39 -32.54 5.95
C VAL D 42 10.92 -33.96 5.65
N PHE D 43 9.99 -34.44 6.45
CA PHE D 43 9.37 -35.74 6.26
C PHE D 43 8.00 -35.56 5.62
N ARG D 44 7.68 -36.38 4.62
CA ARG D 44 6.37 -36.37 4.00
C ARG D 44 5.95 -37.80 3.71
N SER D 45 4.65 -38.04 3.72
CA SER D 45 4.10 -39.37 3.55
C SER D 45 3.04 -39.36 2.47
N SER D 46 3.24 -40.17 1.43
CA SER D 46 2.28 -40.30 0.34
C SER D 46 1.92 -38.95 -0.27
N VAL D 47 2.94 -38.12 -0.47
CA VAL D 47 2.75 -36.75 -0.94
C VAL D 47 3.66 -36.54 -2.15
N LEU D 48 3.09 -36.03 -3.23
CA LEU D 48 3.86 -35.63 -4.40
C LEU D 48 4.22 -34.16 -4.25
N HIS D 49 5.42 -33.89 -3.75
CA HIS D 49 5.85 -32.53 -3.45
C HIS D 49 6.81 -32.07 -4.54
N SER D 50 6.53 -30.92 -5.14
CA SER D 50 7.32 -30.39 -6.23
C SER D 50 8.35 -29.40 -5.70
N THR D 51 9.62 -29.68 -5.91
CA THR D 51 10.71 -28.87 -5.39
C THR D 51 11.46 -28.23 -6.55
N GLN D 52 11.78 -26.95 -6.41
CA GLN D 52 12.60 -26.24 -7.39
C GLN D 52 14.01 -26.18 -6.79
N ASP D 53 14.85 -27.14 -7.14
CA ASP D 53 16.20 -27.22 -6.61
C ASP D 53 17.15 -27.63 -7.72
N LEU D 54 18.44 -27.48 -7.45
CA LEU D 54 19.48 -27.84 -8.42
C LEU D 54 19.56 -29.35 -8.51
N PHE D 55 18.85 -29.92 -9.47
CA PHE D 55 18.81 -31.37 -9.68
C PHE D 55 19.61 -31.73 -10.93
N LEU D 56 19.87 -33.02 -11.08
CA LEU D 56 20.45 -33.52 -12.31
C LEU D 56 19.35 -33.79 -13.32
N PRO D 57 19.31 -33.10 -14.44
CA PRO D 57 18.21 -33.28 -15.38
C PRO D 57 18.10 -34.71 -15.85
N PHE D 58 16.87 -35.19 -15.99
CA PHE D 58 16.65 -36.57 -16.39
C PHE D 58 17.15 -36.81 -17.80
N PHE D 59 17.74 -37.99 -18.02
CA PHE D 59 18.25 -38.39 -19.34
C PHE D 59 19.22 -37.35 -19.89
N SER D 60 20.05 -36.80 -19.02
CA SER D 60 21.09 -35.86 -19.40
C SER D 60 22.40 -36.61 -19.56
N ASN D 61 23.08 -36.40 -20.68
CA ASN D 61 24.31 -37.10 -20.95
C ASN D 61 25.40 -36.67 -19.98
N VAL D 62 26.02 -37.64 -19.32
CA VAL D 62 27.04 -37.40 -18.30
C VAL D 62 28.33 -38.04 -18.74
N THR D 63 29.45 -37.42 -18.34
CA THR D 63 30.75 -37.82 -18.85
C THR D 63 31.19 -39.14 -18.22
N TRP D 64 31.82 -39.97 -19.04
CA TRP D 64 32.40 -41.23 -18.62
C TRP D 64 33.91 -41.03 -18.47
N PHE D 65 34.52 -41.78 -17.57
CA PHE D 65 35.96 -41.72 -17.39
C PHE D 65 36.51 -43.11 -17.10
N HIS D 66 37.83 -43.24 -17.30
CA HIS D 66 38.53 -44.51 -17.10
C HIS D 66 39.69 -44.30 -16.14
N ALA D 67 40.06 -45.37 -15.43
CA ALA D 67 41.19 -45.35 -14.52
C ALA D 67 42.09 -46.58 -14.65
N ILE D 68 41.66 -47.61 -15.36
CA ILE D 68 42.47 -48.82 -15.55
C ILE D 68 43.46 -48.59 -16.67
N HIS D 69 44.43 -49.50 -16.81
CA HIS D 69 45.50 -49.39 -17.81
C HIS D 69 46.28 -48.09 -17.66
N ARG D 78 49.08 -44.33 -20.26
CA ARG D 78 48.12 -44.92 -19.33
C ARG D 78 46.88 -44.02 -19.22
N PHE D 79 46.02 -44.33 -18.26
CA PHE D 79 44.78 -43.61 -18.03
C PHE D 79 44.86 -42.88 -16.70
N ASP D 80 44.56 -41.58 -16.73
CA ASP D 80 44.61 -40.74 -15.54
C ASP D 80 43.28 -40.01 -15.39
N ASN D 81 43.23 -39.09 -14.42
CA ASN D 81 42.03 -38.31 -14.17
C ASN D 81 42.27 -36.85 -14.48
N PRO D 82 41.41 -36.21 -15.25
CA PRO D 82 41.60 -34.79 -15.57
C PRO D 82 40.96 -33.86 -14.56
N VAL D 83 41.04 -32.57 -14.82
CA VAL D 83 40.47 -31.54 -13.97
C VAL D 83 39.12 -31.11 -14.55
N LEU D 84 38.11 -30.99 -13.68
CA LEU D 84 36.75 -30.72 -14.11
C LEU D 84 36.22 -29.48 -13.39
N PRO D 85 35.37 -28.70 -14.03
CA PRO D 85 34.73 -27.57 -13.34
C PRO D 85 33.65 -28.03 -12.39
N PHE D 86 33.21 -27.11 -11.53
CA PHE D 86 32.18 -27.39 -10.54
C PHE D 86 30.79 -27.04 -11.05
N ASN D 87 30.56 -25.76 -11.36
CA ASN D 87 29.36 -25.31 -12.06
C ASN D 87 28.08 -25.70 -11.32
N ASP D 88 27.91 -25.12 -10.13
CA ASP D 88 26.67 -25.19 -9.35
C ASP D 88 26.32 -26.60 -8.91
N GLY D 89 27.29 -27.51 -8.85
CA GLY D 89 27.02 -28.86 -8.40
C GLY D 89 27.62 -29.89 -9.34
N VAL D 90 28.03 -31.02 -8.77
CA VAL D 90 28.65 -32.09 -9.53
C VAL D 90 28.10 -33.42 -9.03
N TYR D 91 27.26 -34.06 -9.83
CA TYR D 91 26.79 -35.40 -9.51
C TYR D 91 27.89 -36.38 -9.87
N PHE D 92 28.53 -36.95 -8.85
CA PHE D 92 29.62 -37.90 -9.04
C PHE D 92 29.13 -39.29 -8.71
N ALA D 93 29.38 -40.25 -9.61
CA ALA D 93 28.94 -41.62 -9.42
C ALA D 93 30.04 -42.54 -9.91
N SER D 94 30.66 -43.28 -8.99
CA SER D 94 31.75 -44.18 -9.30
C SER D 94 31.40 -45.58 -8.82
N THR D 95 31.71 -46.58 -9.63
CA THR D 95 31.53 -47.98 -9.24
C THR D 95 32.90 -48.65 -9.21
N GLU D 96 33.18 -49.36 -8.12
CA GLU D 96 34.50 -49.96 -7.91
C GLU D 96 34.35 -51.34 -7.29
N LYS D 97 35.33 -52.20 -7.55
CA LYS D 97 35.41 -53.49 -6.87
C LYS D 97 36.33 -53.42 -5.67
N SER D 98 37.50 -52.80 -5.83
CA SER D 98 38.49 -52.69 -4.78
C SER D 98 38.64 -51.26 -4.26
N ASN D 99 37.68 -50.40 -4.55
CA ASN D 99 37.66 -49.02 -4.08
C ASN D 99 38.92 -48.26 -4.50
N ILE D 100 39.08 -48.13 -5.83
CA ILE D 100 40.19 -47.35 -6.36
C ILE D 100 40.01 -45.87 -6.03
N ILE D 101 38.78 -45.38 -6.09
CA ILE D 101 38.50 -44.00 -5.72
C ILE D 101 38.79 -43.81 -4.24
N ARG D 102 39.54 -42.75 -3.91
CA ARG D 102 39.99 -42.55 -2.55
C ARG D 102 39.80 -41.13 -2.02
N GLY D 103 39.37 -40.17 -2.83
CA GLY D 103 39.29 -38.82 -2.32
C GLY D 103 38.76 -37.84 -3.34
N TRP D 104 38.69 -36.58 -2.91
CA TRP D 104 38.20 -35.47 -3.71
C TRP D 104 39.00 -34.21 -3.40
N ILE D 105 38.94 -33.24 -4.31
CA ILE D 105 39.37 -31.86 -4.06
C ILE D 105 38.32 -30.91 -4.60
N PHE D 106 38.04 -29.85 -3.85
CA PHE D 106 37.04 -28.87 -4.24
C PHE D 106 37.61 -27.49 -3.92
N GLY D 107 38.25 -26.86 -4.90
CA GLY D 107 38.87 -25.58 -4.66
C GLY D 107 39.04 -24.80 -5.93
N THR D 108 38.99 -23.47 -5.81
CA THR D 108 39.13 -22.63 -7.00
C THR D 108 40.51 -22.79 -7.64
N THR D 109 41.55 -22.86 -6.81
CA THR D 109 42.92 -23.00 -7.28
C THR D 109 43.51 -24.39 -7.01
N LEU D 110 43.25 -24.93 -5.81
CA LEU D 110 43.62 -26.30 -5.44
C LEU D 110 45.09 -26.63 -5.71
N ASP D 111 45.94 -25.61 -5.75
CA ASP D 111 47.37 -25.81 -5.97
C ASP D 111 48.17 -24.95 -5.00
N SER D 112 47.74 -24.89 -3.75
CA SER D 112 48.34 -24.15 -2.65
C SER D 112 48.31 -22.64 -2.89
N LYS D 113 47.73 -22.17 -3.99
CA LYS D 113 47.63 -20.74 -4.23
C LYS D 113 46.72 -20.06 -3.21
N THR D 114 45.52 -20.63 -3.02
CA THR D 114 44.56 -20.17 -2.02
C THR D 114 43.98 -21.37 -1.31
N GLN D 115 43.14 -21.11 -0.31
CA GLN D 115 42.54 -22.19 0.46
C GLN D 115 41.57 -22.99 -0.40
N SER D 116 41.66 -24.31 -0.30
CA SER D 116 40.86 -25.21 -1.10
C SER D 116 40.40 -26.39 -0.26
N LEU D 117 39.15 -26.78 -0.41
CA LEU D 117 38.63 -27.92 0.32
C LEU D 117 39.33 -29.20 -0.12
N LEU D 118 39.64 -30.05 0.84
CA LEU D 118 40.29 -31.33 0.59
C LEU D 118 39.51 -32.43 1.28
N ILE D 119 39.12 -33.46 0.52
CA ILE D 119 38.50 -34.65 1.09
C ILE D 119 39.42 -35.83 0.78
N VAL D 120 39.90 -36.48 1.83
CA VAL D 120 40.74 -37.67 1.70
C VAL D 120 40.07 -38.78 2.49
N ASN D 121 39.86 -39.92 1.85
CA ASN D 121 39.15 -41.03 2.46
C ASN D 121 40.14 -42.15 2.74
N ASN D 122 40.22 -42.56 4.00
CA ASN D 122 41.04 -43.69 4.41
C ASN D 122 40.16 -44.68 5.14
N ALA D 123 40.59 -45.94 5.17
CA ALA D 123 39.84 -46.96 5.89
C ALA D 123 39.76 -46.64 7.38
N THR D 124 40.79 -45.96 7.91
CA THR D 124 40.77 -45.59 9.33
C THR D 124 39.68 -44.58 9.62
N ASN D 125 39.63 -43.49 8.86
CA ASN D 125 38.70 -42.40 9.11
C ASN D 125 38.49 -41.61 7.83
N VAL D 126 37.49 -40.73 7.86
CA VAL D 126 37.22 -39.79 6.77
C VAL D 126 37.87 -38.47 7.13
N VAL D 127 38.61 -37.90 6.18
CA VAL D 127 39.47 -36.75 6.45
C VAL D 127 39.04 -35.59 5.58
N ILE D 128 38.79 -34.44 6.20
CA ILE D 128 38.49 -33.19 5.51
C ILE D 128 39.35 -32.08 6.11
N LYS D 129 40.00 -31.31 5.25
CA LYS D 129 40.74 -30.13 5.68
C LYS D 129 40.44 -28.97 4.73
N VAL D 130 41.06 -27.83 5.04
CA VAL D 130 41.05 -26.67 4.16
C VAL D 130 42.45 -26.18 3.82
N CYS D 131 43.48 -26.76 4.44
CA CYS D 131 44.86 -26.33 4.23
C CYS D 131 45.25 -26.33 2.76
N GLU D 132 46.24 -25.51 2.44
CA GLU D 132 46.73 -25.36 1.08
C GLU D 132 47.82 -26.40 0.81
N PHE D 133 47.65 -27.16 -0.27
CA PHE D 133 48.64 -28.14 -0.68
C PHE D 133 49.01 -27.95 -2.15
N GLN D 134 50.26 -28.26 -2.46
CA GLN D 134 50.75 -28.21 -3.83
C GLN D 134 50.73 -29.64 -4.38
N PHE D 135 49.97 -29.86 -5.45
CA PHE D 135 49.84 -31.16 -6.09
C PHE D 135 50.25 -31.08 -7.54
N CYS D 136 50.87 -32.16 -8.03
CA CYS D 136 51.30 -32.23 -9.41
C CYS D 136 50.09 -32.40 -10.33
N ASN D 137 50.38 -32.53 -11.63
CA ASN D 137 49.31 -32.72 -12.61
C ASN D 137 48.58 -34.05 -12.38
N ASP D 138 49.34 -35.10 -12.04
CA ASP D 138 48.77 -36.44 -11.85
C ASP D 138 49.27 -36.99 -10.53
N PRO D 139 48.64 -36.60 -9.41
CA PRO D 139 49.06 -37.12 -8.11
C PRO D 139 48.53 -38.53 -7.88
N PHE D 140 49.45 -39.46 -7.64
CA PHE D 140 49.11 -40.87 -7.50
C PHE D 140 49.26 -41.30 -6.04
N LEU D 141 48.46 -42.29 -5.66
CA LEU D 141 48.47 -42.83 -4.31
C LEU D 141 48.93 -44.28 -4.34
N GLY D 142 49.93 -44.61 -3.53
CA GLY D 142 50.47 -45.95 -3.50
C GLY D 142 49.59 -46.93 -2.74
N VAL D 143 49.82 -48.22 -3.01
CA VAL D 143 49.08 -49.28 -2.34
C VAL D 143 49.97 -49.98 -1.33
N ASN D 165 47.25 -22.86 5.81
CA ASN D 165 46.63 -23.02 7.12
C ASN D 165 45.24 -23.62 7.00
N CYS D 166 44.86 -24.46 7.95
CA CYS D 166 43.55 -25.09 7.97
C CYS D 166 42.57 -24.20 8.71
N THR D 167 41.40 -23.98 8.10
CA THR D 167 40.31 -23.25 8.73
C THR D 167 39.23 -24.15 9.29
N PHE D 168 38.96 -25.27 8.62
CA PHE D 168 37.95 -26.23 9.06
C PHE D 168 38.51 -27.63 9.01
N GLU D 169 37.84 -28.54 9.71
CA GLU D 169 38.23 -29.94 9.72
C GLU D 169 37.02 -30.77 10.13
N TYR D 170 37.05 -32.06 9.77
CA TYR D 170 35.98 -32.97 10.10
C TYR D 170 36.50 -34.39 9.99
N VAL D 171 35.93 -35.27 10.81
CA VAL D 171 36.25 -36.70 10.78
C VAL D 171 34.96 -37.47 10.98
N SER D 172 34.74 -38.50 10.15
CA SER D 172 33.56 -39.34 10.28
C SER D 172 33.95 -40.81 10.38
N PHE D 186 31.51 -55.28 -10.70
CA PHE D 186 31.36 -54.02 -9.98
C PHE D 186 30.06 -54.01 -9.18
N LYS D 187 30.07 -54.71 -8.04
CA LYS D 187 28.87 -54.82 -7.23
C LYS D 187 28.44 -53.47 -6.67
N ASN D 188 29.39 -52.66 -6.22
CA ASN D 188 29.11 -51.43 -5.49
C ASN D 188 29.16 -50.24 -6.44
N LEU D 189 28.15 -49.37 -6.33
CA LEU D 189 28.13 -48.10 -7.04
C LEU D 189 27.91 -46.99 -6.02
N ARG D 190 28.86 -46.07 -5.92
CA ARG D 190 28.87 -45.05 -4.88
C ARG D 190 28.45 -43.72 -5.52
N GLU D 191 27.16 -43.41 -5.45
CA GLU D 191 26.64 -42.18 -6.03
C GLU D 191 26.78 -41.04 -5.04
N PHE D 192 27.19 -39.87 -5.53
CA PHE D 192 27.34 -38.68 -4.69
C PHE D 192 26.69 -37.49 -5.37
N VAL D 193 26.41 -36.47 -4.58
CA VAL D 193 25.94 -35.18 -5.08
C VAL D 193 26.60 -34.09 -4.24
N PHE D 194 27.41 -33.26 -4.87
CA PHE D 194 28.10 -32.17 -4.17
C PHE D 194 27.56 -30.84 -4.65
N LYS D 195 27.23 -29.95 -3.72
CA LYS D 195 26.74 -28.64 -4.08
C LYS D 195 27.06 -27.64 -2.99
N ASN D 196 27.12 -26.37 -3.37
CA ASN D 196 27.37 -25.28 -2.44
C ASN D 196 26.27 -24.25 -2.57
N ILE D 197 25.50 -24.06 -1.50
CA ILE D 197 24.47 -23.04 -1.45
C ILE D 197 24.49 -22.40 -0.07
N ASP D 198 24.41 -21.06 -0.04
CA ASP D 198 24.37 -20.29 1.19
C ASP D 198 25.57 -20.57 2.09
N GLY D 199 26.74 -20.80 1.49
CA GLY D 199 27.93 -21.05 2.25
C GLY D 199 28.03 -22.42 2.88
N TYR D 200 27.15 -23.35 2.52
CA TYR D 200 27.15 -24.69 3.06
C TYR D 200 27.58 -25.69 1.99
N PHE D 201 28.52 -26.56 2.33
CA PHE D 201 28.94 -27.64 1.46
C PHE D 201 28.11 -28.88 1.80
N LYS D 202 27.28 -29.31 0.88
CA LYS D 202 26.36 -30.42 1.09
C LYS D 202 26.84 -31.65 0.35
N ILE D 203 26.78 -32.80 1.01
CA ILE D 203 27.15 -34.08 0.43
C ILE D 203 25.98 -35.04 0.57
N TYR D 204 25.63 -35.70 -0.52
CA TYR D 204 24.62 -36.74 -0.50
C TYR D 204 25.27 -38.03 -1.01
N SER D 205 24.63 -39.16 -0.72
CA SER D 205 25.22 -40.43 -1.12
C SER D 205 24.16 -41.52 -1.20
N LYS D 206 24.55 -42.61 -1.84
CA LYS D 206 23.73 -43.82 -1.94
C LYS D 206 24.62 -44.95 -2.42
N HIS D 207 24.53 -46.10 -1.75
CA HIS D 207 25.43 -47.21 -2.05
C HIS D 207 24.67 -48.45 -2.48
N THR D 208 23.73 -48.29 -3.41
CA THR D 208 22.95 -49.43 -3.87
C THR D 208 23.84 -50.44 -4.59
N PRO D 209 23.58 -51.73 -4.45
CA PRO D 209 24.38 -52.73 -5.17
C PRO D 209 23.94 -52.83 -6.62
N ILE D 210 24.93 -52.87 -7.51
CA ILE D 210 24.68 -52.90 -8.95
C ILE D 210 25.30 -54.16 -9.52
N ASN D 211 24.50 -54.93 -10.25
CA ASN D 211 24.95 -56.15 -10.90
C ASN D 211 25.18 -55.97 -12.39
N LEU D 212 25.13 -54.73 -12.89
CA LEU D 212 25.39 -54.42 -14.29
C LEU D 212 26.74 -53.72 -14.36
N VAL D 213 27.72 -54.39 -14.97
CA VAL D 213 29.08 -53.87 -15.01
C VAL D 213 29.31 -52.90 -16.17
N ARG D 214 28.38 -52.82 -17.12
CA ARG D 214 28.58 -51.98 -18.29
C ARG D 214 28.31 -50.52 -17.98
N ASP D 215 27.08 -50.20 -17.58
CA ASP D 215 26.69 -48.83 -17.30
C ASP D 215 25.80 -48.79 -16.07
N LEU D 216 25.51 -47.58 -15.61
CA LEU D 216 24.60 -47.41 -14.48
C LEU D 216 23.21 -47.89 -14.85
N PRO D 217 22.53 -48.62 -13.98
CA PRO D 217 21.31 -49.32 -14.39
C PRO D 217 20.09 -48.41 -14.47
N GLN D 218 19.11 -48.87 -15.23
CA GLN D 218 17.81 -48.21 -15.25
C GLN D 218 17.11 -48.44 -13.92
N GLY D 219 16.61 -47.37 -13.33
CA GLY D 219 15.96 -47.45 -12.04
C GLY D 219 16.13 -46.14 -11.30
N PHE D 220 15.53 -46.09 -10.12
CA PHE D 220 15.50 -44.86 -9.34
C PHE D 220 15.93 -45.14 -7.91
N SER D 221 16.87 -44.34 -7.40
CA SER D 221 17.36 -44.49 -6.05
C SER D 221 17.74 -43.12 -5.51
N ALA D 222 16.99 -42.64 -4.53
CA ALA D 222 17.23 -41.33 -3.96
C ALA D 222 18.51 -41.32 -3.13
N LEU D 223 19.06 -40.13 -2.95
CA LEU D 223 20.31 -39.94 -2.22
C LEU D 223 20.04 -39.21 -0.91
N GLU D 224 20.51 -39.81 0.23
CA GLU D 224 20.37 -39.23 1.56
C GLU D 224 21.56 -38.33 1.88
N PRO D 225 21.33 -37.20 2.54
CA PRO D 225 22.44 -36.31 2.89
C PRO D 225 23.36 -36.94 3.92
N LEU D 226 24.63 -36.53 3.87
CA LEU D 226 25.64 -37.00 4.81
C LEU D 226 26.26 -35.88 5.63
N VAL D 227 26.71 -34.80 4.98
CA VAL D 227 27.49 -33.77 5.63
C VAL D 227 26.97 -32.40 5.17
N ASP D 228 26.90 -31.46 6.10
CA ASP D 228 26.51 -30.09 5.81
C ASP D 228 27.53 -29.12 6.39
N LEU D 229 28.81 -29.44 6.26
CA LEU D 229 29.84 -28.64 6.91
C LEU D 229 29.91 -27.26 6.28
N PRO D 230 29.90 -26.19 7.07
CA PRO D 230 30.00 -24.82 6.55
C PRO D 230 31.44 -24.42 6.21
N ILE D 231 31.90 -24.87 5.04
CA ILE D 231 33.27 -24.59 4.63
C ILE D 231 33.45 -23.11 4.34
N GLY D 232 32.54 -22.52 3.58
CA GLY D 232 32.61 -21.11 3.26
C GLY D 232 33.62 -20.75 2.19
N ILE D 233 34.27 -21.73 1.59
CA ILE D 233 35.24 -21.51 0.52
C ILE D 233 34.55 -21.76 -0.80
N ASN D 234 34.51 -20.75 -1.67
CA ASN D 234 33.85 -20.90 -2.95
C ASN D 234 34.60 -21.91 -3.82
N ILE D 235 33.86 -22.77 -4.50
CA ILE D 235 34.44 -23.87 -5.27
C ILE D 235 33.98 -23.72 -6.72
N THR D 236 34.95 -23.68 -7.64
CA THR D 236 34.67 -23.72 -9.06
C THR D 236 35.49 -24.76 -9.81
N ARG D 237 36.15 -25.68 -9.09
CA ARG D 237 36.98 -26.69 -9.73
C ARG D 237 36.92 -27.98 -8.92
N PHE D 238 37.23 -29.09 -9.59
CA PHE D 238 36.97 -30.43 -9.09
C PHE D 238 38.02 -31.41 -9.62
N GLN D 239 38.29 -32.45 -8.84
CA GLN D 239 39.23 -33.48 -9.27
C GLN D 239 39.03 -34.69 -8.34
N THR D 240 39.55 -35.83 -8.75
CA THR D 240 39.32 -37.09 -8.05
C THR D 240 40.65 -37.82 -7.80
N LEU D 241 40.71 -38.53 -6.68
CA LEU D 241 41.88 -39.32 -6.29
C LEU D 241 41.73 -40.78 -6.69
N LEU D 242 42.85 -41.39 -7.08
CA LEU D 242 42.93 -42.81 -7.36
C LEU D 242 44.11 -43.41 -6.61
N ALA D 243 44.11 -44.74 -6.50
CA ALA D 243 45.21 -45.47 -5.88
C ALA D 243 45.97 -46.27 -6.94
N LEU D 244 47.28 -46.37 -6.76
CA LEU D 244 48.14 -47.07 -7.69
C LEU D 244 48.95 -48.14 -6.94
N HIS D 245 49.06 -49.32 -7.55
CA HIS D 245 49.80 -50.41 -6.97
C HIS D 245 51.30 -50.30 -7.28
N ALA D 263 37.35 -49.61 -13.21
CA ALA D 263 37.59 -48.48 -12.30
C ALA D 263 37.05 -47.19 -12.89
N ALA D 264 35.92 -47.29 -13.59
CA ALA D 264 35.31 -46.13 -14.23
C ALA D 264 34.54 -45.30 -13.21
N TYR D 265 34.27 -44.05 -13.59
CA TYR D 265 33.42 -43.18 -12.79
C TYR D 265 32.73 -42.18 -13.70
N TYR D 266 31.62 -41.66 -13.22
CA TYR D 266 30.75 -40.80 -14.00
C TYR D 266 30.68 -39.43 -13.35
N VAL D 267 30.52 -38.39 -14.16
CA VAL D 267 30.36 -37.03 -13.65
C VAL D 267 29.20 -36.37 -14.37
N GLY D 268 28.19 -35.94 -13.60
CA GLY D 268 27.11 -35.14 -14.13
C GLY D 268 27.27 -33.70 -13.66
N TYR D 269 26.35 -32.85 -14.13
CA TYR D 269 26.32 -31.46 -13.72
C TYR D 269 24.89 -31.08 -13.38
N LEU D 270 24.72 -30.40 -12.26
CA LEU D 270 23.41 -30.00 -11.77
C LEU D 270 23.04 -28.64 -12.33
N GLN D 271 21.73 -28.41 -12.49
CA GLN D 271 21.25 -27.11 -12.93
C GLN D 271 19.81 -26.96 -12.49
N PRO D 272 19.33 -25.73 -12.27
CA PRO D 272 18.00 -25.55 -11.69
C PRO D 272 16.90 -26.11 -12.56
N ARG D 273 16.25 -27.16 -12.08
CA ARG D 273 15.19 -27.84 -12.82
C ARG D 273 14.11 -28.27 -11.84
N THR D 274 12.88 -27.86 -12.10
CA THR D 274 11.78 -28.21 -11.22
C THR D 274 11.50 -29.71 -11.29
N PHE D 275 11.32 -30.33 -10.13
CA PHE D 275 11.04 -31.75 -10.05
C PHE D 275 9.72 -31.97 -9.31
N LEU D 276 9.21 -33.19 -9.40
CA LEU D 276 8.01 -33.58 -8.66
C LEU D 276 8.37 -34.86 -7.91
N LEU D 277 8.76 -34.72 -6.65
CA LEU D 277 9.24 -35.83 -5.86
C LEU D 277 8.06 -36.58 -5.25
N LYS D 278 8.04 -37.89 -5.44
CA LYS D 278 6.99 -38.74 -4.88
C LYS D 278 7.52 -39.40 -3.61
N TYR D 279 6.88 -39.12 -2.49
CA TYR D 279 7.32 -39.59 -1.19
C TYR D 279 6.54 -40.83 -0.79
N ASN D 280 7.24 -41.85 -0.33
CA ASN D 280 6.61 -43.08 0.13
C ASN D 280 5.83 -42.83 1.41
N GLU D 281 5.12 -43.87 1.86
CA GLU D 281 4.43 -43.76 3.14
C GLU D 281 5.40 -43.70 4.30
N ASN D 282 6.60 -44.25 4.15
CA ASN D 282 7.63 -44.17 5.17
C ASN D 282 8.55 -42.98 5.00
N GLY D 283 8.35 -42.15 3.98
CA GLY D 283 9.12 -40.95 3.79
C GLY D 283 10.24 -41.04 2.78
N THR D 284 10.40 -42.17 2.11
CA THR D 284 11.43 -42.30 1.07
C THR D 284 10.89 -41.83 -0.26
N ILE D 285 11.80 -41.37 -1.12
CA ILE D 285 11.45 -40.96 -2.47
C ILE D 285 11.53 -42.18 -3.37
N THR D 286 10.38 -42.67 -3.81
CA THR D 286 10.36 -43.85 -4.68
C THR D 286 10.38 -43.51 -6.15
N ASP D 287 9.98 -42.30 -6.52
CA ASP D 287 9.92 -41.93 -7.93
C ASP D 287 9.95 -40.41 -8.03
N ALA D 288 10.29 -39.92 -9.22
CA ALA D 288 10.30 -38.49 -9.47
C ALA D 288 10.17 -38.26 -10.97
N VAL D 289 9.46 -37.19 -11.34
CA VAL D 289 9.29 -36.83 -12.74
C VAL D 289 9.78 -35.40 -12.92
N ASP D 290 10.54 -35.18 -13.98
CA ASP D 290 11.03 -33.85 -14.28
C ASP D 290 9.87 -32.97 -14.74
N CYS D 291 10.10 -31.66 -14.72
CA CYS D 291 9.08 -30.70 -15.16
C CYS D 291 9.47 -30.00 -16.45
N ALA D 292 10.56 -30.41 -17.08
CA ALA D 292 10.95 -29.82 -18.35
C ALA D 292 11.46 -30.86 -19.33
N LEU D 293 11.34 -32.15 -19.02
CA LEU D 293 11.89 -33.17 -19.91
C LEU D 293 11.09 -33.28 -21.20
N ASP D 294 9.77 -33.34 -21.08
CA ASP D 294 8.92 -33.53 -22.26
C ASP D 294 7.51 -33.10 -21.90
N PRO D 295 6.64 -32.91 -22.90
CA PRO D 295 5.27 -32.45 -22.59
C PRO D 295 4.51 -33.35 -21.65
N LEU D 296 4.71 -34.66 -21.71
CA LEU D 296 4.05 -35.52 -20.73
C LEU D 296 4.51 -35.19 -19.32
N SER D 297 5.80 -34.92 -19.14
CA SER D 297 6.31 -34.57 -17.83
C SER D 297 5.78 -33.22 -17.37
N GLU D 298 5.67 -32.25 -18.28
CA GLU D 298 5.06 -30.98 -17.90
C GLU D 298 3.61 -31.17 -17.48
N THR D 299 2.87 -32.02 -18.19
CA THR D 299 1.50 -32.32 -17.80
C THR D 299 1.44 -32.92 -16.41
N LYS D 300 2.33 -33.88 -16.13
CA LYS D 300 2.37 -34.50 -14.80
C LYS D 300 2.65 -33.45 -13.74
N CYS D 301 3.62 -32.56 -14.00
CA CYS D 301 3.99 -31.57 -13.01
C CYS D 301 2.85 -30.60 -12.75
N THR D 302 2.16 -30.15 -13.80
CA THR D 302 1.05 -29.23 -13.60
C THR D 302 -0.10 -29.89 -12.86
N LEU D 303 -0.41 -31.15 -13.20
CA LEU D 303 -1.47 -31.87 -12.50
C LEU D 303 -1.06 -32.31 -11.11
N LYS D 304 0.22 -32.24 -10.76
CA LYS D 304 0.71 -32.75 -9.47
C LYS D 304 0.35 -34.20 -9.29
N SER D 305 0.45 -34.98 -10.37
CA SER D 305 0.08 -36.38 -10.37
C SER D 305 1.01 -37.15 -11.27
N PHE D 306 1.30 -38.40 -10.88
CA PHE D 306 2.12 -39.27 -11.71
C PHE D 306 1.31 -40.02 -12.75
N THR D 307 -0.01 -40.03 -12.63
CA THR D 307 -0.88 -40.62 -13.63
C THR D 307 -1.76 -39.51 -14.21
N VAL D 308 -1.86 -39.47 -15.52
CA VAL D 308 -2.55 -38.40 -16.23
C VAL D 308 -3.72 -39.02 -16.98
N GLU D 309 -4.93 -38.55 -16.67
CA GLU D 309 -6.12 -39.10 -17.30
C GLU D 309 -6.24 -38.60 -18.73
N LYS D 310 -7.00 -39.35 -19.53
CA LYS D 310 -7.21 -39.00 -20.93
C LYS D 310 -7.85 -37.63 -21.05
N GLY D 311 -7.29 -36.79 -21.89
CA GLY D 311 -7.83 -35.46 -22.11
C GLY D 311 -6.75 -34.52 -22.58
N ILE D 312 -7.13 -33.26 -22.73
CA ILE D 312 -6.23 -32.19 -23.17
C ILE D 312 -5.97 -31.29 -21.97
N TYR D 313 -4.70 -31.09 -21.66
CA TYR D 313 -4.28 -30.38 -20.45
C TYR D 313 -3.37 -29.23 -20.84
N GLN D 314 -3.65 -28.05 -20.32
CA GLN D 314 -2.79 -26.90 -20.56
C GLN D 314 -1.66 -26.90 -19.56
N THR D 315 -0.43 -26.77 -20.05
CA THR D 315 0.75 -26.86 -19.21
C THR D 315 1.53 -25.56 -19.10
N SER D 316 1.90 -24.95 -20.22
CA SER D 316 2.71 -23.75 -20.19
C SER D 316 2.13 -22.75 -21.17
N ASN D 317 2.84 -21.65 -21.38
CA ASN D 317 2.41 -20.61 -22.30
C ASN D 317 3.50 -20.35 -23.33
N PHE D 318 3.16 -20.50 -24.59
CA PHE D 318 4.08 -20.19 -25.67
C PHE D 318 4.36 -18.69 -25.70
N ARG D 319 5.54 -18.33 -26.17
CA ARG D 319 5.93 -16.92 -26.17
C ARG D 319 7.11 -16.77 -27.13
N VAL D 320 6.93 -15.93 -28.14
CA VAL D 320 7.96 -15.71 -29.15
C VAL D 320 8.81 -14.53 -28.72
N GLN D 321 10.09 -14.79 -28.45
CA GLN D 321 10.97 -13.74 -28.01
C GLN D 321 11.41 -12.87 -29.18
N PRO D 322 11.66 -11.58 -28.94
CA PRO D 322 12.13 -10.70 -30.01
C PRO D 322 13.47 -11.18 -30.56
N THR D 323 13.60 -11.17 -31.88
CA THR D 323 14.84 -11.63 -32.50
C THR D 323 15.96 -10.62 -32.29
N GLU D 324 15.68 -9.34 -32.47
CA GLU D 324 16.70 -8.31 -32.34
C GLU D 324 16.01 -6.98 -31.98
N SER D 325 16.78 -5.91 -31.95
CA SER D 325 16.28 -4.59 -31.60
C SER D 325 16.59 -3.63 -32.73
N ILE D 326 15.59 -2.82 -33.10
CA ILE D 326 15.75 -1.80 -34.13
C ILE D 326 15.36 -0.45 -33.55
N VAL D 327 16.17 0.57 -33.82
CA VAL D 327 15.87 1.94 -33.43
C VAL D 327 15.96 2.78 -34.70
N ARG D 328 14.82 3.34 -35.12
CA ARG D 328 14.78 4.18 -36.31
C ARG D 328 14.32 5.57 -35.93
N PHE D 329 15.09 6.56 -36.33
CA PHE D 329 14.90 7.96 -35.98
C PHE D 329 14.94 8.80 -37.24
N PRO D 330 14.34 10.00 -37.22
CA PRO D 330 14.33 10.83 -38.42
C PRO D 330 15.72 11.22 -38.86
N ASN D 331 15.86 11.49 -40.16
CA ASN D 331 17.16 11.75 -40.75
C ASN D 331 17.77 13.01 -40.15
N ILE D 332 19.08 13.19 -40.43
CA ILE D 332 19.84 14.27 -39.80
C ILE D 332 19.29 15.64 -40.22
N THR D 333 18.97 15.80 -41.51
CA THR D 333 18.43 17.05 -42.06
C THR D 333 19.43 18.17 -41.76
N ASN D 334 19.06 19.18 -40.98
CA ASN D 334 19.98 20.28 -40.69
C ASN D 334 21.13 19.81 -39.82
N LEU D 335 22.34 20.28 -40.15
CA LEU D 335 23.54 19.99 -39.39
C LEU D 335 24.14 21.29 -38.88
N CYS D 336 24.72 21.24 -37.68
CA CYS D 336 25.28 22.44 -37.07
C CYS D 336 26.47 22.96 -37.89
N PRO D 337 26.66 24.28 -37.94
CA PRO D 337 27.79 24.85 -38.67
C PRO D 337 29.08 24.81 -37.87
N PHE D 338 29.12 23.97 -36.85
CA PHE D 338 30.27 23.90 -35.94
C PHE D 338 31.53 23.46 -36.68
N GLY D 339 31.40 22.49 -37.58
CA GLY D 339 32.54 22.09 -38.39
C GLY D 339 33.03 23.22 -39.29
N GLU D 340 32.10 24.02 -39.80
CA GLU D 340 32.49 25.21 -40.57
C GLU D 340 33.21 26.23 -39.70
N VAL D 341 32.77 26.39 -38.45
CA VAL D 341 33.44 27.31 -37.53
C VAL D 341 34.87 26.88 -37.29
N PHE D 342 35.08 25.58 -37.05
CA PHE D 342 36.46 25.08 -36.93
C PHE D 342 37.24 25.26 -38.23
N ASN D 343 36.61 25.02 -39.37
CA ASN D 343 37.28 25.15 -40.65
C ASN D 343 37.17 26.57 -41.22
N ALA D 344 36.62 27.51 -40.45
CA ALA D 344 36.60 28.91 -40.87
C ALA D 344 38.01 29.49 -40.86
N THR D 345 38.31 30.27 -41.91
CA THR D 345 39.63 30.87 -42.02
C THR D 345 39.86 31.93 -40.93
N ARG D 346 38.85 32.77 -40.69
CA ARG D 346 39.00 33.86 -39.74
C ARG D 346 38.74 33.39 -38.32
N PHE D 347 39.66 33.68 -37.42
CA PHE D 347 39.53 33.35 -36.00
C PHE D 347 39.74 34.61 -35.18
N ALA D 348 38.87 34.83 -34.21
CA ALA D 348 38.97 36.02 -33.37
C ALA D 348 40.17 35.92 -32.44
N SER D 349 40.61 37.07 -31.94
CA SER D 349 41.72 37.11 -31.01
C SER D 349 41.26 36.63 -29.63
N VAL D 350 42.24 36.39 -28.76
CA VAL D 350 41.92 35.87 -27.42
C VAL D 350 41.15 36.88 -26.60
N TYR D 351 41.52 38.17 -26.69
CA TYR D 351 40.82 39.18 -25.90
C TYR D 351 39.41 39.41 -26.43
N ALA D 352 39.27 39.56 -27.74
CA ALA D 352 37.96 39.73 -28.37
C ALA D 352 37.48 38.40 -28.95
N TRP D 353 37.36 37.40 -28.07
CA TRP D 353 36.96 36.07 -28.50
C TRP D 353 35.52 36.08 -29.01
N ASN D 354 35.32 35.47 -30.18
CA ASN D 354 34.00 35.43 -30.78
C ASN D 354 33.05 34.54 -29.97
N ARG D 355 31.78 34.96 -29.90
CA ARG D 355 30.74 34.21 -29.20
C ARG D 355 29.64 33.89 -30.20
N LYS D 356 29.49 32.60 -30.52
CA LYS D 356 28.48 32.14 -31.47
C LYS D 356 27.48 31.27 -30.75
N ARG D 357 26.20 31.58 -30.90
CA ARG D 357 25.12 30.82 -30.27
C ARG D 357 24.62 29.77 -31.25
N ILE D 358 24.79 28.50 -30.90
CA ILE D 358 24.40 27.38 -31.74
C ILE D 358 23.06 26.86 -31.26
N SER D 359 22.07 26.84 -32.16
CA SER D 359 20.74 26.38 -31.81
C SER D 359 20.07 25.79 -33.05
N ASN D 360 19.13 24.87 -32.79
CA ASN D 360 18.30 24.27 -33.83
C ASN D 360 19.13 23.54 -34.90
N CYS D 361 19.98 22.62 -34.44
CA CYS D 361 20.74 21.76 -35.34
C CYS D 361 21.31 20.61 -34.53
N VAL D 362 22.14 19.80 -35.18
CA VAL D 362 22.77 18.64 -34.55
C VAL D 362 24.26 18.69 -34.84
N ALA D 363 25.07 18.37 -33.84
CA ALA D 363 26.52 18.36 -33.96
C ALA D 363 27.05 16.94 -33.80
N ASP D 364 28.00 16.57 -34.65
CA ASP D 364 28.58 15.23 -34.64
C ASP D 364 29.79 15.21 -33.70
N TYR D 365 29.50 15.04 -32.41
CA TYR D 365 30.58 14.99 -31.43
C TYR D 365 31.41 13.71 -31.58
N SER D 366 30.78 12.62 -32.02
CA SER D 366 31.53 11.40 -32.30
C SER D 366 32.58 11.64 -33.38
N VAL D 367 32.17 12.26 -34.48
CA VAL D 367 33.11 12.58 -35.56
C VAL D 367 34.15 13.59 -35.07
N LEU D 368 33.71 14.55 -34.26
CA LEU D 368 34.62 15.56 -33.74
C LEU D 368 35.73 14.94 -32.91
N TYR D 369 35.38 14.01 -32.03
CA TYR D 369 36.39 13.31 -31.23
C TYR D 369 37.21 12.35 -32.09
N ASN D 370 36.59 11.73 -33.11
CA ASN D 370 37.32 10.85 -34.00
C ASN D 370 38.33 11.59 -34.85
N SER D 371 38.16 12.89 -35.04
CA SER D 371 39.13 13.69 -35.79
C SER D 371 40.48 13.66 -35.08
N ALA D 372 41.53 13.36 -35.83
CA ALA D 372 42.88 13.24 -35.29
C ALA D 372 43.68 14.53 -35.43
N SER D 373 43.09 15.58 -35.99
CA SER D 373 43.83 16.84 -36.18
C SER D 373 44.01 17.57 -34.86
N PHE D 374 43.19 17.28 -33.86
CA PHE D 374 43.23 18.00 -32.59
C PHE D 374 44.34 17.44 -31.71
N SER D 375 45.30 18.29 -31.36
CA SER D 375 46.35 17.86 -30.44
C SER D 375 45.82 17.70 -29.02
N THR D 376 44.98 18.63 -28.58
CA THR D 376 44.42 18.60 -27.23
C THR D 376 42.90 18.55 -27.32
N PHE D 377 42.30 17.50 -26.76
CA PHE D 377 40.85 17.32 -26.70
C PHE D 377 40.51 16.91 -25.27
N LYS D 378 40.21 17.90 -24.43
CA LYS D 378 39.92 17.66 -23.03
C LYS D 378 38.45 17.99 -22.76
N CYS D 379 37.75 17.03 -22.16
CA CYS D 379 36.35 17.19 -21.80
C CYS D 379 36.22 17.13 -20.28
N TYR D 380 35.48 18.09 -19.72
CA TYR D 380 35.34 18.21 -18.27
C TYR D 380 33.92 17.96 -17.79
N GLY D 381 32.91 18.40 -18.54
CA GLY D 381 31.53 18.17 -18.15
C GLY D 381 31.04 16.78 -18.49
N VAL D 382 31.08 16.43 -19.78
CA VAL D 382 30.63 15.14 -20.26
C VAL D 382 31.75 14.51 -21.09
N SER D 383 31.99 13.22 -20.88
CA SER D 383 32.99 12.52 -21.67
C SER D 383 32.58 12.53 -23.15
N PRO D 384 33.54 12.64 -24.07
CA PRO D 384 33.17 12.69 -25.50
C PRO D 384 32.45 11.44 -25.98
N THR D 385 32.68 10.29 -25.34
CA THR D 385 31.97 9.09 -25.75
C THR D 385 30.48 9.20 -25.50
N LYS D 386 30.09 9.75 -24.34
CA LYS D 386 28.69 9.91 -23.98
C LYS D 386 28.13 11.27 -24.37
N LEU D 387 28.93 12.14 -24.97
CA LEU D 387 28.45 13.47 -25.33
C LEU D 387 27.31 13.39 -26.35
N ASN D 388 27.41 12.46 -27.30
CA ASN D 388 26.34 12.30 -28.29
C ASN D 388 25.04 11.88 -27.62
N ASP D 389 25.11 10.96 -26.66
CA ASP D 389 23.91 10.55 -25.94
C ASP D 389 23.35 11.70 -25.10
N LEU D 390 24.23 12.46 -24.45
CA LEU D 390 23.78 13.60 -23.65
C LEU D 390 23.16 14.67 -24.54
N CYS D 391 22.04 15.22 -24.08
CA CYS D 391 21.25 16.18 -24.85
C CYS D 391 21.15 17.49 -24.08
N PHE D 392 21.52 18.58 -24.72
CA PHE D 392 21.48 19.90 -24.12
C PHE D 392 20.53 20.79 -24.93
N THR D 393 20.45 22.07 -24.54
CA THR D 393 19.56 23.02 -25.17
C THR D 393 20.24 24.24 -25.75
N ASN D 394 21.46 24.58 -25.30
CA ASN D 394 22.17 25.74 -25.82
C ASN D 394 23.66 25.46 -25.78
N VAL D 395 24.34 25.79 -26.88
CA VAL D 395 25.76 25.55 -27.02
C VAL D 395 26.43 26.84 -27.47
N TYR D 396 27.50 27.22 -26.77
CA TYR D 396 28.25 28.44 -27.08
C TYR D 396 29.67 28.06 -27.48
N ALA D 397 30.14 28.63 -28.59
CA ALA D 397 31.47 28.36 -29.11
C ALA D 397 32.30 29.62 -29.01
N ASP D 398 33.44 29.53 -28.31
CA ASP D 398 34.37 30.64 -28.16
C ASP D 398 35.60 30.34 -29.00
N SER D 399 35.76 31.08 -30.10
CA SER D 399 36.86 30.87 -31.03
C SER D 399 37.93 31.92 -30.79
N PHE D 400 39.16 31.47 -30.53
CA PHE D 400 40.27 32.36 -30.28
C PHE D 400 41.57 31.64 -30.56
N VAL D 401 42.65 32.41 -30.70
CA VAL D 401 43.98 31.90 -30.96
C VAL D 401 44.88 32.31 -29.81
N ILE D 402 45.58 31.34 -29.22
CA ILE D 402 46.46 31.59 -28.08
C ILE D 402 47.80 30.89 -28.34
N ARG D 403 48.80 31.30 -27.58
CA ARG D 403 50.08 30.61 -27.57
C ARG D 403 49.90 29.20 -27.01
N GLY D 404 50.69 28.26 -27.54
CA GLY D 404 50.54 26.87 -27.16
C GLY D 404 50.77 26.61 -25.68
N ASP D 405 51.66 27.39 -25.05
CA ASP D 405 51.92 27.21 -23.63
C ASP D 405 50.75 27.63 -22.76
N GLU D 406 49.80 28.37 -23.31
CA GLU D 406 48.63 28.82 -22.56
C GLU D 406 47.44 27.87 -22.68
N VAL D 407 47.60 26.76 -23.41
CA VAL D 407 46.52 25.78 -23.50
C VAL D 407 46.22 25.19 -22.13
N ARG D 408 47.26 24.91 -21.35
CA ARG D 408 47.07 24.43 -19.99
C ARG D 408 46.36 25.47 -19.14
N GLN D 409 46.69 26.75 -19.35
CA GLN D 409 46.02 27.82 -18.61
C GLN D 409 44.55 27.93 -18.98
N ILE D 410 44.21 27.65 -20.24
CA ILE D 410 42.81 27.65 -20.66
C ILE D 410 42.16 26.36 -20.17
N ALA D 411 41.50 26.43 -19.02
CA ALA D 411 40.88 25.27 -18.37
C ALA D 411 40.00 25.74 -17.22
N PRO D 412 38.97 24.97 -16.87
CA PRO D 412 38.16 25.35 -15.69
C PRO D 412 39.00 25.32 -14.43
N GLY D 413 38.75 26.30 -13.56
CA GLY D 413 39.50 26.40 -12.31
C GLY D 413 40.98 26.59 -12.51
N GLN D 414 41.39 27.41 -13.47
CA GLN D 414 42.78 27.65 -13.78
C GLN D 414 43.09 29.14 -13.69
N THR D 415 44.30 29.45 -13.25
CA THR D 415 44.73 30.84 -13.06
C THR D 415 45.87 31.16 -14.00
N GLY D 416 45.92 32.41 -14.44
CA GLY D 416 46.95 32.87 -15.33
C GLY D 416 46.52 34.13 -16.05
N LYS D 417 47.46 34.69 -16.81
CA LYS D 417 47.17 35.89 -17.57
C LYS D 417 46.03 35.66 -18.55
N ILE D 418 46.16 34.63 -19.39
CA ILE D 418 45.11 34.31 -20.34
C ILE D 418 43.89 33.75 -19.61
N ALA D 419 44.12 32.94 -18.57
CA ALA D 419 43.02 32.29 -17.87
C ALA D 419 42.15 33.27 -17.11
N ASP D 420 42.62 34.49 -16.84
CA ASP D 420 41.86 35.44 -16.04
C ASP D 420 41.56 36.73 -16.79
N TYR D 421 42.56 37.33 -17.44
CA TYR D 421 42.43 38.70 -17.90
C TYR D 421 41.56 38.83 -19.15
N ASN D 422 41.51 37.79 -19.98
CA ASN D 422 40.72 37.88 -21.21
C ASN D 422 39.84 36.67 -21.48
N TYR D 423 40.01 35.55 -20.78
CA TYR D 423 39.16 34.38 -20.98
C TYR D 423 39.12 33.60 -19.67
N LYS D 424 38.05 33.79 -18.90
CA LYS D 424 37.89 33.14 -17.61
C LYS D 424 36.76 32.13 -17.68
N LEU D 425 36.96 30.98 -17.02
CA LEU D 425 36.00 29.89 -17.04
C LEU D 425 35.43 29.64 -15.65
N PRO D 426 34.20 29.17 -15.54
CA PRO D 426 33.61 28.90 -14.23
C PRO D 426 34.27 27.71 -13.56
N ASP D 427 34.19 27.70 -12.22
CA ASP D 427 34.70 26.57 -11.46
C ASP D 427 33.95 25.29 -11.82
N ASP D 428 32.63 25.37 -11.92
CA ASP D 428 31.82 24.27 -12.42
C ASP D 428 31.69 24.41 -13.93
N PHE D 429 32.12 23.39 -14.67
CA PHE D 429 32.22 23.46 -16.12
C PHE D 429 31.53 22.27 -16.75
N THR D 430 30.74 22.54 -17.80
CA THR D 430 30.03 21.51 -18.55
C THR D 430 30.36 21.73 -20.02
N GLY D 431 31.45 21.10 -20.47
CA GLY D 431 31.86 21.26 -21.85
C GLY D 431 33.19 20.58 -22.10
N CYS D 432 33.77 20.90 -23.26
CA CYS D 432 35.05 20.33 -23.67
C CYS D 432 35.95 21.45 -24.17
N VAL D 433 37.26 21.21 -24.10
CA VAL D 433 38.27 22.13 -24.61
C VAL D 433 39.02 21.44 -25.74
N ILE D 434 39.05 22.09 -26.90
CA ILE D 434 39.66 21.52 -28.11
C ILE D 434 40.79 22.42 -28.54
N ALA D 435 41.96 21.83 -28.76
CA ALA D 435 43.13 22.58 -29.20
C ALA D 435 43.89 21.75 -30.24
N TRP D 436 44.55 22.45 -31.16
CA TRP D 436 45.34 21.78 -32.18
C TRP D 436 46.42 22.74 -32.67
N ASN D 437 47.45 22.16 -33.29
CA ASN D 437 48.55 22.95 -33.83
C ASN D 437 48.07 23.78 -35.01
N SER D 438 48.59 25.02 -35.08
CA SER D 438 48.21 25.94 -36.15
C SER D 438 49.41 26.71 -36.68
N ASN D 439 50.61 26.12 -36.59
CA ASN D 439 51.80 26.83 -37.00
C ASN D 439 51.79 27.15 -38.50
N ASN D 440 51.33 26.20 -39.32
CA ASN D 440 51.30 26.41 -40.75
C ASN D 440 50.10 27.24 -41.20
N LEU D 441 49.08 27.40 -40.35
CA LEU D 441 47.85 28.06 -40.76
C LEU D 441 47.96 29.58 -40.64
N ASP D 442 48.17 30.08 -39.43
CA ASP D 442 48.16 31.52 -39.18
C ASP D 442 49.56 32.12 -39.02
N SER D 443 50.49 31.39 -38.42
CA SER D 443 51.83 31.91 -38.24
C SER D 443 52.52 32.13 -39.57
N LYS D 444 53.17 33.27 -39.72
CA LYS D 444 53.81 33.66 -40.97
C LYS D 444 55.23 34.11 -40.70
N VAL D 445 55.97 34.34 -41.79
CA VAL D 445 57.35 34.83 -41.66
C VAL D 445 57.37 36.19 -40.97
N GLY D 446 56.47 37.08 -41.36
CA GLY D 446 56.35 38.36 -40.69
C GLY D 446 55.66 38.23 -39.35
N GLY D 447 55.76 39.29 -38.55
CA GLY D 447 55.13 39.33 -37.25
C GLY D 447 53.62 39.24 -37.32
N ASN D 448 53.04 38.34 -36.54
CA ASN D 448 51.58 38.17 -36.51
C ASN D 448 51.01 39.08 -35.42
N TYR D 449 50.75 40.32 -35.79
CA TYR D 449 50.21 41.32 -34.88
C TYR D 449 48.69 41.36 -34.88
N ASN D 450 48.04 40.56 -35.73
CA ASN D 450 46.59 40.55 -35.81
C ASN D 450 45.95 40.04 -34.52
N TYR D 451 46.67 39.26 -33.72
CA TYR D 451 46.16 38.72 -32.47
C TYR D 451 46.76 39.50 -31.31
N LEU D 452 45.90 39.94 -30.40
CA LEU D 452 46.32 40.72 -29.24
C LEU D 452 45.84 40.04 -27.97
N TYR D 453 46.54 40.29 -26.86
CA TYR D 453 46.21 39.71 -25.57
C TYR D 453 46.14 40.81 -24.52
N ARG D 454 45.28 40.59 -23.52
CA ARG D 454 45.09 41.56 -22.43
C ARG D 454 46.24 41.40 -21.44
N LEU D 455 47.35 42.07 -21.76
CA LEU D 455 48.55 41.97 -20.93
C LEU D 455 48.32 42.60 -19.56
N PHE D 456 47.64 43.74 -19.50
CA PHE D 456 47.43 44.48 -18.27
C PHE D 456 45.95 44.55 -17.96
N ARG D 457 45.58 44.26 -16.71
CA ARG D 457 44.21 44.41 -16.25
C ARG D 457 44.21 44.66 -14.75
N LYS D 458 43.26 45.48 -14.31
CA LYS D 458 43.20 45.86 -12.90
C LYS D 458 42.72 44.71 -12.02
N SER D 459 41.80 43.90 -12.53
CA SER D 459 41.24 42.80 -11.74
C SER D 459 40.83 41.67 -12.67
N ASN D 460 40.62 40.50 -12.07
CA ASN D 460 40.22 39.33 -12.81
C ASN D 460 38.81 39.49 -13.36
N LEU D 461 38.55 38.83 -14.49
CA LEU D 461 37.26 38.87 -15.15
C LEU D 461 36.36 37.75 -14.65
N LYS D 462 35.06 38.00 -14.70
CA LYS D 462 34.08 36.97 -14.38
C LYS D 462 34.06 35.92 -15.50
N PRO D 463 33.63 34.69 -15.18
CA PRO D 463 33.58 33.66 -16.22
C PRO D 463 32.63 34.06 -17.35
N PHE D 464 33.02 33.68 -18.57
CA PHE D 464 32.24 33.96 -19.78
C PHE D 464 31.96 35.44 -19.94
N GLU D 465 32.97 36.27 -19.66
CA GLU D 465 32.88 37.71 -19.83
C GLU D 465 34.02 38.19 -20.72
N ARG D 466 33.70 39.03 -21.70
CA ARG D 466 34.69 39.56 -22.63
C ARG D 466 34.80 41.07 -22.46
N ASP D 467 36.02 41.57 -22.56
CA ASP D 467 36.32 43.00 -22.47
C ASP D 467 36.89 43.43 -23.82
N ILE D 468 35.99 43.79 -24.74
CA ILE D 468 36.41 44.23 -26.08
C ILE D 468 36.87 45.67 -26.09
N SER D 469 36.65 46.41 -25.00
CA SER D 469 37.05 47.81 -24.93
C SER D 469 38.58 47.94 -24.97
N THR D 470 39.09 48.54 -26.05
CA THR D 470 40.53 48.78 -26.19
C THR D 470 40.92 50.10 -25.49
N GLU D 471 40.69 50.12 -24.18
CA GLU D 471 40.96 51.31 -23.38
C GLU D 471 42.44 51.66 -23.43
N ILE D 472 42.73 52.95 -23.45
CA ILE D 472 44.06 53.42 -23.86
C ILE D 472 45.12 53.07 -22.81
N TYR D 473 44.79 53.21 -21.52
CA TYR D 473 45.78 53.00 -20.47
C TYR D 473 45.11 52.33 -19.28
N GLN D 474 45.53 51.09 -19.00
CA GLN D 474 44.85 50.26 -18.01
C GLN D 474 44.86 50.90 -16.63
N ALA D 475 46.03 51.34 -16.17
CA ALA D 475 46.14 51.86 -14.81
C ALA D 475 45.32 53.13 -14.62
N GLY D 476 45.41 54.06 -15.57
CA GLY D 476 44.63 55.29 -15.49
C GLY D 476 44.94 56.13 -14.28
N SER D 477 46.22 56.25 -13.92
CA SER D 477 46.59 57.06 -12.76
C SER D 477 46.26 58.53 -12.99
N THR D 478 46.51 59.04 -14.20
CA THR D 478 46.22 60.41 -14.55
C THR D 478 45.34 60.41 -15.80
N PRO D 479 44.18 61.07 -15.76
CA PRO D 479 43.28 61.08 -16.91
C PRO D 479 43.72 61.97 -18.07
N CYS D 480 44.92 62.55 -18.00
CA CYS D 480 45.40 63.38 -19.10
C CYS D 480 45.70 62.56 -20.35
N ASN D 481 45.85 61.25 -20.22
CA ASN D 481 46.10 60.35 -21.34
C ASN D 481 47.40 60.73 -22.07
N GLY D 482 48.50 60.70 -21.31
CA GLY D 482 49.79 61.04 -21.89
C GLY D 482 50.32 59.93 -22.77
N VAL D 483 51.00 60.31 -23.84
CA VAL D 483 51.56 59.33 -24.78
C VAL D 483 52.66 58.52 -24.12
N GLU D 484 53.57 59.20 -23.42
CA GLU D 484 54.68 58.53 -22.74
C GLU D 484 54.26 58.15 -21.33
N GLY D 485 53.36 57.16 -21.27
CA GLY D 485 52.87 56.65 -20.00
C GLY D 485 53.96 56.06 -19.13
N PHE D 486 53.92 56.35 -17.84
CA PHE D 486 54.90 55.84 -16.88
C PHE D 486 54.32 54.81 -15.94
N ASN D 487 53.22 55.13 -15.26
CA ASN D 487 52.51 54.17 -14.43
C ASN D 487 51.39 53.46 -15.20
N CYS D 488 51.11 53.86 -16.43
CA CYS D 488 50.02 53.31 -17.22
C CYS D 488 50.56 52.79 -18.54
N TYR D 489 49.98 51.69 -19.03
CA TYR D 489 50.45 51.06 -20.25
C TYR D 489 49.26 50.48 -21.02
N PHE D 490 49.48 50.26 -22.30
CA PHE D 490 48.43 49.71 -23.15
C PHE D 490 48.17 48.24 -22.79
N PRO D 491 46.92 47.86 -22.51
CA PRO D 491 46.67 46.46 -22.11
C PRO D 491 46.80 45.48 -23.25
N LEU D 492 46.64 45.91 -24.50
CA LEU D 492 46.68 45.00 -25.64
C LEU D 492 48.06 45.01 -26.26
N GLN D 493 48.63 43.82 -26.46
CA GLN D 493 49.93 43.67 -27.09
C GLN D 493 49.87 42.58 -28.15
N SER D 494 50.65 42.76 -29.21
CA SER D 494 50.67 41.82 -30.32
C SER D 494 51.47 40.57 -29.96
N TYR D 495 50.96 39.42 -30.37
CA TYR D 495 51.68 38.17 -30.17
C TYR D 495 52.89 38.09 -31.09
N GLY D 496 53.99 37.55 -30.57
CA GLY D 496 55.16 37.29 -31.37
C GLY D 496 55.15 35.90 -31.95
N PHE D 497 54.74 35.76 -33.20
CA PHE D 497 54.57 34.46 -33.84
C PHE D 497 55.60 34.31 -34.96
N GLN D 498 56.30 33.17 -34.95
CA GLN D 498 57.29 32.86 -35.96
C GLN D 498 57.38 31.35 -36.10
N PRO D 499 57.24 30.81 -37.31
CA PRO D 499 57.37 29.35 -37.49
C PRO D 499 58.77 28.83 -37.25
N THR D 500 59.78 29.71 -37.23
CA THR D 500 61.15 29.27 -37.03
C THR D 500 61.34 28.61 -35.67
N ASN D 501 60.72 29.17 -34.64
CA ASN D 501 60.89 28.68 -33.28
C ASN D 501 60.40 27.25 -33.13
N GLY D 502 59.09 27.05 -33.27
CA GLY D 502 58.53 25.71 -33.18
C GLY D 502 58.82 24.99 -31.88
N VAL D 503 58.73 25.70 -30.75
CA VAL D 503 59.04 25.11 -29.45
C VAL D 503 57.82 25.03 -28.55
N GLY D 504 56.76 25.78 -28.80
CA GLY D 504 55.61 25.82 -27.92
C GLY D 504 55.02 27.20 -27.87
N TYR D 505 55.80 28.20 -28.28
CA TYR D 505 55.30 29.55 -28.43
C TYR D 505 54.42 29.71 -29.67
N GLN D 506 54.38 28.71 -30.53
CA GLN D 506 53.57 28.77 -31.73
C GLN D 506 52.09 28.81 -31.37
N PRO D 507 51.28 29.53 -32.16
CA PRO D 507 49.85 29.63 -31.83
C PRO D 507 49.12 28.31 -32.02
N TYR D 508 48.28 27.98 -31.05
CA TYR D 508 47.43 26.81 -31.09
C TYR D 508 45.98 27.28 -31.08
N ARG D 509 45.19 26.79 -32.04
CA ARG D 509 43.78 27.18 -32.11
C ARG D 509 42.98 26.45 -31.05
N VAL D 510 42.36 27.21 -30.15
CA VAL D 510 41.65 26.66 -29.00
C VAL D 510 40.21 27.14 -29.04
N VAL D 511 39.26 26.21 -28.95
CA VAL D 511 37.84 26.52 -28.85
C VAL D 511 37.27 25.76 -27.66
N VAL D 512 36.54 26.47 -26.81
CA VAL D 512 35.96 25.89 -25.60
C VAL D 512 34.44 25.98 -25.70
N LEU D 513 33.76 24.87 -25.41
CA LEU D 513 32.32 24.77 -25.50
C LEU D 513 31.69 24.89 -24.11
N SER D 514 30.42 25.30 -24.10
CA SER D 514 29.65 25.45 -22.87
C SER D 514 28.26 24.86 -23.08
N PHE D 515 27.94 23.80 -22.36
CA PHE D 515 26.62 23.18 -22.39
C PHE D 515 25.84 23.59 -21.15
N GLU D 516 24.66 24.16 -21.34
CA GLU D 516 23.85 24.68 -20.25
C GLU D 516 22.45 24.10 -20.34
N LEU D 517 21.82 23.94 -19.17
CA LEU D 517 20.44 23.50 -19.06
C LEU D 517 19.61 24.66 -18.54
N LEU D 518 18.86 25.30 -19.43
CA LEU D 518 18.07 26.47 -19.10
C LEU D 518 16.62 26.15 -18.80
N HIS D 519 16.29 24.88 -18.54
CA HIS D 519 14.92 24.44 -18.33
C HIS D 519 14.03 24.82 -19.51
N ALA D 520 14.59 24.73 -20.71
CA ALA D 520 13.91 25.03 -21.96
C ALA D 520 14.09 23.85 -22.90
N PRO D 521 13.15 23.64 -23.82
CA PRO D 521 13.25 22.49 -24.73
C PRO D 521 14.50 22.56 -25.58
N ALA D 522 15.06 21.39 -25.87
CA ALA D 522 16.35 21.30 -26.54
C ALA D 522 16.29 21.83 -27.96
N THR D 523 17.39 22.43 -28.40
CA THR D 523 17.57 22.88 -29.78
C THR D 523 18.76 22.21 -30.46
N VAL D 524 19.87 22.05 -29.77
CA VAL D 524 21.04 21.34 -30.28
C VAL D 524 21.20 20.07 -29.46
N CYS D 525 21.21 18.93 -30.13
CA CYS D 525 21.29 17.64 -29.46
C CYS D 525 22.18 16.71 -30.27
N GLY D 526 22.55 15.59 -29.68
CA GLY D 526 23.42 14.64 -30.32
C GLY D 526 22.76 13.98 -31.51
N PRO D 527 23.57 13.31 -32.35
CA PRO D 527 23.00 12.62 -33.50
C PRO D 527 22.27 11.37 -33.08
N LYS D 528 21.31 10.96 -33.91
CA LYS D 528 20.42 9.84 -33.61
C LYS D 528 20.76 8.68 -34.53
N LYS D 529 21.29 7.60 -33.95
CA LYS D 529 21.65 6.44 -34.74
C LYS D 529 20.41 5.68 -35.17
N SER D 530 20.34 5.35 -36.45
CA SER D 530 19.20 4.66 -37.04
C SER D 530 19.67 3.31 -37.58
N THR D 531 19.16 2.23 -36.99
CA THR D 531 19.50 0.90 -37.46
C THR D 531 18.69 0.55 -38.70
N ASN D 532 19.15 -0.45 -39.43
CA ASN D 532 18.43 -0.91 -40.61
C ASN D 532 17.12 -1.56 -40.17
N LEU D 533 16.01 -1.05 -40.69
CA LEU D 533 14.71 -1.59 -40.31
C LEU D 533 14.49 -2.94 -40.96
N VAL D 534 13.88 -3.87 -40.20
CA VAL D 534 13.60 -5.21 -40.66
C VAL D 534 12.12 -5.50 -40.45
N LYS D 535 11.48 -6.07 -41.47
CA LYS D 535 10.05 -6.32 -41.47
C LYS D 535 9.77 -7.82 -41.42
N ASN D 536 8.53 -8.15 -41.09
CA ASN D 536 8.06 -9.54 -41.08
C ASN D 536 8.87 -10.39 -40.11
N LYS D 537 9.38 -9.77 -39.06
CA LYS D 537 10.16 -10.48 -38.07
C LYS D 537 9.86 -9.88 -36.70
N CYS D 538 9.68 -10.75 -35.70
CA CYS D 538 9.37 -10.27 -34.36
C CYS D 538 10.57 -9.56 -33.75
N VAL D 539 10.60 -8.24 -33.87
CA VAL D 539 11.75 -7.44 -33.46
C VAL D 539 11.31 -6.37 -32.48
N ASN D 540 12.10 -6.19 -31.42
CA ASN D 540 11.91 -5.07 -30.53
C ASN D 540 12.24 -3.78 -31.26
N PHE D 541 11.37 -2.77 -31.13
CA PHE D 541 11.51 -1.56 -31.90
C PHE D 541 11.36 -0.34 -31.02
N ASN D 542 11.88 0.78 -31.50
CA ASN D 542 11.81 2.06 -30.79
C ASN D 542 11.73 3.16 -31.84
N PHE D 543 10.51 3.58 -32.16
CA PHE D 543 10.25 4.63 -33.15
C PHE D 543 9.96 5.93 -32.41
N ASN D 544 10.99 6.77 -32.24
CA ASN D 544 10.84 8.07 -31.59
C ASN D 544 10.23 7.96 -30.20
N GLY D 545 10.55 6.90 -29.48
CA GLY D 545 10.05 6.72 -28.13
C GLY D 545 8.86 5.81 -27.99
N LEU D 546 8.38 5.19 -29.08
CA LEU D 546 7.30 4.23 -28.95
C LEU D 546 7.73 3.03 -28.10
N THR D 547 8.92 2.51 -28.36
CA THR D 547 9.52 1.46 -27.54
C THR D 547 8.60 0.26 -27.38
N GLY D 548 7.87 -0.07 -28.44
CA GLY D 548 7.01 -1.23 -28.42
C GLY D 548 7.72 -2.48 -28.95
N THR D 549 7.04 -3.61 -28.82
CA THR D 549 7.57 -4.89 -29.28
C THR D 549 6.53 -5.57 -30.15
N GLY D 550 6.94 -6.00 -31.34
CA GLY D 550 6.03 -6.66 -32.25
C GLY D 550 6.65 -6.79 -33.62
N VAL D 551 5.95 -7.50 -34.48
CA VAL D 551 6.41 -7.73 -35.84
C VAL D 551 5.81 -6.68 -36.75
N LEU D 552 6.65 -6.02 -37.53
CA LEU D 552 6.27 -4.89 -38.37
C LEU D 552 6.07 -5.36 -39.79
N THR D 553 4.89 -5.10 -40.34
CA THR D 553 4.58 -5.46 -41.72
C THR D 553 4.22 -4.22 -42.51
N GLU D 554 4.40 -4.29 -43.82
CA GLU D 554 3.96 -3.21 -44.69
C GLU D 554 2.45 -3.07 -44.60
N SER D 555 1.98 -1.84 -44.49
CA SER D 555 0.57 -1.59 -44.20
C SER D 555 -0.16 -1.07 -45.44
N ASN D 556 -1.48 -0.95 -45.28
CA ASN D 556 -2.36 -0.42 -46.32
C ASN D 556 -2.93 0.93 -45.94
N LYS D 557 -3.25 1.15 -44.66
CA LYS D 557 -3.86 2.39 -44.22
C LYS D 557 -2.97 3.59 -44.55
N LYS D 558 -3.60 4.70 -44.90
CA LYS D 558 -2.89 5.91 -45.30
C LYS D 558 -3.10 6.97 -44.23
N PHE D 559 -2.01 7.52 -43.72
CA PHE D 559 -2.06 8.54 -42.70
C PHE D 559 -2.26 9.91 -43.32
N LEU D 560 -2.66 10.88 -42.49
CA LEU D 560 -2.56 12.26 -42.88
C LEU D 560 -1.09 12.68 -42.85
N PRO D 561 -0.68 13.61 -43.70
CA PRO D 561 0.76 13.93 -43.81
C PRO D 561 1.39 14.38 -42.52
N PHE D 562 0.64 14.99 -41.61
CA PHE D 562 1.18 15.41 -40.32
C PHE D 562 1.10 14.33 -39.27
N GLN D 563 0.47 13.20 -39.57
CA GLN D 563 -0.03 12.31 -38.53
C GLN D 563 0.97 11.19 -38.33
N GLN D 564 1.48 11.06 -37.10
CA GLN D 564 2.73 10.35 -36.87
C GLN D 564 2.59 8.86 -36.62
N PHE D 565 1.59 8.41 -35.87
CA PHE D 565 1.48 6.98 -35.63
C PHE D 565 0.05 6.61 -35.31
N GLY D 566 -0.35 5.41 -35.72
CA GLY D 566 -1.73 4.99 -35.61
C GLY D 566 -2.10 4.56 -34.22
N ARG D 567 -3.36 4.16 -34.09
CA ARG D 567 -3.89 3.69 -32.81
C ARG D 567 -5.10 2.82 -33.08
N ASP D 568 -5.50 2.08 -32.06
CA ASP D 568 -6.61 1.14 -32.14
C ASP D 568 -7.75 1.66 -31.25
N ILE D 569 -8.85 0.92 -31.21
CA ILE D 569 -9.99 1.31 -30.39
C ILE D 569 -9.61 1.31 -28.92
N ALA D 570 -8.88 0.29 -28.48
CA ALA D 570 -8.50 0.14 -27.08
C ALA D 570 -7.24 0.93 -26.73
N ASP D 571 -6.89 1.94 -27.52
CA ASP D 571 -5.72 2.77 -27.28
C ASP D 571 -4.44 1.94 -27.21
N THR D 572 -4.32 0.97 -28.11
CA THR D 572 -3.11 0.19 -28.28
C THR D 572 -2.53 0.51 -29.66
N THR D 573 -1.24 0.86 -29.70
CA THR D 573 -0.61 1.21 -30.96
C THR D 573 -0.65 0.04 -31.92
N ASP D 574 -1.08 0.31 -33.16
CA ASP D 574 -1.11 -0.73 -34.17
C ASP D 574 -0.72 -0.23 -35.56
N ALA D 575 -0.03 0.90 -35.66
CA ALA D 575 0.52 1.36 -36.92
C ALA D 575 1.48 2.51 -36.64
N VAL D 576 2.69 2.47 -37.18
CA VAL D 576 3.65 3.54 -36.94
C VAL D 576 4.25 3.96 -38.27
N ARG D 577 4.45 5.26 -38.42
CA ARG D 577 5.05 5.85 -39.60
C ARG D 577 6.56 5.85 -39.42
N ASP D 578 7.26 5.25 -40.37
CA ASP D 578 8.71 5.16 -40.29
C ASP D 578 9.31 6.53 -40.49
N PRO D 579 10.10 7.06 -39.55
CA PRO D 579 10.60 8.43 -39.71
C PRO D 579 11.57 8.59 -40.86
N GLN D 580 12.43 7.61 -41.12
CA GLN D 580 13.41 7.74 -42.19
C GLN D 580 12.74 7.79 -43.56
N THR D 581 11.86 6.83 -43.82
CA THR D 581 11.12 6.77 -45.07
C THR D 581 9.63 6.75 -44.74
N LEU D 582 8.88 7.68 -45.33
CA LEU D 582 7.50 7.93 -44.94
C LEU D 582 6.60 6.85 -45.51
N GLU D 583 6.55 5.70 -44.83
CA GLU D 583 5.54 4.70 -45.12
C GLU D 583 4.88 4.26 -43.82
N ILE D 584 3.96 3.32 -43.90
CA ILE D 584 3.15 2.92 -42.75
C ILE D 584 3.44 1.46 -42.45
N LEU D 585 3.77 1.18 -41.19
CA LEU D 585 4.18 -0.16 -40.76
C LEU D 585 3.15 -0.69 -39.77
N ASP D 586 2.15 -1.39 -40.28
CA ASP D 586 1.20 -2.05 -39.40
C ASP D 586 1.94 -3.04 -38.51
N ILE D 587 1.84 -2.85 -37.20
CA ILE D 587 2.53 -3.71 -36.24
C ILE D 587 1.51 -4.60 -35.55
N THR D 588 1.85 -5.88 -35.42
CA THR D 588 1.04 -6.84 -34.71
C THR D 588 1.90 -7.51 -33.65
N PRO D 589 1.32 -7.84 -32.50
CA PRO D 589 2.15 -8.30 -31.38
C PRO D 589 2.73 -9.68 -31.65
N CYS D 590 3.81 -9.97 -30.94
CA CYS D 590 4.47 -11.27 -31.04
C CYS D 590 3.49 -12.37 -30.71
N SER D 591 3.55 -13.46 -31.49
CA SER D 591 2.62 -14.56 -31.29
C SER D 591 2.80 -15.18 -29.91
N PHE D 592 1.68 -15.53 -29.28
CA PHE D 592 1.71 -16.22 -28.00
C PHE D 592 0.40 -16.96 -27.84
N GLY D 593 0.40 -17.92 -26.94
CA GLY D 593 -0.82 -18.69 -26.68
C GLY D 593 -0.51 -19.84 -25.76
N GLY D 594 -1.57 -20.42 -25.21
CA GLY D 594 -1.42 -21.55 -24.33
C GLY D 594 -0.92 -22.78 -25.08
N VAL D 595 -0.12 -23.57 -24.39
CA VAL D 595 0.39 -24.83 -24.90
C VAL D 595 -0.37 -25.95 -24.21
N SER D 596 -1.14 -26.71 -24.96
CA SER D 596 -1.94 -27.79 -24.41
C SER D 596 -1.38 -29.13 -24.87
N VAL D 597 -1.31 -30.08 -23.96
CA VAL D 597 -0.77 -31.40 -24.24
C VAL D 597 -1.93 -32.38 -24.35
N ILE D 598 -2.17 -32.89 -25.56
CA ILE D 598 -3.20 -33.90 -25.78
C ILE D 598 -2.59 -35.26 -25.51
N THR D 599 -3.02 -35.90 -24.43
CA THR D 599 -2.50 -37.20 -24.09
C THR D 599 -3.65 -38.16 -23.77
N PRO D 600 -3.57 -39.40 -24.20
CA PRO D 600 -4.44 -40.43 -23.66
C PRO D 600 -3.95 -40.80 -22.27
N GLY D 601 -4.66 -41.72 -21.62
CA GLY D 601 -4.27 -42.12 -20.29
C GLY D 601 -2.84 -42.62 -20.26
N THR D 602 -2.09 -42.21 -19.24
CA THR D 602 -0.70 -42.63 -19.13
C THR D 602 -0.58 -44.14 -19.07
N ASN D 603 -1.58 -44.81 -18.50
CA ASN D 603 -1.58 -46.27 -18.56
C ASN D 603 -1.76 -46.76 -19.98
N THR D 604 -2.62 -46.09 -20.76
CA THR D 604 -2.82 -46.48 -22.15
C THR D 604 -1.56 -46.26 -22.98
N SER D 605 -0.96 -45.08 -22.86
CA SER D 605 0.27 -44.79 -23.59
C SER D 605 0.96 -43.59 -22.97
N ASN D 606 2.25 -43.46 -23.29
CA ASN D 606 3.03 -42.30 -22.90
C ASN D 606 3.22 -41.32 -24.05
N GLN D 607 2.55 -41.56 -25.17
CA GLN D 607 2.68 -40.70 -26.34
C GLN D 607 1.74 -39.51 -26.23
N VAL D 608 2.24 -38.33 -26.61
CA VAL D 608 1.48 -37.10 -26.47
C VAL D 608 1.53 -36.33 -27.79
N ALA D 609 0.58 -35.40 -27.92
CA ALA D 609 0.57 -34.42 -29.00
C ALA D 609 0.34 -33.06 -28.39
N VAL D 610 1.05 -32.05 -28.88
CA VAL D 610 1.05 -30.72 -28.30
C VAL D 610 0.30 -29.77 -29.23
N LEU D 611 -0.62 -29.00 -28.67
CA LEU D 611 -1.41 -28.03 -29.41
C LEU D 611 -0.98 -26.64 -29.01
N TYR D 612 -0.27 -25.95 -29.89
CA TYR D 612 0.11 -24.56 -29.66
C TYR D 612 -1.07 -23.69 -30.08
N GLN D 613 -1.84 -23.22 -29.11
CA GLN D 613 -3.09 -22.55 -29.42
C GLN D 613 -2.86 -21.22 -30.12
N ASP D 614 -3.62 -21.00 -31.20
CA ASP D 614 -3.68 -19.72 -31.90
C ASP D 614 -2.30 -19.24 -32.32
N VAL D 615 -1.64 -20.04 -33.15
CA VAL D 615 -0.38 -19.67 -33.76
C VAL D 615 -0.16 -20.59 -34.95
N ASN D 616 0.43 -20.05 -36.01
CA ASN D 616 0.69 -20.87 -37.19
C ASN D 616 2.01 -21.61 -37.05
N CYS D 617 2.11 -22.72 -37.77
CA CYS D 617 3.19 -23.68 -37.59
C CYS D 617 4.53 -23.20 -38.13
N THR D 618 4.56 -22.14 -38.92
CA THR D 618 5.84 -21.63 -39.41
C THR D 618 6.72 -21.14 -38.27
N GLU D 619 6.12 -20.51 -37.27
CA GLU D 619 6.83 -19.87 -36.18
C GLU D 619 6.74 -20.61 -34.86
N VAL D 620 6.25 -21.86 -34.87
CA VAL D 620 6.21 -22.64 -33.63
C VAL D 620 7.60 -23.01 -33.12
N PRO D 621 8.51 -23.58 -33.93
CA PRO D 621 9.82 -23.98 -33.36
C PRO D 621 10.61 -22.83 -32.77
N VAL D 622 10.51 -21.64 -33.36
CA VAL D 622 11.23 -20.43 -32.92
C VAL D 622 12.61 -20.70 -32.36
N TYR D 636 8.66 -28.66 -31.24
CA TYR D 636 8.60 -29.95 -30.57
C TYR D 636 9.43 -30.97 -31.35
N SER D 637 9.88 -32.01 -30.65
CA SER D 637 10.79 -32.98 -31.26
C SER D 637 10.13 -33.72 -32.42
N THR D 638 8.85 -34.08 -32.27
CA THR D 638 8.16 -34.88 -33.29
C THR D 638 7.63 -33.96 -34.39
N GLY D 639 8.57 -33.45 -35.20
CA GLY D 639 8.25 -32.59 -36.30
C GLY D 639 7.95 -33.27 -37.62
N SER D 640 7.91 -34.60 -37.63
CA SER D 640 7.61 -35.32 -38.87
C SER D 640 6.20 -35.01 -39.36
N ASN D 641 5.24 -34.96 -38.45
CA ASN D 641 3.86 -34.60 -38.77
C ASN D 641 3.44 -33.39 -37.94
N VAL D 642 3.04 -32.33 -38.62
CA VAL D 642 2.69 -31.06 -37.99
C VAL D 642 1.38 -30.59 -38.63
N PHE D 643 0.27 -30.88 -37.98
CA PHE D 643 -1.04 -30.51 -38.49
C PHE D 643 -1.39 -29.10 -38.03
N GLN D 644 -2.15 -28.40 -38.87
CA GLN D 644 -2.55 -27.02 -38.61
C GLN D 644 -4.07 -26.93 -38.61
N THR D 645 -4.63 -26.32 -37.57
CA THR D 645 -6.07 -26.17 -37.44
C THR D 645 -6.40 -24.78 -36.95
N ARG D 646 -7.71 -24.50 -36.85
CA ARG D 646 -8.14 -23.19 -36.39
C ARG D 646 -7.79 -22.98 -34.92
N ALA D 647 -7.76 -24.06 -34.14
CA ALA D 647 -7.36 -23.93 -32.74
C ALA D 647 -5.90 -23.51 -32.61
N GLY D 648 -5.04 -24.05 -33.45
CA GLY D 648 -3.63 -23.73 -33.39
C GLY D 648 -2.83 -24.76 -34.17
N CYS D 649 -1.53 -24.79 -33.87
CA CYS D 649 -0.63 -25.74 -34.51
C CYS D 649 -0.55 -27.00 -33.68
N LEU D 650 -1.06 -28.10 -34.22
CA LEU D 650 -1.14 -29.37 -33.51
C LEU D 650 0.05 -30.22 -33.94
N ILE D 651 1.02 -30.39 -33.04
CA ILE D 651 2.26 -31.10 -33.32
C ILE D 651 2.18 -32.46 -32.66
N GLY D 652 2.49 -33.51 -33.41
CA GLY D 652 2.53 -34.85 -32.87
C GLY D 652 1.35 -35.72 -33.20
N ALA D 653 0.31 -35.17 -33.81
CA ALA D 653 -0.86 -35.94 -34.21
C ALA D 653 -1.09 -35.79 -35.70
N GLU D 654 -1.41 -36.89 -36.37
CA GLU D 654 -1.59 -36.89 -37.81
C GLU D 654 -3.07 -36.73 -38.15
N HIS D 655 -3.35 -35.93 -39.18
CA HIS D 655 -4.72 -35.70 -39.59
C HIS D 655 -5.29 -36.94 -40.27
N VAL D 656 -6.60 -37.14 -40.13
CA VAL D 656 -7.29 -38.29 -40.70
C VAL D 656 -8.56 -37.78 -41.38
N ASN D 657 -8.78 -38.23 -42.63
CA ASN D 657 -9.99 -37.83 -43.34
C ASN D 657 -11.24 -38.33 -42.64
N ASN D 658 -11.20 -39.57 -42.15
CA ASN D 658 -12.39 -40.16 -41.53
C ASN D 658 -12.80 -39.36 -40.31
N SER D 659 -14.09 -39.40 -40.01
CA SER D 659 -14.66 -38.69 -38.87
C SER D 659 -15.26 -39.69 -37.90
N TYR D 660 -14.89 -39.58 -36.63
CA TYR D 660 -15.42 -40.41 -35.56
C TYR D 660 -16.00 -39.51 -34.49
N GLU D 661 -16.46 -40.10 -33.40
CA GLU D 661 -16.95 -39.32 -32.28
C GLU D 661 -15.80 -38.61 -31.59
N CYS D 662 -16.12 -37.58 -30.82
CA CYS D 662 -15.12 -36.79 -30.13
C CYS D 662 -14.59 -37.55 -28.92
N ASP D 663 -13.26 -37.58 -28.77
CA ASP D 663 -12.62 -38.15 -27.60
C ASP D 663 -11.92 -37.09 -26.76
N ILE D 664 -10.97 -36.37 -27.34
CA ILE D 664 -10.26 -35.31 -26.66
C ILE D 664 -10.48 -34.02 -27.45
N PRO D 665 -11.41 -33.17 -27.02
CA PRO D 665 -11.73 -31.98 -27.81
C PRO D 665 -10.54 -31.05 -27.95
N ILE D 666 -10.37 -30.51 -29.14
CA ILE D 666 -9.30 -29.56 -29.45
C ILE D 666 -9.86 -28.16 -29.66
N GLY D 667 -10.87 -28.03 -30.50
CA GLY D 667 -11.46 -26.75 -30.82
C GLY D 667 -11.77 -26.69 -32.31
N ALA D 668 -12.74 -25.85 -32.65
CA ALA D 668 -13.17 -25.66 -34.03
C ALA D 668 -13.56 -26.98 -34.68
N GLY D 669 -14.25 -27.83 -33.92
CA GLY D 669 -14.81 -29.04 -34.48
C GLY D 669 -13.81 -30.14 -34.74
N ILE D 670 -12.65 -30.11 -34.09
CA ILE D 670 -11.63 -31.13 -34.26
C ILE D 670 -11.36 -31.75 -32.90
N CYS D 671 -11.40 -33.08 -32.83
CA CYS D 671 -11.14 -33.81 -31.61
C CYS D 671 -10.06 -34.84 -31.86
N ALA D 672 -9.00 -34.79 -31.06
CA ALA D 672 -7.91 -35.75 -31.17
C ALA D 672 -8.26 -37.04 -30.45
N SER D 673 -7.61 -38.12 -30.85
CA SER D 673 -7.91 -39.43 -30.27
C SER D 673 -6.73 -40.36 -30.48
N TYR D 674 -6.76 -41.48 -29.75
CA TYR D 674 -5.72 -42.49 -29.79
C TYR D 674 -6.32 -43.78 -30.34
N GLN D 675 -5.92 -44.15 -31.55
CA GLN D 675 -6.46 -45.34 -32.20
C GLN D 675 -5.35 -46.10 -32.89
N THR D 676 -5.70 -47.27 -33.42
CA THR D 676 -4.76 -48.14 -34.10
C THR D 676 -4.28 -47.54 -35.42
N SER D 686 1.42 -50.22 -33.87
CA SER D 686 0.82 -49.31 -34.84
C SER D 686 -0.23 -48.42 -34.19
N GLN D 687 0.22 -47.57 -33.27
CA GLN D 687 -0.65 -46.67 -32.54
C GLN D 687 -0.10 -45.25 -32.63
N SER D 688 -0.98 -44.28 -32.81
CA SER D 688 -0.59 -42.88 -32.88
C SER D 688 -1.78 -42.02 -32.51
N ILE D 689 -1.49 -40.75 -32.20
CA ILE D 689 -2.54 -39.78 -31.92
C ILE D 689 -3.09 -39.26 -33.25
N ILE D 690 -4.39 -39.35 -33.44
CA ILE D 690 -5.03 -38.88 -34.66
C ILE D 690 -5.90 -37.68 -34.32
N ALA D 691 -5.92 -36.70 -35.23
CA ALA D 691 -6.77 -35.54 -35.13
C ALA D 691 -7.71 -35.53 -36.32
N TYR D 692 -9.00 -35.30 -36.06
CA TYR D 692 -10.00 -35.42 -37.11
C TYR D 692 -11.17 -34.51 -36.80
N THR D 693 -11.98 -34.24 -37.83
CA THR D 693 -13.22 -33.53 -37.63
C THR D 693 -14.24 -34.42 -36.95
N MET D 694 -14.97 -33.86 -36.00
CA MET D 694 -15.94 -34.65 -35.24
C MET D 694 -17.03 -35.18 -36.16
N SER D 695 -17.46 -36.40 -35.90
CA SER D 695 -18.62 -36.98 -36.54
C SER D 695 -19.79 -36.79 -35.59
N LEU D 696 -20.77 -36.00 -36.02
CA LEU D 696 -21.85 -35.61 -35.12
C LEU D 696 -22.76 -36.79 -34.78
N GLY D 697 -22.70 -37.87 -35.54
CA GLY D 697 -23.51 -39.03 -35.27
C GLY D 697 -23.78 -39.79 -36.55
N ALA D 698 -24.35 -40.97 -36.39
CA ALA D 698 -24.70 -41.79 -37.54
C ALA D 698 -25.86 -41.14 -38.28
N GLU D 699 -25.58 -40.62 -39.47
CA GLU D 699 -26.59 -39.90 -40.23
C GLU D 699 -27.69 -40.87 -40.65
N ASN D 700 -28.86 -40.73 -40.03
CA ASN D 700 -30.00 -41.60 -40.27
C ASN D 700 -31.08 -40.82 -40.98
N SER D 701 -31.55 -41.35 -42.10
CA SER D 701 -32.62 -40.73 -42.89
C SER D 701 -33.93 -41.43 -42.58
N VAL D 702 -34.84 -40.73 -41.90
CA VAL D 702 -36.15 -41.31 -41.61
C VAL D 702 -36.92 -41.46 -42.91
N ALA D 703 -37.46 -42.65 -43.15
CA ALA D 703 -38.15 -42.90 -44.41
C ALA D 703 -39.52 -42.23 -44.41
N TYR D 704 -39.53 -40.91 -44.40
CA TYR D 704 -40.79 -40.18 -44.38
C TYR D 704 -41.56 -40.39 -45.68
N SER D 705 -42.88 -40.44 -45.58
CA SER D 705 -43.72 -40.61 -46.74
C SER D 705 -45.10 -40.08 -46.41
N ASN D 706 -45.94 -39.99 -47.44
CA ASN D 706 -47.27 -39.42 -47.25
C ASN D 706 -48.14 -40.30 -46.38
N ASN D 707 -47.96 -41.61 -46.46
CA ASN D 707 -48.83 -42.56 -45.77
C ASN D 707 -48.01 -43.67 -45.14
N SER D 708 -46.94 -43.33 -44.43
CA SER D 708 -46.08 -44.33 -43.82
C SER D 708 -45.92 -44.02 -42.34
N ILE D 709 -46.54 -44.84 -41.49
CA ILE D 709 -46.44 -44.72 -40.04
C ILE D 709 -45.65 -45.92 -39.52
N ALA D 710 -44.74 -45.66 -38.59
CA ALA D 710 -43.94 -46.71 -37.97
C ALA D 710 -44.37 -46.83 -36.52
N ILE D 711 -44.84 -48.00 -36.13
CA ILE D 711 -45.40 -48.24 -34.80
C ILE D 711 -44.60 -49.35 -34.14
N PRO D 712 -44.08 -49.15 -32.93
CA PRO D 712 -43.27 -50.17 -32.30
C PRO D 712 -44.10 -51.37 -31.88
N THR D 713 -43.43 -52.52 -31.76
CA THR D 713 -44.09 -53.76 -31.40
C THR D 713 -43.81 -54.19 -29.96
N ASN D 714 -42.62 -53.94 -29.44
CA ASN D 714 -42.37 -54.09 -28.00
C ASN D 714 -41.54 -52.89 -27.53
N PHE D 715 -41.03 -53.00 -26.32
CA PHE D 715 -40.42 -51.88 -25.61
C PHE D 715 -39.19 -52.38 -24.89
N THR D 716 -38.51 -51.47 -24.20
CA THR D 716 -37.42 -51.83 -23.29
C THR D 716 -37.51 -50.91 -22.08
N ILE D 717 -37.93 -51.45 -20.94
CA ILE D 717 -37.95 -50.67 -19.71
C ILE D 717 -36.50 -50.44 -19.30
N SER D 718 -36.00 -49.24 -19.52
CA SER D 718 -34.59 -48.94 -19.27
C SER D 718 -34.50 -47.87 -18.19
N VAL D 719 -33.66 -48.11 -17.19
CA VAL D 719 -33.46 -47.19 -16.09
C VAL D 719 -32.13 -46.49 -16.30
N THR D 720 -32.11 -45.17 -16.13
CA THR D 720 -30.93 -44.37 -16.35
C THR D 720 -30.58 -43.61 -15.08
N THR D 721 -29.29 -43.48 -14.81
CA THR D 721 -28.81 -42.86 -13.60
C THR D 721 -28.59 -41.37 -13.82
N GLU D 722 -29.19 -40.55 -12.96
CA GLU D 722 -28.99 -39.11 -12.98
C GLU D 722 -28.44 -38.67 -11.63
N ILE D 723 -27.31 -37.99 -11.66
CA ILE D 723 -26.57 -37.64 -10.44
C ILE D 723 -26.54 -36.13 -10.31
N LEU D 724 -26.96 -35.64 -9.14
CA LEU D 724 -27.09 -34.21 -8.91
C LEU D 724 -26.45 -33.83 -7.59
N PRO D 725 -25.57 -32.83 -7.55
CA PRO D 725 -25.11 -32.32 -6.26
C PRO D 725 -26.27 -31.66 -5.52
N VAL D 726 -26.21 -31.73 -4.19
CA VAL D 726 -27.26 -31.14 -3.37
C VAL D 726 -26.66 -30.20 -2.35
N SER D 727 -25.42 -30.45 -1.95
CA SER D 727 -24.79 -29.62 -0.94
C SER D 727 -23.28 -29.81 -1.03
N MET D 728 -22.56 -29.02 -0.24
CA MET D 728 -21.12 -29.19 -0.10
C MET D 728 -20.76 -29.00 1.37
N THR D 729 -19.47 -29.15 1.67
CA THR D 729 -19.02 -29.07 3.04
C THR D 729 -19.33 -27.69 3.62
N LYS D 730 -19.80 -27.68 4.87
CA LYS D 730 -20.23 -26.46 5.53
C LYS D 730 -19.04 -25.82 6.23
N THR D 731 -18.04 -25.43 5.45
CA THR D 731 -16.86 -24.81 6.03
C THR D 731 -17.21 -23.44 6.57
N SER D 732 -16.59 -23.09 7.70
CA SER D 732 -16.79 -21.79 8.34
C SER D 732 -15.41 -21.28 8.75
N VAL D 733 -14.76 -20.57 7.83
CA VAL D 733 -13.42 -20.07 8.11
C VAL D 733 -13.49 -18.99 9.18
N ASP D 734 -12.68 -19.14 10.22
CA ASP D 734 -12.68 -18.15 11.29
C ASP D 734 -11.82 -16.98 10.87
N CYS D 735 -12.46 -15.83 10.78
CA CYS D 735 -11.85 -14.63 10.19
C CYS D 735 -10.56 -14.24 10.87
N THR D 736 -10.62 -13.89 12.15
CA THR D 736 -9.44 -13.38 12.84
C THR D 736 -8.36 -14.43 12.98
N MET D 737 -8.73 -15.66 13.34
CA MET D 737 -7.74 -16.72 13.46
C MET D 737 -7.05 -17.03 12.13
N TYR D 738 -7.72 -16.78 11.01
CA TYR D 738 -7.06 -16.96 9.73
C TYR D 738 -6.13 -15.80 9.42
N ILE D 739 -6.69 -14.59 9.33
CA ILE D 739 -5.91 -13.45 8.86
C ILE D 739 -4.78 -13.12 9.83
N CYS D 740 -4.96 -13.45 11.10
CA CYS D 740 -3.96 -13.18 12.12
C CYS D 740 -3.77 -14.44 12.97
N GLY D 741 -2.57 -14.58 13.53
CA GLY D 741 -2.30 -15.67 14.43
C GLY D 741 -2.83 -15.37 15.82
N ASP D 742 -2.13 -15.88 16.82
CA ASP D 742 -2.46 -15.53 18.19
C ASP D 742 -1.95 -14.14 18.57
N SER D 743 -1.17 -13.51 17.69
CA SER D 743 -0.59 -12.21 18.00
C SER D 743 -1.68 -11.16 18.19
N THR D 744 -1.54 -10.37 19.26
CA THR D 744 -2.53 -9.34 19.55
C THR D 744 -2.33 -8.12 18.65
N GLU D 745 -1.09 -7.84 18.26
CA GLU D 745 -0.83 -6.69 17.40
C GLU D 745 -1.54 -6.83 16.06
N CYS D 746 -1.54 -8.05 15.51
CA CYS D 746 -2.20 -8.29 14.24
C CYS D 746 -3.70 -8.05 14.34
N SER D 747 -4.33 -8.53 15.41
CA SER D 747 -5.76 -8.30 15.59
C SER D 747 -6.05 -6.81 15.78
N ASN D 748 -5.21 -6.12 16.53
CA ASN D 748 -5.40 -4.69 16.72
C ASN D 748 -5.31 -3.93 15.41
N LEU D 749 -4.37 -4.33 14.54
CA LEU D 749 -4.28 -3.71 13.23
C LEU D 749 -5.49 -4.05 12.37
N LEU D 750 -5.98 -5.30 12.47
CA LEU D 750 -7.12 -5.68 11.65
C LEU D 750 -8.39 -4.96 12.07
N LEU D 751 -8.48 -4.54 13.34
CA LEU D 751 -9.68 -3.84 13.78
C LEU D 751 -9.93 -2.56 12.99
N GLN D 752 -8.90 -1.99 12.36
CA GLN D 752 -9.10 -0.80 11.55
C GLN D 752 -9.98 -1.10 10.35
N TYR D 753 -9.74 -2.22 9.66
CA TYR D 753 -10.65 -2.68 8.61
C TYR D 753 -11.92 -3.11 9.31
N GLY D 754 -12.93 -2.24 9.28
CA GLY D 754 -14.04 -2.37 10.20
C GLY D 754 -14.86 -3.63 10.09
N SER D 755 -15.62 -3.77 9.01
CA SER D 755 -16.59 -4.85 8.96
C SER D 755 -16.38 -5.81 7.80
N PHE D 756 -15.24 -5.74 7.11
CA PHE D 756 -14.91 -6.79 6.15
C PHE D 756 -15.00 -8.15 6.80
N CYS D 757 -14.46 -8.24 8.02
CA CYS D 757 -14.31 -9.53 8.67
C CYS D 757 -15.67 -10.12 9.03
N THR D 758 -16.56 -9.28 9.56
CA THR D 758 -17.91 -9.73 9.87
C THR D 758 -18.70 -10.05 8.60
N GLN D 759 -18.49 -9.28 7.52
CA GLN D 759 -19.12 -9.65 6.26
C GLN D 759 -18.72 -11.05 5.84
N LEU D 760 -17.42 -11.36 5.89
CA LEU D 760 -16.98 -12.68 5.45
C LEU D 760 -17.56 -13.77 6.33
N ASN D 761 -17.53 -13.59 7.64
CA ASN D 761 -18.06 -14.61 8.52
C ASN D 761 -19.57 -14.81 8.32
N ARG D 762 -20.30 -13.72 8.15
CA ARG D 762 -21.74 -13.83 7.92
C ARG D 762 -22.04 -14.51 6.60
N ALA D 763 -21.26 -14.21 5.56
CA ALA D 763 -21.47 -14.85 4.27
C ALA D 763 -21.25 -16.35 4.37
N LEU D 764 -20.18 -16.78 5.05
CA LEU D 764 -19.94 -18.20 5.20
C LEU D 764 -21.00 -18.89 6.05
N THR D 765 -21.47 -18.26 7.12
CA THR D 765 -22.55 -18.88 7.89
C THR D 765 -23.83 -18.95 7.08
N GLY D 766 -24.11 -17.95 6.25
CA GLY D 766 -25.27 -18.03 5.38
C GLY D 766 -25.17 -19.16 4.39
N ILE D 767 -23.98 -19.38 3.84
CA ILE D 767 -23.77 -20.52 2.95
C ILE D 767 -24.07 -21.82 3.69
N ALA D 768 -23.51 -21.98 4.89
CA ALA D 768 -23.73 -23.22 5.62
C ALA D 768 -25.20 -23.45 5.93
N VAL D 769 -25.89 -22.40 6.37
CA VAL D 769 -27.30 -22.54 6.69
C VAL D 769 -28.10 -22.91 5.46
N GLU D 770 -27.79 -22.31 4.31
CA GLU D 770 -28.58 -22.68 3.13
C GLU D 770 -28.23 -24.09 2.68
N GLN D 771 -27.04 -24.59 2.99
CA GLN D 771 -26.76 -25.98 2.63
C GLN D 771 -27.58 -26.94 3.47
N ASP D 772 -27.75 -26.62 4.76
CA ASP D 772 -28.62 -27.45 5.59
C ASP D 772 -30.06 -27.40 5.08
N LYS D 773 -30.57 -26.19 4.85
CA LYS D 773 -31.91 -26.05 4.28
C LYS D 773 -32.00 -26.73 2.93
N ASN D 774 -30.89 -26.80 2.22
CA ASN D 774 -30.88 -27.33 0.87
C ASN D 774 -31.07 -28.83 0.88
N THR D 775 -30.30 -29.54 1.71
CA THR D 775 -30.51 -30.97 1.86
C THR D 775 -31.91 -31.26 2.40
N GLN D 776 -32.37 -30.44 3.36
CA GLN D 776 -33.70 -30.67 3.92
C GLN D 776 -34.77 -30.52 2.85
N GLU D 777 -34.63 -29.53 1.96
CA GLU D 777 -35.59 -29.32 0.90
C GLU D 777 -35.57 -30.46 -0.12
N VAL D 778 -34.39 -30.95 -0.46
CA VAL D 778 -34.30 -32.01 -1.45
C VAL D 778 -34.92 -33.30 -0.91
N PHE D 779 -34.58 -33.68 0.32
CA PHE D 779 -34.91 -35.02 0.80
C PHE D 779 -36.18 -35.07 1.62
N ALA D 780 -36.45 -34.07 2.46
CA ALA D 780 -37.58 -34.11 3.37
C ALA D 780 -38.88 -33.74 2.64
N GLN D 781 -39.09 -34.38 1.50
CA GLN D 781 -40.31 -34.18 0.72
C GLN D 781 -41.49 -34.90 1.33
N VAL D 782 -41.27 -35.73 2.34
CA VAL D 782 -42.29 -36.61 2.89
C VAL D 782 -42.48 -36.30 4.36
N LYS D 783 -43.70 -36.48 4.84
CA LYS D 783 -44.04 -36.15 6.22
C LYS D 783 -43.91 -37.35 7.15
N GLN D 784 -44.36 -38.53 6.70
CA GLN D 784 -44.29 -39.76 7.47
C GLN D 784 -43.14 -40.59 6.93
N ILE D 785 -42.39 -41.23 7.83
CA ILE D 785 -41.35 -42.15 7.40
C ILE D 785 -41.97 -43.50 7.11
N TYR D 786 -42.28 -43.75 5.85
CA TYR D 786 -42.88 -45.01 5.46
C TYR D 786 -41.87 -46.13 5.52
N LYS D 787 -42.36 -47.35 5.74
CA LYS D 787 -41.53 -48.53 5.71
C LYS D 787 -42.15 -49.54 4.77
N THR D 788 -41.30 -50.22 4.01
CA THR D 788 -41.77 -51.23 3.10
C THR D 788 -42.28 -52.45 3.87
N PRO D 789 -43.23 -53.19 3.32
CA PRO D 789 -43.75 -54.36 4.02
C PRO D 789 -42.65 -55.38 4.25
N PRO D 790 -42.78 -56.20 5.30
CA PRO D 790 -41.72 -57.18 5.59
C PRO D 790 -41.49 -58.17 4.45
N ILE D 791 -42.53 -58.59 3.75
CA ILE D 791 -42.40 -59.53 2.64
C ILE D 791 -42.38 -58.75 1.33
N LYS D 792 -41.36 -59.00 0.52
CA LYS D 792 -41.20 -58.30 -0.76
C LYS D 792 -41.85 -59.13 -1.86
N ASP D 793 -43.16 -58.97 -2.01
CA ASP D 793 -43.91 -59.63 -3.08
C ASP D 793 -44.56 -58.55 -3.92
N PHE D 794 -43.83 -58.03 -4.90
CA PHE D 794 -44.29 -56.94 -5.76
C PHE D 794 -44.58 -57.43 -7.17
N GLY D 795 -45.18 -58.61 -7.29
CA GLY D 795 -45.56 -59.10 -8.59
C GLY D 795 -44.42 -59.45 -9.51
N GLY D 796 -43.24 -59.70 -8.97
CA GLY D 796 -42.06 -60.05 -9.74
C GLY D 796 -41.00 -58.98 -9.78
N PHE D 797 -41.34 -57.74 -9.45
CA PHE D 797 -40.36 -56.67 -9.46
C PHE D 797 -39.42 -56.84 -8.27
N ASN D 798 -38.13 -56.76 -8.51
CA ASN D 798 -37.12 -57.02 -7.48
C ASN D 798 -36.51 -55.70 -7.06
N PHE D 799 -36.83 -55.25 -5.85
CA PHE D 799 -36.31 -54.01 -5.31
C PHE D 799 -35.18 -54.24 -4.33
N SER D 800 -34.69 -55.48 -4.22
CA SER D 800 -33.65 -55.76 -3.22
C SER D 800 -32.41 -54.93 -3.49
N GLN D 801 -32.08 -54.71 -4.76
CA GLN D 801 -30.90 -53.92 -5.09
C GLN D 801 -31.08 -52.46 -4.75
N ILE D 802 -32.28 -52.03 -4.35
CA ILE D 802 -32.53 -50.60 -4.15
C ILE D 802 -33.13 -50.28 -2.80
N LEU D 803 -33.79 -51.23 -2.12
CA LEU D 803 -34.29 -51.02 -0.77
C LEU D 803 -33.19 -51.27 0.25
N PRO D 804 -33.31 -50.73 1.45
CA PRO D 804 -32.27 -50.93 2.47
C PRO D 804 -32.09 -52.40 2.81
N ASP D 805 -30.85 -52.78 3.09
CA ASP D 805 -30.52 -54.13 3.52
C ASP D 805 -30.35 -54.15 5.03
N PRO D 806 -31.23 -54.81 5.78
CA PRO D 806 -31.08 -54.82 7.24
C PRO D 806 -29.81 -55.49 7.72
N SER D 807 -29.22 -56.38 6.92
CA SER D 807 -28.03 -57.10 7.37
C SER D 807 -26.86 -56.16 7.62
N LYS D 808 -26.68 -55.18 6.75
CA LYS D 808 -25.59 -54.22 6.91
C LYS D 808 -25.83 -53.38 8.16
N PRO D 809 -24.76 -52.95 8.85
CA PRO D 809 -24.97 -52.10 10.04
C PRO D 809 -25.72 -50.81 9.74
N SER D 810 -25.27 -50.04 8.74
CA SER D 810 -25.99 -48.84 8.33
C SER D 810 -27.04 -49.23 7.30
N LYS D 811 -28.28 -48.79 7.53
CA LYS D 811 -29.39 -49.22 6.68
C LYS D 811 -29.33 -48.52 5.33
N ARG D 812 -28.43 -48.96 4.48
CA ARG D 812 -28.27 -48.40 3.14
C ARG D 812 -28.47 -49.49 2.11
N SER D 813 -29.05 -49.10 0.97
CA SER D 813 -29.23 -50.03 -0.12
C SER D 813 -27.88 -50.41 -0.71
N PRO D 814 -27.79 -51.54 -1.40
CA PRO D 814 -26.52 -51.89 -2.06
C PRO D 814 -26.05 -50.84 -3.05
N ILE D 815 -26.95 -50.22 -3.80
CA ILE D 815 -26.53 -49.17 -4.72
C ILE D 815 -26.04 -47.97 -3.95
N GLU D 816 -26.68 -47.66 -2.82
CA GLU D 816 -26.19 -46.58 -1.98
C GLU D 816 -24.79 -46.89 -1.45
N ASP D 817 -24.54 -48.15 -1.09
CA ASP D 817 -23.20 -48.54 -0.67
C ASP D 817 -22.20 -48.34 -1.79
N LEU D 818 -22.56 -48.72 -3.02
CA LEU D 818 -21.67 -48.50 -4.15
C LEU D 818 -21.36 -47.02 -4.32
N LEU D 819 -22.38 -46.17 -4.20
CA LEU D 819 -22.16 -44.73 -4.38
C LEU D 819 -21.26 -44.18 -3.28
N PHE D 820 -21.49 -44.59 -2.03
CA PHE D 820 -20.68 -44.08 -0.93
C PHE D 820 -19.24 -44.56 -1.03
N ASN D 821 -19.01 -45.76 -1.55
CA ASN D 821 -17.65 -46.22 -1.74
C ASN D 821 -16.98 -45.50 -2.91
N LYS D 822 -17.70 -45.32 -4.02
CA LYS D 822 -17.12 -44.66 -5.18
C LYS D 822 -16.75 -43.21 -4.87
N VAL D 823 -17.61 -42.49 -4.16
CA VAL D 823 -17.30 -41.10 -3.85
C VAL D 823 -16.30 -41.06 -2.71
N THR D 824 -15.18 -40.36 -2.93
CA THR D 824 -14.13 -40.25 -1.93
C THR D 824 -13.95 -38.81 -1.49
N LYS D 851 -3.76 -29.29 11.09
CA LYS D 851 -4.83 -29.46 10.12
C LYS D 851 -5.64 -28.18 9.94
N PHE D 852 -5.90 -27.50 11.04
CA PHE D 852 -6.72 -26.28 11.06
C PHE D 852 -5.84 -25.06 11.21
N ASN D 853 -5.96 -24.13 10.27
CA ASN D 853 -5.34 -22.81 10.38
C ASN D 853 -6.34 -21.74 10.77
N GLY D 854 -7.54 -22.13 11.18
CA GLY D 854 -8.62 -21.20 11.42
C GLY D 854 -9.89 -21.72 10.78
N LEU D 855 -9.74 -22.70 9.89
CA LEU D 855 -10.85 -23.32 9.20
C LEU D 855 -11.60 -24.26 10.14
N THR D 856 -12.81 -24.60 9.76
CA THR D 856 -13.56 -25.64 10.44
C THR D 856 -14.72 -26.06 9.55
N VAL D 857 -15.03 -27.36 9.57
CA VAL D 857 -16.13 -27.90 8.79
C VAL D 857 -17.25 -28.29 9.75
N LEU D 858 -18.38 -27.62 9.62
CA LEU D 858 -19.51 -27.90 10.49
C LEU D 858 -20.21 -29.17 10.00
N PRO D 859 -20.59 -30.08 10.90
CA PRO D 859 -21.28 -31.28 10.48
C PRO D 859 -22.63 -30.95 9.88
N PRO D 860 -23.07 -31.69 8.87
CA PRO D 860 -24.41 -31.46 8.31
C PRO D 860 -25.48 -31.79 9.33
N LEU D 861 -26.59 -31.05 9.26
CA LEU D 861 -27.67 -31.26 10.22
C LEU D 861 -28.25 -32.66 10.10
N LEU D 862 -28.48 -33.13 8.88
CA LEU D 862 -28.98 -34.47 8.66
C LEU D 862 -27.81 -35.42 8.44
N THR D 863 -27.60 -36.35 9.36
CA THR D 863 -26.53 -37.32 9.15
C THR D 863 -26.85 -38.20 7.95
N ASP D 864 -25.83 -38.90 7.48
CA ASP D 864 -26.01 -39.75 6.31
C ASP D 864 -27.03 -40.85 6.58
N GLU D 865 -27.07 -41.35 7.82
CA GLU D 865 -28.07 -42.36 8.15
C GLU D 865 -29.48 -41.78 8.08
N MET D 866 -29.67 -40.56 8.56
CA MET D 866 -30.99 -39.94 8.51
C MET D 866 -31.40 -39.63 7.08
N ILE D 867 -30.44 -39.23 6.23
CA ILE D 867 -30.75 -39.01 4.83
C ILE D 867 -31.12 -40.32 4.16
N ALA D 868 -30.43 -41.40 4.50
CA ALA D 868 -30.80 -42.71 3.99
C ALA D 868 -32.18 -43.12 4.46
N GLN D 869 -32.54 -42.72 5.68
CA GLN D 869 -33.88 -43.02 6.17
C GLN D 869 -34.94 -42.24 5.40
N TYR D 870 -34.68 -40.97 5.11
CA TYR D 870 -35.57 -40.22 4.23
C TYR D 870 -35.72 -40.88 2.87
N THR D 871 -34.61 -41.26 2.24
CA THR D 871 -34.70 -41.86 0.92
C THR D 871 -35.43 -43.20 0.98
N SER D 872 -35.23 -43.97 2.04
CA SER D 872 -35.97 -45.21 2.20
C SER D 872 -37.46 -44.94 2.40
N ALA D 873 -37.81 -43.88 3.12
CA ALA D 873 -39.21 -43.53 3.29
C ALA D 873 -39.84 -43.16 1.94
N LEU D 874 -39.14 -42.33 1.17
CA LEU D 874 -39.62 -41.96 -0.15
C LEU D 874 -39.79 -43.19 -1.03
N LEU D 875 -38.82 -44.09 -0.98
CA LEU D 875 -38.83 -45.26 -1.84
C LEU D 875 -39.93 -46.24 -1.44
N ALA D 876 -40.13 -46.46 -0.14
CA ALA D 876 -41.19 -47.37 0.30
C ALA D 876 -42.57 -46.77 0.03
N GLY D 877 -42.71 -45.46 0.24
CA GLY D 877 -43.95 -44.82 -0.13
C GLY D 877 -44.24 -44.94 -1.61
N THR D 878 -43.21 -44.72 -2.45
CA THR D 878 -43.38 -44.89 -3.89
C THR D 878 -43.84 -46.30 -4.21
N ILE D 879 -43.12 -47.30 -3.73
CA ILE D 879 -43.40 -48.68 -4.06
C ILE D 879 -44.81 -49.07 -3.67
N THR D 880 -45.23 -48.70 -2.45
CA THR D 880 -46.51 -49.20 -1.96
C THR D 880 -47.69 -48.31 -2.32
N SER D 881 -47.46 -47.06 -2.75
CA SER D 881 -48.58 -46.15 -2.93
C SER D 881 -48.61 -45.44 -4.28
N GLY D 882 -47.48 -45.10 -4.87
CA GLY D 882 -47.50 -44.34 -6.10
C GLY D 882 -47.19 -42.87 -5.90
N TRP D 883 -47.99 -42.01 -6.52
CA TRP D 883 -47.90 -40.58 -6.29
C TRP D 883 -48.79 -40.09 -5.17
N THR D 884 -49.66 -40.96 -4.66
CA THR D 884 -50.63 -40.53 -3.67
C THR D 884 -49.94 -40.07 -2.39
N PHE D 885 -48.85 -40.71 -2.01
CA PHE D 885 -48.19 -40.34 -0.76
C PHE D 885 -47.58 -38.94 -0.83
N GLY D 886 -47.48 -38.35 -2.01
CA GLY D 886 -46.99 -37.00 -2.12
C GLY D 886 -48.10 -36.03 -2.43
N ALA D 887 -49.16 -36.55 -3.03
CA ALA D 887 -50.32 -35.71 -3.32
C ALA D 887 -51.27 -35.61 -2.13
N GLY D 888 -51.04 -36.34 -1.07
CA GLY D 888 -51.91 -36.31 0.09
C GLY D 888 -51.53 -37.35 1.11
N PRO D 889 -52.50 -38.12 1.58
CA PRO D 889 -52.18 -39.26 2.44
C PRO D 889 -51.83 -40.46 1.58
N ALA D 890 -51.02 -41.35 2.14
CA ALA D 890 -50.54 -42.50 1.37
C ALA D 890 -51.64 -43.53 1.23
N LEU D 891 -51.84 -44.01 0.02
CA LEU D 891 -52.88 -44.97 -0.32
C LEU D 891 -52.23 -46.20 -0.90
N GLN D 892 -52.44 -47.35 -0.26
CA GLN D 892 -51.82 -48.57 -0.75
C GLN D 892 -52.39 -48.96 -2.10
N ILE D 893 -51.54 -49.56 -2.94
CA ILE D 893 -51.94 -50.05 -4.25
C ILE D 893 -50.96 -51.12 -4.68
N PRO D 894 -51.41 -52.25 -5.21
CA PRO D 894 -50.48 -53.28 -5.66
C PRO D 894 -49.56 -52.72 -6.73
N PHE D 895 -48.30 -53.12 -6.69
CA PHE D 895 -47.33 -52.57 -7.62
C PHE D 895 -47.62 -52.88 -9.08
N PRO D 896 -48.07 -54.07 -9.48
CA PRO D 896 -48.53 -54.21 -10.87
C PRO D 896 -49.62 -53.24 -11.22
N MET D 897 -50.53 -52.93 -10.28
CA MET D 897 -51.54 -51.93 -10.57
C MET D 897 -50.93 -50.55 -10.73
N GLN D 898 -49.92 -50.23 -9.93
CA GLN D 898 -49.28 -48.93 -10.08
C GLN D 898 -48.57 -48.80 -11.42
N MET D 899 -47.90 -49.86 -11.87
CA MET D 899 -47.30 -49.79 -13.20
C MET D 899 -48.35 -49.74 -14.29
N ALA D 900 -49.52 -50.34 -14.09
CA ALA D 900 -50.59 -50.16 -15.05
C ALA D 900 -51.02 -48.70 -15.09
N TYR D 901 -51.09 -48.06 -13.92
CA TYR D 901 -51.32 -46.62 -13.87
C TYR D 901 -50.30 -45.86 -14.70
N ARG D 902 -49.02 -46.17 -14.51
CA ARG D 902 -47.98 -45.41 -15.20
C ARG D 902 -48.02 -45.63 -16.71
N PHE D 903 -48.22 -46.88 -17.14
CA PHE D 903 -48.39 -47.12 -18.57
C PHE D 903 -49.58 -46.35 -19.12
N ASN D 904 -50.70 -46.36 -18.40
CA ASN D 904 -51.82 -45.54 -18.83
C ASN D 904 -51.43 -44.07 -18.86
N GLY D 905 -50.47 -43.68 -18.04
CA GLY D 905 -50.00 -42.31 -18.06
C GLY D 905 -49.25 -41.98 -19.33
N ILE D 906 -48.44 -42.89 -19.85
CA ILE D 906 -47.66 -42.62 -21.05
C ILE D 906 -48.47 -42.94 -22.31
N GLY D 907 -49.76 -43.19 -22.15
CA GLY D 907 -50.59 -43.44 -23.31
C GLY D 907 -50.62 -44.87 -23.81
N VAL D 908 -50.06 -45.81 -23.05
CA VAL D 908 -50.11 -47.24 -23.38
C VAL D 908 -51.16 -47.89 -22.49
N THR D 909 -52.12 -48.58 -23.10
CA THR D 909 -53.20 -49.16 -22.33
C THR D 909 -52.67 -50.18 -21.33
N GLN D 910 -53.49 -50.47 -20.32
CA GLN D 910 -53.06 -51.32 -19.22
C GLN D 910 -52.81 -52.75 -19.66
N ASN D 911 -53.55 -53.22 -20.67
CA ASN D 911 -53.43 -54.62 -21.08
C ASN D 911 -51.99 -54.96 -21.44
N VAL D 912 -51.23 -53.97 -21.92
CA VAL D 912 -49.82 -54.21 -22.19
C VAL D 912 -49.11 -54.70 -20.94
N LEU D 913 -49.29 -54.00 -19.82
CA LEU D 913 -48.62 -54.44 -18.59
C LEU D 913 -49.22 -55.74 -18.07
N TYR D 914 -50.54 -55.83 -17.97
CA TYR D 914 -51.08 -57.04 -17.37
C TYR D 914 -50.92 -58.27 -18.24
N GLU D 915 -50.48 -58.11 -19.49
CA GLU D 915 -50.19 -59.25 -20.32
C GLU D 915 -48.70 -59.45 -20.57
N ASN D 916 -47.86 -58.49 -20.21
CA ASN D 916 -46.41 -58.67 -20.28
C ASN D 916 -45.77 -58.41 -18.92
N GLN D 917 -46.49 -58.73 -17.84
CA GLN D 917 -45.98 -58.48 -16.50
C GLN D 917 -44.66 -59.20 -16.26
N LYS D 918 -44.58 -60.48 -16.62
CA LYS D 918 -43.35 -61.24 -16.37
C LYS D 918 -42.19 -60.63 -17.13
N LEU D 919 -42.40 -60.33 -18.41
CA LEU D 919 -41.35 -59.76 -19.23
C LEU D 919 -40.90 -58.41 -18.69
N ILE D 920 -41.85 -57.57 -18.29
CA ILE D 920 -41.50 -56.23 -17.81
C ILE D 920 -40.80 -56.32 -16.47
N ALA D 921 -41.22 -57.23 -15.60
CA ALA D 921 -40.53 -57.42 -14.33
C ALA D 921 -39.10 -57.87 -14.54
N ASN D 922 -38.88 -58.81 -15.46
CA ASN D 922 -37.52 -59.26 -15.74
C ASN D 922 -36.68 -58.13 -16.34
N GLN D 923 -37.26 -57.34 -17.24
CA GLN D 923 -36.52 -56.22 -17.81
C GLN D 923 -36.15 -55.20 -16.75
N PHE D 924 -37.08 -54.90 -15.84
CA PHE D 924 -36.79 -53.94 -14.78
C PHE D 924 -35.70 -54.47 -13.85
N ASN D 925 -35.77 -55.74 -13.46
CA ASN D 925 -34.73 -56.30 -12.61
C ASN D 925 -33.37 -56.28 -13.29
N SER D 926 -33.32 -56.68 -14.56
CA SER D 926 -32.06 -56.67 -15.29
C SER D 926 -31.51 -55.27 -15.42
N ALA D 927 -32.38 -54.28 -15.65
CA ALA D 927 -31.93 -52.90 -15.75
C ALA D 927 -31.35 -52.42 -14.44
N ILE D 928 -31.97 -52.77 -13.31
CA ILE D 928 -31.42 -52.41 -12.01
C ILE D 928 -30.05 -53.04 -11.81
N GLY D 929 -29.92 -54.32 -12.16
CA GLY D 929 -28.63 -54.99 -12.05
C GLY D 929 -27.56 -54.33 -12.91
N LYS D 930 -27.93 -53.95 -14.13
CA LYS D 930 -26.97 -53.30 -15.01
C LYS D 930 -26.54 -51.94 -14.46
N ILE D 931 -27.46 -51.22 -13.82
CA ILE D 931 -27.07 -49.96 -13.18
C ILE D 931 -26.05 -50.24 -12.09
N GLN D 932 -26.30 -51.26 -11.27
CA GLN D 932 -25.33 -51.56 -10.22
C GLN D 932 -23.97 -51.89 -10.82
N ASP D 933 -23.95 -52.70 -11.88
CA ASP D 933 -22.69 -53.10 -12.50
C ASP D 933 -21.96 -51.91 -13.12
N SER D 934 -22.69 -51.03 -13.81
CA SER D 934 -22.06 -49.88 -14.44
C SER D 934 -21.49 -48.93 -13.40
N LEU D 935 -22.23 -48.70 -12.32
CA LEU D 935 -21.71 -47.87 -11.24
C LEU D 935 -20.45 -48.49 -10.64
N SER D 936 -20.46 -49.81 -10.43
CA SER D 936 -19.30 -50.47 -9.85
C SER D 936 -18.08 -50.38 -10.78
N SER D 937 -18.29 -50.56 -12.08
CA SER D 937 -17.16 -50.63 -13.00
C SER D 937 -16.62 -49.25 -13.35
N THR D 938 -17.46 -48.39 -13.91
CA THR D 938 -16.98 -47.09 -14.38
C THR D 938 -16.53 -46.25 -13.20
N PRO D 939 -15.28 -45.77 -13.18
CA PRO D 939 -14.83 -44.97 -12.04
C PRO D 939 -15.29 -43.53 -12.07
N SER D 940 -15.57 -42.98 -13.25
CA SER D 940 -16.00 -41.59 -13.39
C SER D 940 -17.51 -41.46 -13.50
N ALA D 941 -18.27 -42.43 -12.98
CA ALA D 941 -19.72 -42.32 -12.96
C ALA D 941 -20.17 -41.19 -12.05
N LEU D 942 -19.57 -41.08 -10.87
CA LEU D 942 -19.94 -40.08 -9.87
C LEU D 942 -19.19 -38.78 -10.11
N GLY D 943 -19.23 -38.34 -11.37
CA GLY D 943 -18.40 -37.22 -11.77
C GLY D 943 -18.79 -35.92 -11.12
N LYS D 944 -20.10 -35.65 -11.04
CA LYS D 944 -20.55 -34.37 -10.52
C LYS D 944 -20.23 -34.21 -9.04
N LEU D 945 -20.57 -35.21 -8.23
CA LEU D 945 -20.28 -35.13 -6.80
C LEU D 945 -18.78 -35.10 -6.55
N GLN D 946 -18.03 -35.95 -7.25
CA GLN D 946 -16.59 -35.94 -7.08
C GLN D 946 -16.01 -34.59 -7.45
N ASP D 947 -16.54 -33.96 -8.50
CA ASP D 947 -16.03 -32.65 -8.91
C ASP D 947 -16.36 -31.59 -7.87
N VAL D 948 -17.54 -31.64 -7.28
CA VAL D 948 -17.89 -30.67 -6.24
C VAL D 948 -16.93 -30.81 -5.06
N VAL D 949 -16.70 -32.05 -4.61
CA VAL D 949 -15.81 -32.27 -3.48
C VAL D 949 -14.41 -31.81 -3.81
N ASN D 950 -13.92 -32.12 -5.01
CA ASN D 950 -12.57 -31.74 -5.39
C ASN D 950 -12.43 -30.23 -5.49
N GLN D 951 -13.43 -29.53 -6.03
CA GLN D 951 -13.36 -28.09 -6.11
C GLN D 951 -13.32 -27.47 -4.73
N ASN D 952 -14.14 -27.96 -3.80
CA ASN D 952 -14.10 -27.42 -2.45
C ASN D 952 -12.74 -27.67 -1.78
N ALA D 953 -12.21 -28.87 -1.94
CA ALA D 953 -10.92 -29.19 -1.35
C ALA D 953 -9.81 -28.34 -1.94
N GLN D 954 -9.85 -28.11 -3.25
CA GLN D 954 -8.86 -27.25 -3.88
C GLN D 954 -8.97 -25.82 -3.38
N ALA D 955 -10.21 -25.33 -3.20
CA ALA D 955 -10.37 -23.98 -2.67
C ALA D 955 -9.78 -23.86 -1.28
N LEU D 956 -10.07 -24.83 -0.41
CA LEU D 956 -9.49 -24.78 0.94
C LEU D 956 -7.97 -24.88 0.90
N ASN D 957 -7.43 -25.75 0.06
CA ASN D 957 -5.98 -25.91 0.00
C ASN D 957 -5.32 -24.63 -0.51
N THR D 958 -5.90 -23.98 -1.50
CA THR D 958 -5.35 -22.72 -1.97
C THR D 958 -5.44 -21.66 -0.90
N LEU D 959 -6.54 -21.63 -0.16
CA LEU D 959 -6.67 -20.66 0.93
C LEU D 959 -5.59 -20.88 1.98
N VAL D 960 -5.30 -22.13 2.30
CA VAL D 960 -4.27 -22.42 3.30
C VAL D 960 -2.89 -22.06 2.76
N LYS D 961 -2.61 -22.44 1.51
CA LYS D 961 -1.35 -22.08 0.88
C LYS D 961 -1.14 -20.57 0.84
N GLN D 962 -2.20 -19.78 0.78
CA GLN D 962 -2.05 -18.34 0.73
C GLN D 962 -1.37 -17.77 1.96
N LEU D 963 -1.32 -18.53 3.07
CA LEU D 963 -0.59 -18.05 4.23
C LEU D 963 0.90 -17.93 3.96
N SER D 964 1.47 -18.88 3.22
CA SER D 964 2.90 -18.89 2.97
C SER D 964 3.35 -17.76 2.06
N SER D 965 2.43 -17.04 1.43
CA SER D 965 2.82 -15.98 0.50
C SER D 965 3.29 -14.76 1.26
N ASN D 966 4.38 -14.14 0.77
CA ASN D 966 4.91 -12.96 1.43
C ASN D 966 4.05 -11.73 1.20
N PHE D 967 3.37 -11.66 0.06
CA PHE D 967 2.52 -10.52 -0.30
C PHE D 967 3.30 -9.22 -0.30
N GLY D 968 4.60 -9.28 -0.58
CA GLY D 968 5.44 -8.11 -0.58
C GLY D 968 6.05 -7.77 0.76
N ALA D 969 5.71 -8.50 1.82
CA ALA D 969 6.29 -8.24 3.12
C ALA D 969 7.65 -8.94 3.23
N ILE D 970 8.33 -8.69 4.36
CA ILE D 970 9.65 -9.28 4.55
C ILE D 970 9.54 -10.79 4.73
N SER D 971 8.50 -11.26 5.40
CA SER D 971 8.32 -12.68 5.61
C SER D 971 6.84 -12.98 5.79
N SER D 972 6.50 -14.25 5.64
CA SER D 972 5.11 -14.70 5.69
C SER D 972 4.71 -15.22 7.06
N VAL D 973 5.52 -14.98 8.09
CA VAL D 973 5.24 -15.45 9.44
C VAL D 973 5.08 -14.23 10.35
N LEU D 974 3.95 -14.16 11.05
CA LEU D 974 3.71 -13.04 11.94
C LEU D 974 4.74 -12.99 13.06
N ASN D 975 5.11 -14.14 13.61
CA ASN D 975 6.13 -14.14 14.65
C ASN D 975 7.46 -13.65 14.12
N ASP D 976 7.82 -14.05 12.90
CA ASP D 976 9.08 -13.58 12.31
C ASP D 976 9.02 -12.09 12.01
N ILE D 977 7.85 -11.54 11.74
CA ILE D 977 7.73 -10.11 11.52
C ILE D 977 7.84 -9.35 12.84
N LEU D 978 7.12 -9.83 13.87
CA LEU D 978 7.17 -9.18 15.17
C LEU D 978 8.58 -9.22 15.75
N SER D 979 9.18 -10.40 15.81
CA SER D 979 10.59 -10.47 16.17
C SER D 979 11.43 -9.92 15.02
N ARG D 980 12.66 -9.52 15.34
CA ARG D 980 13.67 -9.05 14.40
C ARG D 980 13.31 -7.68 13.84
N LEU D 981 12.08 -7.21 14.05
CA LEU D 981 11.67 -5.89 13.60
C LEU D 981 10.93 -5.19 14.73
N ASP D 982 11.26 -3.92 14.92
CA ASP D 982 10.61 -3.07 15.91
C ASP D 982 9.24 -2.60 15.39
N PRO D 983 8.38 -2.13 16.29
CA PRO D 983 6.98 -1.84 15.94
C PRO D 983 6.80 -0.86 14.80
N PRO D 984 7.58 0.24 14.70
CA PRO D 984 7.19 1.27 13.72
C PRO D 984 7.11 0.78 12.27
N GLU D 985 8.01 -0.09 11.82
CA GLU D 985 7.83 -0.68 10.50
C GLU D 985 7.26 -2.10 10.57
N ALA D 986 7.27 -2.71 11.76
CA ALA D 986 6.49 -3.94 11.91
C ALA D 986 5.03 -3.70 11.60
N GLU D 987 4.53 -2.50 11.92
CA GLU D 987 3.16 -2.13 11.60
C GLU D 987 2.90 -2.19 10.10
N VAL D 988 3.80 -1.59 9.30
CA VAL D 988 3.57 -1.56 7.86
C VAL D 988 3.74 -2.95 7.25
N GLN D 989 4.70 -3.73 7.74
CA GLN D 989 4.84 -5.09 7.23
C GLN D 989 3.60 -5.92 7.52
N ILE D 990 3.10 -5.84 8.75
CA ILE D 990 1.88 -6.56 9.11
C ILE D 990 0.71 -6.05 8.29
N ASP D 991 0.64 -4.75 8.02
CA ASP D 991 -0.48 -4.22 7.25
C ASP D 991 -0.46 -4.73 5.82
N ARG D 992 0.73 -4.83 5.22
CA ARG D 992 0.83 -5.42 3.89
C ARG D 992 0.37 -6.87 3.91
N LEU D 993 0.81 -7.62 4.92
CA LEU D 993 0.41 -9.01 5.03
C LEU D 993 -1.09 -9.15 5.25
N ILE D 994 -1.68 -8.25 6.04
CA ILE D 994 -3.11 -8.27 6.29
C ILE D 994 -3.88 -7.97 5.02
N THR D 995 -3.43 -6.99 4.25
CA THR D 995 -4.09 -6.69 2.99
C THR D 995 -4.06 -7.91 2.07
N GLY D 996 -2.90 -8.57 1.97
CA GLY D 996 -2.83 -9.76 1.14
C GLY D 996 -3.76 -10.87 1.62
N ARG D 997 -3.74 -11.16 2.91
CA ARG D 997 -4.53 -12.27 3.43
C ARG D 997 -6.03 -11.98 3.37
N LEU D 998 -6.42 -10.73 3.63
CA LEU D 998 -7.82 -10.37 3.53
C LEU D 998 -8.30 -10.40 2.08
N GLN D 999 -7.45 -9.99 1.14
CA GLN D 999 -7.79 -10.15 -0.27
C GLN D 999 -7.99 -11.62 -0.61
N SER D 1000 -7.11 -12.48 -0.10
CA SER D 1000 -7.27 -13.91 -0.34
C SER D 1000 -8.55 -14.46 0.24
N LEU D 1001 -8.90 -14.07 1.46
CA LEU D 1001 -10.14 -14.55 2.07
C LEU D 1001 -11.37 -14.01 1.36
N GLN D 1002 -11.34 -12.75 0.90
CA GLN D 1002 -12.44 -12.24 0.10
C GLN D 1002 -12.60 -13.02 -1.19
N THR D 1003 -11.48 -13.34 -1.85
CA THR D 1003 -11.55 -14.17 -3.04
C THR D 1003 -12.14 -15.54 -2.74
N TYR D 1004 -11.72 -16.17 -1.65
CA TYR D 1004 -12.27 -17.48 -1.31
C TYR D 1004 -13.76 -17.41 -1.07
N VAL D 1005 -14.21 -16.44 -0.28
CA VAL D 1005 -15.65 -16.38 0.01
C VAL D 1005 -16.46 -15.97 -1.20
N THR D 1006 -15.91 -15.15 -2.10
CA THR D 1006 -16.66 -14.82 -3.31
C THR D 1006 -16.79 -16.02 -4.22
N GLN D 1007 -15.70 -16.77 -4.42
CA GLN D 1007 -15.79 -17.98 -5.22
C GLN D 1007 -16.73 -18.97 -4.57
N GLN D 1008 -16.74 -19.04 -3.23
CA GLN D 1008 -17.63 -19.95 -2.55
C GLN D 1008 -19.08 -19.50 -2.65
N LEU D 1009 -19.33 -18.20 -2.69
CA LEU D 1009 -20.68 -17.72 -2.90
C LEU D 1009 -21.16 -18.07 -4.31
N ILE D 1010 -20.29 -17.92 -5.30
CA ILE D 1010 -20.60 -18.37 -6.66
C ILE D 1010 -20.96 -19.85 -6.66
N ARG D 1011 -20.10 -20.67 -6.07
CA ARG D 1011 -20.31 -22.11 -6.11
C ARG D 1011 -21.52 -22.52 -5.28
N ALA D 1012 -21.81 -21.80 -4.20
CA ALA D 1012 -23.00 -22.08 -3.42
C ALA D 1012 -24.26 -21.74 -4.19
N ALA D 1013 -24.23 -20.66 -4.98
CA ALA D 1013 -25.36 -20.37 -5.84
C ALA D 1013 -25.53 -21.45 -6.89
N GLU D 1014 -24.41 -21.93 -7.45
CA GLU D 1014 -24.49 -23.02 -8.43
C GLU D 1014 -25.06 -24.29 -7.82
N ILE D 1015 -24.62 -24.63 -6.61
CA ILE D 1015 -25.14 -25.81 -5.92
C ILE D 1015 -26.59 -25.61 -5.53
N ARG D 1016 -26.97 -24.39 -5.14
CA ARG D 1016 -28.36 -24.11 -4.82
C ARG D 1016 -29.25 -24.30 -6.03
N ALA D 1017 -28.79 -23.86 -7.20
CA ALA D 1017 -29.55 -24.11 -8.42
C ALA D 1017 -29.63 -25.59 -8.72
N SER D 1018 -28.51 -26.31 -8.58
CA SER D 1018 -28.50 -27.74 -8.86
C SER D 1018 -29.42 -28.49 -7.91
N ALA D 1019 -29.48 -28.06 -6.66
CA ALA D 1019 -30.27 -28.78 -5.67
C ALA D 1019 -31.72 -28.35 -5.67
N ASN D 1020 -32.04 -27.13 -6.12
CA ASN D 1020 -33.42 -26.82 -6.45
C ASN D 1020 -33.89 -27.66 -7.62
N LEU D 1021 -33.01 -27.88 -8.60
CA LEU D 1021 -33.34 -28.80 -9.67
C LEU D 1021 -33.52 -30.22 -9.13
N ALA D 1022 -32.69 -30.62 -8.17
CA ALA D 1022 -32.84 -31.93 -7.57
C ALA D 1022 -34.15 -32.06 -6.81
N ALA D 1023 -34.53 -31.01 -6.08
CA ALA D 1023 -35.78 -31.03 -5.33
C ALA D 1023 -36.98 -31.10 -6.26
N THR D 1024 -36.98 -30.31 -7.32
CA THR D 1024 -38.11 -30.39 -8.24
C THR D 1024 -38.09 -31.69 -9.03
N LYS D 1025 -36.92 -32.23 -9.34
CA LYS D 1025 -36.86 -33.52 -9.98
C LYS D 1025 -37.42 -34.60 -9.07
N MET D 1026 -37.11 -34.53 -7.77
CA MET D 1026 -37.76 -35.41 -6.81
C MET D 1026 -39.27 -35.27 -6.86
N SER D 1027 -39.75 -34.03 -6.77
CA SER D 1027 -41.18 -33.79 -6.69
C SER D 1027 -41.92 -34.26 -7.94
N GLU D 1028 -41.40 -34.02 -9.14
CA GLU D 1028 -42.12 -34.42 -10.33
C GLU D 1028 -41.77 -35.81 -10.85
N CYS D 1029 -40.73 -36.46 -10.33
CA CYS D 1029 -40.36 -37.77 -10.83
C CYS D 1029 -40.66 -38.88 -9.84
N VAL D 1030 -40.27 -38.77 -8.58
CA VAL D 1030 -40.54 -39.87 -7.66
C VAL D 1030 -41.85 -39.66 -6.91
N LEU D 1031 -42.19 -38.41 -6.58
CA LEU D 1031 -43.48 -38.14 -5.95
C LEU D 1031 -44.63 -38.25 -6.93
N GLY D 1032 -44.36 -38.41 -8.22
CA GLY D 1032 -45.40 -38.57 -9.21
C GLY D 1032 -44.78 -38.75 -10.58
N GLN D 1033 -45.60 -39.20 -11.51
CA GLN D 1033 -45.13 -39.42 -12.86
C GLN D 1033 -45.11 -38.10 -13.63
N SER D 1034 -44.08 -37.92 -14.45
CA SER D 1034 -43.86 -36.68 -15.17
C SER D 1034 -44.07 -36.87 -16.66
N LYS D 1035 -44.95 -36.07 -17.24
CA LYS D 1035 -45.09 -35.98 -18.69
C LYS D 1035 -44.14 -34.96 -19.28
N ARG D 1036 -43.29 -34.36 -18.46
CA ARG D 1036 -42.32 -33.38 -18.91
C ARG D 1036 -41.22 -34.07 -19.69
N VAL D 1037 -41.15 -33.81 -20.99
CA VAL D 1037 -40.33 -34.63 -21.87
C VAL D 1037 -38.86 -34.48 -21.55
N ASP D 1038 -38.16 -35.61 -21.46
CA ASP D 1038 -36.71 -35.64 -21.28
C ASP D 1038 -36.29 -34.90 -20.01
N PHE D 1039 -37.14 -34.99 -18.99
CA PHE D 1039 -36.83 -34.45 -17.66
C PHE D 1039 -36.46 -35.56 -16.69
N CYS D 1040 -37.33 -36.54 -16.51
CA CYS D 1040 -37.03 -37.72 -15.71
C CYS D 1040 -36.57 -38.83 -16.65
N GLY D 1041 -35.33 -38.73 -17.10
CA GLY D 1041 -34.73 -39.76 -17.91
C GLY D 1041 -35.19 -39.74 -19.35
N LYS D 1042 -34.33 -40.18 -20.27
CA LYS D 1042 -34.66 -40.17 -21.68
C LYS D 1042 -35.70 -41.25 -21.98
N GLY D 1043 -36.77 -40.85 -22.66
CA GLY D 1043 -37.86 -41.75 -22.98
C GLY D 1043 -39.12 -41.38 -22.21
N TYR D 1044 -40.19 -42.11 -22.50
CA TYR D 1044 -41.41 -41.95 -21.73
C TYR D 1044 -41.15 -42.39 -20.31
N HIS D 1045 -41.50 -41.53 -19.35
CA HIS D 1045 -41.10 -41.72 -17.97
C HIS D 1045 -42.14 -42.54 -17.23
N LEU D 1046 -41.67 -43.47 -16.40
CA LEU D 1046 -42.54 -44.32 -15.60
C LEU D 1046 -42.39 -44.04 -14.10
N MET D 1047 -41.20 -44.12 -13.56
CA MET D 1047 -41.00 -44.01 -12.12
C MET D 1047 -39.70 -43.28 -11.87
N SER D 1048 -39.33 -43.19 -10.61
CA SER D 1048 -38.00 -42.74 -10.26
C SER D 1048 -37.72 -43.15 -8.83
N PHE D 1049 -36.45 -43.28 -8.52
CA PHE D 1049 -36.05 -43.78 -7.22
C PHE D 1049 -34.89 -42.94 -6.69
N PRO D 1050 -35.06 -42.21 -5.61
CA PRO D 1050 -33.94 -41.48 -5.05
C PRO D 1050 -32.98 -42.43 -4.37
N GLN D 1051 -31.69 -42.15 -4.53
CA GLN D 1051 -30.65 -42.87 -3.80
C GLN D 1051 -29.67 -41.84 -3.29
N SER D 1052 -29.48 -41.77 -1.99
CA SER D 1052 -28.57 -40.79 -1.42
C SER D 1052 -27.15 -41.08 -1.85
N ALA D 1053 -26.38 -40.03 -2.05
CA ALA D 1053 -24.96 -40.13 -2.34
C ALA D 1053 -24.28 -39.00 -1.59
N PRO D 1054 -22.99 -39.14 -1.29
CA PRO D 1054 -22.31 -38.13 -0.48
C PRO D 1054 -22.39 -36.74 -1.07
N HIS D 1055 -23.12 -35.85 -0.40
CA HIS D 1055 -23.34 -34.48 -0.86
C HIS D 1055 -24.03 -34.46 -2.22
N GLY D 1056 -25.10 -35.23 -2.34
CA GLY D 1056 -25.82 -35.27 -3.59
C GLY D 1056 -26.96 -36.26 -3.53
N VAL D 1057 -27.58 -36.50 -4.69
CA VAL D 1057 -28.64 -37.47 -4.81
C VAL D 1057 -28.54 -38.12 -6.18
N VAL D 1058 -28.92 -39.39 -6.26
CA VAL D 1058 -28.87 -40.17 -7.48
C VAL D 1058 -30.26 -40.71 -7.76
N PHE D 1059 -30.75 -40.50 -8.98
CA PHE D 1059 -32.07 -40.94 -9.39
C PHE D 1059 -31.95 -42.11 -10.35
N LEU D 1060 -32.90 -43.03 -10.28
CA LEU D 1060 -32.95 -44.16 -11.20
C LEU D 1060 -34.23 -44.02 -12.01
N HIS D 1061 -34.14 -43.24 -13.09
CA HIS D 1061 -35.32 -42.88 -13.88
C HIS D 1061 -35.77 -44.09 -14.68
N VAL D 1062 -36.76 -44.83 -14.18
CA VAL D 1062 -37.30 -45.95 -14.93
C VAL D 1062 -38.14 -45.41 -16.07
N THR D 1063 -37.65 -45.58 -17.29
CA THR D 1063 -38.29 -45.02 -18.47
C THR D 1063 -38.70 -46.12 -19.44
N TYR D 1064 -39.72 -45.83 -20.23
CA TYR D 1064 -40.26 -46.74 -21.23
C TYR D 1064 -39.77 -46.29 -22.59
N VAL D 1065 -39.13 -47.20 -23.34
CA VAL D 1065 -38.53 -46.87 -24.62
C VAL D 1065 -39.02 -47.87 -25.66
N PRO D 1066 -39.67 -47.43 -26.74
CA PRO D 1066 -40.08 -48.37 -27.80
C PRO D 1066 -38.87 -48.98 -28.49
N ALA D 1067 -39.04 -50.21 -28.97
CA ALA D 1067 -37.89 -50.95 -29.48
C ALA D 1067 -38.01 -51.38 -30.93
N GLN D 1068 -39.05 -52.12 -31.29
CA GLN D 1068 -39.08 -52.82 -32.58
C GLN D 1068 -40.12 -52.19 -33.48
N GLU D 1069 -39.67 -51.37 -34.41
CA GLU D 1069 -40.58 -50.68 -35.31
C GLU D 1069 -41.10 -51.62 -36.38
N LYS D 1070 -42.37 -51.49 -36.71
CA LYS D 1070 -42.92 -52.03 -37.94
C LYS D 1070 -43.70 -50.90 -38.59
N ASN D 1071 -43.41 -50.62 -39.86
CA ASN D 1071 -43.99 -49.48 -40.53
C ASN D 1071 -45.12 -49.91 -41.44
N PHE D 1072 -46.27 -49.24 -41.33
CA PHE D 1072 -47.48 -49.59 -42.05
C PHE D 1072 -47.93 -48.40 -42.89
N THR D 1073 -49.04 -48.61 -43.59
CA THR D 1073 -49.68 -47.57 -44.37
C THR D 1073 -50.81 -46.96 -43.56
N THR D 1074 -50.80 -45.64 -43.41
CA THR D 1074 -51.73 -44.95 -42.55
C THR D 1074 -52.62 -44.02 -43.37
N ALA D 1075 -53.83 -43.78 -42.87
CA ALA D 1075 -54.75 -42.86 -43.49
C ALA D 1075 -55.40 -42.01 -42.42
N PRO D 1076 -55.59 -40.71 -42.67
CA PRO D 1076 -56.16 -39.85 -41.63
C PRO D 1076 -57.56 -40.25 -41.19
N ALA D 1077 -58.35 -40.85 -42.07
CA ALA D 1077 -59.72 -41.15 -41.73
C ALA D 1077 -60.18 -42.35 -42.55
N ILE D 1078 -61.46 -42.69 -42.43
CA ILE D 1078 -62.05 -43.82 -43.13
C ILE D 1078 -63.43 -43.42 -43.62
N CYS D 1079 -63.71 -43.70 -44.90
CA CYS D 1079 -65.04 -43.46 -45.48
C CYS D 1079 -65.84 -44.74 -45.36
N HIS D 1080 -66.72 -44.81 -44.36
CA HIS D 1080 -67.56 -46.01 -44.26
C HIS D 1080 -68.79 -45.91 -45.14
N ASP D 1081 -69.66 -44.93 -44.87
CA ASP D 1081 -70.90 -44.72 -45.61
C ASP D 1081 -70.98 -43.30 -46.10
N GLY D 1082 -69.88 -42.80 -46.65
CA GLY D 1082 -69.81 -41.42 -47.05
C GLY D 1082 -69.48 -40.45 -45.93
N LYS D 1083 -69.28 -40.95 -44.71
CA LYS D 1083 -68.95 -40.13 -43.56
C LYS D 1083 -67.58 -40.53 -43.04
N ALA D 1084 -66.72 -39.55 -42.82
CA ALA D 1084 -65.38 -39.85 -42.35
C ALA D 1084 -65.43 -40.44 -40.94
N HIS D 1085 -64.47 -41.31 -40.66
CA HIS D 1085 -64.33 -41.93 -39.34
C HIS D 1085 -62.91 -41.67 -38.85
N PHE D 1086 -62.80 -41.07 -37.69
CA PHE D 1086 -61.50 -40.79 -37.13
C PHE D 1086 -61.28 -41.62 -35.87
N PRO D 1087 -60.04 -41.98 -35.55
CA PRO D 1087 -59.81 -42.84 -34.39
C PRO D 1087 -60.02 -42.06 -33.09
N ARG D 1088 -60.68 -42.69 -32.12
CA ARG D 1088 -60.80 -42.05 -30.81
C ARG D 1088 -59.45 -41.97 -30.13
N GLU D 1089 -58.86 -43.13 -29.82
CA GLU D 1089 -57.49 -43.19 -29.34
C GLU D 1089 -56.69 -44.03 -30.34
N GLY D 1090 -55.60 -43.49 -30.83
CA GLY D 1090 -54.74 -44.23 -31.72
C GLY D 1090 -54.84 -43.77 -33.16
N VAL D 1091 -54.30 -44.62 -34.04
CA VAL D 1091 -54.16 -44.30 -35.45
C VAL D 1091 -54.66 -45.46 -36.28
N PHE D 1092 -54.87 -45.19 -37.56
CA PHE D 1092 -55.25 -46.21 -38.52
C PHE D 1092 -54.02 -46.76 -39.21
N VAL D 1093 -53.92 -48.08 -39.26
CA VAL D 1093 -52.82 -48.76 -39.93
C VAL D 1093 -53.40 -49.90 -40.74
N SER D 1094 -52.59 -50.42 -41.65
CA SER D 1094 -52.98 -51.60 -42.42
C SER D 1094 -51.73 -52.34 -42.81
N ASN D 1095 -51.80 -53.66 -42.79
CA ASN D 1095 -50.65 -54.47 -43.20
C ASN D 1095 -50.64 -54.73 -44.70
N GLY D 1096 -51.60 -54.19 -45.44
CA GLY D 1096 -51.62 -54.33 -46.88
C GLY D 1096 -52.99 -54.64 -47.44
N THR D 1097 -53.78 -55.39 -46.68
CA THR D 1097 -55.13 -55.76 -47.12
C THR D 1097 -56.22 -55.20 -46.24
N HIS D 1098 -56.14 -55.41 -44.93
CA HIS D 1098 -57.17 -54.98 -44.00
C HIS D 1098 -56.67 -53.82 -43.16
N TRP D 1099 -57.58 -52.91 -42.81
CA TRP D 1099 -57.26 -51.71 -42.05
C TRP D 1099 -57.56 -51.95 -40.58
N PHE D 1100 -56.63 -51.55 -39.72
CA PHE D 1100 -56.75 -51.71 -38.29
C PHE D 1100 -56.48 -50.38 -37.60
N VAL D 1101 -57.12 -50.19 -36.44
CA VAL D 1101 -56.85 -49.07 -35.56
C VAL D 1101 -56.01 -49.58 -34.40
N THR D 1102 -54.96 -48.83 -34.06
CA THR D 1102 -54.09 -49.27 -32.99
C THR D 1102 -53.62 -48.06 -32.20
N GLN D 1103 -53.25 -48.30 -30.95
CA GLN D 1103 -52.71 -47.23 -30.14
C GLN D 1103 -51.37 -46.79 -30.70
N ARG D 1104 -50.95 -45.58 -30.32
CA ARG D 1104 -49.84 -44.95 -31.01
C ARG D 1104 -48.50 -45.54 -30.60
N ASN D 1105 -48.35 -45.96 -29.34
CA ASN D 1105 -47.05 -46.36 -28.81
C ASN D 1105 -46.88 -47.87 -28.72
N PHE D 1106 -47.75 -48.65 -29.35
CA PHE D 1106 -47.66 -50.10 -29.28
C PHE D 1106 -48.51 -50.66 -30.39
N TYR D 1107 -48.02 -51.70 -31.04
CA TYR D 1107 -48.78 -52.31 -32.13
C TYR D 1107 -49.80 -53.25 -31.51
N GLU D 1108 -51.03 -52.78 -31.39
CA GLU D 1108 -52.16 -53.58 -30.94
C GLU D 1108 -53.27 -53.42 -31.98
N PRO D 1109 -53.14 -54.05 -33.14
CA PRO D 1109 -54.15 -53.89 -34.16
C PRO D 1109 -55.46 -54.51 -33.73
N GLN D 1110 -56.56 -53.87 -34.12
CA GLN D 1110 -57.87 -54.36 -33.77
C GLN D 1110 -58.90 -53.76 -34.72
N ILE D 1111 -59.90 -54.56 -35.07
CA ILE D 1111 -60.77 -54.25 -36.18
C ILE D 1111 -61.47 -52.92 -35.97
N ILE D 1112 -61.61 -52.16 -37.05
CA ILE D 1112 -62.27 -50.86 -36.97
C ILE D 1112 -63.71 -51.07 -36.52
N THR D 1113 -64.14 -50.28 -35.55
CA THR D 1113 -65.47 -50.43 -34.99
C THR D 1113 -65.94 -49.06 -34.53
N THR D 1114 -67.25 -48.85 -34.54
CA THR D 1114 -67.80 -47.56 -34.14
C THR D 1114 -67.39 -47.17 -32.73
N ASP D 1115 -67.06 -48.14 -31.88
CA ASP D 1115 -66.62 -47.82 -30.52
C ASP D 1115 -65.30 -47.04 -30.52
N ASN D 1116 -64.34 -47.44 -31.34
CA ASN D 1116 -63.04 -46.79 -31.35
C ASN D 1116 -62.88 -45.73 -32.43
N THR D 1117 -63.92 -45.45 -33.20
CA THR D 1117 -63.88 -44.41 -34.22
C THR D 1117 -65.10 -43.51 -34.08
N PHE D 1118 -64.87 -42.20 -34.05
CA PHE D 1118 -65.97 -41.23 -34.01
C PHE D 1118 -66.15 -40.61 -35.38
N VAL D 1119 -67.39 -40.60 -35.86
CA VAL D 1119 -67.71 -40.04 -37.16
C VAL D 1119 -67.73 -38.52 -37.05
N SER D 1120 -67.18 -37.85 -38.04
CA SER D 1120 -67.15 -36.39 -38.02
C SER D 1120 -66.93 -35.88 -39.44
N GLY D 1121 -67.98 -35.32 -40.04
CA GLY D 1121 -67.81 -34.65 -41.32
C GLY D 1121 -68.21 -35.48 -42.53
N ASN D 1122 -67.50 -35.25 -43.63
CA ASN D 1122 -67.83 -35.84 -44.92
C ASN D 1122 -66.56 -36.36 -45.58
N CYS D 1123 -66.76 -37.21 -46.60
CA CYS D 1123 -65.64 -37.84 -47.27
C CYS D 1123 -64.75 -36.83 -47.99
N ASP D 1124 -65.36 -35.85 -48.66
CA ASP D 1124 -64.61 -35.03 -49.60
C ASP D 1124 -63.68 -34.03 -48.91
N VAL D 1125 -64.02 -33.61 -47.69
CA VAL D 1125 -63.25 -32.53 -47.07
C VAL D 1125 -61.84 -33.00 -46.72
N VAL D 1126 -61.70 -34.24 -46.28
CA VAL D 1126 -60.40 -34.75 -45.84
C VAL D 1126 -59.60 -35.19 -47.04
N ILE D 1127 -58.30 -34.90 -47.04
CA ILE D 1127 -57.37 -35.37 -48.06
C ILE D 1127 -56.54 -36.50 -47.48
N GLY D 1128 -56.52 -37.63 -48.17
CA GLY D 1128 -55.87 -38.81 -47.66
C GLY D 1128 -56.79 -39.85 -47.07
N ILE D 1129 -58.09 -39.60 -47.07
CA ILE D 1129 -59.05 -40.55 -46.51
C ILE D 1129 -59.19 -41.73 -47.46
N VAL D 1130 -59.24 -42.94 -46.90
CA VAL D 1130 -59.30 -44.15 -47.70
C VAL D 1130 -60.62 -44.86 -47.45
N ASN D 1131 -61.12 -45.51 -48.48
CA ASN D 1131 -62.37 -46.26 -48.36
C ASN D 1131 -62.16 -47.53 -47.56
N ASN D 1132 -63.17 -47.90 -46.79
CA ASN D 1132 -63.17 -49.15 -46.03
C ASN D 1132 -64.55 -49.31 -45.40
N THR D 1133 -64.75 -50.47 -44.80
CA THR D 1133 -65.92 -50.73 -43.96
C THR D 1133 -65.54 -50.61 -42.50
N VAL D 1134 -66.49 -50.18 -41.68
CA VAL D 1134 -66.32 -50.11 -40.24
C VAL D 1134 -67.38 -51.02 -39.62
N TYR D 1135 -66.93 -52.10 -38.99
CA TYR D 1135 -67.84 -53.09 -38.44
C TYR D 1135 -68.69 -52.46 -37.33
N ASP D 1136 -69.98 -52.74 -37.36
CA ASP D 1136 -70.92 -52.25 -36.35
C ASP D 1136 -71.18 -53.35 -35.34
N PRO D 1137 -70.75 -53.21 -34.09
CA PRO D 1137 -70.94 -54.31 -33.13
C PRO D 1137 -72.40 -54.62 -32.86
N LEU D 1138 -73.27 -53.63 -32.99
CA LEU D 1138 -74.70 -53.80 -32.75
C LEU D 1138 -75.43 -54.44 -33.93
N GLN D 1139 -74.81 -54.48 -35.10
CA GLN D 1139 -75.46 -55.11 -36.26
C GLN D 1139 -75.68 -56.60 -36.08
N PRO D 1140 -74.69 -57.40 -35.67
CA PRO D 1140 -74.99 -58.82 -35.41
C PRO D 1140 -75.99 -59.01 -34.28
N GLU D 1141 -75.98 -58.14 -33.28
CA GLU D 1141 -76.96 -58.22 -32.21
C GLU D 1141 -78.37 -58.01 -32.74
N LEU D 1142 -78.54 -57.05 -33.65
CA LEU D 1142 -79.83 -56.88 -34.30
C LEU D 1142 -80.18 -58.10 -35.15
N ASP D 1143 -79.21 -58.63 -35.89
CA ASP D 1143 -79.49 -59.74 -36.80
C ASP D 1143 -79.93 -60.99 -36.03
N SER D 1144 -79.29 -61.27 -34.90
CA SER D 1144 -79.65 -62.43 -34.09
C SER D 1144 -81.00 -62.24 -33.42
N GLU E 1 60.40 61.22 -8.10
CA GLU E 1 60.09 60.20 -9.10
C GLU E 1 59.47 58.97 -8.44
N VAL E 2 59.95 57.80 -8.81
CA VAL E 2 59.48 56.53 -8.26
C VAL E 2 60.66 55.83 -7.61
N GLN E 3 60.47 55.38 -6.37
CA GLN E 3 61.50 54.69 -5.62
C GLN E 3 60.89 53.55 -4.82
N LEU E 4 61.58 52.42 -4.79
CA LEU E 4 61.14 51.24 -4.08
C LEU E 4 62.14 50.95 -2.96
N VAL E 5 61.63 50.86 -1.73
CA VAL E 5 62.46 50.62 -0.55
C VAL E 5 62.15 49.24 -0.01
N GLU E 6 63.19 48.42 0.15
CA GLU E 6 63.06 47.07 0.65
C GLU E 6 63.58 46.99 2.08
N SER E 7 62.82 46.36 2.96
CA SER E 7 63.19 46.25 4.36
C SER E 7 62.65 44.93 4.92
N GLY E 8 63.19 44.55 6.07
CA GLY E 8 62.79 43.34 6.75
C GLY E 8 63.81 42.22 6.76
N GLY E 9 65.08 42.50 6.47
CA GLY E 9 66.11 41.48 6.48
C GLY E 9 66.75 41.36 7.84
N GLY E 10 66.79 40.15 8.37
CA GLY E 10 67.36 39.92 9.68
C GLY E 10 67.40 38.44 9.99
N LEU E 11 68.01 38.13 11.13
CA LEU E 11 68.16 36.74 11.54
C LEU E 11 66.81 36.16 11.96
N VAL E 12 66.55 34.93 11.53
CA VAL E 12 65.35 34.19 11.89
C VAL E 12 65.76 32.75 12.22
N GLN E 13 64.79 31.96 12.66
CA GLN E 13 65.00 30.57 13.01
C GLN E 13 64.25 29.65 12.04
N PRO E 14 64.71 28.42 11.85
CA PRO E 14 64.01 27.50 10.96
C PRO E 14 62.58 27.26 11.41
N GLY E 15 61.68 27.19 10.45
CA GLY E 15 60.27 27.06 10.75
C GLY E 15 59.60 28.34 11.21
N GLY E 16 60.30 29.47 11.18
CA GLY E 16 59.76 30.73 11.62
C GLY E 16 58.97 31.43 10.53
N SER E 17 58.54 32.65 10.85
CA SER E 17 57.74 33.45 9.93
C SER E 17 58.06 34.92 10.15
N LEU E 18 58.51 35.59 9.09
CA LEU E 18 58.81 37.01 9.13
C LEU E 18 58.15 37.70 7.96
N ARG E 19 57.73 38.96 8.19
CA ARG E 19 57.01 39.74 7.20
C ARG E 19 57.99 40.67 6.49
N LEU E 20 58.33 40.32 5.25
CA LEU E 20 59.14 41.20 4.41
C LEU E 20 58.31 42.40 3.97
N SER E 21 58.93 43.58 4.01
CA SER E 21 58.25 44.83 3.70
C SER E 21 58.93 45.52 2.53
N CYS E 22 58.13 46.02 1.60
CA CYS E 22 58.62 46.80 0.47
C CYS E 22 57.71 48.00 0.28
N ALA E 23 58.29 49.19 0.31
CA ALA E 23 57.55 50.44 0.12
C ALA E 23 57.79 50.97 -1.28
N ALA E 24 56.72 51.21 -2.02
CA ALA E 24 56.78 51.72 -3.38
C ALA E 24 56.16 53.11 -3.44
N SER E 25 56.86 54.04 -4.07
CA SER E 25 56.39 55.43 -4.20
C SER E 25 56.06 55.70 -5.66
N GLY E 26 54.87 56.23 -5.90
CA GLY E 26 54.41 56.51 -7.25
C GLY E 26 53.76 55.34 -7.96
N LEU E 27 53.60 54.21 -7.29
CA LEU E 27 52.98 53.03 -7.88
C LEU E 27 51.84 52.56 -7.00
N THR E 28 50.86 51.92 -7.63
CA THR E 28 49.70 51.36 -6.95
C THR E 28 49.82 49.84 -6.95
N VAL E 29 49.86 49.24 -5.76
CA VAL E 29 50.04 47.80 -5.65
C VAL E 29 48.85 47.04 -6.21
N SER E 30 47.68 47.69 -6.29
CA SER E 30 46.47 47.00 -6.76
C SER E 30 46.60 46.58 -8.22
N SER E 31 47.18 47.43 -9.06
CA SER E 31 47.23 47.21 -10.50
C SER E 31 48.67 47.07 -11.00
N ASN E 32 49.51 46.36 -10.24
CA ASN E 32 50.90 46.19 -10.59
C ASN E 32 51.30 44.73 -10.39
N TYR E 33 52.32 44.31 -11.14
CA TYR E 33 52.78 42.92 -11.14
C TYR E 33 53.98 42.80 -10.19
N MET E 34 53.67 42.68 -8.90
CA MET E 34 54.73 42.51 -7.90
C MET E 34 55.40 41.16 -8.06
N ARG E 35 56.73 41.15 -7.93
CA ARG E 35 57.52 39.93 -8.02
C ARG E 35 58.70 40.05 -7.06
N TRP E 36 59.14 38.92 -6.53
CA TRP E 36 60.25 38.87 -5.59
C TRP E 36 61.36 38.01 -6.17
N VAL E 37 62.55 38.61 -6.29
CA VAL E 37 63.74 37.91 -6.79
C VAL E 37 64.87 38.13 -5.79
N ARG E 38 65.50 37.04 -5.36
CA ARG E 38 66.57 37.07 -4.38
C ARG E 38 67.92 36.94 -5.07
N GLN E 39 68.97 37.36 -4.35
CA GLN E 39 70.34 37.26 -4.84
C GLN E 39 71.22 36.77 -3.69
N ALA E 40 71.57 35.48 -3.73
CA ALA E 40 72.46 34.93 -2.73
C ALA E 40 73.86 35.52 -2.88
N PRO E 41 74.59 35.69 -1.78
CA PRO E 41 75.96 36.20 -1.87
C PRO E 41 76.83 35.27 -2.70
N GLY E 42 77.70 35.86 -3.52
CA GLY E 42 78.50 35.08 -4.43
C GLY E 42 77.70 34.29 -5.44
N LYS E 43 76.56 34.81 -5.88
CA LYS E 43 75.69 34.11 -6.80
C LYS E 43 74.80 35.12 -7.50
N GLY E 44 74.21 34.69 -8.61
CA GLY E 44 73.34 35.55 -9.40
C GLY E 44 71.92 35.59 -8.87
N LEU E 45 71.08 36.30 -9.61
CA LEU E 45 69.68 36.43 -9.25
C LEU E 45 68.93 35.14 -9.56
N GLU E 46 67.83 34.92 -8.83
CA GLU E 46 67.00 33.75 -9.03
C GLU E 46 65.57 34.07 -8.59
N TRP E 47 64.60 33.67 -9.42
CA TRP E 47 63.21 33.97 -9.14
C TRP E 47 62.73 33.25 -7.89
N VAL E 48 61.81 33.89 -7.16
CA VAL E 48 61.27 33.34 -5.93
C VAL E 48 59.77 33.14 -6.05
N SER E 49 59.03 34.24 -6.25
CA SER E 49 57.57 34.18 -6.31
C SER E 49 57.06 35.35 -7.14
N LEU E 50 55.85 35.18 -7.68
CA LEU E 50 55.22 36.20 -8.50
C LEU E 50 53.74 36.28 -8.16
N ILE E 51 53.22 37.50 -8.05
CA ILE E 51 51.82 37.76 -7.78
C ILE E 51 51.30 38.71 -8.86
N TYR E 52 50.13 38.40 -9.41
CA TYR E 52 49.54 39.24 -10.45
C TYR E 52 48.83 40.44 -9.82
N ALA E 53 48.30 41.31 -10.67
CA ALA E 53 47.60 42.49 -10.18
C ALA E 53 46.34 42.11 -9.41
N GLY E 54 45.58 41.15 -9.91
CA GLY E 54 44.35 40.72 -9.28
C GLY E 54 44.44 39.47 -8.43
N GLY E 55 45.63 38.90 -8.27
CA GLY E 55 45.78 37.68 -7.51
C GLY E 55 46.62 36.65 -8.26
N SER E 56 46.14 35.40 -8.31
CA SER E 56 46.78 34.33 -9.07
C SER E 56 48.27 34.24 -8.76
N THR E 57 48.56 33.91 -7.50
CA THR E 57 49.94 33.86 -7.03
C THR E 57 50.71 32.72 -7.69
N PHE E 58 52.00 32.96 -7.94
CA PHE E 58 52.89 31.99 -8.52
C PHE E 58 54.12 31.83 -7.63
N TYR E 59 54.68 30.62 -7.60
CA TYR E 59 55.84 30.33 -6.78
C TYR E 59 56.84 29.50 -7.59
N ALA E 60 58.10 29.58 -7.18
CA ALA E 60 59.14 28.78 -7.81
C ALA E 60 59.02 27.32 -7.38
N ASP E 61 59.67 26.44 -8.16
CA ASP E 61 59.62 25.02 -7.86
C ASP E 61 60.31 24.70 -6.54
N SER E 62 61.45 25.35 -6.26
CA SER E 62 62.18 25.07 -5.03
C SER E 62 61.40 25.52 -3.80
N VAL E 63 60.76 26.69 -3.87
CA VAL E 63 60.08 27.26 -2.73
C VAL E 63 58.56 27.10 -2.84
N LYS E 64 58.10 26.12 -3.63
CA LYS E 64 56.67 25.91 -3.79
C LYS E 64 56.05 25.42 -2.48
N GLY E 65 54.96 26.05 -2.09
CA GLY E 65 54.27 25.69 -0.86
C GLY E 65 54.86 26.32 0.38
N ARG E 66 56.20 26.37 0.45
CA ARG E 66 56.85 26.94 1.62
C ARG E 66 56.57 28.43 1.75
N PHE E 67 56.56 29.16 0.64
CA PHE E 67 56.42 30.61 0.65
C PHE E 67 54.99 31.02 0.32
N ILE E 68 54.52 32.06 1.00
CA ILE E 68 53.20 32.63 0.75
C ILE E 68 53.34 34.15 0.66
N ILE E 69 52.66 34.75 -0.32
CA ILE E 69 52.75 36.18 -0.57
C ILE E 69 51.36 36.79 -0.47
N SER E 70 51.27 37.95 0.17
CA SER E 70 50.00 38.65 0.32
C SER E 70 50.29 40.14 0.44
N ARG E 71 50.06 40.88 -0.64
CA ARG E 71 50.28 42.33 -0.63
C ARG E 71 49.12 43.03 0.06
N HIS E 72 49.44 44.12 0.76
CA HIS E 72 48.45 44.86 1.53
C HIS E 72 48.09 46.17 0.84
N ASN E 73 46.81 46.53 0.93
CA ASN E 73 46.31 47.73 0.27
C ASN E 73 46.74 49.01 0.97
N SER E 74 47.08 48.93 2.25
CA SER E 74 47.39 50.12 3.03
C SER E 74 48.68 50.75 2.54
N LYS E 75 48.57 51.94 1.93
CA LYS E 75 49.72 52.71 1.46
C LYS E 75 50.60 51.89 0.51
N ASN E 76 49.94 51.10 -0.35
CA ASN E 76 50.54 50.27 -1.39
C ASN E 76 51.88 49.67 -0.99
N ILE E 77 51.94 49.07 0.20
CA ILE E 77 53.15 48.43 0.69
C ILE E 77 53.17 46.98 0.23
N LEU E 78 54.26 46.58 -0.42
CA LEU E 78 54.42 45.21 -0.85
C LEU E 78 54.93 44.35 0.31
N TYR E 79 54.34 43.18 0.46
CA TYR E 79 54.66 42.28 1.56
C TYR E 79 54.96 40.88 1.03
N LEU E 80 55.76 40.14 1.77
CA LEU E 80 56.12 38.77 1.41
C LEU E 80 56.32 37.98 2.70
N GLN E 81 55.37 37.09 3.00
CA GLN E 81 55.48 36.22 4.15
C GLN E 81 56.39 35.04 3.85
N MET E 82 57.06 34.54 4.88
CA MET E 82 57.97 33.41 4.76
C MET E 82 57.57 32.33 5.75
N ASN E 83 57.65 31.08 5.30
CA ASN E 83 57.34 29.95 6.16
C ASN E 83 58.26 28.78 5.81
N SER E 84 58.64 28.03 6.85
CA SER E 84 59.51 26.86 6.71
C SER E 84 60.80 27.21 5.97
N LEU E 85 61.49 28.23 6.46
CA LEU E 85 62.72 28.69 5.84
C LEU E 85 63.86 27.70 6.12
N ARG E 86 64.91 27.81 5.30
CA ARG E 86 66.09 26.97 5.45
C ARG E 86 67.33 27.86 5.37
N ALA E 87 68.46 27.29 5.80
CA ALA E 87 69.73 28.03 5.79
C ALA E 87 70.19 28.37 4.39
N GLU E 88 69.72 27.64 3.37
CA GLU E 88 70.09 27.93 2.00
C GLU E 88 69.31 29.09 1.40
N ASP E 89 68.32 29.62 2.12
CA ASP E 89 67.48 30.71 1.62
C ASP E 89 68.05 32.09 1.96
N THR E 90 69.23 32.15 2.55
CA THR E 90 69.85 33.43 2.88
C THR E 90 70.27 34.14 1.60
N ALA E 91 69.75 35.34 1.39
CA ALA E 91 69.96 36.09 0.15
C ALA E 91 69.45 37.52 0.36
N VAL E 92 69.64 38.33 -0.67
CA VAL E 92 69.18 39.71 -0.69
C VAL E 92 67.97 39.76 -1.63
N TYR E 93 66.77 39.79 -1.05
CA TYR E 93 65.57 39.81 -1.87
C TYR E 93 65.33 41.20 -2.44
N PHE E 94 64.64 41.26 -3.58
CA PHE E 94 64.43 42.50 -4.28
C PHE E 94 62.98 42.60 -4.75
N CYS E 95 62.54 43.85 -4.95
CA CYS E 95 61.17 44.13 -5.35
C CYS E 95 61.10 44.27 -6.87
N ALA E 96 59.88 44.43 -7.38
CA ALA E 96 59.65 44.44 -8.82
C ALA E 96 58.69 45.56 -9.22
N ARG E 97 58.52 45.71 -10.53
CA ARG E 97 57.59 46.67 -11.13
C ARG E 97 56.52 45.91 -11.90
N ASP E 98 55.56 46.66 -12.45
CA ASP E 98 54.39 46.08 -13.09
C ASP E 98 54.64 45.60 -14.52
N LEU E 99 55.77 45.94 -15.13
CA LEU E 99 55.99 45.62 -16.53
C LEU E 99 56.28 44.13 -16.69
N TYR E 100 55.39 43.42 -17.39
CA TYR E 100 55.54 41.99 -17.61
C TYR E 100 56.33 41.71 -18.88
N VAL E 101 55.92 42.32 -20.00
CA VAL E 101 56.59 42.11 -21.28
C VAL E 101 57.45 43.30 -21.68
N PHE E 102 57.09 44.52 -21.27
CA PHE E 102 57.87 45.70 -21.60
C PHE E 102 59.14 45.82 -20.78
N GLY E 103 59.44 44.88 -19.91
CA GLY E 103 60.75 44.87 -19.29
C GLY E 103 60.77 45.44 -17.89
N MET E 104 61.46 44.73 -17.00
CA MET E 104 61.65 45.20 -15.63
C MET E 104 62.37 46.54 -15.63
N ASP E 105 61.95 47.45 -14.74
CA ASP E 105 62.59 48.77 -14.69
C ASP E 105 63.28 49.06 -13.38
N VAL E 106 62.54 49.21 -12.28
CA VAL E 106 63.10 49.67 -11.02
C VAL E 106 62.87 48.60 -9.95
N TRP E 107 63.93 48.31 -9.21
CA TRP E 107 63.94 47.30 -8.17
C TRP E 107 63.89 47.98 -6.80
N GLY E 108 63.75 47.15 -5.75
CA GLY E 108 63.95 47.64 -4.41
C GLY E 108 65.42 47.66 -4.04
N GLN E 109 65.71 48.33 -2.91
CA GLN E 109 67.10 48.43 -2.46
C GLN E 109 67.66 47.06 -2.08
N GLY E 110 66.88 46.25 -1.37
CA GLY E 110 67.29 44.91 -1.04
C GLY E 110 68.11 44.82 0.25
N THR E 111 67.69 43.93 1.15
CA THR E 111 68.39 43.68 2.40
C THR E 111 68.60 42.19 2.58
N ALA E 112 69.80 41.81 2.99
CA ALA E 112 70.11 40.40 3.19
C ALA E 112 69.32 39.83 4.35
N VAL E 113 68.80 38.62 4.18
CA VAL E 113 68.01 37.94 5.20
C VAL E 113 68.79 36.69 5.58
N THR E 114 69.55 36.77 6.67
CA THR E 114 70.34 35.63 7.13
C THR E 114 69.47 34.65 7.89
N VAL E 115 69.46 33.40 7.43
CA VAL E 115 68.68 32.33 8.04
C VAL E 115 69.64 31.27 8.53
N SER E 116 69.61 30.99 9.84
CA SER E 116 70.46 29.98 10.44
C SER E 116 69.90 29.65 11.82
N ALA E 117 70.56 28.72 12.51
CA ALA E 117 70.13 28.29 13.83
C ALA E 117 71.31 28.22 14.79
N ASP F 1 61.77 22.48 -17.40
CA ASP F 1 61.55 23.92 -17.49
C ASP F 1 62.58 24.57 -18.41
N ILE F 2 62.37 25.84 -18.72
CA ILE F 2 63.28 26.59 -19.58
C ILE F 2 64.47 27.04 -18.74
N GLN F 3 65.68 26.73 -19.20
CA GLN F 3 66.91 27.08 -18.50
C GLN F 3 67.78 27.96 -19.40
N LEU F 4 68.43 28.94 -18.78
CA LEU F 4 69.25 29.91 -19.49
C LEU F 4 70.69 29.81 -19.03
N THR F 5 71.62 30.02 -19.97
CA THR F 5 73.04 29.90 -19.69
C THR F 5 73.82 30.92 -20.51
N GLN F 6 74.73 31.64 -19.87
CA GLN F 6 75.56 32.63 -20.52
C GLN F 6 77.01 32.17 -20.56
N SER F 7 77.67 32.42 -21.68
CA SER F 7 79.07 32.04 -21.88
C SER F 7 79.84 33.22 -22.44
N PRO F 8 81.13 33.35 -22.09
CA PRO F 8 81.88 32.44 -21.21
C PRO F 8 81.72 32.80 -19.74
N SER F 9 80.88 33.80 -19.46
CA SER F 9 80.54 34.30 -18.13
C SER F 9 81.71 35.02 -17.45
N PHE F 10 82.89 35.06 -18.07
CA PHE F 10 84.04 35.75 -17.48
C PHE F 10 84.86 36.30 -18.64
N LEU F 11 84.64 37.56 -18.98
CA LEU F 11 85.35 38.21 -20.08
C LEU F 11 86.02 39.47 -19.59
N SER F 12 87.27 39.68 -20.02
CA SER F 12 88.04 40.86 -19.68
C SER F 12 88.34 41.64 -20.95
N ALA F 13 88.07 42.95 -20.91
CA ALA F 13 88.30 43.80 -22.07
C ALA F 13 88.62 45.21 -21.59
N SER F 14 89.27 45.97 -22.47
CA SER F 14 89.64 47.34 -22.16
C SER F 14 88.54 48.30 -22.59
N VAL F 15 88.74 49.59 -22.34
CA VAL F 15 87.74 50.60 -22.70
C VAL F 15 87.71 50.76 -24.21
N GLY F 16 86.53 51.10 -24.72
CA GLY F 16 86.36 51.26 -26.16
C GLY F 16 86.56 49.99 -26.95
N ASP F 17 86.07 48.87 -26.44
CA ASP F 17 86.19 47.57 -27.10
C ASP F 17 84.83 46.91 -27.18
N ARG F 18 84.54 46.32 -28.33
CA ARG F 18 83.26 45.66 -28.54
C ARG F 18 83.23 44.31 -27.82
N VAL F 19 82.22 44.11 -26.99
CA VAL F 19 82.06 42.89 -26.20
C VAL F 19 80.70 42.30 -26.48
N THR F 20 80.65 41.00 -26.77
CA THR F 20 79.42 40.30 -27.06
C THR F 20 79.13 39.32 -25.92
N ILE F 21 77.94 39.43 -25.33
CA ILE F 21 77.48 38.53 -24.28
C ILE F 21 76.31 37.74 -24.83
N THR F 22 76.44 36.42 -24.82
CA THR F 22 75.44 35.53 -25.42
C THR F 22 74.74 34.76 -24.32
N CYS F 23 73.41 34.77 -24.35
CA CYS F 23 72.56 33.99 -23.46
C CYS F 23 71.72 33.06 -24.33
N ARG F 24 72.24 31.87 -24.59
CA ARG F 24 71.55 30.88 -25.42
C ARG F 24 70.64 30.06 -24.52
N ALA F 25 69.34 30.31 -24.61
CA ALA F 25 68.38 29.58 -23.80
C ALA F 25 68.28 28.13 -24.25
N SER F 26 68.21 27.22 -23.28
CA SER F 26 68.08 25.79 -23.57
C SER F 26 66.75 25.46 -24.23
N GLN F 27 65.74 26.31 -24.05
CA GLN F 27 64.43 26.11 -24.65
C GLN F 27 64.00 27.39 -25.35
N GLY F 28 63.23 27.24 -26.42
CA GLY F 28 62.79 28.38 -27.22
C GLY F 28 61.98 29.39 -26.44
N ILE F 29 62.37 30.67 -26.52
CA ILE F 29 61.65 31.75 -25.85
C ILE F 29 61.41 32.87 -26.83
N SER F 30 61.62 32.60 -28.11
CA SER F 30 61.50 33.58 -29.20
C SER F 30 62.45 34.74 -28.89
N SER F 31 62.04 35.99 -29.07
CA SER F 31 62.86 37.15 -28.76
C SER F 31 62.54 37.73 -27.40
N TYR F 32 61.82 36.98 -26.56
CA TYR F 32 61.38 37.47 -25.25
C TYR F 32 62.48 37.22 -24.22
N LEU F 33 63.54 38.02 -24.34
CA LEU F 33 64.66 37.97 -23.41
C LEU F 33 65.07 39.39 -23.05
N ALA F 34 65.32 39.62 -21.76
CA ALA F 34 65.68 40.94 -21.24
C ALA F 34 67.10 40.92 -20.71
N TRP F 35 67.84 41.98 -21.01
CA TRP F 35 69.22 42.12 -20.55
C TRP F 35 69.27 43.08 -19.37
N TYR F 36 69.94 42.66 -18.31
CA TYR F 36 70.07 43.45 -17.09
C TYR F 36 71.53 43.76 -16.81
N GLN F 37 71.75 44.62 -15.81
CA GLN F 37 73.09 45.01 -15.40
C GLN F 37 73.08 45.19 -13.88
N GLN F 38 73.66 44.23 -13.16
CA GLN F 38 73.66 44.22 -11.70
C GLN F 38 75.04 44.64 -11.21
N LYS F 39 75.18 45.91 -10.86
CA LYS F 39 76.42 46.39 -10.29
C LYS F 39 76.57 45.85 -8.86
N PRO F 40 77.81 45.61 -8.41
CA PRO F 40 78.01 45.07 -7.07
C PRO F 40 77.48 46.00 -5.98
N GLY F 41 76.87 45.42 -4.96
CA GLY F 41 76.32 46.19 -3.85
C GLY F 41 75.23 47.14 -4.27
N ARG F 42 74.50 46.82 -5.33
CA ARG F 42 73.44 47.68 -5.85
C ARG F 42 72.34 46.79 -6.41
N ALA F 43 71.31 47.42 -6.98
CA ALA F 43 70.23 46.71 -7.62
C ALA F 43 70.43 46.69 -9.13
N PRO F 44 69.99 45.63 -9.81
CA PRO F 44 70.20 45.55 -11.26
C PRO F 44 69.36 46.58 -12.01
N LYS F 45 69.78 46.86 -13.24
CA LYS F 45 69.07 47.77 -14.13
C LYS F 45 68.95 47.12 -15.51
N LEU F 46 67.82 47.35 -16.15
CA LEU F 46 67.57 46.79 -17.47
C LEU F 46 68.16 47.65 -18.57
N LEU F 47 68.67 46.98 -19.60
CA LEU F 47 69.23 47.65 -20.77
C LEU F 47 68.41 47.37 -22.02
N ILE F 48 68.09 46.11 -22.28
CA ILE F 48 67.28 45.70 -23.43
C ILE F 48 66.12 44.87 -22.93
N TYR F 49 64.91 45.19 -23.39
CA TYR F 49 63.70 44.48 -23.01
C TYR F 49 63.04 43.89 -24.24
N ALA F 50 62.59 42.64 -24.11
CA ALA F 50 61.92 41.90 -25.20
C ALA F 50 62.87 41.85 -26.39
N ALA F 51 62.43 42.22 -27.59
CA ALA F 51 63.32 42.23 -28.75
C ALA F 51 64.38 43.32 -28.61
N SER F 52 65.28 43.37 -29.58
CA SER F 52 66.37 44.35 -29.57
C SER F 52 65.80 45.77 -29.60
N THR F 53 65.97 46.49 -28.50
CA THR F 53 65.47 47.86 -28.39
C THR F 53 66.21 48.54 -27.24
N LEU F 54 65.90 49.81 -27.02
CA LEU F 54 66.56 50.64 -26.02
C LEU F 54 65.58 51.03 -24.93
N GLN F 55 65.96 50.78 -23.68
CA GLN F 55 65.15 51.24 -22.56
C GLN F 55 65.30 52.74 -22.39
N SER F 56 64.20 53.40 -22.01
CA SER F 56 64.22 54.84 -21.82
C SER F 56 65.16 55.25 -20.70
N GLY F 57 66.25 55.93 -21.06
CA GLY F 57 67.23 56.41 -20.10
C GLY F 57 68.59 55.76 -20.21
N VAL F 58 68.69 54.59 -20.82
CA VAL F 58 69.98 53.90 -20.97
C VAL F 58 70.76 54.56 -22.10
N PRO F 59 72.08 54.48 -22.10
CA PRO F 59 72.87 55.06 -23.21
C PRO F 59 72.59 54.35 -24.51
N SER F 60 72.73 55.10 -25.61
CA SER F 60 72.52 54.54 -26.95
C SER F 60 73.60 53.55 -27.35
N ARG F 61 74.70 53.47 -26.60
CA ARG F 61 75.79 52.55 -26.91
C ARG F 61 75.42 51.09 -26.70
N PHE F 62 74.29 50.80 -26.06
CA PHE F 62 73.87 49.44 -25.80
C PHE F 62 72.92 48.97 -26.90
N SER F 63 73.19 47.81 -27.48
CA SER F 63 72.38 47.26 -28.55
C SER F 63 72.41 45.74 -28.48
N GLY F 64 71.43 45.12 -29.13
CA GLY F 64 71.32 43.67 -29.12
C GLY F 64 70.90 43.15 -30.48
N SER F 65 71.03 41.84 -30.64
CA SER F 65 70.67 41.18 -31.89
C SER F 65 70.38 39.71 -31.60
N GLY F 66 69.70 39.07 -32.55
CA GLY F 66 69.36 37.67 -32.43
C GLY F 66 68.00 37.44 -31.80
N SER F 67 67.41 36.30 -32.14
CA SER F 67 66.11 35.92 -31.61
C SER F 67 66.01 34.40 -31.58
N GLY F 68 65.11 33.91 -30.75
CA GLY F 68 64.91 32.48 -30.60
C GLY F 68 65.80 31.91 -29.50
N THR F 69 66.69 31.00 -29.88
CA THR F 69 67.60 30.36 -28.94
C THR F 69 68.97 31.01 -28.88
N VAL F 70 69.18 32.10 -29.61
CA VAL F 70 70.47 32.80 -29.64
C VAL F 70 70.23 34.27 -29.37
N PHE F 71 71.09 34.87 -28.55
CA PHE F 71 71.04 36.29 -28.26
C PHE F 71 72.47 36.82 -28.16
N THR F 72 72.61 38.13 -28.38
CA THR F 72 73.92 38.76 -28.34
C THR F 72 73.76 40.20 -27.85
N LEU F 73 74.50 40.55 -26.80
CA LEU F 73 74.52 41.90 -26.26
C LEU F 73 75.73 42.63 -26.80
N THR F 74 75.49 43.71 -27.54
CA THR F 74 76.55 44.44 -28.24
C THR F 74 76.67 45.83 -27.64
N ILE F 75 77.89 46.21 -27.27
CA ILE F 75 78.20 47.55 -26.77
C ILE F 75 79.18 48.19 -27.74
N SER F 76 78.74 49.28 -28.38
CA SER F 76 79.59 49.96 -29.36
C SER F 76 80.72 50.71 -28.68
N SER F 77 80.41 51.44 -27.60
CA SER F 77 81.39 52.21 -26.84
C SER F 77 81.42 51.66 -25.42
N LEU F 78 82.49 50.94 -25.08
CA LEU F 78 82.63 50.31 -23.77
C LEU F 78 83.15 51.36 -22.79
N GLN F 79 82.22 52.00 -22.09
CA GLN F 79 82.58 53.02 -21.12
C GLN F 79 83.24 52.38 -19.90
N PRO F 80 84.08 53.13 -19.17
CA PRO F 80 84.75 52.55 -18.00
C PRO F 80 83.80 52.15 -16.88
N GLU F 81 82.57 52.68 -16.85
CA GLU F 81 81.67 52.49 -15.72
C GLU F 81 80.48 51.60 -16.05
N ASP F 82 80.59 50.76 -17.08
CA ASP F 82 79.54 49.82 -17.42
C ASP F 82 79.91 48.37 -17.12
N PHE F 83 80.97 48.15 -16.34
CA PHE F 83 81.43 46.80 -16.02
C PHE F 83 80.68 46.30 -14.80
N ALA F 84 79.77 45.36 -15.03
CA ALA F 84 78.96 44.79 -13.96
C ALA F 84 78.55 43.38 -14.38
N THR F 85 77.57 42.82 -13.66
CA THR F 85 77.07 41.48 -13.95
C THR F 85 75.80 41.60 -14.77
N TYR F 86 75.80 40.97 -15.95
CA TYR F 86 74.68 41.04 -16.88
C TYR F 86 73.82 39.80 -16.75
N TYR F 87 72.50 39.99 -16.79
CA TYR F 87 71.54 38.91 -16.62
C TYR F 87 70.56 38.86 -17.77
N CYS F 88 70.11 37.66 -18.08
CA CYS F 88 69.13 37.40 -19.12
C CYS F 88 67.94 36.65 -18.54
N GLN F 89 66.74 37.08 -18.91
CA GLN F 89 65.51 36.57 -18.31
C GLN F 89 64.41 36.50 -19.37
N GLN F 90 63.59 35.46 -19.29
CA GLN F 90 62.45 35.31 -20.18
C GLN F 90 61.30 36.18 -19.67
N LEU F 91 60.98 37.24 -20.42
CA LEU F 91 59.98 38.19 -19.97
C LEU F 91 58.57 37.61 -20.05
N ASN F 92 58.25 36.96 -21.16
CA ASN F 92 56.91 36.44 -21.39
C ASN F 92 56.79 34.99 -20.92
N SER F 93 57.06 34.80 -19.62
CA SER F 93 57.00 33.47 -19.02
C SER F 93 56.49 33.60 -17.59
N ASP F 94 55.65 32.64 -17.18
CA ASP F 94 55.16 32.64 -15.81
C ASP F 94 56.28 32.41 -14.82
N SER F 95 57.19 31.49 -15.11
CA SER F 95 58.37 31.23 -14.30
C SER F 95 59.58 31.78 -15.04
N SER F 96 59.98 33.00 -14.68
CA SER F 96 61.04 33.72 -15.37
C SER F 96 62.36 33.41 -14.68
N THR F 97 63.19 32.60 -15.32
CA THR F 97 64.50 32.27 -14.79
C THR F 97 65.49 33.38 -15.10
N PHE F 98 66.69 33.26 -14.52
CA PHE F 98 67.75 34.23 -14.70
C PHE F 98 69.00 33.53 -15.21
N GLY F 99 69.80 34.26 -15.97
CA GLY F 99 71.01 33.71 -16.54
C GLY F 99 72.09 33.53 -15.49
N GLN F 100 73.15 32.82 -15.89
CA GLN F 100 74.29 32.61 -15.01
C GLN F 100 74.97 33.93 -14.67
N GLY F 101 75.10 34.82 -15.66
CA GLY F 101 75.72 36.11 -15.44
C GLY F 101 77.17 36.15 -15.91
N THR F 102 77.60 37.30 -16.41
CA THR F 102 78.95 37.48 -16.91
C THR F 102 79.63 38.61 -16.14
N LYS F 103 80.95 38.50 -16.01
CA LYS F 103 81.75 39.47 -15.27
C LYS F 103 82.64 40.25 -16.23
N LEU F 104 82.59 41.57 -16.14
CA LEU F 104 83.40 42.45 -16.95
C LEU F 104 84.38 43.22 -16.06
N GLU F 105 85.62 43.35 -16.53
CA GLU F 105 86.67 43.97 -15.73
C GLU F 105 87.66 44.67 -16.64
N ILE F 106 88.50 45.51 -16.03
CA ILE F 106 89.54 46.22 -16.77
C ILE F 106 90.62 45.23 -17.20
N LYS F 107 90.97 45.27 -18.48
CA LYS F 107 92.05 44.42 -18.99
C LYS F 107 93.40 45.09 -18.82
N ALA G 27 -17.95 -6.50 54.84
CA ALA G 27 -19.24 -6.86 54.25
C ALA G 27 -19.32 -6.38 52.81
N TYR G 28 -19.95 -7.19 51.96
CA TYR G 28 -20.13 -6.86 50.55
C TYR G 28 -21.62 -6.76 50.23
N THR G 29 -21.91 -6.36 49.01
CA THR G 29 -23.25 -6.41 48.44
C THR G 29 -23.13 -6.50 46.93
N ASN G 30 -24.26 -6.62 46.26
CA ASN G 30 -24.28 -6.87 44.83
C ASN G 30 -24.86 -5.68 44.10
N SER G 31 -24.03 -5.02 43.28
CA SER G 31 -24.48 -3.93 42.42
C SER G 31 -25.23 -4.55 41.26
N PHE G 32 -26.54 -4.68 41.41
CA PHE G 32 -27.34 -5.47 40.46
C PHE G 32 -27.22 -4.92 39.04
N THR G 33 -27.73 -3.72 38.82
CA THR G 33 -27.69 -3.11 37.50
C THR G 33 -27.14 -1.70 37.51
N ARG G 34 -27.05 -1.05 38.67
CA ARG G 34 -26.63 0.32 38.77
C ARG G 34 -25.23 0.53 38.21
N GLY G 35 -24.93 1.78 37.88
CA GLY G 35 -23.61 2.17 37.44
C GLY G 35 -23.45 2.39 35.96
N VAL G 36 -24.49 2.84 35.26
CA VAL G 36 -24.42 3.07 33.83
C VAL G 36 -24.59 4.56 33.58
N TYR G 37 -23.62 5.16 32.90
CA TYR G 37 -23.58 6.59 32.66
C TYR G 37 -23.57 6.85 31.17
N TYR G 38 -24.15 7.98 30.76
CA TYR G 38 -24.14 8.37 29.36
C TYR G 38 -22.70 8.55 28.92
N PRO G 39 -22.15 7.65 28.10
CA PRO G 39 -20.72 7.69 27.79
C PRO G 39 -20.29 8.95 27.06
N ASP G 40 -21.20 9.64 26.38
CA ASP G 40 -20.85 10.83 25.62
C ASP G 40 -22.11 11.68 25.44
N LYS G 41 -21.89 12.95 25.07
CA LYS G 41 -22.99 13.89 24.98
C LYS G 41 -23.89 13.66 23.77
N VAL G 42 -23.65 12.60 23.00
CA VAL G 42 -24.44 12.35 21.80
C VAL G 42 -25.88 12.01 22.17
N PHE G 43 -26.82 12.46 21.35
CA PHE G 43 -28.24 12.14 21.48
C PHE G 43 -28.57 11.00 20.53
N ARG G 44 -29.32 10.02 21.01
CA ARG G 44 -29.83 8.95 20.17
C ARG G 44 -31.25 8.63 20.58
N SER G 45 -32.06 8.23 19.60
CA SER G 45 -33.47 7.99 19.83
C SER G 45 -33.83 6.59 19.35
N SER G 46 -34.36 5.77 20.27
CA SER G 46 -34.81 4.40 19.94
C SER G 46 -33.70 3.61 19.26
N VAL G 47 -32.49 3.73 19.78
CA VAL G 47 -31.31 3.10 19.19
C VAL G 47 -30.60 2.30 20.27
N LEU G 48 -30.29 1.05 19.96
CA LEU G 48 -29.47 0.20 20.84
C LEU G 48 -28.02 0.36 20.40
N HIS G 49 -27.29 1.22 21.10
CA HIS G 49 -25.92 1.56 20.75
C HIS G 49 -24.97 0.86 21.72
N SER G 50 -23.99 0.14 21.17
CA SER G 50 -23.05 -0.61 21.98
C SER G 50 -21.77 0.20 22.17
N THR G 51 -21.44 0.49 23.42
CA THR G 51 -20.29 1.31 23.76
C THR G 51 -19.27 0.47 24.51
N GLN G 52 -18.00 0.58 24.12
CA GLN G 52 -16.91 -0.05 24.84
C GLN G 52 -16.28 1.03 25.72
N ASP G 53 -16.73 1.08 26.98
CA ASP G 53 -16.25 2.09 27.91
C ASP G 53 -16.06 1.46 29.28
N LEU G 54 -15.39 2.17 30.16
CA LEU G 54 -15.13 1.69 31.51
C LEU G 54 -16.43 1.76 32.31
N PHE G 55 -17.17 0.66 32.32
CA PHE G 55 -18.43 0.56 33.02
C PHE G 55 -18.27 -0.26 34.29
N LEU G 56 -19.28 -0.20 35.14
CA LEU G 56 -19.34 -1.08 36.30
C LEU G 56 -19.97 -2.41 35.89
N PRO G 57 -19.26 -3.52 35.96
CA PRO G 57 -19.82 -4.79 35.48
C PRO G 57 -21.10 -5.14 36.22
N PHE G 58 -22.05 -5.70 35.50
CA PHE G 58 -23.33 -6.04 36.08
C PHE G 58 -23.16 -7.14 37.12
N PHE G 59 -23.91 -7.03 38.22
CA PHE G 59 -23.90 -8.01 39.29
C PHE G 59 -22.48 -8.25 39.80
N SER G 60 -21.70 -7.19 39.90
CA SER G 60 -20.37 -7.25 40.46
C SER G 60 -20.43 -6.80 41.91
N ASN G 61 -19.81 -7.59 42.79
CA ASN G 61 -19.88 -7.30 44.22
C ASN G 61 -19.15 -6.01 44.53
N VAL G 62 -19.81 -5.11 45.26
CA VAL G 62 -19.26 -3.81 45.60
C VAL G 62 -19.20 -3.70 47.11
N THR G 63 -18.18 -2.97 47.59
CA THR G 63 -17.90 -2.93 49.01
C THR G 63 -18.93 -2.09 49.75
N TRP G 64 -19.30 -2.56 50.94
CA TRP G 64 -20.20 -1.86 51.83
C TRP G 64 -19.36 -1.18 52.92
N PHE G 65 -19.84 -0.04 53.41
CA PHE G 65 -19.15 0.65 54.49
C PHE G 65 -20.17 1.23 55.46
N HIS G 66 -19.69 1.54 56.66
CA HIS G 66 -20.52 2.11 57.72
C HIS G 66 -19.90 3.40 58.23
N ALA G 67 -20.75 4.29 58.74
CA ALA G 67 -20.31 5.54 59.34
C ALA G 67 -21.00 5.86 60.66
N ILE G 68 -22.04 5.13 61.03
CA ILE G 68 -22.75 5.36 62.29
C ILE G 68 -21.99 4.65 63.42
N HIS G 69 -22.36 4.98 64.65
CA HIS G 69 -21.70 4.44 65.85
C HIS G 69 -20.20 4.75 65.84
N ARG G 78 -15.34 3.11 67.44
CA ARG G 78 -16.38 3.64 66.57
C ARG G 78 -16.16 3.20 65.13
N PHE G 79 -16.94 3.77 64.22
CA PHE G 79 -16.86 3.45 62.80
C PHE G 79 -16.31 4.66 62.04
N ASP G 80 -15.28 4.42 61.23
CA ASP G 80 -14.64 5.47 60.45
C ASP G 80 -14.59 5.04 58.99
N ASN G 81 -13.91 5.84 58.18
CA ASN G 81 -13.79 5.56 56.75
C ASN G 81 -12.34 5.28 56.40
N PRO G 82 -12.07 4.19 55.68
CA PRO G 82 -10.69 3.89 55.29
C PRO G 82 -10.32 4.50 53.96
N VAL G 83 -9.09 4.24 53.50
CA VAL G 83 -8.59 4.76 52.24
C VAL G 83 -8.67 3.66 51.18
N LEU G 84 -9.06 4.04 49.97
CA LEU G 84 -9.33 3.09 48.91
C LEU G 84 -8.54 3.45 47.66
N PRO G 85 -8.17 2.48 46.84
CA PRO G 85 -7.53 2.79 45.56
C PRO G 85 -8.53 3.31 44.55
N PHE G 86 -8.01 3.87 43.46
CA PHE G 86 -8.83 4.44 42.39
C PHE G 86 -9.09 3.41 41.29
N ASN G 87 -8.03 2.95 40.64
CA ASN G 87 -8.09 1.80 39.72
C ASN G 87 -9.10 2.04 38.59
N ASP G 88 -8.78 3.02 37.74
CA ASP G 88 -9.49 3.29 36.49
C ASP G 88 -10.95 3.68 36.69
N GLY G 89 -11.32 4.18 37.87
CA GLY G 89 -12.69 4.59 38.10
C GLY G 89 -13.22 4.03 39.40
N VAL G 90 -14.10 4.79 40.04
CA VAL G 90 -14.68 4.42 41.32
C VAL G 90 -16.16 4.79 41.30
N TYR G 91 -17.02 3.79 41.15
CA TYR G 91 -18.46 4.03 41.26
C TYR G 91 -18.80 4.19 42.73
N PHE G 92 -19.11 5.41 43.15
CA PHE G 92 -19.44 5.72 44.52
C PHE G 92 -20.95 5.93 44.63
N ALA G 93 -21.58 5.27 45.58
CA ALA G 93 -23.02 5.38 45.79
C ALA G 93 -23.31 5.40 47.28
N SER G 94 -23.79 6.52 47.78
CA SER G 94 -24.09 6.71 49.18
C SER G 94 -25.54 7.14 49.35
N THR G 95 -26.20 6.61 50.36
CA THR G 95 -27.55 7.03 50.71
C THR G 95 -27.54 7.63 52.11
N GLU G 96 -28.15 8.79 52.27
CA GLU G 96 -28.12 9.52 53.53
C GLU G 96 -29.47 10.15 53.80
N LYS G 97 -29.76 10.35 55.09
CA LYS G 97 -30.94 11.11 55.48
C LYS G 97 -30.59 12.57 55.75
N SER G 98 -29.52 12.80 56.52
CA SER G 98 -29.10 14.14 56.90
C SER G 98 -27.82 14.56 56.17
N ASN G 99 -27.45 13.85 55.11
CA ASN G 99 -26.28 14.17 54.30
C ASN G 99 -25.00 14.18 55.14
N ILE G 100 -24.69 13.01 55.71
CA ILE G 100 -23.44 12.87 56.45
C ILE G 100 -22.24 12.99 55.53
N ILE G 101 -22.35 12.44 54.32
CA ILE G 101 -21.28 12.57 53.34
C ILE G 101 -21.14 14.03 52.95
N ARG G 102 -19.91 14.54 52.97
CA ARG G 102 -19.68 15.95 52.73
C ARG G 102 -18.55 16.24 51.75
N GLY G 103 -17.82 15.25 51.27
CA GLY G 103 -16.71 15.55 50.39
C GLY G 103 -16.00 14.31 49.90
N TRP G 104 -15.01 14.55 49.05
CA TRP G 104 -14.20 13.50 48.43
C TRP G 104 -12.75 13.95 48.40
N ILE G 105 -11.84 12.99 48.29
CA ILE G 105 -10.42 13.27 48.12
C ILE G 105 -9.89 12.39 47.00
N PHE G 106 -9.11 12.98 46.10
CA PHE G 106 -8.58 12.25 44.94
C PHE G 106 -7.14 12.69 44.74
N GLY G 107 -6.20 11.85 45.16
CA GLY G 107 -4.79 12.18 44.99
C GLY G 107 -3.92 10.97 45.18
N THR G 108 -2.78 10.97 44.48
CA THR G 108 -1.83 9.86 44.63
C THR G 108 -1.28 9.82 46.05
N THR G 109 -0.98 10.97 46.63
CA THR G 109 -0.45 11.06 47.99
C THR G 109 -1.46 11.65 48.98
N LEU G 110 -2.19 12.68 48.57
CA LEU G 110 -3.28 13.29 49.36
C LEU G 110 -2.89 13.61 50.79
N ASP G 111 -1.59 13.82 51.04
CA ASP G 111 -1.12 14.16 52.37
C ASP G 111 -0.10 15.29 52.29
N SER G 112 -0.37 16.28 51.45
CA SER G 112 0.46 17.46 51.21
C SER G 112 1.80 17.12 50.58
N LYS G 113 2.08 15.84 50.31
CA LYS G 113 3.33 15.47 49.66
C LYS G 113 3.41 16.02 48.25
N THR G 114 2.37 15.80 47.46
CA THR G 114 2.24 16.32 46.10
C THR G 114 0.83 16.86 45.91
N GLN G 115 0.59 17.45 44.75
CA GLN G 115 -0.71 18.04 44.48
C GLN G 115 -1.77 16.94 44.36
N SER G 116 -2.91 17.18 44.99
CA SER G 116 -3.99 16.21 45.04
C SER G 116 -5.32 16.92 44.87
N LEU G 117 -6.19 16.35 44.04
CA LEU G 117 -7.52 16.91 43.85
C LEU G 117 -8.31 16.81 45.15
N LEU G 118 -9.00 17.90 45.49
CA LEU G 118 -9.82 17.97 46.69
C LEU G 118 -11.22 18.43 46.30
N ILE G 119 -12.23 17.69 46.73
CA ILE G 119 -13.61 18.09 46.56
C ILE G 119 -14.22 18.25 47.95
N VAL G 120 -14.69 19.45 48.25
CA VAL G 120 -15.36 19.75 49.50
C VAL G 120 -16.74 20.30 49.17
N ASN G 121 -17.78 19.72 49.75
CA ASN G 121 -19.14 20.12 49.47
C ASN G 121 -19.73 20.83 50.68
N ASN G 122 -20.19 22.06 50.47
CA ASN G 122 -20.87 22.83 51.49
C ASN G 122 -22.23 23.26 50.96
N ALA G 123 -23.14 23.56 51.89
CA ALA G 123 -24.47 24.03 51.48
C ALA G 123 -24.38 25.33 50.70
N THR G 124 -23.39 26.18 51.03
CA THR G 124 -23.25 27.45 50.32
C THR G 124 -22.87 27.22 48.86
N ASN G 125 -21.80 26.45 48.62
CA ASN G 125 -21.26 26.26 47.28
C ASN G 125 -20.54 24.92 47.22
N VAL G 126 -20.20 24.51 46.00
CA VAL G 126 -19.38 23.33 45.76
C VAL G 126 -17.95 23.78 45.56
N VAL G 127 -17.01 23.14 46.25
CA VAL G 127 -15.64 23.61 46.35
C VAL G 127 -14.70 22.54 45.79
N ILE G 128 -13.85 22.93 44.84
CA ILE G 128 -12.82 22.07 44.29
C ILE G 128 -11.51 22.85 44.25
N LYS G 129 -10.44 22.25 44.76
CA LYS G 129 -9.11 22.83 44.66
C LYS G 129 -8.11 21.75 44.23
N VAL G 130 -6.85 22.17 44.14
CA VAL G 130 -5.74 21.26 43.92
C VAL G 130 -4.64 21.43 44.96
N CYS G 131 -4.77 22.42 45.84
CA CYS G 131 -3.74 22.71 46.84
C CYS G 131 -3.41 21.49 47.70
N GLU G 132 -2.20 21.50 48.25
CA GLU G 132 -1.71 20.41 49.08
C GLU G 132 -2.11 20.65 50.53
N PHE G 133 -2.76 19.65 51.13
CA PHE G 133 -3.16 19.72 52.53
C PHE G 133 -2.67 18.49 53.28
N GLN G 134 -2.35 18.69 54.54
CA GLN G 134 -1.95 17.60 55.43
C GLN G 134 -3.16 17.19 56.27
N PHE G 135 -3.58 15.94 56.14
CA PHE G 135 -4.73 15.43 56.85
C PHE G 135 -4.33 14.21 57.69
N CYS G 136 -4.97 14.09 58.85
CA CYS G 136 -4.69 12.96 59.74
C CYS G 136 -5.29 11.69 59.18
N ASN G 137 -5.15 10.60 59.95
CA ASN G 137 -5.71 9.32 59.53
C ASN G 137 -7.23 9.37 59.45
N ASP G 138 -7.86 10.03 60.41
CA ASP G 138 -9.32 10.12 60.49
C ASP G 138 -9.72 11.57 60.66
N PRO G 139 -9.78 12.33 59.55
CA PRO G 139 -10.18 13.75 59.65
C PRO G 139 -11.69 13.87 59.78
N PHE G 140 -12.13 14.52 60.85
CA PHE G 140 -13.55 14.65 61.15
C PHE G 140 -14.01 16.08 60.95
N LEU G 141 -15.29 16.22 60.62
CA LEU G 141 -15.91 17.53 60.37
C LEU G 141 -16.98 17.78 61.42
N GLY G 142 -16.91 18.95 62.07
CA GLY G 142 -17.87 19.27 63.10
C GLY G 142 -19.21 19.72 62.55
N VAL G 143 -20.22 19.65 63.41
CA VAL G 143 -21.57 20.07 63.04
C VAL G 143 -21.91 21.39 63.73
N ASN G 165 0.26 24.79 46.64
CA ASN G 165 -0.31 25.78 45.72
C ASN G 165 -1.44 25.19 44.90
N CYS G 166 -2.45 26.00 44.63
CA CYS G 166 -3.60 25.57 43.84
C CYS G 166 -3.33 25.82 42.36
N THR G 167 -3.58 24.81 41.53
CA THR G 167 -3.47 24.93 40.09
C THR G 167 -4.82 25.14 39.43
N PHE G 168 -5.86 24.48 39.91
CA PHE G 168 -7.21 24.60 39.37
C PHE G 168 -8.20 24.87 40.49
N GLU G 169 -9.38 25.33 40.10
CA GLU G 169 -10.45 25.60 41.04
C GLU G 169 -11.77 25.59 40.29
N TYR G 170 -12.85 25.37 41.03
CA TYR G 170 -14.19 25.35 40.44
C TYR G 170 -15.21 25.57 41.56
N VAL G 171 -16.33 26.19 41.19
CA VAL G 171 -17.45 26.39 42.10
C VAL G 171 -18.74 26.15 41.33
N SER G 172 -19.65 25.39 41.92
CA SER G 172 -20.95 25.14 41.31
C SER G 172 -22.09 25.49 42.26
N PHE G 186 -33.86 6.30 54.52
CA PHE G 186 -32.89 6.79 53.57
C PHE G 186 -33.53 7.05 52.21
N LYS G 187 -34.27 8.15 52.12
CA LYS G 187 -35.00 8.46 50.90
C LYS G 187 -34.04 8.72 49.73
N ASN G 188 -32.95 9.43 49.99
CA ASN G 188 -32.06 9.90 48.94
C ASN G 188 -30.88 8.96 48.77
N LEU G 189 -30.56 8.63 47.52
CA LEU G 189 -29.36 7.87 47.18
C LEU G 189 -28.58 8.64 46.14
N ARG G 190 -27.37 9.07 46.50
CA ARG G 190 -26.56 9.95 45.66
C ARG G 190 -25.49 9.11 44.97
N GLU G 191 -25.82 8.62 43.78
CA GLU G 191 -24.89 7.82 43.00
C GLU G 191 -23.89 8.72 42.30
N PHE G 192 -22.69 8.20 42.06
CA PHE G 192 -21.63 8.94 41.38
C PHE G 192 -20.76 7.98 40.59
N VAL G 193 -20.05 8.53 39.61
CA VAL G 193 -19.06 7.78 38.84
C VAL G 193 -17.88 8.71 38.57
N PHE G 194 -16.72 8.39 39.11
CA PHE G 194 -15.53 9.21 38.94
C PHE G 194 -14.52 8.45 38.08
N LYS G 195 -14.01 9.11 37.05
CA LYS G 195 -13.03 8.47 36.19
C LYS G 195 -12.11 9.52 35.58
N ASN G 196 -10.90 9.09 35.24
CA ASN G 196 -9.90 9.96 34.62
C ASN G 196 -9.46 9.35 33.31
N ILE G 197 -9.77 10.03 32.21
CA ILE G 197 -9.33 9.61 30.89
C ILE G 197 -8.90 10.84 30.10
N ASP G 198 -7.75 10.73 29.41
CA ASP G 198 -7.23 11.80 28.56
C ASP G 198 -7.03 13.10 29.34
N GLY G 199 -6.67 13.00 30.61
CA GLY G 199 -6.43 14.18 31.42
C GLY G 199 -7.68 14.91 31.87
N TYR G 200 -8.85 14.32 31.70
CA TYR G 200 -10.11 14.93 32.10
C TYR G 200 -10.69 14.17 33.29
N PHE G 201 -11.08 14.91 34.33
CA PHE G 201 -11.77 14.33 35.47
C PHE G 201 -13.27 14.44 35.25
N LYS G 202 -13.94 13.31 35.10
CA LYS G 202 -15.34 13.25 34.79
C LYS G 202 -16.15 12.84 36.00
N ILE G 203 -17.26 13.53 36.24
CA ILE G 203 -18.16 13.23 37.34
C ILE G 203 -19.55 13.03 36.78
N TYR G 204 -20.20 11.94 37.18
CA TYR G 204 -21.58 11.67 36.83
C TYR G 204 -22.37 11.54 38.12
N SER G 205 -23.69 11.65 38.02
CA SER G 205 -24.50 11.58 39.23
C SER G 205 -25.94 11.22 38.89
N LYS G 206 -26.68 10.86 39.94
CA LYS G 206 -28.10 10.57 39.84
C LYS G 206 -28.67 10.55 41.25
N HIS G 207 -29.80 11.22 41.46
CA HIS G 207 -30.34 11.37 42.79
C HIS G 207 -31.75 10.79 42.88
N THR G 208 -31.93 9.57 42.39
CA THR G 208 -33.24 8.94 42.43
C THR G 208 -33.66 8.68 43.88
N PRO G 209 -34.94 8.82 44.21
CA PRO G 209 -35.39 8.52 45.56
C PRO G 209 -35.51 7.03 45.80
N ILE G 210 -35.02 6.57 46.94
CA ILE G 210 -34.99 5.16 47.29
C ILE G 210 -35.80 4.95 48.56
N ASN G 211 -36.76 4.03 48.51
CA ASN G 211 -37.58 3.70 49.66
C ASN G 211 -37.17 2.39 50.32
N LEU G 212 -36.04 1.82 49.90
CA LEU G 212 -35.49 0.60 50.49
C LEU G 212 -34.26 0.98 51.30
N VAL G 213 -34.36 0.84 52.63
CA VAL G 213 -33.28 1.27 53.51
C VAL G 213 -32.21 0.20 53.68
N ARG G 214 -32.45 -1.03 53.23
CA ARG G 214 -31.49 -2.10 53.45
C ARG G 214 -30.35 -2.03 52.45
N ASP G 215 -30.66 -2.14 51.16
CA ASP G 215 -29.64 -2.16 50.13
C ASP G 215 -30.12 -1.35 48.93
N LEU G 216 -29.23 -1.15 47.97
CA LEU G 216 -29.59 -0.44 46.75
C LEU G 216 -30.60 -1.26 45.97
N PRO G 217 -31.66 -0.65 45.43
CA PRO G 217 -32.79 -1.42 44.92
C PRO G 217 -32.52 -2.00 43.54
N GLN G 218 -33.26 -3.07 43.23
CA GLN G 218 -33.28 -3.61 41.89
C GLN G 218 -33.95 -2.62 40.95
N GLY G 219 -33.33 -2.39 39.81
CA GLY G 219 -33.84 -1.41 38.86
C GLY G 219 -32.68 -0.78 38.13
N PHE G 220 -33.03 0.18 37.26
CA PHE G 220 -32.03 0.82 36.42
C PHE G 220 -32.24 2.32 36.41
N SER G 221 -31.16 3.06 36.58
CA SER G 221 -31.20 4.52 36.52
C SER G 221 -29.85 5.01 36.02
N ALA G 222 -29.85 5.60 34.83
CA ALA G 222 -28.63 6.08 34.22
C ALA G 222 -28.11 7.32 34.93
N LEU G 223 -26.83 7.59 34.75
CA LEU G 223 -26.15 8.70 35.40
C LEU G 223 -25.76 9.74 34.36
N GLU G 224 -26.18 11.04 34.60
CA GLU G 224 -25.87 12.16 33.73
C GLU G 224 -24.58 12.85 34.17
N PRO G 225 -23.75 13.29 33.21
CA PRO G 225 -22.51 13.96 33.58
C PRO G 225 -22.76 15.30 34.25
N LEU G 226 -21.82 15.70 35.11
CA LEU G 226 -21.89 16.97 35.81
C LEU G 226 -20.69 17.87 35.52
N VAL G 227 -19.48 17.35 35.62
CA VAL G 227 -18.27 18.16 35.55
C VAL G 227 -17.26 17.44 34.67
N ASP G 228 -16.53 18.19 33.86
CA ASP G 228 -15.46 17.66 33.04
C ASP G 228 -14.21 18.51 33.20
N LEU G 229 -13.90 18.91 34.43
CA LEU G 229 -12.78 19.81 34.67
C LEU G 229 -11.46 19.12 34.33
N PRO G 230 -10.59 19.75 33.57
CA PRO G 230 -9.27 19.17 33.24
C PRO G 230 -8.25 19.36 34.37
N ILE G 231 -8.34 18.49 35.37
CA ILE G 231 -7.43 18.59 36.52
C ILE G 231 -6.00 18.29 36.09
N GLY G 232 -5.81 17.21 35.34
CA GLY G 232 -4.47 16.85 34.89
C GLY G 232 -3.59 16.20 35.93
N ILE G 233 -4.12 15.94 37.13
CA ILE G 233 -3.38 15.30 38.20
C ILE G 233 -3.79 13.85 38.25
N ASN G 234 -2.83 12.94 38.08
CA ASN G 234 -3.15 11.52 38.08
C ASN G 234 -3.60 11.10 39.47
N ILE G 235 -4.66 10.30 39.52
CA ILE G 235 -5.27 9.88 40.78
C ILE G 235 -5.21 8.37 40.85
N THR G 236 -4.58 7.85 41.91
CA THR G 236 -4.56 6.43 42.19
C THR G 236 -5.05 6.10 43.59
N ARG G 237 -5.61 7.06 44.31
CA ARG G 237 -6.10 6.83 45.66
C ARG G 237 -7.35 7.67 45.88
N PHE G 238 -8.16 7.24 46.85
CA PHE G 238 -9.51 7.75 47.04
C PHE G 238 -9.83 7.80 48.53
N GLN G 239 -10.76 8.67 48.89
CA GLN G 239 -11.15 8.85 50.29
C GLN G 239 -12.48 9.58 50.33
N THR G 240 -13.15 9.53 51.47
CA THR G 240 -14.44 10.16 51.66
C THR G 240 -14.45 10.98 52.94
N LEU G 241 -15.21 12.08 52.92
CA LEU G 241 -15.34 12.97 54.06
C LEU G 241 -16.70 12.78 54.74
N LEU G 242 -16.69 12.86 56.06
CA LEU G 242 -17.90 12.72 56.87
C LEU G 242 -17.98 13.86 57.88
N ALA G 243 -19.17 14.06 58.42
CA ALA G 243 -19.41 15.08 59.43
C ALA G 243 -19.70 14.43 60.78
N LEU G 244 -19.25 15.08 61.85
CA LEU G 244 -19.44 14.58 63.20
C LEU G 244 -20.11 15.66 64.06
N HIS G 245 -21.04 15.23 64.89
CA HIS G 245 -21.74 16.14 65.79
C HIS G 245 -20.93 16.38 67.06
N ALA G 263 -25.93 5.68 57.66
CA ALA G 263 -24.93 6.49 57.00
C ALA G 263 -23.97 5.63 56.20
N ALA G 264 -24.49 4.57 55.59
CA ALA G 264 -23.68 3.67 54.80
C ALA G 264 -23.39 4.26 53.43
N TYR G 265 -22.36 3.72 52.78
CA TYR G 265 -22.06 4.07 51.40
C TYR G 265 -21.39 2.90 50.71
N TYR G 266 -21.47 2.90 49.39
CA TYR G 266 -21.03 1.79 48.57
C TYR G 266 -19.91 2.25 47.65
N VAL G 267 -18.97 1.35 47.36
CA VAL G 267 -17.90 1.66 46.42
C VAL G 267 -17.74 0.50 45.45
N GLY G 268 -17.90 0.79 44.16
CA GLY G 268 -17.61 -0.17 43.11
C GLY G 268 -16.32 0.20 42.42
N TYR G 269 -15.92 -0.64 41.47
CA TYR G 269 -14.74 -0.38 40.66
C TYR G 269 -15.08 -0.64 39.20
N LEU G 270 -14.65 0.27 38.34
CA LEU G 270 -14.93 0.20 36.91
C LEU G 270 -13.83 -0.57 36.20
N GLN G 271 -14.19 -1.18 35.07
CA GLN G 271 -13.21 -1.89 34.26
C GLN G 271 -13.78 -2.03 32.85
N PRO G 272 -12.93 -2.09 31.82
CA PRO G 272 -13.44 -2.07 30.45
C PRO G 272 -14.34 -3.25 30.13
N ARG G 273 -15.62 -2.96 29.91
CA ARG G 273 -16.62 -3.98 29.64
C ARG G 273 -17.58 -3.44 28.59
N THR G 274 -17.74 -4.18 27.49
CA THR G 274 -18.64 -3.74 26.43
C THR G 274 -20.07 -3.78 26.92
N PHE G 275 -20.83 -2.73 26.64
CA PHE G 275 -22.23 -2.63 27.03
C PHE G 275 -23.08 -2.43 25.78
N LEU G 276 -24.37 -2.64 25.93
CA LEU G 276 -25.35 -2.36 24.88
C LEU G 276 -26.40 -1.44 25.46
N LEU G 277 -26.21 -0.13 25.27
CA LEU G 277 -27.08 0.87 25.86
C LEU G 277 -28.33 1.04 25.01
N LYS G 278 -29.49 0.97 25.65
CA LYS G 278 -30.77 1.17 24.97
C LYS G 278 -31.25 2.59 25.24
N TYR G 279 -31.40 3.37 24.18
CA TYR G 279 -31.76 4.78 24.28
C TYR G 279 -33.25 4.94 24.03
N ASN G 280 -33.91 5.71 24.89
CA ASN G 280 -35.33 6.00 24.74
C ASN G 280 -35.55 6.92 23.53
N GLU G 281 -36.82 7.13 23.19
CA GLU G 281 -37.13 8.06 22.12
C GLU G 281 -36.74 9.49 22.50
N ASN G 282 -36.76 9.81 23.79
CA ASN G 282 -36.37 11.14 24.23
C ASN G 282 -34.88 11.25 24.50
N GLY G 283 -34.12 10.18 24.30
CA GLY G 283 -32.68 10.23 24.39
C GLY G 283 -32.08 9.73 25.68
N THR G 284 -32.89 9.26 26.62
CA THR G 284 -32.39 8.76 27.89
C THR G 284 -32.22 7.25 27.84
N ILE G 285 -31.32 6.74 28.66
CA ILE G 285 -31.04 5.31 28.72
C ILE G 285 -32.06 4.67 29.66
N THR G 286 -32.88 3.77 29.11
CA THR G 286 -33.85 3.06 29.94
C THR G 286 -33.38 1.68 30.36
N ASP G 287 -32.57 1.02 29.54
CA ASP G 287 -32.13 -0.34 29.82
C ASP G 287 -30.77 -0.56 29.21
N ALA G 288 -30.02 -1.53 29.73
CA ALA G 288 -28.71 -1.85 29.20
C ALA G 288 -28.36 -3.27 29.58
N VAL G 289 -27.69 -3.98 28.67
CA VAL G 289 -27.28 -5.35 28.89
C VAL G 289 -25.78 -5.45 28.71
N ASP G 290 -25.13 -6.16 29.62
CA ASP G 290 -23.69 -6.37 29.53
C ASP G 290 -23.38 -7.30 28.36
N CYS G 291 -22.12 -7.30 27.93
CA CYS G 291 -21.67 -8.15 26.85
C CYS G 291 -20.75 -9.27 27.31
N ALA G 292 -20.57 -9.43 28.62
CA ALA G 292 -19.74 -10.50 29.13
C ALA G 292 -20.32 -11.14 30.38
N LEU G 293 -21.55 -10.79 30.78
CA LEU G 293 -22.11 -11.32 32.00
C LEU G 293 -22.43 -12.80 31.88
N ASP G 294 -23.11 -13.19 30.80
CA ASP G 294 -23.53 -14.57 30.62
C ASP G 294 -23.84 -14.79 29.15
N PRO G 295 -23.97 -16.04 28.72
CA PRO G 295 -24.21 -16.30 27.29
C PRO G 295 -25.45 -15.63 26.74
N LEU G 296 -26.53 -15.50 27.52
CA LEU G 296 -27.69 -14.80 27.01
C LEU G 296 -27.36 -13.34 26.71
N SER G 297 -26.63 -12.68 27.61
CA SER G 297 -26.26 -11.30 27.39
C SER G 297 -25.31 -11.18 26.21
N GLU G 298 -24.41 -12.13 26.04
CA GLU G 298 -23.49 -12.08 24.90
C GLU G 298 -24.25 -12.25 23.59
N THR G 299 -25.26 -13.13 23.58
CA THR G 299 -26.12 -13.28 22.41
C THR G 299 -26.86 -11.98 22.12
N LYS G 300 -27.39 -11.33 23.15
CA LYS G 300 -28.06 -10.05 22.95
C LYS G 300 -27.11 -9.03 22.34
N CYS G 301 -25.88 -8.97 22.84
CA CYS G 301 -24.92 -8.00 22.33
C CYS G 301 -24.58 -8.28 20.88
N THR G 302 -24.38 -9.55 20.51
CA THR G 302 -24.06 -9.87 19.12
C THR G 302 -25.23 -9.54 18.21
N LEU G 303 -26.45 -9.85 18.62
CA LEU G 303 -27.62 -9.55 17.81
C LEU G 303 -28.00 -8.07 17.82
N LYS G 304 -27.41 -7.27 18.70
CA LYS G 304 -27.77 -5.86 18.85
C LYS G 304 -29.25 -5.72 19.12
N SER G 305 -29.79 -6.62 19.95
CA SER G 305 -31.20 -6.64 20.26
C SER G 305 -31.39 -7.07 21.70
N PHE G 306 -32.41 -6.51 22.37
CA PHE G 306 -32.71 -6.89 23.73
C PHE G 306 -33.63 -8.09 23.81
N THR G 307 -34.27 -8.48 22.71
CA THR G 307 -35.06 -9.69 22.64
C THR G 307 -34.41 -10.63 21.64
N VAL G 308 -34.28 -11.89 22.02
CA VAL G 308 -33.57 -12.88 21.23
C VAL G 308 -34.57 -13.96 20.83
N GLU G 309 -34.72 -14.18 19.53
CA GLU G 309 -35.68 -15.16 19.05
C GLU G 309 -35.13 -16.57 19.22
N LYS G 310 -36.05 -17.54 19.24
CA LYS G 310 -35.69 -18.92 19.43
C LYS G 310 -34.74 -19.39 18.33
N GLY G 311 -33.66 -20.03 18.72
CA GLY G 311 -32.70 -20.54 17.77
C GLY G 311 -31.32 -20.63 18.39
N ILE G 312 -30.37 -21.05 17.57
CA ILE G 312 -28.98 -21.19 17.97
C ILE G 312 -28.18 -20.06 17.34
N TYR G 313 -27.48 -19.31 18.17
CA TYR G 313 -26.79 -18.09 17.74
C TYR G 313 -25.32 -18.20 18.10
N GLN G 314 -24.45 -17.91 17.14
CA GLN G 314 -23.02 -17.90 17.40
C GLN G 314 -22.62 -16.54 17.97
N THR G 315 -21.89 -16.55 19.08
CA THR G 315 -21.51 -15.33 19.77
C THR G 315 -20.03 -15.05 19.75
N SER G 316 -19.20 -15.98 20.21
CA SER G 316 -17.77 -15.76 20.31
C SER G 316 -17.04 -16.96 19.75
N ASN G 317 -15.72 -17.00 19.92
CA ASN G 317 -14.91 -18.10 19.44
C ASN G 317 -14.09 -18.66 20.59
N PHE G 318 -14.26 -19.95 20.86
CA PHE G 318 -13.46 -20.62 21.87
C PHE G 318 -12.00 -20.68 21.43
N ARG G 319 -11.10 -20.68 22.41
CA ARG G 319 -9.68 -20.64 22.10
C ARG G 319 -8.92 -21.11 23.33
N VAL G 320 -8.12 -22.16 23.18
CA VAL G 320 -7.36 -22.71 24.30
C VAL G 320 -5.98 -22.09 24.30
N GLN G 321 -5.66 -21.38 25.36
CA GLN G 321 -4.36 -20.73 25.46
C GLN G 321 -3.28 -21.73 25.82
N PRO G 322 -2.05 -21.51 25.35
CA PRO G 322 -0.95 -22.41 25.71
C PRO G 322 -0.72 -22.41 27.22
N THR G 323 -0.53 -23.61 27.78
CA THR G 323 -0.33 -23.71 29.22
C THR G 323 1.03 -23.14 29.62
N GLU G 324 2.08 -23.46 28.86
CA GLU G 324 3.42 -22.99 29.18
C GLU G 324 4.25 -23.00 27.90
N SER G 325 5.56 -22.85 28.06
CA SER G 325 6.48 -22.81 26.92
C SER G 325 7.58 -23.84 27.15
N ILE G 326 7.92 -24.59 26.10
CA ILE G 326 8.99 -25.57 26.15
C ILE G 326 9.95 -25.29 25.00
N VAL G 327 11.25 -25.32 25.29
CA VAL G 327 12.29 -25.18 24.29
C VAL G 327 13.19 -26.40 24.43
N ARG G 328 13.23 -27.23 23.41
CA ARG G 328 14.06 -28.43 23.41
C ARG G 328 15.07 -28.35 22.27
N PHE G 329 16.34 -28.52 22.61
CA PHE G 329 17.45 -28.38 21.69
C PHE G 329 18.35 -29.61 21.82
N PRO G 330 19.16 -29.89 20.79
CA PRO G 330 20.02 -31.08 20.85
C PRO G 330 21.03 -30.99 21.98
N ASN G 331 21.50 -32.16 22.40
CA ASN G 331 22.37 -32.23 23.57
C ASN G 331 23.70 -31.55 23.30
N ILE G 332 24.47 -31.34 24.36
CA ILE G 332 25.71 -30.58 24.27
C ILE G 332 26.71 -31.28 23.37
N THR G 333 26.85 -32.59 23.51
CA THR G 333 27.77 -33.42 22.72
C THR G 333 29.17 -32.87 22.91
N ASN G 334 29.83 -32.37 21.86
CA ASN G 334 31.18 -31.85 22.01
C ASN G 334 31.19 -30.57 22.84
N LEU G 335 32.17 -30.47 23.73
CA LEU G 335 32.36 -29.30 24.56
C LEU G 335 33.74 -28.70 24.27
N CYS G 336 33.82 -27.37 24.34
CA CYS G 336 35.08 -26.70 24.03
C CYS G 336 36.15 -27.06 25.05
N PRO G 337 37.41 -27.14 24.62
CA PRO G 337 38.50 -27.45 25.57
C PRO G 337 38.97 -26.23 26.35
N PHE G 338 38.13 -25.20 26.37
CA PHE G 338 38.50 -23.93 27.00
C PHE G 338 38.74 -24.09 28.49
N GLY G 339 37.91 -24.90 29.16
CA GLY G 339 38.15 -25.20 30.56
C GLY G 339 39.46 -25.93 30.78
N GLU G 340 39.81 -26.82 29.85
CA GLU G 340 41.12 -27.48 29.92
C GLU G 340 42.26 -26.48 29.73
N VAL G 341 42.07 -25.50 28.84
CA VAL G 341 43.09 -24.47 28.63
C VAL G 341 43.32 -23.68 29.92
N PHE G 342 42.24 -23.29 30.58
CA PHE G 342 42.40 -22.63 31.88
C PHE G 342 43.04 -23.55 32.92
N ASN G 343 42.67 -24.83 32.91
CA ASN G 343 43.23 -25.77 33.86
C ASN G 343 44.49 -26.44 33.35
N ALA G 344 45.00 -26.01 32.20
CA ALA G 344 46.27 -26.52 31.70
C ALA G 344 47.42 -26.04 32.58
N THR G 345 48.35 -26.95 32.86
CA THR G 345 49.49 -26.61 33.71
C THR G 345 50.42 -25.61 33.02
N ARG G 346 50.69 -25.82 31.74
CA ARG G 346 51.63 -24.98 31.01
C ARG G 346 50.95 -23.73 30.49
N PHE G 347 51.53 -22.57 30.78
CA PHE G 347 51.03 -21.29 30.31
C PHE G 347 52.16 -20.55 29.61
N ALA G 348 51.87 -20.00 28.43
CA ALA G 348 52.87 -19.29 27.67
C ALA G 348 53.23 -17.96 28.36
N SER G 349 54.40 -17.44 28.01
CA SER G 349 54.83 -16.16 28.54
C SER G 349 54.07 -15.02 27.89
N VAL G 350 54.21 -13.83 28.45
CA VAL G 350 53.46 -12.67 27.97
C VAL G 350 53.93 -12.27 26.57
N TYR G 351 55.24 -12.33 26.32
CA TYR G 351 55.74 -11.94 25.01
C TYR G 351 55.38 -12.97 23.95
N ALA G 352 55.59 -14.25 24.25
CA ALA G 352 55.21 -15.34 23.34
C ALA G 352 53.86 -15.94 23.76
N TRP G 353 52.84 -15.09 23.79
CA TRP G 353 51.53 -15.54 24.23
C TRP G 353 50.93 -16.54 23.24
N ASN G 354 50.42 -17.64 23.78
CA ASN G 354 49.87 -18.70 22.93
C ASN G 354 48.58 -18.22 22.27
N ARG G 355 48.37 -18.67 21.04
CA ARG G 355 47.17 -18.34 20.27
C ARG G 355 46.49 -19.65 19.88
N LYS G 356 45.32 -19.90 20.46
CA LYS G 356 44.55 -21.11 20.19
C LYS G 356 43.24 -20.75 19.50
N ARG G 357 42.96 -21.40 18.38
CA ARG G 357 41.75 -21.15 17.63
C ARG G 357 40.69 -22.17 18.05
N ILE G 358 39.60 -21.66 18.62
CA ILE G 358 38.52 -22.50 19.13
C ILE G 358 37.41 -22.51 18.08
N SER G 359 37.05 -23.71 17.62
CA SER G 359 36.01 -23.85 16.62
C SER G 359 35.31 -25.20 16.79
N ASN G 360 34.04 -25.23 16.37
CA ASN G 360 33.24 -26.45 16.34
C ASN G 360 33.09 -27.07 17.73
N CYS G 361 32.60 -26.27 18.67
CA CYS G 361 32.26 -26.75 20.01
C CYS G 361 31.40 -25.69 20.69
N VAL G 362 31.12 -25.91 21.97
CA VAL G 362 30.32 -25.01 22.78
C VAL G 362 31.06 -24.73 24.07
N ALA G 363 31.02 -23.47 24.51
CA ALA G 363 31.69 -23.04 25.73
C ALA G 363 30.64 -22.58 26.74
N ASP G 364 30.83 -22.96 28.01
CA ASP G 364 29.89 -22.64 29.07
C ASP G 364 30.31 -21.33 29.72
N TYR G 365 29.91 -20.22 29.09
CA TYR G 365 30.24 -18.91 29.64
C TYR G 365 29.49 -18.64 30.94
N SER G 366 28.29 -19.19 31.09
CA SER G 366 27.57 -19.06 32.36
C SER G 366 28.36 -19.69 33.50
N VAL G 367 28.84 -20.92 33.29
CA VAL G 367 29.66 -21.59 34.30
C VAL G 367 30.96 -20.83 34.50
N LEU G 368 31.54 -20.32 33.42
CA LEU G 368 32.79 -19.59 33.50
C LEU G 368 32.66 -18.35 34.39
N TYR G 369 31.58 -17.59 34.20
CA TYR G 369 31.33 -16.44 35.06
C TYR G 369 30.94 -16.85 36.47
N ASN G 370 30.22 -17.97 36.62
CA ASN G 370 29.86 -18.45 37.94
C ASN G 370 31.06 -18.91 38.74
N SER G 371 32.15 -19.29 38.08
CA SER G 371 33.36 -19.67 38.78
C SER G 371 33.87 -18.51 39.63
N ALA G 372 34.15 -18.78 40.90
CA ALA G 372 34.60 -17.77 41.85
C ALA G 372 36.12 -17.71 41.97
N SER G 373 36.85 -18.54 41.23
CA SER G 373 38.31 -18.52 41.33
C SER G 373 38.90 -17.29 40.68
N PHE G 374 38.18 -16.66 39.75
CA PHE G 374 38.70 -15.53 38.99
C PHE G 374 38.62 -14.26 39.83
N SER G 375 39.76 -13.63 40.09
CA SER G 375 39.75 -12.35 40.80
C SER G 375 39.22 -11.24 39.91
N THR G 376 39.64 -11.21 38.65
CA THR G 376 39.24 -10.17 37.70
C THR G 376 38.51 -10.83 36.53
N PHE G 377 37.25 -10.43 36.32
CA PHE G 377 36.43 -10.90 35.20
C PHE G 377 35.77 -9.67 34.59
N LYS G 378 36.43 -9.09 33.59
CA LYS G 378 35.95 -7.88 32.93
C LYS G 378 35.55 -8.20 31.50
N CYS G 379 34.32 -7.86 31.14
CA CYS G 379 33.79 -8.05 29.80
C CYS G 379 33.54 -6.69 29.17
N TYR G 380 34.00 -6.52 27.94
CA TYR G 380 33.90 -5.25 27.24
C TYR G 380 32.99 -5.31 26.00
N GLY G 381 33.00 -6.41 25.28
CA GLY G 381 32.15 -6.55 24.11
C GLY G 381 30.73 -6.93 24.45
N VAL G 382 30.55 -8.07 25.12
CA VAL G 382 29.26 -8.58 25.52
C VAL G 382 29.28 -8.88 27.02
N SER G 383 28.22 -8.50 27.71
CA SER G 383 28.12 -8.80 29.13
C SER G 383 28.10 -10.31 29.33
N PRO G 384 28.72 -10.82 30.40
CA PRO G 384 28.74 -12.28 30.60
C PRO G 384 27.37 -12.89 30.76
N THR G 385 26.38 -12.14 31.24
CA THR G 385 25.03 -12.66 31.35
C THR G 385 24.44 -13.00 29.99
N LYS G 386 24.64 -12.12 29.00
CA LYS G 386 24.12 -12.32 27.66
C LYS G 386 25.11 -13.00 26.73
N LEU G 387 26.31 -13.33 27.21
CA LEU G 387 27.31 -13.95 26.35
C LEU G 387 26.83 -15.30 25.84
N ASN G 388 26.15 -16.08 26.67
CA ASN G 388 25.63 -17.37 26.24
C ASN G 388 24.62 -17.20 25.12
N ASP G 389 23.73 -16.21 25.24
CA ASP G 389 22.75 -15.95 24.19
C ASP G 389 23.43 -15.48 22.91
N LEU G 390 24.45 -14.61 23.04
CA LEU G 390 25.17 -14.13 21.88
C LEU G 390 25.94 -15.27 21.21
N CYS G 391 25.88 -15.31 19.88
CA CYS G 391 26.45 -16.39 19.11
C CYS G 391 27.49 -15.83 18.15
N PHE G 392 28.70 -16.37 18.20
CA PHE G 392 29.80 -15.95 17.34
C PHE G 392 30.24 -17.11 16.46
N THR G 393 31.30 -16.89 15.67
CA THR G 393 31.81 -17.88 14.75
C THR G 393 33.26 -18.26 14.97
N ASN G 394 34.06 -17.41 15.63
CA ASN G 394 35.46 -17.72 15.87
C ASN G 394 35.88 -17.11 17.19
N VAL G 395 36.59 -17.90 18.01
CA VAL G 395 37.03 -17.49 19.33
C VAL G 395 38.52 -17.76 19.45
N TYR G 396 39.27 -16.75 19.89
CA TYR G 396 40.70 -16.85 20.07
C TYR G 396 41.05 -16.66 21.53
N ALA G 397 41.87 -17.56 22.07
CA ALA G 397 42.28 -17.53 23.46
C ALA G 397 43.77 -17.21 23.52
N ASP G 398 44.12 -16.13 24.24
CA ASP G 398 45.51 -15.74 24.44
C ASP G 398 45.88 -16.04 25.88
N SER G 399 46.73 -17.04 26.09
CA SER G 399 47.13 -17.48 27.41
C SER G 399 48.52 -16.95 27.72
N PHE G 400 48.63 -16.21 28.83
CA PHE G 400 49.90 -15.64 29.24
C PHE G 400 49.87 -15.36 30.73
N VAL G 401 51.05 -15.14 31.30
CA VAL G 401 51.21 -14.84 32.72
C VAL G 401 51.87 -13.48 32.84
N ILE G 402 51.26 -12.60 33.63
CA ILE G 402 51.75 -11.24 33.83
C ILE G 402 51.76 -10.93 35.32
N ARG G 403 52.50 -9.88 35.67
CA ARG G 403 52.46 -9.34 37.02
C ARG G 403 51.07 -8.78 37.31
N GLY G 404 50.64 -8.90 38.56
CA GLY G 404 49.29 -8.49 38.94
C GLY G 404 49.02 -7.03 38.69
N ASP G 405 50.03 -6.18 38.83
CA ASP G 405 49.84 -4.75 38.61
C ASP G 405 49.60 -4.42 37.15
N GLU G 406 49.89 -5.34 36.24
CA GLU G 406 49.69 -5.12 34.81
C GLU G 406 48.33 -5.59 34.32
N VAL G 407 47.49 -6.12 35.22
CA VAL G 407 46.14 -6.53 34.81
C VAL G 407 45.35 -5.32 34.33
N ARG G 408 45.48 -4.19 35.03
CA ARG G 408 44.83 -2.96 34.58
C ARG G 408 45.36 -2.53 33.22
N GLN G 409 46.66 -2.70 32.99
CA GLN G 409 47.24 -2.34 31.70
C GLN G 409 46.73 -3.25 30.59
N ILE G 410 46.42 -4.51 30.90
CA ILE G 410 45.85 -5.42 29.92
C ILE G 410 44.37 -5.12 29.78
N ALA G 411 44.02 -4.26 28.81
CA ALA G 411 42.66 -3.83 28.59
C ALA G 411 42.56 -3.14 27.24
N PRO G 412 41.38 -3.13 26.60
CA PRO G 412 41.23 -2.38 25.35
C PRO G 412 41.46 -0.89 25.57
N GLY G 413 42.13 -0.26 24.61
CA GLY G 413 42.43 1.15 24.72
C GLY G 413 43.28 1.52 25.91
N GLN G 414 44.28 0.71 26.21
CA GLN G 414 45.15 0.92 27.37
C GLN G 414 46.60 1.00 26.91
N THR G 415 47.39 1.82 27.60
CA THR G 415 48.78 2.06 27.27
C THR G 415 49.67 1.59 28.41
N GLY G 416 50.85 1.10 28.04
CA GLY G 416 51.81 0.63 29.02
C GLY G 416 52.82 -0.29 28.37
N LYS G 417 53.79 -0.69 29.18
CA LYS G 417 54.84 -1.58 28.68
C LYS G 417 54.24 -2.91 28.20
N ILE G 418 53.45 -3.55 29.06
CA ILE G 418 52.81 -4.81 28.67
C ILE G 418 51.71 -4.54 27.63
N ALA G 419 50.99 -3.43 27.78
CA ALA G 419 49.87 -3.14 26.89
C ALA G 419 50.31 -2.81 25.47
N ASP G 420 51.58 -2.48 25.26
CA ASP G 420 52.05 -2.07 23.95
C ASP G 420 53.15 -2.96 23.39
N TYR G 421 54.16 -3.29 24.20
CA TYR G 421 55.37 -3.91 23.67
C TYR G 421 55.16 -5.37 23.31
N ASN G 422 54.29 -6.08 24.03
CA ASN G 422 54.12 -7.52 23.77
C ASN G 422 52.68 -7.98 23.70
N TYR G 423 51.69 -7.17 24.09
CA TYR G 423 50.29 -7.58 24.00
C TYR G 423 49.44 -6.32 23.85
N LYS G 424 49.03 -6.04 22.61
CA LYS G 424 48.23 -4.86 22.30
C LYS G 424 46.83 -5.27 21.88
N LEU G 425 45.84 -4.50 22.32
CA LEU G 425 44.43 -4.79 22.05
C LEU G 425 43.82 -3.70 21.17
N PRO G 426 42.84 -4.03 20.35
CA PRO G 426 42.20 -3.01 19.50
C PRO G 426 41.37 -2.04 20.34
N ASP G 427 41.19 -0.83 19.78
CA ASP G 427 40.33 0.15 20.43
C ASP G 427 38.90 -0.36 20.55
N ASP G 428 38.38 -0.95 19.46
CA ASP G 428 37.09 -1.63 19.50
C ASP G 428 37.32 -3.09 19.88
N PHE G 429 36.68 -3.53 20.95
CA PHE G 429 36.95 -4.83 21.53
C PHE G 429 35.64 -5.59 21.74
N THR G 430 35.64 -6.86 21.36
CA THR G 430 34.47 -7.74 21.52
C THR G 430 34.97 -8.99 22.23
N GLY G 431 34.94 -8.96 23.56
CA GLY G 431 35.40 -10.09 24.32
C GLY G 431 35.41 -9.77 25.81
N CYS G 432 36.08 -10.64 26.56
CA CYS G 432 36.20 -10.51 28.01
C CYS G 432 37.65 -10.72 28.43
N VAL G 433 38.00 -10.16 29.57
CA VAL G 433 39.33 -10.31 30.16
C VAL G 433 39.17 -11.03 31.50
N ILE G 434 39.87 -12.15 31.66
CA ILE G 434 39.76 -12.99 32.84
C ILE G 434 41.12 -13.05 33.52
N ALA G 435 41.15 -12.77 34.82
CA ALA G 435 42.37 -12.81 35.60
C ALA G 435 42.09 -13.42 36.96
N TRP G 436 43.09 -14.07 37.52
CA TRP G 436 42.97 -14.67 38.84
C TRP G 436 44.35 -14.79 39.47
N ASN G 437 44.35 -14.93 40.80
CA ASN G 437 45.60 -15.08 41.53
C ASN G 437 46.26 -16.41 41.20
N SER G 438 47.59 -16.39 41.08
CA SER G 438 48.35 -17.59 40.74
C SER G 438 49.62 -17.69 41.57
N ASN G 439 49.63 -17.11 42.78
CA ASN G 439 50.83 -17.12 43.60
C ASN G 439 51.25 -18.54 43.98
N ASN G 440 50.29 -19.38 44.34
CA ASN G 440 50.61 -20.75 44.73
C ASN G 440 50.86 -21.67 43.55
N LEU G 441 50.45 -21.26 42.34
CA LEU G 441 50.53 -22.16 41.19
C LEU G 441 51.92 -22.14 40.55
N ASP G 442 52.34 -20.98 40.05
CA ASP G 442 53.59 -20.87 39.30
C ASP G 442 54.73 -20.26 40.11
N SER G 443 54.44 -19.30 40.98
CA SER G 443 55.48 -18.67 41.77
C SER G 443 56.11 -19.68 42.73
N LYS G 444 57.44 -19.66 42.80
CA LYS G 444 58.20 -20.61 43.60
C LYS G 444 59.21 -19.86 44.45
N VAL G 445 59.85 -20.61 45.36
CA VAL G 445 60.89 -20.01 46.20
C VAL G 445 62.03 -19.47 45.36
N GLY G 446 62.47 -20.25 44.36
CA GLY G 446 63.48 -19.78 43.44
C GLY G 446 62.92 -18.78 42.44
N GLY G 447 63.82 -18.10 41.76
CA GLY G 447 63.45 -17.13 40.75
C GLY G 447 62.70 -17.76 39.59
N ASN G 448 61.55 -17.17 39.23
CA ASN G 448 60.75 -17.68 38.11
C ASN G 448 61.19 -16.95 36.84
N TYR G 449 62.23 -17.49 36.21
CA TYR G 449 62.78 -16.93 34.98
C TYR G 449 62.14 -17.50 33.73
N ASN G 450 61.21 -18.45 33.87
CA ASN G 450 60.56 -19.06 32.71
C ASN G 450 59.69 -18.08 31.94
N TYR G 451 59.25 -17.00 32.59
CA TYR G 451 58.41 -15.99 31.95
C TYR G 451 59.25 -14.75 31.67
N LEU G 452 59.17 -14.25 30.44
CA LEU G 452 59.93 -13.09 30.01
C LEU G 452 58.98 -12.04 29.45
N TYR G 453 59.41 -10.78 29.50
CA TYR G 453 58.61 -9.66 29.02
C TYR G 453 59.44 -8.80 28.09
N ARG G 454 58.76 -8.17 27.13
CA ARG G 454 59.42 -7.31 26.15
C ARG G 454 59.69 -5.95 26.79
N LEU G 455 60.81 -5.88 27.51
CA LEU G 455 61.18 -4.65 28.22
C LEU G 455 61.48 -3.52 27.24
N PHE G 456 62.20 -3.81 26.16
CA PHE G 456 62.63 -2.80 25.21
C PHE G 456 62.00 -3.09 23.85
N ARG G 457 61.45 -2.04 23.22
CA ARG G 457 60.91 -2.16 21.87
C ARG G 457 60.99 -0.79 21.20
N LYS G 458 61.25 -0.81 19.90
CA LYS G 458 61.42 0.45 19.16
C LYS G 458 60.10 1.16 18.97
N SER G 459 59.01 0.42 18.77
CA SER G 459 57.72 1.03 18.51
C SER G 459 56.61 0.11 19.03
N ASN G 460 55.42 0.68 19.17
CA ASN G 460 54.26 -0.06 19.65
C ASN G 460 53.84 -1.12 18.64
N LEU G 461 53.26 -2.20 19.15
CA LEU G 461 52.79 -3.30 18.33
C LEU G 461 51.34 -3.08 17.92
N LYS G 462 50.98 -3.64 16.77
CA LYS G 462 49.59 -3.62 16.32
C LYS G 462 48.77 -4.57 17.18
N PRO G 463 47.46 -4.35 17.28
CA PRO G 463 46.61 -5.24 18.08
C PRO G 463 46.66 -6.67 17.54
N PHE G 464 46.63 -7.63 18.48
CA PHE G 464 46.65 -9.06 18.15
C PHE G 464 47.86 -9.43 17.30
N GLU G 465 49.02 -8.86 17.64
CA GLU G 465 50.28 -9.17 16.98
C GLU G 465 51.30 -9.60 18.02
N ARG G 466 52.00 -10.69 17.75
CA ARG G 466 53.00 -11.24 18.65
C ARG G 466 54.38 -11.16 18.01
N ASP G 467 55.39 -10.83 18.81
CA ASP G 467 56.78 -10.76 18.38
C ASP G 467 57.55 -11.83 19.14
N ILE G 468 57.56 -13.05 18.59
CA ILE G 468 58.28 -14.15 19.21
C ILE G 468 59.77 -14.11 18.95
N SER G 469 60.22 -13.25 18.03
CA SER G 469 61.64 -13.14 17.70
C SER G 469 62.44 -12.62 18.89
N THR G 470 63.30 -13.47 19.44
CA THR G 470 64.18 -13.09 20.55
C THR G 470 65.45 -12.42 20.01
N GLU G 471 65.24 -11.29 19.34
CA GLU G 471 66.33 -10.55 18.72
C GLU G 471 67.31 -10.06 19.79
N ILE G 472 68.59 -10.08 19.45
CA ILE G 472 69.64 -10.00 20.46
C ILE G 472 69.70 -8.61 21.10
N TYR G 473 69.55 -7.55 20.30
CA TYR G 473 69.69 -6.18 20.81
C TYR G 473 68.67 -5.28 20.15
N GLN G 474 67.73 -4.77 20.94
CA GLN G 474 66.59 -4.04 20.39
C GLN G 474 67.02 -2.81 19.61
N ALA G 475 67.89 -1.98 20.19
CA ALA G 475 68.26 -0.73 19.54
C ALA G 475 69.00 -0.97 18.23
N GLY G 476 69.97 -1.89 18.24
CA GLY G 476 70.70 -2.21 17.02
C GLY G 476 71.46 -1.04 16.44
N SER G 477 72.10 -0.23 17.29
CA SER G 477 72.86 0.91 16.79
C SER G 477 74.04 0.46 15.95
N THR G 478 74.74 -0.60 16.37
CA THR G 478 75.86 -1.15 15.65
C THR G 478 75.60 -2.62 15.38
N PRO G 479 75.67 -3.07 14.13
CA PRO G 479 75.39 -4.48 13.81
C PRO G 479 76.49 -5.45 14.20
N CYS G 480 77.54 -4.99 14.89
CA CYS G 480 78.60 -5.90 15.30
C CYS G 480 78.14 -6.87 16.38
N ASN G 481 77.02 -6.59 17.05
CA ASN G 481 76.45 -7.46 18.08
C ASN G 481 77.44 -7.69 19.22
N GLY G 482 77.82 -6.57 19.85
CA GLY G 482 78.77 -6.65 20.96
C GLY G 482 78.11 -7.18 22.22
N VAL G 483 78.88 -7.94 22.99
CA VAL G 483 78.35 -8.53 24.22
C VAL G 483 78.06 -7.44 25.25
N GLU G 484 78.99 -6.50 25.42
CA GLU G 484 78.83 -5.40 26.38
C GLU G 484 78.14 -4.23 25.69
N GLY G 485 76.86 -4.43 25.40
CA GLY G 485 76.04 -3.42 24.77
C GLY G 485 75.91 -2.16 25.60
N PHE G 486 76.03 -1.00 24.96
CA PHE G 486 75.94 0.29 25.63
C PHE G 486 74.66 1.03 25.28
N ASN G 487 74.39 1.22 23.99
CA ASN G 487 73.13 1.79 23.53
C ASN G 487 72.08 0.74 23.23
N CYS G 488 72.44 -0.54 23.27
CA CYS G 488 71.54 -1.63 22.92
C CYS G 488 71.45 -2.61 24.08
N TYR G 489 70.27 -3.19 24.28
CA TYR G 489 70.04 -4.09 25.39
C TYR G 489 69.08 -5.19 24.97
N PHE G 490 69.10 -6.29 25.72
CA PHE G 490 68.23 -7.42 25.43
C PHE G 490 66.78 -7.07 25.75
N PRO G 491 65.85 -7.23 24.80
CA PRO G 491 64.46 -6.84 25.09
C PRO G 491 63.75 -7.77 26.06
N LEU G 492 64.19 -9.01 26.18
CA LEU G 492 63.52 -9.99 27.04
C LEU G 492 64.21 -10.03 28.40
N GLN G 493 63.42 -9.93 29.47
CA GLN G 493 63.93 -10.01 30.83
C GLN G 493 63.05 -10.92 31.67
N SER G 494 63.68 -11.63 32.60
CA SER G 494 62.96 -12.58 33.45
C SER G 494 62.18 -11.84 34.52
N TYR G 495 60.97 -12.32 34.79
CA TYR G 495 60.16 -11.77 35.87
C TYR G 495 60.73 -12.16 37.22
N GLY G 496 60.68 -11.22 38.17
CA GLY G 496 61.07 -11.51 39.54
C GLY G 496 59.88 -11.93 40.37
N PHE G 497 59.70 -13.23 40.56
CA PHE G 497 58.54 -13.78 41.25
C PHE G 497 58.97 -14.43 42.56
N GLN G 498 58.28 -14.06 43.63
CA GLN G 498 58.55 -14.60 44.96
C GLN G 498 57.26 -14.58 45.75
N PRO G 499 56.84 -15.72 46.33
CA PRO G 499 55.62 -15.72 47.16
C PRO G 499 55.77 -14.93 48.45
N THR G 500 57.00 -14.60 48.86
CA THR G 500 57.20 -13.87 50.10
C THR G 500 56.55 -12.49 50.05
N ASN G 501 56.68 -11.80 48.92
CA ASN G 501 56.17 -10.44 48.79
C ASN G 501 54.66 -10.38 48.98
N GLY G 502 53.91 -10.98 48.05
CA GLY G 502 52.46 -10.99 48.16
C GLY G 502 51.82 -9.63 48.24
N VAL G 503 52.28 -8.67 47.44
CA VAL G 503 51.77 -7.31 47.48
C VAL G 503 51.05 -6.92 46.20
N GLY G 504 51.27 -7.61 45.08
CA GLY G 504 50.70 -7.23 43.81
C GLY G 504 51.65 -7.51 42.68
N TYR G 505 52.94 -7.69 43.03
CA TYR G 505 53.94 -8.13 42.05
C TYR G 505 53.81 -9.60 41.72
N GLN G 506 52.97 -10.34 42.47
CA GLN G 506 52.79 -11.76 42.21
C GLN G 506 52.12 -11.98 40.86
N PRO G 507 52.48 -13.05 40.16
CA PRO G 507 51.91 -13.28 38.83
C PRO G 507 50.43 -13.62 38.90
N TYR G 508 49.67 -13.01 38.01
CA TYR G 508 48.24 -13.28 37.86
C TYR G 508 48.00 -13.84 36.47
N ARG G 509 47.35 -15.00 36.40
CA ARG G 509 47.07 -15.62 35.11
C ARG G 509 45.95 -14.88 34.40
N VAL G 510 46.25 -14.35 33.21
CA VAL G 510 45.32 -13.51 32.47
C VAL G 510 45.11 -14.12 31.10
N VAL G 511 43.84 -14.31 30.72
CA VAL G 511 43.47 -14.79 29.39
C VAL G 511 42.42 -13.83 28.83
N VAL G 512 42.64 -13.37 27.60
CA VAL G 512 41.76 -12.42 26.94
C VAL G 512 41.17 -13.08 25.70
N LEU G 513 39.85 -12.97 25.55
CA LEU G 513 39.12 -13.57 24.44
C LEU G 513 38.80 -12.54 23.37
N SER G 514 38.59 -13.03 22.15
CA SER G 514 38.24 -12.19 21.01
C SER G 514 37.12 -12.86 20.23
N PHE G 515 35.96 -12.22 20.18
CA PHE G 515 34.84 -12.70 19.40
C PHE G 515 34.72 -11.86 18.12
N GLU G 516 34.72 -12.54 16.98
CA GLU G 516 34.70 -11.87 15.69
C GLU G 516 33.57 -12.43 14.82
N LEU G 517 33.03 -11.56 13.97
CA LEU G 517 32.01 -11.94 13.01
C LEU G 517 32.62 -11.85 11.61
N LEU G 518 32.95 -13.02 11.05
CA LEU G 518 33.61 -13.10 9.75
C LEU G 518 32.64 -13.33 8.60
N HIS G 519 31.34 -13.11 8.82
CA HIS G 519 30.30 -13.38 7.82
C HIS G 519 30.36 -14.84 7.37
N ALA G 520 30.65 -15.73 8.30
CA ALA G 520 30.73 -17.16 8.08
C ALA G 520 29.86 -17.87 9.10
N PRO G 521 29.34 -19.05 8.77
CA PRO G 521 28.46 -19.74 9.71
C PRO G 521 29.18 -20.08 11.01
N ALA G 522 28.41 -20.05 12.10
CA ALA G 522 28.97 -20.17 13.43
C ALA G 522 29.56 -21.57 13.67
N THR G 523 30.64 -21.61 14.45
CA THR G 523 31.25 -22.86 14.89
C THR G 523 31.25 -23.00 16.40
N VAL G 524 31.54 -21.93 17.14
CA VAL G 524 31.48 -21.92 18.59
C VAL G 524 30.34 -21.00 19.00
N CYS G 525 29.40 -21.53 19.76
CA CYS G 525 28.22 -20.77 20.16
C CYS G 525 27.87 -21.14 21.60
N GLY G 526 26.98 -20.34 22.19
CA GLY G 526 26.61 -20.53 23.58
C GLY G 526 25.84 -21.81 23.80
N PRO G 527 25.75 -22.26 25.05
CA PRO G 527 24.99 -23.47 25.34
C PRO G 527 23.50 -23.24 25.14
N LYS G 528 22.80 -24.32 24.84
CA LYS G 528 21.37 -24.28 24.51
C LYS G 528 20.58 -24.90 25.66
N LYS G 529 19.78 -24.08 26.34
CA LYS G 529 18.98 -24.58 27.45
C LYS G 529 17.81 -25.39 26.93
N SER G 530 17.61 -26.57 27.50
CA SER G 530 16.55 -27.49 27.10
C SER G 530 15.62 -27.71 28.28
N THR G 531 14.37 -27.27 28.14
CA THR G 531 13.39 -27.47 29.19
C THR G 531 12.83 -28.89 29.12
N ASN G 532 12.22 -29.32 30.22
CA ASN G 532 11.61 -30.63 30.28
C ASN G 532 10.40 -30.65 29.35
N LEU G 533 10.38 -31.58 28.40
CA LEU G 533 9.30 -31.65 27.44
C LEU G 533 8.03 -32.19 28.11
N VAL G 534 6.89 -31.62 27.73
CA VAL G 534 5.60 -32.02 28.26
C VAL G 534 4.69 -32.43 27.11
N LYS G 535 4.01 -33.56 27.27
CA LYS G 535 3.14 -34.11 26.24
C LYS G 535 1.68 -34.06 26.68
N ASN G 536 0.79 -34.19 25.69
CA ASN G 536 -0.65 -34.24 25.94
C ASN G 536 -1.14 -32.99 26.65
N LYS G 537 -0.48 -31.86 26.40
CA LYS G 537 -0.86 -30.59 27.00
C LYS G 537 -0.62 -29.49 25.99
N CYS G 538 -1.57 -28.57 25.87
CA CYS G 538 -1.42 -27.49 24.91
C CYS G 538 -0.30 -26.55 25.32
N VAL G 539 0.90 -26.78 24.78
CA VAL G 539 2.10 -26.08 25.20
C VAL G 539 2.75 -25.41 24.00
N ASN G 540 3.15 -24.16 24.19
CA ASN G 540 3.95 -23.47 23.19
C ASN G 540 5.34 -24.11 23.13
N PHE G 541 5.82 -24.38 21.93
CA PHE G 541 7.06 -25.13 21.77
C PHE G 541 7.97 -24.44 20.78
N ASN G 542 9.27 -24.79 20.87
CA ASN G 542 10.29 -24.26 19.97
C ASN G 542 11.34 -25.34 19.80
N PHE G 543 11.20 -26.13 18.72
CA PHE G 543 12.12 -27.22 18.41
C PHE G 543 13.07 -26.74 17.32
N ASN G 544 14.26 -26.27 17.72
CA ASN G 544 15.30 -25.84 16.79
C ASN G 544 14.78 -24.76 15.82
N GLY G 545 13.89 -23.91 16.29
CA GLY G 545 13.37 -22.84 15.47
C GLY G 545 12.02 -23.08 14.85
N LEU G 546 11.37 -24.21 15.15
CA LEU G 546 10.01 -24.42 14.66
C LEU G 546 9.05 -23.38 15.23
N THR G 547 9.16 -23.12 16.53
CA THR G 547 8.40 -22.06 17.20
C THR G 547 6.90 -22.15 16.92
N GLY G 548 6.40 -23.38 16.86
CA GLY G 548 4.97 -23.59 16.69
C GLY G 548 4.25 -23.72 18.02
N THR G 549 2.92 -23.73 17.94
CA THR G 549 2.08 -23.87 19.12
C THR G 549 1.09 -25.00 18.90
N GLY G 550 1.01 -25.91 19.85
CA GLY G 550 0.10 -27.04 19.75
C GLY G 550 0.42 -28.08 20.78
N VAL G 551 -0.45 -29.07 20.84
CA VAL G 551 -0.32 -30.16 21.81
C VAL G 551 0.48 -31.29 21.16
N LEU G 552 1.49 -31.78 21.88
CA LEU G 552 2.40 -32.79 21.37
C LEU G 552 2.04 -34.14 21.95
N THR G 553 1.82 -35.12 21.08
CA THR G 553 1.50 -36.47 21.49
C THR G 553 2.52 -37.44 20.90
N GLU G 554 2.69 -38.58 21.57
CA GLU G 554 3.54 -39.63 21.03
C GLU G 554 2.96 -40.11 19.71
N SER G 555 3.83 -40.29 18.73
CA SER G 555 3.40 -40.56 17.36
C SER G 555 3.65 -42.01 16.99
N ASN G 556 3.15 -42.38 15.81
CA ASN G 556 3.33 -43.71 15.25
C ASN G 556 4.19 -43.69 14.00
N LYS G 557 4.18 -42.60 13.23
CA LYS G 557 4.95 -42.53 12.01
C LYS G 557 6.45 -42.62 12.31
N LYS G 558 7.18 -43.26 11.41
CA LYS G 558 8.61 -43.47 11.57
C LYS G 558 9.35 -42.63 10.54
N PHE G 559 10.28 -41.80 11.01
CA PHE G 559 11.04 -40.94 10.13
C PHE G 559 12.24 -41.68 9.54
N LEU G 560 12.79 -41.10 8.48
CA LEU G 560 14.12 -41.49 8.06
C LEU G 560 15.14 -40.97 9.07
N PRO G 561 16.24 -41.71 9.28
CA PRO G 561 17.19 -41.31 10.33
C PRO G 561 17.75 -39.91 10.15
N PHE G 562 17.89 -39.42 8.94
CA PHE G 562 18.37 -38.05 8.70
C PHE G 562 17.26 -37.02 8.76
N GLN G 563 16.01 -37.47 8.88
CA GLN G 563 14.86 -36.61 8.61
C GLN G 563 14.38 -35.97 9.90
N GLN G 564 14.31 -34.64 9.91
CA GLN G 564 14.22 -33.90 11.17
C GLN G 564 12.81 -33.57 11.61
N PHE G 565 11.89 -33.25 10.71
CA PHE G 565 10.53 -32.97 11.14
C PHE G 565 9.57 -33.19 9.99
N GLY G 566 8.37 -33.64 10.33
CA GLY G 566 7.39 -34.01 9.34
C GLY G 566 6.67 -32.83 8.75
N ARG G 567 5.71 -33.13 7.87
CA ARG G 567 4.93 -32.11 7.21
C ARG G 567 3.64 -32.74 6.70
N ASP G 568 2.69 -31.88 6.37
CA ASP G 568 1.38 -32.29 5.90
C ASP G 568 1.24 -31.94 4.43
N ILE G 569 0.08 -32.26 3.86
CA ILE G 569 -0.16 -31.95 2.45
C ILE G 569 -0.15 -30.45 2.21
N ALA G 570 -0.78 -29.69 3.12
CA ALA G 570 -0.89 -28.24 2.98
C ALA G 570 0.33 -27.50 3.52
N ASP G 571 1.47 -28.18 3.63
CA ASP G 571 2.71 -27.58 4.13
C ASP G 571 2.53 -26.98 5.52
N THR G 572 1.82 -27.71 6.38
CA THR G 572 1.70 -27.37 7.79
C THR G 572 2.40 -28.44 8.60
N THR G 573 3.28 -28.03 9.50
CA THR G 573 4.02 -28.99 10.32
C THR G 573 3.07 -29.80 11.17
N ASP G 574 3.22 -31.12 11.16
CA ASP G 574 2.38 -31.97 11.99
C ASP G 574 3.13 -33.15 12.60
N ALA G 575 4.45 -33.09 12.67
CA ALA G 575 5.25 -34.08 13.39
C ALA G 575 6.67 -33.57 13.51
N VAL G 576 7.24 -33.59 14.70
CA VAL G 576 8.60 -33.10 14.91
C VAL G 576 9.38 -34.14 15.69
N ARG G 577 10.65 -34.30 15.32
CA ARG G 577 11.56 -35.23 15.98
C ARG G 577 12.21 -34.52 17.15
N ASP G 578 12.09 -35.10 18.33
CA ASP G 578 12.64 -34.48 19.52
C ASP G 578 14.16 -34.56 19.47
N PRO G 579 14.87 -33.44 19.57
CA PRO G 579 16.34 -33.50 19.43
C PRO G 579 17.03 -34.23 20.56
N GLN G 580 16.59 -34.03 21.81
CA GLN G 580 17.26 -34.69 22.94
C GLN G 580 17.14 -36.20 22.85
N THR G 581 15.92 -36.70 22.70
CA THR G 581 15.65 -38.13 22.59
C THR G 581 14.92 -38.38 21.28
N LEU G 582 15.45 -39.30 20.48
CA LEU G 582 15.02 -39.45 19.09
C LEU G 582 13.72 -40.23 19.02
N GLU G 583 12.60 -39.54 19.24
CA GLU G 583 11.30 -40.12 18.92
C GLU G 583 10.51 -39.12 18.10
N ILE G 584 9.27 -39.47 17.76
CA ILE G 584 8.45 -38.65 16.89
C ILE G 584 7.25 -38.16 17.66
N LEU G 585 7.02 -36.85 17.62
CA LEU G 585 5.96 -36.20 18.40
C LEU G 585 4.95 -35.61 17.43
N ASP G 586 3.91 -36.38 17.12
CA ASP G 586 2.80 -35.85 16.34
C ASP G 586 2.20 -34.67 17.08
N ILE G 587 2.08 -33.53 16.41
CA ILE G 587 1.54 -32.32 17.01
C ILE G 587 0.22 -31.98 16.32
N THR G 588 -0.77 -31.63 17.12
CA THR G 588 -2.05 -31.18 16.63
C THR G 588 -2.37 -29.83 17.27
N PRO G 589 -3.04 -28.94 16.55
CA PRO G 589 -3.20 -27.57 17.04
C PRO G 589 -4.14 -27.51 18.23
N CYS G 590 -4.00 -26.43 18.99
CA CYS G 590 -4.85 -26.20 20.16
C CYS G 590 -6.31 -26.19 19.74
N SER G 591 -7.15 -26.83 20.55
CA SER G 591 -8.57 -26.90 20.25
C SER G 591 -9.17 -25.51 20.16
N PHE G 592 -10.01 -25.30 19.17
CA PHE G 592 -10.73 -24.05 19.02
C PHE G 592 -11.99 -24.30 18.21
N GLY G 593 -12.95 -23.40 18.35
CA GLY G 593 -14.18 -23.52 17.61
C GLY G 593 -15.16 -22.44 18.03
N GLY G 594 -16.19 -22.29 17.23
CA GLY G 594 -17.21 -21.32 17.54
C GLY G 594 -18.03 -21.71 18.75
N VAL G 595 -18.45 -20.71 19.51
CA VAL G 595 -19.30 -20.90 20.67
C VAL G 595 -20.71 -20.46 20.28
N SER G 596 -21.65 -21.38 20.31
CA SER G 596 -23.02 -21.10 19.94
C SER G 596 -23.91 -21.19 21.16
N VAL G 597 -24.83 -20.24 21.30
CA VAL G 597 -25.73 -20.18 22.44
C VAL G 597 -27.09 -20.64 21.97
N ILE G 598 -27.54 -21.80 22.46
CA ILE G 598 -28.88 -22.31 22.17
C ILE G 598 -29.83 -21.72 23.19
N THR G 599 -30.74 -20.87 22.73
CA THR G 599 -31.71 -20.26 23.62
C THR G 599 -33.09 -20.30 23.00
N PRO G 600 -34.11 -20.58 23.79
CA PRO G 600 -35.48 -20.32 23.35
C PRO G 600 -35.72 -18.82 23.41
N GLY G 601 -36.91 -18.40 23.00
CA GLY G 601 -37.22 -16.98 23.00
C GLY G 601 -37.04 -16.38 24.38
N THR G 602 -36.44 -15.19 24.42
CA THR G 602 -36.20 -14.54 25.71
C THR G 602 -37.50 -14.32 26.46
N ASN G 603 -38.60 -14.11 25.76
CA ASN G 603 -39.90 -14.04 26.44
C ASN G 603 -40.26 -15.39 27.03
N THR G 604 -39.97 -16.48 26.32
CA THR G 604 -40.28 -17.81 26.83
C THR G 604 -39.43 -18.13 28.06
N SER G 605 -38.13 -17.87 27.99
CA SER G 605 -37.25 -18.12 29.12
C SER G 605 -35.94 -17.37 28.93
N ASN G 606 -35.20 -17.23 30.02
CA ASN G 606 -33.86 -16.67 29.99
C ASN G 606 -32.79 -17.75 30.11
N GLN G 607 -33.18 -19.01 30.08
CA GLN G 607 -32.25 -20.11 30.23
C GLN G 607 -31.61 -20.45 28.89
N VAL G 608 -30.31 -20.72 28.89
CA VAL G 608 -29.57 -20.97 27.67
C VAL G 608 -28.72 -22.22 27.83
N ALA G 609 -28.30 -22.76 26.70
CA ALA G 609 -27.33 -23.84 26.63
C ALA G 609 -26.27 -23.46 25.61
N VAL G 610 -25.01 -23.75 25.93
CA VAL G 610 -23.88 -23.32 25.12
C VAL G 610 -23.28 -24.52 24.43
N LEU G 611 -23.05 -24.40 23.12
CA LEU G 611 -22.48 -25.48 22.32
C LEU G 611 -21.09 -25.06 21.89
N TYR G 612 -20.07 -25.68 22.47
CA TYR G 612 -18.69 -25.44 22.07
C TYR G 612 -18.40 -26.35 20.88
N GLN G 613 -18.41 -25.78 19.69
CA GLN G 613 -18.35 -26.60 18.48
C GLN G 613 -17.00 -27.27 18.33
N ASP G 614 -17.04 -28.57 18.01
CA ASP G 614 -15.86 -29.34 17.62
C ASP G 614 -14.78 -29.31 18.70
N VAL G 615 -15.13 -29.81 19.88
CA VAL G 615 -14.18 -29.97 20.97
C VAL G 615 -14.83 -30.91 21.98
N ASN G 616 -14.01 -31.72 22.64
CA ASN G 616 -14.59 -32.54 23.71
C ASN G 616 -14.58 -31.79 25.03
N CYS G 617 -15.37 -32.30 25.95
CA CYS G 617 -15.70 -31.59 27.19
C CYS G 617 -14.57 -31.58 28.20
N THR G 618 -13.48 -32.33 27.95
CA THR G 618 -12.38 -32.35 28.89
C THR G 618 -11.71 -30.98 29.00
N GLU G 619 -11.50 -30.32 27.87
CA GLU G 619 -10.79 -29.04 27.85
C GLU G 619 -11.70 -27.84 27.68
N VAL G 620 -13.01 -28.01 27.78
CA VAL G 620 -13.92 -26.87 27.67
C VAL G 620 -13.73 -25.86 28.80
N PRO G 621 -13.71 -26.26 30.08
CA PRO G 621 -13.53 -25.25 31.14
C PRO G 621 -12.21 -24.50 31.03
N VAL G 622 -11.15 -25.17 30.60
CA VAL G 622 -9.79 -24.62 30.47
C VAL G 622 -9.45 -23.58 31.53
N TYR G 636 -18.35 -23.40 31.48
CA TYR G 636 -19.60 -22.70 31.77
C TYR G 636 -20.05 -23.00 33.18
N SER G 637 -20.85 -22.11 33.76
CA SER G 637 -21.25 -22.26 35.16
C SER G 637 -22.09 -23.52 35.37
N THR G 638 -22.99 -23.83 34.44
CA THR G 638 -23.91 -24.96 34.60
C THR G 638 -23.21 -26.25 34.15
N GLY G 639 -22.28 -26.70 34.98
CA GLY G 639 -21.53 -27.92 34.73
C GLY G 639 -22.16 -29.18 35.26
N SER G 640 -23.37 -29.11 35.82
CA SER G 640 -24.01 -30.31 36.34
C SER G 640 -24.33 -31.30 35.22
N ASN G 641 -24.83 -30.81 34.09
CA ASN G 641 -25.11 -31.64 32.92
C ASN G 641 -24.29 -31.12 31.75
N VAL G 642 -23.40 -31.96 31.23
CA VAL G 642 -22.49 -31.60 30.16
C VAL G 642 -22.56 -32.71 29.13
N PHE G 643 -23.41 -32.53 28.13
CA PHE G 643 -23.62 -33.52 27.08
C PHE G 643 -22.56 -33.36 25.99
N GLN G 644 -22.23 -34.47 25.35
CA GLN G 644 -21.21 -34.50 24.31
C GLN G 644 -21.81 -35.06 23.03
N THR G 645 -21.61 -34.37 21.92
CA THR G 645 -22.14 -34.79 20.64
C THR G 645 -21.09 -34.57 19.56
N ARG G 646 -21.41 -35.01 18.34
CA ARG G 646 -20.48 -34.84 17.24
C ARG G 646 -20.29 -33.38 16.87
N ALA G 647 -21.31 -32.55 17.11
CA ALA G 647 -21.16 -31.11 16.87
C ALA G 647 -20.15 -30.50 17.82
N GLY G 648 -20.17 -30.91 19.08
CA GLY G 648 -19.25 -30.38 20.07
C GLY G 648 -19.78 -30.64 21.47
N CYS G 649 -19.18 -29.95 22.44
CA CYS G 649 -19.56 -30.09 23.83
C CYS G 649 -20.75 -29.19 24.13
N LEU G 650 -21.90 -29.80 24.39
CA LEU G 650 -23.13 -29.06 24.64
C LEU G 650 -23.32 -28.93 26.14
N ILE G 651 -23.16 -27.73 26.66
CA ILE G 651 -23.22 -27.46 28.10
C ILE G 651 -24.54 -26.77 28.40
N GLY G 652 -25.24 -27.25 29.41
CA GLY G 652 -26.46 -26.63 29.87
C GLY G 652 -27.73 -27.31 29.43
N ALA G 653 -27.64 -28.34 28.59
CA ALA G 653 -28.80 -29.08 28.13
C ALA G 653 -28.60 -30.56 28.43
N GLU G 654 -29.67 -31.21 28.89
CA GLU G 654 -29.60 -32.62 29.26
C GLU G 654 -30.08 -33.49 28.12
N HIS G 655 -29.39 -34.60 27.90
CA HIS G 655 -29.76 -35.51 26.82
C HIS G 655 -31.05 -36.26 27.16
N VAL G 656 -31.81 -36.59 26.14
CA VAL G 656 -33.09 -37.29 26.29
C VAL G 656 -33.14 -38.44 25.30
N ASN G 657 -33.50 -39.63 25.77
CA ASN G 657 -33.61 -40.77 24.87
C ASN G 657 -34.70 -40.56 23.84
N ASN G 658 -35.83 -39.99 24.24
CA ASN G 658 -36.94 -39.81 23.33
C ASN G 658 -36.55 -38.89 22.18
N SER G 659 -37.19 -39.10 21.03
CA SER G 659 -36.93 -38.32 19.83
C SER G 659 -38.19 -37.55 19.44
N TYR G 660 -38.05 -36.25 19.22
CA TYR G 660 -39.14 -35.39 18.78
C TYR G 660 -38.69 -34.68 17.50
N GLU G 661 -39.54 -33.78 17.01
CA GLU G 661 -39.17 -33.00 15.85
C GLU G 661 -38.09 -32.00 16.20
N CYS G 662 -37.41 -31.50 15.18
CA CYS G 662 -36.33 -30.54 15.40
C CYS G 662 -36.88 -29.17 15.73
N ASP G 663 -36.33 -28.54 16.76
CA ASP G 663 -36.69 -27.17 17.11
C ASP G 663 -35.51 -26.22 16.90
N ILE G 664 -34.39 -26.46 17.55
CA ILE G 664 -33.19 -25.65 17.39
C ILE G 664 -32.07 -26.57 16.92
N PRO G 665 -31.77 -26.59 15.63
CA PRO G 665 -30.78 -27.54 15.11
C PRO G 665 -29.40 -27.30 15.69
N ILE G 666 -28.73 -28.39 16.04
CA ILE G 666 -27.37 -28.36 16.57
C ILE G 666 -26.37 -28.87 15.56
N GLY G 667 -26.65 -30.01 14.96
CA GLY G 667 -25.74 -30.64 14.01
C GLY G 667 -25.66 -32.12 14.30
N ALA G 668 -25.28 -32.87 13.27
CA ALA G 668 -25.14 -34.32 13.37
C ALA G 668 -26.43 -34.98 13.85
N GLY G 669 -27.56 -34.46 13.39
CA GLY G 669 -28.83 -35.08 13.69
C GLY G 669 -29.34 -34.87 15.09
N ILE G 670 -28.85 -33.85 15.80
CA ILE G 670 -29.29 -33.56 17.16
C ILE G 670 -29.86 -32.15 17.18
N CYS G 671 -31.07 -32.00 17.71
CA CYS G 671 -31.73 -30.71 17.81
C CYS G 671 -32.14 -30.45 19.24
N ALA G 672 -31.74 -29.30 19.77
CA ALA G 672 -32.10 -28.92 21.13
C ALA G 672 -33.47 -28.28 21.15
N SER G 673 -34.09 -28.29 22.33
CA SER G 673 -35.45 -27.77 22.46
C SER G 673 -35.71 -27.42 23.92
N TYR G 674 -36.81 -26.70 24.13
CA TYR G 674 -37.24 -26.26 25.47
C TYR G 674 -38.57 -26.92 25.78
N GLN G 675 -38.57 -27.87 26.70
CA GLN G 675 -39.78 -28.62 27.03
C GLN G 675 -39.88 -28.81 28.54
N THR G 676 -41.05 -29.27 28.97
CA THR G 676 -41.38 -29.43 30.38
C THR G 676 -40.55 -30.53 31.04
N SER G 686 -40.48 -26.74 36.28
CA SER G 686 -39.84 -27.94 35.74
C SER G 686 -39.59 -27.79 34.25
N GLN G 687 -38.72 -26.85 33.88
CA GLN G 687 -38.38 -26.58 32.50
C GLN G 687 -36.86 -26.57 32.34
N SER G 688 -36.39 -27.14 31.24
CA SER G 688 -34.97 -27.18 30.95
C SER G 688 -34.76 -27.35 29.46
N ILE G 689 -33.56 -27.08 29.01
CA ILE G 689 -33.20 -27.29 27.62
C ILE G 689 -32.84 -28.75 27.42
N ILE G 690 -33.47 -29.39 26.44
CA ILE G 690 -33.22 -30.80 26.15
C ILE G 690 -32.57 -30.91 24.78
N ALA G 691 -31.60 -31.81 24.69
CA ALA G 691 -30.94 -32.13 23.43
C ALA G 691 -31.24 -33.59 23.10
N TYR G 692 -31.62 -33.85 21.86
CA TYR G 692 -32.07 -35.19 21.50
C TYR G 692 -31.82 -35.42 20.02
N THR G 693 -31.86 -36.69 19.64
CA THR G 693 -31.80 -37.04 18.22
C THR G 693 -33.13 -36.72 17.55
N MET G 694 -33.06 -36.16 16.34
CA MET G 694 -34.27 -35.76 15.64
C MET G 694 -35.14 -36.96 15.33
N SER G 695 -36.44 -36.76 15.39
CA SER G 695 -37.41 -37.74 14.93
C SER G 695 -37.88 -37.31 13.55
N LEU G 696 -37.61 -38.15 12.55
CA LEU G 696 -37.91 -37.78 11.17
C LEU G 696 -39.41 -37.70 10.91
N GLY G 697 -40.21 -38.32 11.74
CA GLY G 697 -41.65 -38.26 11.58
C GLY G 697 -42.29 -39.54 12.10
N ALA G 698 -43.62 -39.51 12.15
CA ALA G 698 -44.37 -40.65 12.63
C ALA G 698 -44.22 -41.80 11.64
N GLU G 699 -43.50 -42.85 12.04
CA GLU G 699 -43.26 -43.97 11.14
C GLU G 699 -44.58 -44.66 10.82
N ASN G 700 -45.05 -44.50 9.59
CA ASN G 700 -46.31 -45.06 9.12
C ASN G 700 -46.01 -46.20 8.15
N SER G 701 -46.53 -47.38 8.44
CA SER G 701 -46.34 -48.55 7.59
C SER G 701 -47.59 -48.72 6.74
N VAL G 702 -47.46 -48.46 5.44
CA VAL G 702 -48.59 -48.63 4.54
C VAL G 702 -48.94 -50.10 4.46
N ALA G 703 -50.21 -50.42 4.65
CA ALA G 703 -50.64 -51.81 4.66
C ALA G 703 -50.65 -52.38 3.25
N TYR G 704 -49.48 -52.49 2.63
CA TYR G 704 -49.40 -52.99 1.27
C TYR G 704 -49.80 -54.45 1.23
N SER G 705 -50.43 -54.84 0.13
CA SER G 705 -50.83 -56.22 -0.06
C SER G 705 -51.01 -56.48 -1.54
N ASN G 706 -51.19 -57.76 -1.89
CA ASN G 706 -51.28 -58.13 -3.29
C ASN G 706 -52.53 -57.57 -3.93
N ASN G 707 -53.63 -57.48 -3.18
CA ASN G 707 -54.92 -57.09 -3.72
C ASN G 707 -55.62 -56.12 -2.79
N SER G 708 -54.92 -55.10 -2.33
CA SER G 708 -55.48 -54.14 -1.38
C SER G 708 -55.29 -52.73 -1.93
N ILE G 709 -56.38 -52.10 -2.36
CA ILE G 709 -56.38 -50.74 -2.85
C ILE G 709 -57.14 -49.88 -1.86
N ALA G 710 -56.60 -48.70 -1.56
CA ALA G 710 -57.24 -47.73 -0.67
C ALA G 710 -57.68 -46.54 -1.51
N ILE G 711 -58.97 -46.26 -1.50
CA ILE G 711 -59.56 -45.23 -2.35
C ILE G 711 -60.26 -44.22 -1.46
N PRO G 712 -59.96 -42.92 -1.58
CA PRO G 712 -60.59 -41.94 -0.68
C PRO G 712 -62.05 -41.77 -0.97
N THR G 713 -62.78 -41.32 0.05
CA THR G 713 -64.23 -41.14 -0.06
C THR G 713 -64.63 -39.67 -0.17
N ASN G 714 -63.94 -38.76 0.50
CA ASN G 714 -64.10 -37.33 0.25
C ASN G 714 -62.74 -36.69 0.22
N PHE G 715 -62.73 -35.35 0.22
CA PHE G 715 -61.54 -34.56 -0.04
C PHE G 715 -61.51 -33.39 0.92
N THR G 716 -60.48 -32.57 0.82
CA THR G 716 -60.41 -31.30 1.53
C THR G 716 -59.74 -30.30 0.62
N ILE G 717 -60.52 -29.36 0.07
CA ILE G 717 -59.95 -28.30 -0.74
C ILE G 717 -59.14 -27.39 0.18
N SER G 718 -57.82 -27.52 0.14
CA SER G 718 -56.96 -26.79 1.05
C SER G 718 -56.08 -25.84 0.25
N VAL G 719 -56.05 -24.57 0.65
CA VAL G 719 -55.24 -23.57 -0.02
C VAL G 719 -54.03 -23.26 0.85
N THR G 720 -52.86 -23.19 0.22
CA THR G 720 -51.62 -23.01 0.93
C THR G 720 -50.89 -21.79 0.39
N THR G 721 -50.24 -21.06 1.29
CA THR G 721 -49.58 -19.81 0.94
C THR G 721 -48.15 -20.07 0.53
N GLU G 722 -47.78 -19.58 -0.66
CA GLU G 722 -46.40 -19.64 -1.14
C GLU G 722 -45.91 -18.23 -1.37
N ILE G 723 -44.77 -17.89 -0.77
CA ILE G 723 -44.26 -16.53 -0.76
C ILE G 723 -42.91 -16.52 -1.47
N LEU G 724 -42.76 -15.64 -2.46
CA LEU G 724 -41.57 -15.59 -3.28
C LEU G 724 -41.10 -14.15 -3.41
N PRO G 725 -39.83 -13.86 -3.16
CA PRO G 725 -39.30 -12.54 -3.50
C PRO G 725 -39.33 -12.33 -5.00
N VAL G 726 -39.50 -11.09 -5.41
CA VAL G 726 -39.53 -10.77 -6.84
C VAL G 726 -38.52 -9.67 -7.15
N SER G 727 -38.22 -8.83 -6.17
CA SER G 727 -37.31 -7.73 -6.42
C SER G 727 -36.78 -7.21 -5.09
N MET G 728 -35.82 -6.30 -5.16
CA MET G 728 -35.33 -5.61 -3.98
C MET G 728 -35.12 -4.15 -4.34
N THR G 729 -34.79 -3.35 -3.33
CA THR G 729 -34.68 -1.91 -3.53
C THR G 729 -33.59 -1.60 -4.55
N LYS G 730 -33.89 -0.67 -5.45
CA LYS G 730 -32.97 -0.33 -6.53
C LYS G 730 -32.00 0.74 -6.05
N THR G 731 -31.15 0.37 -5.11
CA THR G 731 -30.14 1.30 -4.64
C THR G 731 -29.13 1.56 -5.73
N SER G 732 -28.66 2.81 -5.80
CA SER G 732 -27.68 3.20 -6.81
C SER G 732 -26.62 4.05 -6.11
N VAL G 733 -25.61 3.39 -5.57
CA VAL G 733 -24.56 4.09 -4.84
C VAL G 733 -23.80 4.99 -5.79
N ASP G 734 -23.67 6.26 -5.42
CA ASP G 734 -22.94 7.19 -6.26
C ASP G 734 -21.46 7.04 -5.95
N CYS G 735 -20.71 6.62 -6.96
CA CYS G 735 -19.33 6.20 -6.78
C CYS G 735 -18.45 7.27 -6.15
N THR G 736 -18.29 8.40 -6.84
CA THR G 736 -17.37 9.42 -6.37
C THR G 736 -17.84 10.04 -5.07
N MET G 737 -19.14 10.33 -4.93
CA MET G 737 -19.64 10.91 -3.70
C MET G 737 -19.50 9.97 -2.51
N TYR G 738 -19.47 8.66 -2.75
CA TYR G 738 -19.20 7.74 -1.65
C TYR G 738 -17.72 7.70 -1.31
N ILE G 739 -16.89 7.31 -2.28
CA ILE G 739 -15.48 7.06 -1.98
C ILE G 739 -14.78 8.35 -1.57
N CYS G 740 -15.29 9.50 -2.01
CA CYS G 740 -14.72 10.80 -1.70
C CYS G 740 -15.83 11.76 -1.29
N GLY G 741 -15.48 12.71 -0.46
CA GLY G 741 -16.42 13.75 -0.08
C GLY G 741 -16.52 14.81 -1.17
N ASP G 742 -16.77 16.04 -0.73
CA ASP G 742 -16.75 17.16 -1.66
C ASP G 742 -15.33 17.57 -2.01
N SER G 743 -14.32 17.01 -1.35
CA SER G 743 -12.94 17.40 -1.59
C SER G 743 -12.52 17.09 -3.01
N THR G 744 -11.87 18.06 -3.66
CA THR G 744 -11.41 17.87 -5.03
C THR G 744 -10.16 17.00 -5.09
N GLU G 745 -9.31 17.10 -4.06
CA GLU G 745 -8.08 16.30 -4.05
C GLU G 745 -8.40 14.81 -4.05
N CYS G 746 -9.42 14.41 -3.30
CA CYS G 746 -9.80 13.01 -3.25
C CYS G 746 -10.27 12.51 -4.61
N SER G 747 -11.08 13.31 -5.31
CA SER G 747 -11.53 12.92 -6.64
C SER G 747 -10.36 12.84 -7.62
N ASN G 748 -9.43 13.80 -7.52
CA ASN G 748 -8.26 13.77 -8.39
C ASN G 748 -7.43 12.52 -8.15
N LEU G 749 -7.27 12.12 -6.89
CA LEU G 749 -6.55 10.89 -6.60
C LEU G 749 -7.30 9.67 -7.11
N LEU G 750 -8.62 9.66 -6.97
CA LEU G 750 -9.40 8.52 -7.43
C LEU G 750 -9.36 8.39 -8.95
N LEU G 751 -9.16 9.51 -9.66
CA LEU G 751 -9.13 9.45 -11.11
C LEU G 751 -8.04 8.54 -11.63
N GLN G 752 -7.01 8.27 -10.84
CA GLN G 752 -5.96 7.34 -11.28
C GLN G 752 -6.50 5.92 -11.43
N TYR G 753 -7.29 5.46 -10.47
CA TYR G 753 -8.00 4.18 -10.62
C TYR G 753 -9.03 4.38 -11.72
N GLY G 754 -8.69 3.90 -12.91
CA GLY G 754 -9.39 4.34 -14.11
C GLY G 754 -10.87 4.05 -14.16
N SER G 755 -11.25 2.78 -14.30
CA SER G 755 -12.63 2.47 -14.58
C SER G 755 -13.28 1.56 -13.56
N PHE G 756 -12.63 1.32 -12.41
CA PHE G 756 -13.32 0.64 -11.32
C PHE G 756 -14.63 1.32 -11.01
N CYS G 757 -14.59 2.65 -10.96
CA CYS G 757 -15.73 3.41 -10.50
C CYS G 757 -16.90 3.30 -11.47
N THR G 758 -16.61 3.40 -12.77
CA THR G 758 -17.65 3.22 -13.77
C THR G 758 -18.16 1.78 -13.80
N GLN G 759 -17.28 0.80 -13.58
CA GLN G 759 -17.76 -0.57 -13.47
C GLN G 759 -18.78 -0.71 -12.36
N LEU G 760 -18.48 -0.15 -11.19
CA LEU G 760 -19.41 -0.28 -10.06
C LEU G 760 -20.73 0.39 -10.36
N ASN G 761 -20.68 1.61 -10.90
CA ASN G 761 -21.91 2.31 -11.20
C ASN G 761 -22.74 1.58 -12.26
N ARG G 762 -22.09 1.04 -13.30
CA ARG G 762 -22.82 0.32 -14.32
C ARG G 762 -23.42 -0.98 -13.77
N ALA G 763 -22.69 -1.65 -12.89
CA ALA G 763 -23.24 -2.87 -12.29
C ALA G 763 -24.48 -2.57 -11.47
N LEU G 764 -24.44 -1.51 -10.67
CA LEU G 764 -25.62 -1.14 -9.88
C LEU G 764 -26.79 -0.72 -10.76
N THR G 765 -26.55 0.05 -11.82
CA THR G 765 -27.66 0.41 -12.71
C THR G 765 -28.22 -0.83 -13.41
N GLY G 766 -27.37 -1.77 -13.79
CA GLY G 766 -27.87 -3.00 -14.37
C GLY G 766 -28.74 -3.79 -13.41
N ILE G 767 -28.33 -3.83 -12.14
CA ILE G 767 -29.17 -4.48 -11.13
C ILE G 767 -30.53 -3.81 -11.05
N ALA G 768 -30.54 -2.47 -10.97
CA ALA G 768 -31.81 -1.76 -10.86
C ALA G 768 -32.71 -2.02 -12.07
N VAL G 769 -32.13 -1.97 -13.27
CA VAL G 769 -32.92 -2.19 -14.47
C VAL G 769 -33.49 -3.60 -14.48
N GLU G 770 -32.69 -4.60 -14.08
CA GLU G 770 -33.25 -5.93 -14.11
C GLU G 770 -34.30 -6.11 -13.03
N GLN G 771 -34.26 -5.35 -11.94
CA GLN G 771 -35.33 -5.46 -10.96
C GLN G 771 -36.64 -4.90 -11.50
N ASP G 772 -36.56 -3.79 -12.25
CA ASP G 772 -37.75 -3.28 -12.91
C ASP G 772 -38.31 -4.30 -13.90
N LYS G 773 -37.43 -4.82 -14.77
CA LYS G 773 -37.85 -5.87 -15.70
C LYS G 773 -38.36 -7.09 -14.96
N ASN G 774 -37.85 -7.31 -13.76
CA ASN G 774 -38.20 -8.51 -13.01
C ASN G 774 -39.63 -8.44 -12.51
N THR G 775 -39.99 -7.33 -11.88
CA THR G 775 -41.38 -7.14 -11.48
C THR G 775 -42.30 -7.14 -12.68
N GLN G 776 -41.87 -6.50 -13.78
CA GLN G 776 -42.71 -6.47 -14.96
C GLN G 776 -42.95 -7.88 -15.51
N GLU G 777 -41.91 -8.73 -15.49
CA GLU G 777 -42.04 -10.09 -15.98
C GLU G 777 -42.95 -10.93 -15.10
N VAL G 778 -42.83 -10.78 -13.77
CA VAL G 778 -43.66 -11.57 -12.88
C VAL G 778 -45.11 -11.19 -13.02
N PHE G 779 -45.42 -9.89 -12.98
CA PHE G 779 -46.80 -9.46 -12.83
C PHE G 779 -47.50 -9.16 -14.15
N ALA G 780 -46.80 -8.58 -15.12
CA ALA G 780 -47.43 -8.16 -16.38
C ALA G 780 -47.61 -9.35 -17.32
N GLN G 781 -48.17 -10.42 -16.79
CA GLN G 781 -48.45 -11.61 -17.58
C GLN G 781 -49.69 -11.44 -18.44
N VAL G 782 -50.43 -10.35 -18.26
CA VAL G 782 -51.72 -10.17 -18.89
C VAL G 782 -51.69 -8.90 -19.72
N LYS G 783 -52.44 -8.90 -20.81
CA LYS G 783 -52.45 -7.79 -21.74
C LYS G 783 -53.54 -6.78 -21.42
N GLN G 784 -54.75 -7.24 -21.14
CA GLN G 784 -55.88 -6.39 -20.79
C GLN G 784 -56.05 -6.41 -19.28
N ILE G 785 -56.35 -5.24 -18.71
CA ILE G 785 -56.64 -5.17 -17.28
C ILE G 785 -58.10 -5.55 -17.06
N TYR G 786 -58.35 -6.81 -16.72
CA TYR G 786 -59.71 -7.26 -16.51
C TYR G 786 -60.26 -6.72 -15.21
N LYS G 787 -61.59 -6.62 -15.15
CA LYS G 787 -62.28 -6.25 -13.93
C LYS G 787 -63.35 -7.28 -13.64
N THR G 788 -63.48 -7.62 -12.37
CA THR G 788 -64.50 -8.58 -11.97
C THR G 788 -65.88 -7.95 -12.11
N PRO G 789 -66.92 -8.76 -12.34
CA PRO G 789 -68.25 -8.19 -12.51
C PRO G 789 -68.70 -7.50 -11.24
N PRO G 790 -69.59 -6.51 -11.35
CA PRO G 790 -70.03 -5.78 -10.15
C PRO G 790 -70.68 -6.67 -9.10
N ILE G 791 -71.44 -7.68 -9.51
CA ILE G 791 -72.11 -8.58 -8.58
C ILE G 791 -71.26 -9.83 -8.42
N LYS G 792 -70.97 -10.19 -7.17
CA LYS G 792 -70.14 -11.35 -6.87
C LYS G 792 -71.05 -12.55 -6.61
N ASP G 793 -71.48 -13.19 -7.69
CA ASP G 793 -72.28 -14.40 -7.61
C ASP G 793 -71.55 -15.52 -8.33
N PHE G 794 -70.68 -16.20 -7.60
CA PHE G 794 -69.82 -17.24 -8.16
C PHE G 794 -70.24 -18.63 -7.67
N GLY G 795 -71.54 -18.86 -7.53
CA GLY G 795 -72.02 -20.17 -7.15
C GLY G 795 -71.71 -20.57 -5.73
N GLY G 796 -71.43 -19.62 -4.85
CA GLY G 796 -71.15 -19.89 -3.47
C GLY G 796 -69.71 -19.60 -3.06
N PHE G 797 -68.80 -19.51 -4.01
CA PHE G 797 -67.41 -19.22 -3.68
C PHE G 797 -67.29 -17.76 -3.28
N ASN G 798 -66.61 -17.50 -2.18
CA ASN G 798 -66.50 -16.15 -1.64
C ASN G 798 -65.10 -15.63 -1.88
N PHE G 799 -64.97 -14.69 -2.79
CA PHE G 799 -63.69 -14.09 -3.13
C PHE G 799 -63.48 -12.73 -2.47
N SER G 800 -64.37 -12.34 -1.56
CA SER G 800 -64.26 -11.03 -0.95
C SER G 800 -62.93 -10.88 -0.22
N GLN G 801 -62.46 -11.95 0.39
CA GLN G 801 -61.19 -11.89 1.11
C GLN G 801 -60.00 -11.76 0.18
N ILE G 802 -60.20 -11.86 -1.12
CA ILE G 802 -59.07 -11.88 -2.05
C ILE G 802 -59.20 -10.89 -3.19
N LEU G 803 -60.39 -10.43 -3.54
CA LEU G 803 -60.57 -9.39 -4.54
C LEU G 803 -60.42 -8.01 -3.91
N PRO G 804 -60.12 -6.98 -4.70
CA PRO G 804 -59.94 -5.65 -4.12
C PRO G 804 -61.20 -5.14 -3.44
N ASP G 805 -61.00 -4.41 -2.35
CA ASP G 805 -62.09 -3.78 -1.63
C ASP G 805 -62.18 -2.32 -2.04
N PRO G 806 -63.25 -1.89 -2.72
CA PRO G 806 -63.33 -0.47 -3.12
C PRO G 806 -63.40 0.50 -1.97
N SER G 807 -63.80 0.04 -0.78
CA SER G 807 -63.96 0.96 0.35
C SER G 807 -62.63 1.59 0.74
N LYS G 808 -61.56 0.81 0.75
CA LYS G 808 -60.25 1.33 1.11
C LYS G 808 -59.78 2.32 0.04
N PRO G 809 -59.07 3.37 0.44
CA PRO G 809 -58.51 4.30 -0.57
C PRO G 809 -57.61 3.62 -1.58
N SER G 810 -56.78 2.69 -1.16
CA SER G 810 -55.94 1.92 -2.07
C SER G 810 -56.63 0.61 -2.40
N LYS G 811 -56.78 0.34 -3.70
CA LYS G 811 -57.55 -0.82 -4.13
C LYS G 811 -56.77 -2.10 -3.91
N ARG G 812 -56.65 -2.52 -2.64
CA ARG G 812 -55.94 -3.74 -2.27
C ARG G 812 -56.89 -4.67 -1.57
N SER G 813 -56.69 -5.97 -1.78
CA SER G 813 -57.49 -6.98 -1.12
C SER G 813 -57.17 -6.98 0.37
N PRO G 814 -58.07 -7.51 1.21
CA PRO G 814 -57.74 -7.62 2.64
C PRO G 814 -56.49 -8.44 2.91
N ILE G 815 -56.27 -9.53 2.17
CA ILE G 815 -55.05 -10.30 2.37
C ILE G 815 -53.83 -9.49 1.95
N GLU G 816 -53.97 -8.70 0.88
CA GLU G 816 -52.87 -7.84 0.48
C GLU G 816 -52.58 -6.80 1.57
N ASP G 817 -53.62 -6.27 2.22
CA ASP G 817 -53.40 -5.35 3.33
C ASP G 817 -52.67 -6.04 4.47
N LEU G 818 -53.05 -7.27 4.78
CA LEU G 818 -52.34 -8.02 5.82
C LEU G 818 -50.87 -8.17 5.46
N LEU G 819 -50.58 -8.50 4.20
CA LEU G 819 -49.19 -8.69 3.79
C LEU G 819 -48.41 -7.39 3.88
N PHE G 820 -48.99 -6.28 3.42
CA PHE G 820 -48.29 -5.01 3.47
C PHE G 820 -48.06 -4.55 4.90
N ASN G 821 -49.00 -4.84 5.80
CA ASN G 821 -48.79 -4.47 7.20
C ASN G 821 -47.73 -5.36 7.85
N LYS G 822 -47.77 -6.67 7.57
CA LYS G 822 -46.80 -7.57 8.20
C LYS G 822 -45.38 -7.28 7.73
N VAL G 823 -45.19 -7.01 6.44
CA VAL G 823 -43.86 -6.72 5.93
C VAL G 823 -43.49 -5.29 6.30
N THR G 824 -42.36 -5.13 6.97
CA THR G 824 -41.89 -3.81 7.38
C THR G 824 -40.57 -3.46 6.71
N LYS G 851 -29.01 11.20 6.14
CA LYS G 851 -29.55 9.94 5.65
C LYS G 851 -28.76 9.42 4.45
N PHE G 852 -28.50 10.31 3.50
CA PHE G 852 -27.84 9.94 2.24
C PHE G 852 -26.37 10.32 2.31
N ASN G 853 -25.51 9.34 2.05
CA ASN G 853 -24.07 9.55 2.04
C ASN G 853 -23.47 9.23 0.67
N GLY G 854 -24.25 9.41 -0.39
CA GLY G 854 -23.85 8.99 -1.71
C GLY G 854 -24.81 7.95 -2.23
N LEU G 855 -25.60 7.40 -1.30
CA LEU G 855 -26.58 6.39 -1.62
C LEU G 855 -27.84 7.03 -2.16
N THR G 856 -28.63 6.24 -2.87
CA THR G 856 -29.96 6.67 -3.28
C THR G 856 -30.74 5.45 -3.73
N VAL G 857 -32.02 5.42 -3.37
CA VAL G 857 -32.91 4.33 -3.75
C VAL G 857 -33.84 4.83 -4.83
N LEU G 858 -33.73 4.26 -6.01
CA LEU G 858 -34.57 4.66 -7.11
C LEU G 858 -35.97 4.07 -6.93
N PRO G 859 -37.03 4.83 -7.18
CA PRO G 859 -38.38 4.29 -7.04
C PRO G 859 -38.63 3.20 -8.06
N PRO G 860 -39.35 2.15 -7.70
CA PRO G 860 -39.69 1.12 -8.69
C PRO G 860 -40.58 1.69 -9.78
N LEU G 861 -40.40 1.16 -11.00
CA LEU G 861 -41.17 1.67 -12.12
C LEU G 861 -42.66 1.45 -11.91
N LEU G 862 -43.05 0.27 -11.47
CA LEU G 862 -44.46 -0.01 -11.19
C LEU G 862 -44.74 0.30 -9.72
N THR G 863 -45.59 1.28 -9.46
CA THR G 863 -45.94 1.55 -8.08
C THR G 863 -46.73 0.39 -7.51
N ASP G 864 -46.84 0.37 -6.18
CA ASP G 864 -47.58 -0.70 -5.53
C ASP G 864 -49.03 -0.70 -5.94
N GLU G 865 -49.59 0.47 -6.24
CA GLU G 865 -50.96 0.54 -6.73
C GLU G 865 -51.10 -0.17 -8.07
N MET G 866 -50.16 0.06 -8.98
CA MET G 866 -50.27 -0.57 -10.30
C MET G 866 -49.96 -2.06 -10.24
N ILE G 867 -49.07 -2.46 -9.32
CA ILE G 867 -48.85 -3.90 -9.12
C ILE G 867 -50.11 -4.56 -8.58
N ALA G 868 -50.80 -3.89 -7.65
CA ALA G 868 -52.08 -4.41 -7.19
C ALA G 868 -53.10 -4.44 -8.31
N GLN G 869 -53.01 -3.50 -9.24
CA GLN G 869 -53.93 -3.50 -10.37
C GLN G 869 -53.67 -4.67 -11.30
N TYR G 870 -52.40 -4.99 -11.58
CA TYR G 870 -52.09 -6.22 -12.30
C TYR G 870 -52.59 -7.45 -11.58
N THR G 871 -52.35 -7.55 -10.27
CA THR G 871 -52.79 -8.75 -9.57
C THR G 871 -54.30 -8.87 -9.59
N SER G 872 -55.02 -7.74 -9.48
CA SER G 872 -56.47 -7.77 -9.58
C SER G 872 -56.91 -8.17 -10.98
N ALA G 873 -56.19 -7.71 -12.01
CA ALA G 873 -56.53 -8.10 -13.37
C ALA G 873 -56.35 -9.60 -13.57
N LEU G 874 -55.22 -10.14 -13.10
CA LEU G 874 -54.98 -11.56 -13.19
C LEU G 874 -56.06 -12.34 -12.43
N LEU G 875 -56.42 -11.85 -11.25
CA LEU G 875 -57.39 -12.55 -10.42
C LEU G 875 -58.79 -12.50 -11.02
N ALA G 876 -59.21 -11.36 -11.58
CA ALA G 876 -60.52 -11.27 -12.19
C ALA G 876 -60.57 -12.09 -13.49
N GLY G 877 -59.50 -12.06 -14.27
CA GLY G 877 -59.44 -12.92 -15.43
C GLY G 877 -59.54 -14.39 -15.06
N THR G 878 -58.82 -14.79 -14.01
CA THR G 878 -58.90 -16.17 -13.55
C THR G 878 -60.33 -16.52 -13.17
N ILE G 879 -60.93 -15.71 -12.31
CA ILE G 879 -62.27 -16.00 -11.78
C ILE G 879 -63.27 -16.12 -12.92
N THR G 880 -63.24 -15.19 -13.87
CA THR G 880 -64.31 -15.17 -14.87
C THR G 880 -64.00 -16.01 -16.10
N SER G 881 -62.76 -16.44 -16.31
CA SER G 881 -62.43 -17.10 -17.56
C SER G 881 -61.68 -18.41 -17.41
N GLY G 882 -60.80 -18.55 -16.43
CA GLY G 882 -60.00 -19.75 -16.34
C GLY G 882 -58.59 -19.57 -16.85
N TRP G 883 -58.10 -20.52 -17.64
CA TRP G 883 -56.81 -20.39 -18.29
C TRP G 883 -56.89 -19.73 -19.65
N THR G 884 -58.11 -19.52 -20.16
CA THR G 884 -58.26 -19.01 -21.51
C THR G 884 -57.69 -17.60 -21.63
N PHE G 885 -57.80 -16.80 -20.57
CA PHE G 885 -57.30 -15.44 -20.66
C PHE G 885 -55.79 -15.37 -20.79
N GLY G 886 -55.09 -16.46 -20.55
CA GLY G 886 -53.67 -16.48 -20.72
C GLY G 886 -53.28 -17.27 -21.95
N ALA G 887 -54.16 -18.19 -22.35
CA ALA G 887 -53.92 -18.95 -23.57
C ALA G 887 -54.37 -18.21 -24.83
N GLY G 888 -55.03 -17.07 -24.69
CA GLY G 888 -55.49 -16.33 -25.83
C GLY G 888 -56.35 -15.15 -25.44
N PRO G 889 -57.52 -15.04 -26.03
CA PRO G 889 -58.48 -14.04 -25.57
C PRO G 889 -59.28 -14.59 -24.40
N ALA G 890 -59.77 -13.70 -23.54
CA ALA G 890 -60.50 -14.14 -22.36
C ALA G 890 -61.89 -14.60 -22.74
N LEU G 891 -62.27 -15.77 -22.25
CA LEU G 891 -63.55 -16.40 -22.56
C LEU G 891 -64.31 -16.60 -21.26
N GLN G 892 -65.48 -15.99 -21.16
CA GLN G 892 -66.24 -16.10 -19.92
C GLN G 892 -66.71 -17.53 -19.71
N ILE G 893 -66.78 -17.93 -18.45
CA ILE G 893 -67.26 -19.26 -18.06
C ILE G 893 -67.71 -19.19 -16.61
N PRO G 894 -68.87 -19.75 -16.28
CA PRO G 894 -69.32 -19.72 -14.88
C PRO G 894 -68.31 -20.41 -13.99
N PHE G 895 -68.10 -19.87 -12.79
CA PHE G 895 -67.09 -20.43 -11.91
C PHE G 895 -67.35 -21.87 -11.50
N PRO G 896 -68.58 -22.30 -11.19
CA PRO G 896 -68.77 -23.75 -11.00
C PRO G 896 -68.35 -24.55 -12.22
N MET G 897 -68.58 -24.05 -13.43
CA MET G 897 -68.11 -24.77 -14.60
C MET G 897 -66.60 -24.80 -14.66
N GLN G 898 -65.93 -23.71 -14.27
CA GLN G 898 -64.48 -23.71 -14.28
C GLN G 898 -63.92 -24.68 -13.27
N MET G 899 -64.51 -24.73 -12.07
CA MET G 899 -64.09 -25.74 -11.11
C MET G 899 -64.33 -27.14 -11.60
N ALA G 900 -65.42 -27.38 -12.33
CA ALA G 900 -65.61 -28.70 -12.91
C ALA G 900 -64.52 -29.02 -13.92
N TYR G 901 -64.12 -28.02 -14.71
CA TYR G 901 -62.96 -28.17 -15.58
C TYR G 901 -61.74 -28.60 -14.80
N ARG G 902 -61.43 -27.91 -13.70
CA ARG G 902 -60.22 -28.22 -12.94
C ARG G 902 -60.29 -29.61 -12.32
N PHE G 903 -61.46 -29.98 -11.77
CA PHE G 903 -61.61 -31.33 -11.24
C PHE G 903 -61.40 -32.36 -12.32
N ASN G 904 -61.98 -32.14 -13.50
CA ASN G 904 -61.72 -33.03 -14.61
C ASN G 904 -60.24 -33.04 -14.95
N GLY G 905 -59.55 -31.93 -14.67
CA GLY G 905 -58.12 -31.89 -14.90
C GLY G 905 -57.34 -32.81 -13.99
N ILE G 906 -57.74 -32.91 -12.71
CA ILE G 906 -57.01 -33.76 -11.78
C ILE G 906 -57.51 -35.19 -11.83
N GLY G 907 -58.34 -35.51 -12.80
CA GLY G 907 -58.83 -36.87 -12.96
C GLY G 907 -60.04 -37.23 -12.14
N VAL G 908 -60.72 -36.25 -11.53
CA VAL G 908 -61.96 -36.47 -10.81
C VAL G 908 -63.10 -35.99 -11.69
N THR G 909 -64.07 -36.86 -11.94
CA THR G 909 -65.15 -36.52 -12.85
C THR G 909 -65.93 -35.32 -12.33
N GLN G 910 -66.66 -34.67 -13.25
CA GLN G 910 -67.33 -33.42 -12.91
C GLN G 910 -68.44 -33.63 -11.89
N ASN G 911 -69.10 -34.79 -11.91
CA ASN G 911 -70.24 -35.00 -11.03
C ASN G 911 -69.86 -34.79 -9.58
N VAL G 912 -68.61 -35.04 -9.23
CA VAL G 912 -68.16 -34.76 -7.87
C VAL G 912 -68.39 -33.30 -7.52
N LEU G 913 -67.95 -32.38 -8.38
CA LEU G 913 -68.16 -30.97 -8.10
C LEU G 913 -69.63 -30.60 -8.19
N TYR G 914 -70.30 -31.00 -9.25
CA TYR G 914 -71.67 -30.52 -9.41
C TYR G 914 -72.62 -31.13 -8.40
N GLU G 915 -72.19 -32.15 -7.65
CA GLU G 915 -73.00 -32.70 -6.59
C GLU G 915 -72.50 -32.35 -5.20
N ASN G 916 -71.28 -31.83 -5.07
CA ASN G 916 -70.79 -31.33 -3.80
C ASN G 916 -70.42 -29.86 -3.89
N GLN G 917 -71.12 -29.11 -4.73
CA GLN G 917 -70.82 -27.70 -4.92
C GLN G 917 -70.88 -26.93 -3.61
N LYS G 918 -71.94 -27.11 -2.83
CA LYS G 918 -72.08 -26.36 -1.58
C LYS G 918 -70.94 -26.68 -0.63
N LEU G 919 -70.64 -27.97 -0.47
CA LEU G 919 -69.58 -28.39 0.43
C LEU G 919 -68.23 -27.83 -0.02
N ILE G 920 -67.95 -27.89 -1.32
CA ILE G 920 -66.67 -27.42 -1.81
C ILE G 920 -66.56 -25.90 -1.69
N ALA G 921 -67.66 -25.19 -1.94
CA ALA G 921 -67.64 -23.75 -1.77
C ALA G 921 -67.37 -23.36 -0.32
N ASN G 922 -68.02 -24.06 0.62
CA ASN G 922 -67.77 -23.77 2.04
C ASN G 922 -66.34 -24.10 2.42
N GLN G 923 -65.81 -25.22 1.93
CA GLN G 923 -64.42 -25.56 2.22
C GLN G 923 -63.46 -24.52 1.67
N PHE G 924 -63.71 -24.04 0.46
CA PHE G 924 -62.83 -23.03 -0.12
C PHE G 924 -62.90 -21.72 0.65
N ASN G 925 -64.11 -21.29 1.03
CA ASN G 925 -64.23 -20.08 1.82
C ASN G 925 -63.53 -20.21 3.16
N SER G 926 -63.71 -21.35 3.84
CA SER G 926 -63.07 -21.56 5.13
C SER G 926 -61.55 -21.58 4.98
N ALA G 927 -61.05 -22.20 3.90
CA ALA G 927 -59.60 -22.22 3.67
C ALA G 927 -59.06 -20.81 3.47
N ILE G 928 -59.78 -19.98 2.71
CA ILE G 928 -59.35 -18.60 2.52
C ILE G 928 -59.32 -17.86 3.86
N GLY G 929 -60.37 -18.03 4.67
CA GLY G 929 -60.39 -17.40 5.97
C GLY G 929 -59.25 -17.85 6.86
N LYS G 930 -58.95 -19.15 6.86
CA LYS G 930 -57.86 -19.66 7.66
C LYS G 930 -56.52 -19.10 7.19
N ILE G 931 -56.36 -18.92 5.88
CA ILE G 931 -55.13 -18.28 5.39
C ILE G 931 -55.01 -16.87 5.93
N GLN G 932 -56.11 -16.12 5.90
CA GLN G 932 -56.06 -14.77 6.44
C GLN G 932 -55.68 -14.78 7.91
N ASP G 933 -56.29 -15.69 8.69
CA ASP G 933 -56.01 -15.74 10.12
C ASP G 933 -54.57 -16.15 10.40
N SER G 934 -54.04 -17.14 9.67
CA SER G 934 -52.67 -17.59 9.90
C SER G 934 -51.68 -16.48 9.55
N LEU G 935 -51.92 -15.77 8.44
CA LEU G 935 -51.05 -14.65 8.10
C LEU G 935 -51.11 -13.58 9.18
N SER G 936 -52.30 -13.28 9.69
CA SER G 936 -52.44 -12.26 10.72
C SER G 936 -51.72 -12.66 12.00
N SER G 937 -51.83 -13.92 12.40
CA SER G 937 -51.30 -14.35 13.69
C SER G 937 -49.79 -14.58 13.63
N THR G 938 -49.35 -15.47 12.76
CA THR G 938 -47.94 -15.84 12.74
C THR G 938 -47.11 -14.65 12.29
N PRO G 939 -46.13 -14.20 13.08
CA PRO G 939 -45.32 -13.04 12.67
C PRO G 939 -44.25 -13.37 11.65
N SER G 940 -43.76 -14.61 11.61
CA SER G 940 -42.71 -15.01 10.70
C SER G 940 -43.26 -15.69 9.45
N ALA G 941 -44.51 -15.42 9.09
CA ALA G 941 -45.05 -15.95 7.85
C ALA G 941 -44.35 -15.37 6.64
N LEU G 942 -44.10 -14.06 6.65
CA LEU G 942 -43.49 -13.36 5.52
C LEU G 942 -41.97 -13.41 5.62
N GLY G 943 -41.46 -14.62 5.84
CA GLY G 943 -40.06 -14.79 6.16
C GLY G 943 -39.16 -14.42 5.01
N LYS G 944 -39.51 -14.85 3.80
CA LYS G 944 -38.61 -14.65 2.66
C LYS G 944 -38.49 -13.16 2.32
N LEU G 945 -39.62 -12.47 2.19
CA LEU G 945 -39.57 -11.05 1.87
C LEU G 945 -38.90 -10.26 2.98
N GLN G 946 -39.24 -10.56 4.24
CA GLN G 946 -38.62 -9.86 5.34
C GLN G 946 -37.11 -10.08 5.34
N ASP G 947 -36.67 -11.30 5.02
CA ASP G 947 -35.25 -11.60 5.00
C ASP G 947 -34.54 -10.86 3.88
N VAL G 948 -35.18 -10.76 2.71
CA VAL G 948 -34.58 -10.00 1.61
C VAL G 948 -34.40 -8.55 2.01
N VAL G 949 -35.45 -7.94 2.59
CA VAL G 949 -35.37 -6.54 2.97
C VAL G 949 -34.29 -6.34 4.04
N ASN G 950 -34.24 -7.25 5.01
CA ASN G 950 -33.26 -7.12 6.09
C ASN G 950 -31.84 -7.28 5.56
N GLN G 951 -31.61 -8.22 4.64
CA GLN G 951 -30.29 -8.39 4.07
C GLN G 951 -29.86 -7.15 3.31
N ASN G 952 -30.75 -6.56 2.51
CA ASN G 952 -30.39 -5.35 1.80
C ASN G 952 -30.08 -4.20 2.75
N ALA G 953 -30.91 -4.05 3.80
CA ALA G 953 -30.67 -2.98 4.76
C ALA G 953 -29.35 -3.18 5.49
N GLN G 954 -29.04 -4.43 5.86
CA GLN G 954 -27.77 -4.70 6.52
C GLN G 954 -26.59 -4.40 5.61
N ALA G 955 -26.71 -4.74 4.32
CA ALA G 955 -25.65 -4.43 3.38
C ALA G 955 -25.43 -2.93 3.28
N LEU G 956 -26.51 -2.16 3.17
CA LEU G 956 -26.35 -0.70 3.10
C LEU G 956 -25.75 -0.15 4.38
N ASN G 957 -26.20 -0.64 5.54
CA ASN G 957 -25.68 -0.13 6.80
C ASN G 957 -24.21 -0.45 6.96
N THR G 958 -23.78 -1.65 6.56
CA THR G 958 -22.37 -1.98 6.62
C THR G 958 -21.56 -1.10 5.67
N LEU G 959 -22.11 -0.86 4.47
CA LEU G 959 -21.42 0.02 3.54
C LEU G 959 -21.25 1.42 4.11
N VAL G 960 -22.26 1.93 4.80
CA VAL G 960 -22.16 3.26 5.39
C VAL G 960 -21.15 3.25 6.53
N LYS G 961 -21.23 2.26 7.42
CA LYS G 961 -20.29 2.15 8.51
C LYS G 961 -18.85 2.00 8.04
N GLN G 962 -18.64 1.52 6.81
CA GLN G 962 -17.27 1.38 6.30
C GLN G 962 -16.53 2.70 6.26
N LEU G 963 -17.24 3.83 6.23
CA LEU G 963 -16.55 5.11 6.19
C LEU G 963 -15.79 5.38 7.49
N SER G 964 -16.37 5.00 8.62
CA SER G 964 -15.73 5.26 9.90
C SER G 964 -14.42 4.50 10.06
N SER G 965 -14.16 3.50 9.24
CA SER G 965 -12.94 2.71 9.36
C SER G 965 -11.72 3.51 8.92
N ASN G 966 -10.64 3.40 9.68
CA ASN G 966 -9.42 4.13 9.34
C ASN G 966 -8.69 3.51 8.16
N PHE G 967 -8.81 2.20 7.98
CA PHE G 967 -8.14 1.48 6.90
C PHE G 967 -6.63 1.65 6.95
N GLY G 968 -6.09 1.87 8.14
CA GLY G 968 -4.67 2.11 8.30
C GLY G 968 -4.24 3.55 8.15
N ALA G 969 -5.15 4.45 7.81
CA ALA G 969 -4.80 5.85 7.71
C ALA G 969 -4.84 6.52 9.08
N ILE G 970 -4.43 7.79 9.11
CA ILE G 970 -4.39 8.52 10.37
C ILE G 970 -5.80 8.77 10.90
N SER G 971 -6.74 9.04 10.01
CA SER G 971 -8.12 9.29 10.43
C SER G 971 -9.06 8.92 9.30
N SER G 972 -10.33 8.76 9.64
CA SER G 972 -11.34 8.33 8.70
C SER G 972 -12.13 9.49 8.09
N VAL G 973 -11.66 10.72 8.25
CA VAL G 973 -12.33 11.89 7.71
C VAL G 973 -11.40 12.56 6.71
N LEU G 974 -11.91 12.78 5.50
CA LEU G 974 -11.09 13.41 4.47
C LEU G 974 -10.68 14.82 4.87
N ASN G 975 -11.59 15.57 5.50
CA ASN G 975 -11.24 16.91 5.94
C ASN G 975 -10.16 16.87 7.02
N ASP G 976 -10.27 15.93 7.95
CA ASP G 976 -9.26 15.81 9.00
C ASP G 976 -7.92 15.39 8.43
N ILE G 977 -7.91 14.60 7.37
CA ILE G 977 -6.65 14.24 6.73
C ILE G 977 -6.07 15.43 5.99
N LEU G 978 -6.91 16.16 5.24
CA LEU G 978 -6.45 17.27 4.43
C LEU G 978 -5.90 18.40 5.30
N SER G 979 -6.66 18.81 6.30
CA SER G 979 -6.11 19.69 7.32
C SER G 979 -5.14 18.92 8.20
N ARG G 980 -4.27 19.65 8.87
CA ARG G 980 -3.32 19.14 9.85
C ARG G 980 -2.20 18.35 9.17
N LEU G 981 -2.32 18.04 7.89
CA LEU G 981 -1.29 17.33 7.14
C LEU G 981 -1.09 18.02 5.80
N ASP G 982 0.17 18.20 5.41
CA ASP G 982 0.45 18.84 4.14
C ASP G 982 0.36 17.83 2.99
N PRO G 983 0.19 18.30 1.76
CA PRO G 983 -0.17 17.41 0.64
C PRO G 983 0.81 16.25 0.43
N PRO G 984 2.13 16.43 0.65
CA PRO G 984 3.03 15.28 0.40
C PRO G 984 2.58 13.96 1.03
N GLU G 985 2.32 13.90 2.33
CA GLU G 985 1.83 12.65 2.90
C GLU G 985 0.31 12.63 3.00
N ALA G 986 -0.34 13.78 2.81
CA ALA G 986 -1.79 13.76 2.65
C ALA G 986 -2.19 12.88 1.48
N GLU G 987 -1.37 12.89 0.41
CA GLU G 987 -1.65 12.05 -0.75
C GLU G 987 -1.66 10.57 -0.37
N VAL G 988 -0.65 10.12 0.39
CA VAL G 988 -0.58 8.70 0.70
C VAL G 988 -1.66 8.30 1.70
N GLN G 989 -1.97 9.18 2.66
CA GLN G 989 -3.05 8.86 3.59
C GLN G 989 -4.39 8.75 2.86
N ILE G 990 -4.68 9.70 1.97
CA ILE G 990 -5.91 9.64 1.21
C ILE G 990 -5.93 8.44 0.30
N ASP G 991 -4.77 8.06 -0.26
CA ASP G 991 -4.74 6.89 -1.13
C ASP G 991 -5.03 5.61 -0.36
N ARG G 992 -4.51 5.49 0.86
CA ARG G 992 -4.84 4.34 1.69
C ARG G 992 -6.33 4.31 1.99
N LEU G 993 -6.90 5.47 2.32
CA LEU G 993 -8.33 5.52 2.59
C LEU G 993 -9.16 5.19 1.35
N ILE G 994 -8.70 5.64 0.18
CA ILE G 994 -9.39 5.33 -1.07
C ILE G 994 -9.34 3.84 -1.36
N THR G 995 -8.19 3.22 -1.17
CA THR G 995 -8.09 1.79 -1.38
C THR G 995 -9.07 1.05 -0.46
N GLY G 996 -9.12 1.44 0.80
CA GLY G 996 -10.05 0.79 1.72
C GLY G 996 -11.50 0.97 1.30
N ARG G 997 -11.89 2.20 0.96
CA ARG G 997 -13.28 2.47 0.64
C ARG G 997 -13.69 1.85 -0.69
N LEU G 998 -12.80 1.83 -1.67
CA LEU G 998 -13.09 1.17 -2.93
C LEU G 998 -13.19 -0.33 -2.75
N GLN G 999 -12.37 -0.91 -1.88
CA GLN G 999 -12.53 -2.31 -1.55
C GLN G 999 -13.89 -2.58 -0.93
N SER G 1000 -14.32 -1.71 -0.02
CA SER G 1000 -15.64 -1.86 0.58
C SER G 1000 -16.75 -1.77 -0.45
N LEU G 1001 -16.65 -0.83 -1.39
CA LEU G 1001 -17.67 -0.70 -2.41
C LEU G 1001 -17.67 -1.86 -3.39
N GLN G 1002 -16.51 -2.38 -3.77
CA GLN G 1002 -16.48 -3.57 -4.61
C GLN G 1002 -17.10 -4.75 -3.90
N THR G 1003 -16.79 -4.92 -2.62
CA THR G 1003 -17.43 -6.00 -1.87
C THR G 1003 -18.94 -5.83 -1.82
N TYR G 1004 -19.43 -4.61 -1.58
CA TYR G 1004 -20.86 -4.39 -1.56
C TYR G 1004 -21.50 -4.74 -2.91
N VAL G 1005 -20.93 -4.25 -4.00
CA VAL G 1005 -21.55 -4.50 -5.29
C VAL G 1005 -21.42 -5.95 -5.71
N THR G 1006 -20.37 -6.66 -5.32
CA THR G 1006 -20.28 -8.08 -5.63
C THR G 1006 -21.32 -8.88 -4.85
N GLN G 1007 -21.46 -8.60 -3.55
CA GLN G 1007 -22.50 -9.27 -2.79
C GLN G 1007 -23.87 -8.94 -3.34
N GLN G 1008 -24.06 -7.70 -3.81
CA GLN G 1008 -25.34 -7.32 -4.37
C GLN G 1008 -25.59 -7.98 -5.71
N LEU G 1009 -24.54 -8.20 -6.51
CA LEU G 1009 -24.70 -8.95 -7.75
C LEU G 1009 -25.09 -10.39 -7.46
N ILE G 1010 -24.46 -11.00 -6.45
CA ILE G 1010 -24.86 -12.35 -6.02
C ILE G 1010 -26.32 -12.37 -5.62
N ARG G 1011 -26.72 -11.44 -4.75
CA ARG G 1011 -28.08 -11.43 -4.25
C ARG G 1011 -29.08 -11.10 -5.34
N ALA G 1012 -28.69 -10.26 -6.30
CA ALA G 1012 -29.57 -9.94 -7.42
C ALA G 1012 -29.74 -11.14 -8.33
N ALA G 1013 -28.69 -11.94 -8.51
CA ALA G 1013 -28.85 -13.19 -9.26
C ALA G 1013 -29.77 -14.15 -8.53
N GLU G 1014 -29.63 -14.22 -7.21
CA GLU G 1014 -30.53 -15.08 -6.43
C GLU G 1014 -31.98 -14.62 -6.53
N ILE G 1015 -32.21 -13.30 -6.46
CA ILE G 1015 -33.56 -12.77 -6.59
C ILE G 1015 -34.07 -12.97 -8.01
N ARG G 1016 -33.18 -12.85 -9.01
CA ARG G 1016 -33.59 -13.09 -10.39
C ARG G 1016 -34.04 -14.53 -10.57
N ALA G 1017 -33.32 -15.48 -9.97
CA ALA G 1017 -33.77 -16.86 -10.03
C ALA G 1017 -35.09 -17.05 -9.32
N SER G 1018 -35.24 -16.44 -8.15
CA SER G 1018 -36.49 -16.57 -7.39
C SER G 1018 -37.65 -15.97 -8.15
N ALA G 1019 -37.44 -14.85 -8.82
CA ALA G 1019 -38.53 -14.19 -9.51
C ALA G 1019 -38.80 -14.78 -10.89
N ASN G 1020 -37.81 -15.42 -11.51
CA ASN G 1020 -38.10 -16.26 -12.66
C ASN G 1020 -38.94 -17.45 -12.25
N LEU G 1021 -38.65 -18.03 -11.08
CA LEU G 1021 -39.52 -19.06 -10.55
C LEU G 1021 -40.91 -18.52 -10.26
N ALA G 1022 -40.98 -17.28 -9.77
CA ALA G 1022 -42.28 -16.67 -9.51
C ALA G 1022 -43.05 -16.43 -10.81
N ALA G 1023 -42.37 -15.98 -11.85
CA ALA G 1023 -43.02 -15.75 -13.13
C ALA G 1023 -43.53 -17.04 -13.74
N THR G 1024 -42.71 -18.09 -13.72
CA THR G 1024 -43.20 -19.35 -14.25
C THR G 1024 -44.27 -19.97 -13.36
N LYS G 1025 -44.19 -19.77 -12.05
CA LYS G 1025 -45.24 -20.25 -11.18
C LYS G 1025 -46.55 -19.54 -11.49
N MET G 1026 -46.50 -18.23 -11.74
CA MET G 1026 -47.66 -17.52 -12.21
C MET G 1026 -48.19 -18.14 -13.48
N SER G 1027 -47.31 -18.34 -14.47
CA SER G 1027 -47.75 -18.83 -15.78
C SER G 1027 -48.37 -20.21 -15.70
N GLU G 1028 -47.80 -21.14 -14.93
CA GLU G 1028 -48.35 -22.49 -14.90
C GLU G 1028 -49.37 -22.72 -13.80
N CYS G 1029 -49.53 -21.80 -12.84
CA CYS G 1029 -50.49 -22.02 -11.76
C CYS G 1029 -51.71 -21.13 -11.86
N VAL G 1030 -51.56 -19.82 -12.06
CA VAL G 1030 -52.76 -18.99 -12.13
C VAL G 1030 -53.23 -18.82 -13.57
N LEU G 1031 -52.31 -18.73 -14.52
CA LEU G 1031 -52.69 -18.66 -15.92
C LEU G 1031 -53.21 -19.99 -16.45
N GLY G 1032 -53.10 -21.06 -15.69
CA GLY G 1032 -53.61 -22.35 -16.10
C GLY G 1032 -53.35 -23.36 -15.02
N GLN G 1033 -54.01 -24.51 -15.15
CA GLN G 1033 -53.84 -25.58 -14.18
C GLN G 1033 -52.58 -26.38 -14.47
N SER G 1034 -51.88 -26.78 -13.41
CA SER G 1034 -50.60 -27.46 -13.53
C SER G 1034 -50.74 -28.90 -13.07
N LYS G 1035 -50.39 -29.84 -13.96
CA LYS G 1035 -50.24 -31.23 -13.60
C LYS G 1035 -48.84 -31.53 -13.10
N ARG G 1036 -48.01 -30.50 -12.96
CA ARG G 1036 -46.64 -30.64 -12.50
C ARG G 1036 -46.63 -30.82 -10.99
N VAL G 1037 -46.28 -32.03 -10.54
CA VAL G 1037 -46.58 -32.44 -9.17
C VAL G 1037 -45.82 -31.59 -8.16
N ASP G 1038 -46.52 -31.16 -7.12
CA ASP G 1038 -45.93 -30.47 -5.98
C ASP G 1038 -45.20 -29.19 -6.42
N PHE G 1039 -45.73 -28.56 -7.47
CA PHE G 1039 -45.25 -27.27 -7.93
C PHE G 1039 -46.17 -26.14 -7.48
N CYS G 1040 -47.45 -26.24 -7.79
CA CYS G 1040 -48.45 -25.28 -7.31
C CYS G 1040 -49.12 -25.90 -6.09
N GLY G 1041 -48.42 -25.85 -4.96
CA GLY G 1041 -48.98 -26.30 -3.71
C GLY G 1041 -49.04 -27.80 -3.55
N LYS G 1042 -48.94 -28.30 -2.32
CA LYS G 1042 -48.93 -29.73 -2.09
C LYS G 1042 -50.33 -30.30 -2.31
N GLY G 1043 -50.41 -31.34 -3.12
CA GLY G 1043 -51.66 -31.96 -3.48
C GLY G 1043 -51.97 -31.76 -4.95
N TYR G 1044 -53.08 -32.35 -5.36
CA TYR G 1044 -53.57 -32.12 -6.72
C TYR G 1044 -53.99 -30.67 -6.84
N HIS G 1045 -53.47 -29.99 -7.85
CA HIS G 1045 -53.60 -28.54 -7.95
C HIS G 1045 -54.88 -28.18 -8.69
N LEU G 1046 -55.56 -27.15 -8.22
CA LEU G 1046 -56.78 -26.66 -8.86
C LEU G 1046 -56.62 -25.27 -9.44
N MET G 1047 -56.25 -24.28 -8.65
CA MET G 1047 -56.05 -22.92 -9.17
C MET G 1047 -54.94 -22.26 -8.39
N SER G 1048 -54.78 -20.97 -8.60
CA SER G 1048 -53.87 -20.19 -7.80
C SER G 1048 -54.27 -18.73 -7.92
N PHE G 1049 -53.87 -17.96 -6.92
CA PHE G 1049 -54.26 -16.57 -6.86
C PHE G 1049 -53.06 -15.71 -6.48
N PRO G 1050 -52.57 -14.87 -7.37
CA PRO G 1050 -51.47 -13.99 -7.01
C PRO G 1050 -51.96 -12.93 -6.04
N GLN G 1051 -51.12 -12.60 -5.07
CA GLN G 1051 -51.38 -11.49 -4.17
C GLN G 1051 -50.08 -10.72 -4.02
N SER G 1052 -50.12 -9.44 -4.36
CA SER G 1052 -48.92 -8.63 -4.26
C SER G 1052 -48.46 -8.52 -2.81
N ALA G 1053 -47.15 -8.49 -2.62
CA ALA G 1053 -46.55 -8.23 -1.31
C ALA G 1053 -45.34 -7.36 -1.55
N PRO G 1054 -44.91 -6.61 -0.54
CA PRO G 1054 -43.80 -5.68 -0.74
C PRO G 1054 -42.53 -6.38 -1.21
N HIS G 1055 -42.13 -6.10 -2.46
CA HIS G 1055 -40.97 -6.72 -3.07
C HIS G 1055 -41.12 -8.23 -3.14
N GLY G 1056 -42.27 -8.69 -3.63
CA GLY G 1056 -42.51 -10.11 -3.74
C GLY G 1056 -43.92 -10.38 -4.20
N VAL G 1057 -44.27 -11.67 -4.23
CA VAL G 1057 -45.60 -12.11 -4.60
C VAL G 1057 -45.98 -13.28 -3.71
N VAL G 1058 -47.27 -13.40 -3.44
CA VAL G 1058 -47.82 -14.45 -2.60
C VAL G 1058 -48.88 -15.19 -3.40
N PHE G 1059 -48.80 -16.51 -3.42
CA PHE G 1059 -49.72 -17.36 -4.15
C PHE G 1059 -50.61 -18.10 -3.17
N LEU G 1060 -51.87 -18.28 -3.52
CA LEU G 1060 -52.81 -19.04 -2.71
C LEU G 1060 -53.18 -20.30 -3.51
N HIS G 1061 -52.35 -21.32 -3.39
CA HIS G 1061 -52.48 -22.51 -4.23
C HIS G 1061 -53.68 -23.32 -3.77
N VAL G 1062 -54.82 -23.16 -4.44
CA VAL G 1062 -55.98 -23.97 -4.11
C VAL G 1062 -55.77 -25.39 -4.61
N THR G 1063 -55.59 -26.33 -3.69
CA THR G 1063 -55.25 -27.70 -4.01
C THR G 1063 -56.28 -28.66 -3.47
N TYR G 1064 -56.40 -29.81 -4.14
CA TYR G 1064 -57.36 -30.85 -3.80
C TYR G 1064 -56.60 -31.97 -3.10
N VAL G 1065 -57.04 -32.35 -1.91
CA VAL G 1065 -56.35 -33.33 -1.09
C VAL G 1065 -57.35 -34.39 -0.66
N PRO G 1066 -57.13 -35.67 -0.99
CA PRO G 1066 -58.04 -36.72 -0.51
C PRO G 1066 -57.98 -36.87 1.00
N ALA G 1067 -59.10 -37.29 1.59
CA ALA G 1067 -59.18 -37.28 3.04
C ALA G 1067 -59.46 -38.65 3.67
N GLN G 1068 -60.53 -39.32 3.28
CA GLN G 1068 -61.05 -40.45 4.04
C GLN G 1068 -60.86 -41.73 3.25
N GLU G 1069 -59.82 -42.49 3.61
CA GLU G 1069 -59.52 -43.72 2.89
C GLU G 1069 -60.49 -44.82 3.29
N LYS G 1070 -60.90 -45.61 2.32
CA LYS G 1070 -61.50 -46.92 2.55
C LYS G 1070 -60.77 -47.89 1.65
N ASN G 1071 -60.29 -48.98 2.22
CA ASN G 1071 -59.45 -49.91 1.48
C ASN G 1071 -60.24 -51.14 1.08
N PHE G 1072 -60.18 -51.48 -0.20
CA PHE G 1072 -60.97 -52.58 -0.76
C PHE G 1072 -60.03 -53.62 -1.36
N THR G 1073 -60.65 -54.67 -1.90
CA THR G 1073 -59.94 -55.72 -2.60
C THR G 1073 -59.99 -55.44 -4.10
N THR G 1074 -58.83 -55.41 -4.74
CA THR G 1074 -58.71 -55.02 -6.14
C THR G 1074 -58.20 -56.18 -6.98
N ALA G 1075 -58.54 -56.14 -8.27
CA ALA G 1075 -58.10 -57.13 -9.22
C ALA G 1075 -57.75 -56.45 -10.53
N PRO G 1076 -56.65 -56.85 -11.17
CA PRO G 1076 -56.24 -56.19 -12.42
C PRO G 1076 -57.28 -56.28 -13.52
N ALA G 1077 -58.06 -57.35 -13.57
CA ALA G 1077 -58.98 -57.53 -14.68
C ALA G 1077 -60.18 -58.34 -14.19
N ILE G 1078 -61.05 -58.70 -15.13
CA ILE G 1078 -62.26 -59.48 -14.85
C ILE G 1078 -62.46 -60.50 -15.95
N CYS G 1079 -62.73 -61.75 -15.57
CA CYS G 1079 -63.04 -62.81 -16.52
C CYS G 1079 -64.55 -62.89 -16.66
N HIS G 1080 -65.10 -62.29 -17.71
CA HIS G 1080 -66.55 -62.40 -17.92
C HIS G 1080 -66.91 -63.69 -18.65
N ASP G 1081 -66.46 -63.82 -19.89
CA ASP G 1081 -66.74 -64.99 -20.72
C ASP G 1081 -65.44 -65.58 -21.25
N GLY G 1082 -64.46 -65.70 -20.38
CA GLY G 1082 -63.15 -66.14 -20.80
C GLY G 1082 -62.28 -65.06 -21.39
N LYS G 1083 -62.77 -63.83 -21.46
CA LYS G 1083 -62.01 -62.70 -21.99
C LYS G 1083 -61.82 -61.67 -20.91
N ALA G 1084 -60.58 -61.25 -20.69
CA ALA G 1084 -60.30 -60.29 -19.63
C ALA G 1084 -60.95 -58.95 -19.93
N HIS G 1085 -61.38 -58.28 -18.87
CA HIS G 1085 -61.98 -56.95 -18.96
C HIS G 1085 -61.14 -56.00 -18.10
N PHE G 1086 -60.71 -54.92 -18.69
CA PHE G 1086 -59.92 -53.94 -17.98
C PHE G 1086 -60.69 -52.62 -17.90
N PRO G 1087 -60.49 -51.81 -16.86
CA PRO G 1087 -61.29 -50.59 -16.70
C PRO G 1087 -60.82 -49.52 -17.68
N ARG G 1088 -61.79 -48.86 -18.33
CA ARG G 1088 -61.43 -47.74 -19.19
C ARG G 1088 -60.85 -46.59 -18.37
N GLU G 1089 -61.59 -46.11 -17.40
CA GLU G 1089 -61.09 -45.14 -16.43
C GLU G 1089 -61.34 -45.69 -15.03
N GLY G 1090 -60.30 -45.72 -14.23
CA GLY G 1090 -60.45 -46.16 -12.85
C GLY G 1090 -59.99 -47.59 -12.63
N VAL G 1091 -60.39 -48.12 -11.48
CA VAL G 1091 -59.91 -49.40 -11.00
C VAL G 1091 -61.09 -50.26 -10.59
N PHE G 1092 -60.82 -51.55 -10.41
CA PHE G 1092 -61.81 -52.49 -9.92
C PHE G 1092 -61.67 -52.62 -8.42
N VAL G 1093 -62.79 -52.51 -7.72
CA VAL G 1093 -62.83 -52.69 -6.28
C VAL G 1093 -64.02 -53.56 -5.92
N SER G 1094 -64.03 -54.06 -4.69
CA SER G 1094 -65.14 -54.83 -4.21
C SER G 1094 -65.23 -54.67 -2.71
N ASN G 1095 -66.44 -54.57 -2.18
CA ASN G 1095 -66.63 -54.46 -0.75
C ASN G 1095 -66.71 -55.81 -0.06
N GLY G 1096 -66.53 -56.90 -0.80
CA GLY G 1096 -66.55 -58.21 -0.21
C GLY G 1096 -67.38 -59.21 -0.99
N THR G 1097 -68.48 -58.75 -1.58
CA THR G 1097 -69.36 -59.63 -2.35
C THR G 1097 -69.46 -59.21 -3.81
N HIS G 1098 -69.67 -57.92 -4.08
CA HIS G 1098 -69.90 -57.41 -5.42
C HIS G 1098 -68.69 -56.63 -5.89
N TRP G 1099 -68.36 -56.77 -7.17
CA TRP G 1099 -67.23 -56.07 -7.76
C TRP G 1099 -67.72 -54.81 -8.47
N PHE G 1100 -67.08 -53.69 -8.17
CA PHE G 1100 -67.41 -52.41 -8.76
C PHE G 1100 -66.17 -51.80 -9.39
N VAL G 1101 -66.38 -51.00 -10.42
CA VAL G 1101 -65.34 -50.19 -11.03
C VAL G 1101 -65.52 -48.78 -10.54
N THR G 1102 -64.43 -48.15 -10.12
CA THR G 1102 -64.54 -46.80 -9.61
C THR G 1102 -63.36 -45.97 -10.08
N GLN G 1103 -63.59 -44.67 -10.19
CA GLN G 1103 -62.53 -43.73 -10.49
C GLN G 1103 -61.49 -43.72 -9.37
N ARG G 1104 -60.28 -43.33 -9.71
CA ARG G 1104 -59.15 -43.61 -8.83
C ARG G 1104 -59.11 -42.69 -7.62
N ASN G 1105 -59.48 -41.42 -7.78
CA ASN G 1105 -59.30 -40.42 -6.73
C ASN G 1105 -60.56 -40.14 -5.93
N PHE G 1106 -61.58 -40.98 -6.06
CA PHE G 1106 -62.84 -40.77 -5.36
C PHE G 1106 -63.61 -42.06 -5.40
N TYR G 1107 -64.23 -42.42 -4.28
CA TYR G 1107 -65.00 -43.66 -4.23
C TYR G 1107 -66.34 -43.40 -4.86
N GLU G 1108 -66.49 -43.79 -6.13
CA GLU G 1108 -67.74 -43.72 -6.86
C GLU G 1108 -67.99 -45.10 -7.46
N PRO G 1109 -68.37 -46.06 -6.65
CA PRO G 1109 -68.59 -47.41 -7.16
C PRO G 1109 -69.77 -47.44 -8.11
N GLN G 1110 -69.65 -48.26 -9.15
CA GLN G 1110 -70.71 -48.38 -10.13
C GLN G 1110 -70.53 -49.68 -10.90
N ILE G 1111 -71.67 -50.33 -11.19
CA ILE G 1111 -71.67 -51.71 -11.64
C ILE G 1111 -70.81 -51.88 -12.87
N ILE G 1112 -70.08 -53.00 -12.93
CA ILE G 1112 -69.25 -53.28 -14.09
C ILE G 1112 -70.14 -53.38 -15.32
N THR G 1113 -69.71 -52.73 -16.39
CA THR G 1113 -70.49 -52.68 -17.62
C THR G 1113 -69.54 -52.54 -18.78
N THR G 1114 -69.94 -53.04 -19.95
CA THR G 1114 -69.08 -52.99 -21.12
C THR G 1114 -68.68 -51.56 -21.47
N ASP G 1115 -69.47 -50.57 -21.07
CA ASP G 1115 -69.13 -49.18 -21.35
C ASP G 1115 -67.86 -48.75 -20.64
N ASN G 1116 -67.69 -49.13 -19.37
CA ASN G 1116 -66.53 -48.71 -18.59
C ASN G 1116 -65.42 -49.75 -18.54
N THR G 1117 -65.56 -50.87 -19.25
CA THR G 1117 -64.52 -51.89 -19.31
C THR G 1117 -64.27 -52.28 -20.76
N PHE G 1118 -63.01 -52.28 -21.18
CA PHE G 1118 -62.65 -52.70 -22.52
C PHE G 1118 -62.02 -54.09 -22.47
N VAL G 1119 -62.52 -54.98 -23.29
CA VAL G 1119 -62.01 -56.35 -23.34
C VAL G 1119 -60.69 -56.37 -24.09
N SER G 1120 -59.73 -57.13 -23.57
CA SER G 1120 -58.43 -57.21 -24.23
C SER G 1120 -57.73 -58.49 -23.77
N GLY G 1121 -57.70 -59.49 -24.64
CA GLY G 1121 -56.91 -60.67 -24.37
C GLY G 1121 -57.68 -61.87 -23.85
N ASN G 1122 -57.04 -62.66 -23.00
CA ASN G 1122 -57.56 -63.92 -22.52
C ASN G 1122 -57.39 -64.01 -21.01
N CYS G 1123 -58.14 -64.94 -20.41
CA CYS G 1123 -58.14 -65.08 -18.95
C CYS G 1123 -56.77 -65.51 -18.42
N ASP G 1124 -56.12 -66.45 -19.11
CA ASP G 1124 -54.96 -67.12 -18.52
C ASP G 1124 -53.73 -66.23 -18.46
N VAL G 1125 -53.60 -65.27 -19.36
CA VAL G 1125 -52.37 -64.50 -19.45
C VAL G 1125 -52.19 -63.61 -18.23
N VAL G 1126 -53.27 -63.02 -17.74
CA VAL G 1126 -53.19 -62.08 -16.62
C VAL G 1126 -53.10 -62.86 -15.32
N ILE G 1127 -52.27 -62.39 -14.40
CA ILE G 1127 -52.17 -62.95 -13.06
C ILE G 1127 -52.86 -62.00 -12.08
N GLY G 1128 -53.77 -62.53 -11.29
CA GLY G 1128 -54.58 -61.72 -10.42
C GLY G 1128 -55.98 -61.44 -10.92
N ILE G 1129 -56.33 -61.93 -12.10
CA ILE G 1129 -57.66 -61.72 -12.64
C ILE G 1129 -58.66 -62.55 -11.86
N VAL G 1130 -59.83 -61.96 -11.57
CA VAL G 1130 -60.85 -62.62 -10.77
C VAL G 1130 -62.10 -62.84 -11.62
N ASN G 1131 -62.80 -63.93 -11.33
CA ASN G 1131 -64.03 -64.23 -12.05
C ASN G 1131 -65.15 -63.31 -11.59
N ASN G 1132 -66.00 -62.94 -12.54
CA ASN G 1132 -67.19 -62.15 -12.26
C ASN G 1132 -68.01 -62.06 -13.54
N THR G 1133 -69.19 -61.48 -13.42
CA THR G 1133 -70.01 -61.12 -14.57
C THR G 1133 -69.88 -59.63 -14.85
N VAL G 1134 -69.98 -59.27 -16.11
CA VAL G 1134 -69.99 -57.88 -16.55
C VAL G 1134 -71.32 -57.62 -17.22
N TYR G 1135 -72.13 -56.77 -16.61
CA TYR G 1135 -73.48 -56.51 -17.09
C TYR G 1135 -73.42 -55.90 -18.49
N ASP G 1136 -74.32 -56.37 -19.37
CA ASP G 1136 -74.41 -55.85 -20.72
C ASP G 1136 -75.60 -54.92 -20.81
N PRO G 1137 -75.40 -53.61 -21.00
CA PRO G 1137 -76.55 -52.69 -21.01
C PRO G 1137 -77.51 -52.95 -22.15
N LEU G 1138 -77.02 -53.50 -23.26
CA LEU G 1138 -77.84 -53.78 -24.43
C LEU G 1138 -78.63 -55.08 -24.30
N GLN G 1139 -78.27 -55.93 -23.34
CA GLN G 1139 -78.99 -57.19 -23.16
C GLN G 1139 -80.44 -56.97 -22.73
N PRO G 1140 -80.76 -56.16 -21.72
CA PRO G 1140 -82.19 -55.90 -21.43
C PRO G 1140 -82.92 -55.23 -22.58
N GLU G 1141 -82.22 -54.39 -23.34
CA GLU G 1141 -82.85 -53.76 -24.50
C GLU G 1141 -83.24 -54.80 -25.54
N LEU G 1142 -82.36 -55.79 -25.76
CA LEU G 1142 -82.72 -56.90 -26.64
C LEU G 1142 -83.88 -57.70 -26.07
N ASP G 1143 -83.84 -57.97 -24.76
CA ASP G 1143 -84.86 -58.82 -24.15
C ASP G 1143 -86.24 -58.17 -24.23
N SER G 1144 -86.33 -56.87 -24.00
CA SER G 1144 -87.60 -56.17 -24.07
C SER G 1144 -88.10 -56.06 -25.50
N GLU H 1 82.27 9.99 24.45
CA GLU H 1 81.33 9.04 25.03
C GLU H 1 79.90 9.51 24.83
N VAL H 2 79.11 9.47 25.90
CA VAL H 2 77.72 9.92 25.88
C VAL H 2 77.55 11.02 26.92
N GLN H 3 76.94 12.13 26.51
CA GLN H 3 76.72 13.27 27.39
C GLN H 3 75.35 13.87 27.11
N LEU H 4 74.66 14.24 28.18
CA LEU H 4 73.33 14.84 28.09
C LEU H 4 73.40 16.28 28.61
N VAL H 5 72.96 17.23 27.80
CA VAL H 5 73.00 18.65 28.13
C VAL H 5 71.58 19.13 28.32
N GLU H 6 71.31 19.74 29.47
CA GLU H 6 69.99 20.26 29.81
C GLU H 6 70.01 21.77 29.75
N SER H 7 69.01 22.35 29.08
CA SER H 7 68.93 23.79 28.91
C SER H 7 67.47 24.22 28.86
N GLY H 8 67.25 25.51 29.05
CA GLY H 8 65.92 26.07 29.03
C GLY H 8 65.38 26.57 30.36
N GLY H 9 66.23 26.74 31.36
CA GLY H 9 65.79 27.22 32.67
C GLY H 9 65.84 28.72 32.74
N GLY H 10 64.72 29.33 33.12
CA GLY H 10 64.64 30.77 33.22
C GLY H 10 63.31 31.19 33.80
N LEU H 11 63.19 32.50 34.02
CA LEU H 11 61.98 33.05 34.62
C LEU H 11 60.83 32.98 33.63
N VAL H 12 59.66 32.58 34.12
CA VAL H 12 58.42 32.53 33.36
C VAL H 12 57.29 33.10 34.22
N GLN H 13 56.11 33.21 33.62
CA GLN H 13 54.93 33.73 34.29
C GLN H 13 53.89 32.63 34.46
N PRO H 14 53.01 32.73 35.46
CA PRO H 14 51.97 31.70 35.63
C PRO H 14 51.07 31.63 34.42
N GLY H 15 50.71 30.40 34.06
CA GLY H 15 49.94 30.17 32.86
C GLY H 15 50.72 30.23 31.57
N GLY H 16 52.04 30.37 31.65
CA GLY H 16 52.87 30.47 30.46
C GLY H 16 53.25 29.12 29.92
N SER H 17 54.11 29.16 28.90
CA SER H 17 54.55 27.94 28.22
C SER H 17 55.98 28.14 27.73
N LEU H 18 56.89 27.28 28.19
CA LEU H 18 58.28 27.32 27.77
C LEU H 18 58.73 25.93 27.34
N ARG H 19 59.64 25.89 26.36
CA ARG H 19 60.12 24.64 25.78
C ARG H 19 61.44 24.26 26.43
N LEU H 20 61.41 23.27 27.32
CA LEU H 20 62.63 22.74 27.89
C LEU H 20 63.39 21.92 26.84
N SER H 21 64.71 22.07 26.82
CA SER H 21 65.55 21.43 25.83
C SER H 21 66.56 20.51 26.50
N CYS H 22 66.75 19.32 25.93
CA CYS H 22 67.75 18.37 26.39
C CYS H 22 68.44 17.78 25.17
N ALA H 23 69.76 17.94 25.11
CA ALA H 23 70.56 17.42 24.01
C ALA H 23 71.30 16.17 24.46
N ALA H 24 71.11 15.07 23.74
CA ALA H 24 71.73 13.80 24.06
C ALA H 24 72.69 13.41 22.95
N SER H 25 73.90 13.00 23.33
CA SER H 25 74.93 12.60 22.39
C SER H 25 75.19 11.10 22.54
N GLY H 26 75.15 10.38 21.41
CA GLY H 26 75.32 8.95 21.42
C GLY H 26 74.07 8.15 21.69
N LEU H 27 72.92 8.80 21.80
CA LEU H 27 71.66 8.11 22.04
C LEU H 27 70.64 8.54 20.99
N THR H 28 69.68 7.64 20.74
CA THR H 28 68.60 7.87 19.78
C THR H 28 67.31 8.10 20.54
N VAL H 29 66.68 9.25 20.32
CA VAL H 29 65.47 9.58 21.06
C VAL H 29 64.30 8.68 20.67
N SER H 30 64.37 8.04 19.49
CA SER H 30 63.26 7.22 19.02
C SER H 30 63.10 5.96 19.86
N SER H 31 64.21 5.33 20.24
CA SER H 31 64.20 4.04 20.91
C SER H 31 64.76 4.14 22.33
N ASN H 32 64.39 5.19 23.06
CA ASN H 32 64.87 5.38 24.42
C ASN H 32 63.73 5.78 25.33
N TYR H 33 63.91 5.47 26.63
CA TYR H 33 62.90 5.71 27.65
C TYR H 33 63.23 7.03 28.35
N MET H 34 62.87 8.12 27.70
CA MET H 34 63.12 9.45 28.25
C MET H 34 62.25 9.70 29.48
N ARG H 35 62.82 10.36 30.48
CA ARG H 35 62.12 10.70 31.71
C ARG H 35 62.65 12.00 32.26
N TRP H 36 61.77 12.76 32.92
CA TRP H 36 62.10 14.06 33.49
C TRP H 36 61.90 14.01 35.00
N VAL H 37 62.95 14.31 35.75
CA VAL H 37 62.91 14.36 37.21
C VAL H 37 63.50 15.69 37.65
N ARG H 38 62.77 16.40 38.51
CA ARG H 38 63.17 17.70 39.00
C ARG H 38 63.73 17.60 40.41
N GLN H 39 64.49 18.62 40.80
CA GLN H 39 65.09 18.69 42.14
C GLN H 39 64.92 20.11 42.65
N ALA H 40 63.96 20.29 43.55
CA ALA H 40 63.76 21.59 44.16
C ALA H 40 64.92 21.94 45.08
N PRO H 41 65.29 23.22 45.19
CA PRO H 41 66.36 23.60 46.10
C PRO H 41 66.01 23.26 47.55
N GLY H 42 67.01 22.76 48.28
CA GLY H 42 66.77 22.31 49.64
C GLY H 42 65.80 21.16 49.74
N LYS H 43 65.78 20.29 48.74
CA LYS H 43 64.84 19.18 48.71
C LYS H 43 65.41 18.09 47.82
N GLY H 44 64.84 16.89 47.97
CA GLY H 44 65.28 15.75 47.20
C GLY H 44 64.64 15.69 45.82
N LEU H 45 64.95 14.61 45.11
CA LEU H 45 64.46 14.39 43.77
C LEU H 45 63.01 13.92 43.80
N GLU H 46 62.28 14.21 42.71
CA GLU H 46 60.88 13.82 42.61
C GLU H 46 60.51 13.68 41.13
N TRP H 47 59.81 12.59 40.82
CA TRP H 47 59.42 12.31 39.44
C TRP H 47 58.44 13.35 38.91
N VAL H 48 58.53 13.62 37.61
CA VAL H 48 57.68 14.61 36.97
C VAL H 48 56.84 13.95 35.87
N SER H 49 57.51 13.41 34.85
CA SER H 49 56.81 12.81 33.72
C SER H 49 57.70 11.76 33.08
N LEU H 50 57.06 10.81 32.40
CA LEU H 50 57.76 9.73 31.72
C LEU H 50 57.13 9.49 30.35
N ILE H 51 57.98 9.31 29.34
CA ILE H 51 57.56 9.03 27.98
C ILE H 51 58.26 7.75 27.52
N TYR H 52 57.50 6.86 26.90
CA TYR H 52 58.06 5.60 26.41
C TYR H 52 58.75 5.82 25.06
N ALA H 53 59.39 4.75 24.57
CA ALA H 53 60.09 4.83 23.29
C ALA H 53 59.13 5.12 22.15
N GLY H 54 57.97 4.46 22.14
CA GLY H 54 57.00 4.63 21.08
C GLY H 54 55.84 5.55 21.40
N GLY H 55 55.83 6.18 22.57
CA GLY H 55 54.73 7.04 22.96
C GLY H 55 54.28 6.77 24.38
N SER H 56 52.99 6.60 24.59
CA SER H 56 52.40 6.23 25.88
C SER H 56 52.96 7.09 27.02
N THR H 57 52.65 8.38 26.95
CA THR H 57 53.18 9.33 27.92
C THR H 57 52.58 9.10 29.30
N PHE H 58 53.39 9.34 30.33
CA PHE H 58 52.98 9.21 31.71
C PHE H 58 53.30 10.50 32.45
N TYR H 59 52.46 10.83 33.44
CA TYR H 59 52.64 12.05 34.22
C TYR H 59 52.43 11.75 35.69
N ALA H 60 53.04 12.58 36.54
CA ALA H 60 52.87 12.44 37.97
C ALA H 60 51.46 12.91 38.37
N ASP H 61 51.05 12.50 39.58
CA ASP H 61 49.73 12.88 40.08
C ASP H 61 49.63 14.39 40.29
N SER H 62 50.68 15.00 40.83
CA SER H 62 50.65 16.44 41.09
C SER H 62 50.58 17.25 39.80
N VAL H 63 51.34 16.85 38.79
CA VAL H 63 51.43 17.61 37.55
C VAL H 63 50.61 16.95 36.44
N LYS H 64 49.61 16.12 36.79
CA LYS H 64 48.79 15.47 35.79
C LYS H 64 47.96 16.49 35.02
N GLY H 65 47.98 16.39 33.69
CA GLY H 65 47.22 17.30 32.86
C GLY H 65 47.93 18.62 32.60
N ARG H 66 48.56 19.18 33.64
CA ARG H 66 49.24 20.46 33.48
C ARG H 66 50.43 20.36 32.53
N PHE H 67 51.18 19.26 32.60
CA PHE H 67 52.41 19.11 31.83
C PHE H 67 52.15 18.23 30.61
N ILE H 68 52.80 18.59 29.49
CA ILE H 68 52.74 17.83 28.25
C ILE H 68 54.16 17.67 27.73
N ILE H 69 54.48 16.47 27.25
CA ILE H 69 55.82 16.15 26.78
C ILE H 69 55.73 15.68 25.33
N SER H 70 56.64 16.15 24.50
CA SER H 70 56.69 15.76 23.09
C SER H 70 58.13 15.87 22.62
N ARG H 71 58.79 14.72 22.49
CA ARG H 71 60.18 14.68 22.01
C ARG H 71 60.22 14.83 20.50
N HIS H 72 61.26 15.51 20.01
CA HIS H 72 61.40 15.80 18.60
C HIS H 72 62.47 14.92 17.97
N ASN H 73 62.22 14.50 16.73
CA ASN H 73 63.13 13.60 16.03
C ASN H 73 64.38 14.31 15.55
N SER H 74 64.35 15.63 15.39
CA SER H 74 65.46 16.38 14.83
C SER H 74 66.65 16.34 15.79
N LYS H 75 67.72 15.66 15.37
CA LYS H 75 68.96 15.59 16.14
C LYS H 75 68.73 15.07 17.56
N ASN H 76 67.82 14.11 17.69
CA ASN H 76 67.48 13.42 18.94
C ASN H 76 67.52 14.36 20.16
N ILE H 77 66.86 15.51 20.02
CA ILE H 77 66.77 16.48 21.09
C ILE H 77 65.53 16.19 21.92
N LEU H 78 65.73 16.01 23.23
CA LEU H 78 64.61 15.78 24.13
C LEU H 78 63.96 17.10 24.51
N TYR H 79 62.63 17.14 24.51
CA TYR H 79 61.88 18.34 24.78
C TYR H 79 60.82 18.07 25.85
N LEU H 80 60.45 19.12 26.57
CA LEU H 80 59.43 19.02 27.61
C LEU H 80 58.69 20.36 27.67
N GLN H 81 57.44 20.36 27.20
CA GLN H 81 56.60 21.54 27.26
C GLN H 81 55.99 21.70 28.66
N MET H 82 55.75 22.95 29.04
CA MET H 82 55.16 23.27 30.33
C MET H 82 53.90 24.10 30.12
N ASN H 83 52.88 23.83 30.92
CA ASN H 83 51.64 24.60 30.85
C ASN H 83 51.05 24.72 32.26
N SER H 84 50.46 25.88 32.53
CA SER H 84 49.82 26.17 33.81
C SER H 84 50.79 25.94 34.98
N LEU H 85 51.95 26.57 34.89
CA LEU H 85 52.97 26.42 35.92
C LEU H 85 52.57 27.17 37.19
N ARG H 86 53.22 26.80 38.29
CA ARG H 86 53.00 27.44 39.59
C ARG H 86 54.34 27.76 40.21
N ALA H 87 54.30 28.62 41.23
CA ALA H 87 55.53 29.03 41.92
C ALA H 87 56.18 27.87 42.66
N GLU H 88 55.44 26.81 42.98
CA GLU H 88 56.00 25.65 43.65
C GLU H 88 56.75 24.72 42.71
N ASP H 89 56.69 24.96 41.40
CA ASP H 89 57.34 24.11 40.42
C ASP H 89 58.77 24.52 40.13
N THR H 90 59.30 25.51 40.84
CA THR H 90 60.68 25.93 40.65
C THR H 90 61.62 24.83 41.15
N ALA H 91 62.49 24.35 40.27
CA ALA H 91 63.38 23.24 40.56
C ALA H 91 64.39 23.14 39.44
N VAL H 92 65.31 22.18 39.59
CA VAL H 92 66.31 21.89 38.57
C VAL H 92 65.89 20.59 37.89
N TYR H 93 65.30 20.71 36.71
CA TYR H 93 64.85 19.52 35.98
C TYR H 93 66.04 18.80 35.34
N PHE H 94 65.90 17.49 35.17
CA PHE H 94 66.98 16.64 34.70
C PHE H 94 66.45 15.64 33.67
N CYS H 95 67.38 15.15 32.86
CA CYS H 95 67.09 14.16 31.83
C CYS H 95 67.36 12.75 32.35
N ALA H 96 67.13 11.76 31.49
CA ALA H 96 67.24 10.36 31.89
C ALA H 96 67.79 9.53 30.73
N ARG H 97 68.10 8.27 31.03
CA ARG H 97 68.53 7.31 30.03
C ARG H 97 67.42 6.29 29.77
N ASP H 98 67.65 5.42 28.79
CA ASP H 98 66.63 4.48 28.35
C ASP H 98 66.43 3.29 29.27
N LEU H 99 67.36 3.03 30.20
CA LEU H 99 67.31 1.82 31.01
C LEU H 99 66.14 1.90 31.98
N TYR H 100 65.15 1.02 31.78
CA TYR H 100 63.97 0.99 32.64
C TYR H 100 64.19 0.12 33.87
N VAL H 101 64.73 -1.09 33.67
CA VAL H 101 64.95 -2.02 34.76
C VAL H 101 66.43 -2.23 35.08
N PHE H 102 67.32 -2.09 34.10
CA PHE H 102 68.75 -2.26 34.33
C PHE H 102 69.39 -1.06 35.01
N GLY H 103 68.60 -0.09 35.43
CA GLY H 103 69.12 1.04 36.18
C GLY H 103 69.54 2.17 35.28
N MET H 104 68.86 3.30 35.43
CA MET H 104 69.18 4.50 34.69
C MET H 104 70.56 5.02 35.10
N ASP H 105 71.37 5.44 34.12
CA ASP H 105 72.80 5.68 34.30
C ASP H 105 73.22 7.14 34.16
N VAL H 106 72.89 7.79 33.05
CA VAL H 106 73.42 9.11 32.72
C VAL H 106 72.34 10.16 32.90
N TRP H 107 72.71 11.27 33.52
CA TRP H 107 71.82 12.41 33.76
C TRP H 107 72.25 13.61 32.93
N GLY H 108 71.28 14.50 32.67
CA GLY H 108 71.60 15.81 32.14
C GLY H 108 72.16 16.73 33.21
N GLN H 109 72.77 17.82 32.76
CA GLN H 109 73.38 18.76 33.70
C GLN H 109 72.32 19.42 34.59
N GLY H 110 71.20 19.84 34.01
CA GLY H 110 70.12 20.42 34.78
C GLY H 110 70.27 21.91 35.04
N THR H 111 69.20 22.66 34.76
CA THR H 111 69.17 24.10 35.00
C THR H 111 67.92 24.46 35.79
N ALA H 112 68.08 25.30 36.79
CA ALA H 112 66.95 25.73 37.62
C ALA H 112 65.98 26.58 36.81
N VAL H 113 64.69 26.32 36.98
CA VAL H 113 63.63 27.04 36.28
C VAL H 113 62.82 27.78 37.33
N THR H 114 63.12 29.06 37.52
CA THR H 114 62.42 29.87 38.50
C THR H 114 61.07 30.32 37.96
N VAL H 115 60.00 30.00 38.68
CA VAL H 115 58.65 30.37 38.30
C VAL H 115 58.08 31.26 39.40
N SER H 116 57.70 32.49 39.02
CA SER H 116 57.11 33.44 39.95
C SER H 116 56.44 34.54 39.13
N ALA H 117 55.82 35.47 39.85
CA ALA H 117 55.11 36.57 39.20
C ALA H 117 55.45 37.91 39.86
N ASP I 1 49.43 5.03 46.48
CA ASP I 1 50.62 4.76 45.69
C ASP I 1 51.76 4.27 46.57
N ILE I 2 52.82 3.76 45.93
CA ILE I 2 53.98 3.27 46.66
C ILE I 2 54.82 4.45 47.11
N GLN I 3 55.13 4.50 48.40
CA GLN I 3 55.93 5.57 48.98
C GLN I 3 57.18 5.00 49.62
N LEU I 4 58.28 5.74 49.48
CA LEU I 4 59.58 5.31 49.97
C LEU I 4 60.09 6.29 51.02
N THR I 5 60.79 5.75 52.02
CA THR I 5 61.29 6.56 53.13
C THR I 5 62.62 5.99 53.60
N GLN I 6 63.61 6.87 53.77
CA GLN I 6 64.93 6.49 54.24
C GLN I 6 65.16 7.04 55.64
N SER I 7 65.80 6.21 56.48
CA SER I 7 66.11 6.58 57.85
C SER I 7 67.56 6.25 58.16
N PRO I 8 68.21 7.04 59.03
CA PRO I 8 67.65 8.20 59.72
C PRO I 8 67.75 9.48 58.89
N SER I 9 68.24 9.35 57.66
CA SER I 9 68.39 10.41 56.66
C SER I 9 69.48 11.42 57.04
N PHE I 10 70.10 11.29 58.22
CA PHE I 10 71.18 12.20 58.62
C PHE I 10 72.15 11.39 59.48
N LEU I 11 73.22 10.88 58.85
CA LEU I 11 74.21 10.08 59.53
C LEU I 11 75.59 10.69 59.33
N SER I 12 76.37 10.73 60.40
CA SER I 12 77.73 11.25 60.37
C SER I 12 78.69 10.12 60.72
N ALA I 13 79.73 9.95 59.90
CA ALA I 13 80.71 8.90 60.12
C ALA I 13 82.05 9.35 59.58
N SER I 14 83.11 8.72 60.08
CA SER I 14 84.47 9.03 59.66
C SER I 14 84.86 8.13 58.48
N VAL I 15 86.07 8.35 57.96
CA VAL I 15 86.55 7.56 56.83
C VAL I 15 86.84 6.13 57.28
N GLY I 16 86.67 5.19 56.35
CA GLY I 16 86.88 3.79 56.67
C GLY I 16 85.92 3.23 57.71
N ASP I 17 84.65 3.62 57.62
CA ASP I 17 83.63 3.16 58.55
C ASP I 17 82.44 2.62 57.77
N ARG I 18 81.90 1.50 58.22
CA ARG I 18 80.75 0.88 57.56
C ARG I 18 79.48 1.65 57.89
N VAL I 19 78.75 2.07 56.84
CA VAL I 19 77.53 2.84 56.98
C VAL I 19 76.42 2.11 56.24
N THR I 20 75.28 1.93 56.89
CA THR I 20 74.13 1.26 56.32
C THR I 20 73.02 2.29 56.11
N ILE I 21 72.52 2.38 54.88
CA ILE I 21 71.41 3.26 54.53
C ILE I 21 70.24 2.37 54.13
N THR I 22 69.12 2.53 54.84
CA THR I 22 67.95 1.69 54.66
C THR I 22 66.83 2.50 54.01
N CYS I 23 66.25 1.97 52.93
CA CYS I 23 65.09 2.55 52.28
C CYS I 23 63.98 1.50 52.33
N ARG I 24 63.18 1.55 53.39
CA ARG I 24 62.09 0.60 53.58
C ARG I 24 60.85 1.16 52.89
N ALA I 25 60.50 0.57 51.74
CA ALA I 25 59.34 1.02 51.00
C ALA I 25 58.05 0.69 51.74
N SER I 26 57.11 1.65 51.74
CA SER I 26 55.82 1.43 52.38
C SER I 26 54.99 0.36 51.68
N GLN I 27 55.28 0.08 50.42
CA GLN I 27 54.58 -0.95 49.66
C GLN I 27 55.60 -1.85 48.99
N GLY I 28 55.24 -3.12 48.83
CA GLY I 28 56.13 -4.10 48.26
C GLY I 28 56.58 -3.78 46.85
N ILE I 29 57.90 -3.81 46.62
CA ILE I 29 58.46 -3.54 45.31
C ILE I 29 59.46 -4.64 44.96
N SER I 30 59.43 -5.73 45.72
CA SER I 30 60.36 -6.86 45.56
C SER I 30 61.78 -6.31 45.71
N SER I 31 62.73 -6.73 44.88
CA SER I 31 64.09 -6.23 44.91
C SER I 31 64.33 -5.13 43.86
N TYR I 32 63.26 -4.55 43.33
CA TYR I 32 63.35 -3.55 42.27
C TYR I 32 63.53 -2.17 42.90
N LEU I 33 64.73 -1.95 43.45
CA LEU I 33 65.10 -0.68 44.05
C LEU I 33 66.52 -0.32 43.62
N ALA I 34 66.71 0.93 43.24
CA ALA I 34 68.00 1.41 42.76
C ALA I 34 68.56 2.46 43.71
N TRP I 35 69.86 2.38 43.96
CA TRP I 35 70.55 3.30 44.85
C TRP I 35 71.32 4.32 44.03
N TYR I 36 71.11 5.60 44.34
CA TYR I 36 71.73 6.71 43.64
C TYR I 36 72.61 7.52 44.59
N GLN I 37 73.36 8.45 44.01
CA GLN I 37 74.26 9.32 44.77
C GLN I 37 74.27 10.69 44.11
N GLN I 38 73.61 11.67 44.75
CA GLN I 38 73.46 13.01 44.21
C GLN I 38 74.41 13.95 44.96
N LYS I 39 75.56 14.23 44.38
CA LYS I 39 76.48 15.18 44.97
C LYS I 39 75.93 16.60 44.81
N PRO I 40 76.22 17.49 45.77
CA PRO I 40 75.68 18.85 45.69
C PRO I 40 76.17 19.58 44.46
N GLY I 41 75.27 20.36 43.86
CA GLY I 41 75.61 21.12 42.66
C GLY I 41 76.01 20.26 41.48
N ARG I 42 75.53 19.02 41.43
CA ARG I 42 75.87 18.08 40.36
C ARG I 42 74.65 17.23 40.07
N ALA I 43 74.83 16.24 39.19
CA ALA I 43 73.76 15.33 38.87
C ALA I 43 73.97 13.99 39.58
N PRO I 44 72.90 13.33 39.99
CA PRO I 44 73.04 12.05 40.70
C PRO I 44 73.59 10.96 39.81
N LYS I 45 74.19 9.95 40.43
CA LYS I 45 74.77 8.81 39.74
C LYS I 45 74.30 7.52 40.41
N LEU I 46 74.14 6.47 39.62
CA LEU I 46 73.65 5.19 40.13
C LEU I 46 74.80 4.36 40.68
N LEU I 47 74.52 3.64 41.77
CA LEU I 47 75.46 2.72 42.38
C LEU I 47 74.98 1.28 42.30
N ILE I 48 73.75 1.01 42.73
CA ILE I 48 73.14 -0.31 42.67
C ILE I 48 71.83 -0.21 41.91
N TYR I 49 71.62 -1.11 40.96
CA TYR I 49 70.40 -1.15 40.17
C TYR I 49 69.71 -2.51 40.35
N ALA I 50 68.39 -2.47 40.48
CA ALA I 50 67.54 -3.66 40.65
C ALA I 50 68.05 -4.40 41.89
N ALA I 51 68.32 -5.71 41.81
CA ALA I 51 68.83 -6.44 42.96
C ALA I 51 70.25 -6.00 43.28
N SER I 52 70.80 -6.58 44.35
CA SER I 52 72.16 -6.25 44.79
C SER I 52 73.18 -6.59 43.71
N THR I 53 73.77 -5.58 43.10
CA THR I 53 74.76 -5.77 42.05
C THR I 53 75.57 -4.48 41.91
N LEU I 54 76.53 -4.51 41.01
CA LEU I 54 77.47 -3.41 40.81
C LEU I 54 77.27 -2.80 39.43
N GLN I 55 77.09 -1.49 39.38
CA GLN I 55 77.03 -0.78 38.10
C GLN I 55 78.41 -0.70 37.48
N SER I 56 78.48 -0.80 36.16
CA SER I 56 79.74 -0.75 35.45
C SER I 56 80.41 0.61 35.64
N GLY I 57 81.54 0.64 36.35
CA GLY I 57 82.30 1.84 36.58
C GLY I 57 82.34 2.31 38.02
N VAL I 58 81.40 1.87 38.85
CA VAL I 58 81.38 2.27 40.25
C VAL I 58 82.43 1.47 41.01
N PRO I 59 82.94 1.98 42.13
CA PRO I 59 83.91 1.20 42.91
C PRO I 59 83.29 -0.07 43.49
N SER I 60 84.13 -1.09 43.66
CA SER I 60 83.68 -2.35 44.24
C SER I 60 83.32 -2.24 45.72
N ARG I 61 83.67 -1.12 46.37
CA ARG I 61 83.38 -0.93 47.78
C ARG I 61 81.89 -0.75 48.07
N PHE I 62 81.07 -0.56 47.04
CA PHE I 62 79.63 -0.37 47.22
C PHE I 62 78.91 -1.70 47.05
N SER I 63 78.05 -2.03 48.01
CA SER I 63 77.31 -3.28 47.99
C SER I 63 75.97 -3.08 48.68
N GLY I 64 75.05 -4.00 48.39
CA GLY I 64 73.71 -3.92 48.96
C GLY I 64 73.20 -5.29 49.35
N SER I 65 72.11 -5.29 50.11
CA SER I 65 71.49 -6.52 50.57
C SER I 65 70.03 -6.25 50.90
N GLY I 66 69.26 -7.32 50.97
CA GLY I 66 67.85 -7.23 51.30
C GLY I 66 66.97 -7.14 50.07
N SER I 67 65.73 -7.58 50.23
CA SER I 67 64.75 -7.55 49.16
C SER I 67 63.36 -7.43 49.75
N GLY I 68 62.43 -6.97 48.94
CA GLY I 68 61.05 -6.79 49.37
C GLY I 68 60.82 -5.40 49.94
N THR I 69 60.47 -5.34 51.22
CA THR I 69 60.20 -4.07 51.90
C THR I 69 61.39 -3.57 52.70
N VAL I 70 62.53 -4.25 52.65
CA VAL I 70 63.73 -3.86 53.39
C VAL I 70 64.90 -3.82 52.43
N PHE I 71 65.74 -2.78 52.56
CA PHE I 71 66.95 -2.65 51.77
C PHE I 71 68.05 -2.07 52.65
N THR I 72 69.30 -2.32 52.26
CA THR I 72 70.44 -1.84 53.02
C THR I 72 71.60 -1.57 52.06
N LEU I 73 72.12 -0.34 52.12
CA LEU I 73 73.27 0.04 51.32
C LEU I 73 74.52 -0.07 52.18
N THR I 74 75.45 -0.93 51.76
CA THR I 74 76.65 -1.22 52.54
C THR I 74 77.88 -0.74 51.79
N ILE I 75 78.72 0.03 52.48
CA ILE I 75 79.99 0.50 51.95
C ILE I 75 81.11 -0.09 52.80
N SER I 76 81.93 -0.94 52.20
CA SER I 76 83.01 -1.57 52.94
C SER I 76 84.12 -0.58 53.26
N SER I 77 84.53 0.22 52.28
CA SER I 77 85.57 1.23 52.45
C SER I 77 84.95 2.60 52.21
N LEU I 78 84.76 3.37 53.27
CA LEU I 78 84.13 4.68 53.20
C LEU I 78 85.19 5.70 52.79
N GLN I 79 85.28 5.95 51.48
CA GLN I 79 86.25 6.90 50.96
C GLN I 79 85.84 8.32 51.34
N PRO I 80 86.81 9.24 51.42
CA PRO I 80 86.47 10.62 51.79
C PRO I 80 85.57 11.34 50.79
N GLU I 81 85.50 10.87 49.54
CA GLU I 81 84.81 11.59 48.48
C GLU I 81 83.52 10.91 48.03
N ASP I 82 82.93 10.09 48.88
CA ASP I 82 81.66 9.45 48.57
C ASP I 82 80.51 9.98 49.42
N PHE I 83 80.70 11.11 50.09
CA PHE I 83 79.69 11.69 50.97
C PHE I 83 78.77 12.58 50.14
N ALA I 84 77.55 12.12 49.90
CA ALA I 84 76.57 12.84 49.11
C ALA I 84 75.18 12.42 49.57
N THR I 85 74.17 12.76 48.78
CA THR I 85 72.79 12.42 49.07
C THR I 85 72.42 11.17 48.28
N TYR I 86 71.97 10.13 48.99
CA TYR I 86 71.63 8.85 48.39
C TYR I 86 70.13 8.75 48.21
N TYR I 87 69.72 8.20 47.06
CA TYR I 87 68.31 8.10 46.71
C TYR I 87 67.96 6.67 46.36
N CYS I 88 66.72 6.30 46.65
CA CYS I 88 66.17 4.99 46.36
C CYS I 88 64.91 5.15 45.51
N GLN I 89 64.82 4.34 44.45
CA GLN I 89 63.76 4.48 43.46
C GLN I 89 63.31 3.10 42.99
N GLN I 90 62.01 2.96 42.77
CA GLN I 90 61.44 1.72 42.25
C GLN I 90 61.64 1.69 40.73
N LEU I 91 62.51 0.80 40.26
CA LEU I 91 62.86 0.78 38.84
C LEU I 91 61.72 0.22 37.99
N ASN I 92 61.11 -0.87 38.45
CA ASN I 92 60.06 -1.55 37.66
C ASN I 92 58.68 -1.04 38.06
N SER I 93 58.49 0.27 37.90
CA SER I 93 57.23 0.91 38.22
C SER I 93 56.97 2.03 37.23
N ASP I 94 55.70 2.18 36.83
CA ASP I 94 55.32 3.25 35.92
C ASP I 94 55.52 4.62 36.57
N SER I 95 55.14 4.75 37.84
CA SER I 95 55.36 5.96 38.62
C SER I 95 56.48 5.67 39.62
N SER I 96 57.70 6.05 39.26
CA SER I 96 58.88 5.76 40.06
C SER I 96 59.13 6.91 41.02
N THR I 97 58.83 6.69 42.30
CA THR I 97 59.07 7.69 43.32
C THR I 97 60.53 7.69 43.74
N PHE I 98 60.89 8.68 44.55
CA PHE I 98 62.26 8.82 45.05
C PHE I 98 62.24 8.88 46.57
N GLY I 99 63.33 8.41 47.17
CA GLY I 99 63.42 8.39 48.61
C GLY I 99 63.66 9.78 49.19
N GLN I 100 63.53 9.85 50.52
CA GLN I 100 63.77 11.11 51.21
C GLN I 100 65.21 11.56 51.04
N GLY I 101 66.16 10.63 51.11
CA GLY I 101 67.56 10.95 50.96
C GLY I 101 68.29 11.06 52.27
N THR I 102 69.55 10.66 52.30
CA THR I 102 70.37 10.70 53.50
C THR I 102 71.60 11.57 53.25
N LYS I 103 72.10 12.19 54.32
CA LYS I 103 73.24 13.09 54.26
C LYS I 103 74.42 12.48 54.99
N LEU I 104 75.57 12.44 54.31
CA LEU I 104 76.81 11.91 54.86
C LEU I 104 77.82 13.04 54.99
N GLU I 105 78.54 13.06 56.12
CA GLU I 105 79.49 14.14 56.39
C GLU I 105 80.65 13.61 57.22
N ILE I 106 81.70 14.41 57.30
CA ILE I 106 82.87 14.06 58.10
C ILE I 106 82.51 14.15 59.57
N LYS I 107 82.84 13.10 60.32
CA LYS I 107 82.61 13.09 61.76
C LYS I 107 83.79 13.69 62.51
#